data_3ZDZ
#
_entry.id   3ZDZ
#
_cell.length_a   259.620
_cell.length_b   144.470
_cell.length_c   104.750
_cell.angle_alpha   90.00
_cell.angle_beta   90.00
_cell.angle_gamma   90.00
#
_symmetry.space_group_name_H-M   'P 21 21 2'
#
loop_
_entity.id
_entity.type
_entity.pdbx_description
1 polymer 'INTEGRIN ALPHA-IIB'
2 polymer 'INTEGRIN BETA-3'
3 polymer '10E5 FAB HEAVY CHAIN'
4 polymer '10E5 FAB LIGHT CHAIN'
5 polymer 'RGD PEPTIDE'
6 branched alpha-D-mannopyranose-(1-3)-[alpha-D-mannopyranose-(1-6)]beta-D-mannopyranose-(1-4)-2-acetamido-2-deoxy-beta-D-glucopyranose-(1-4)-2-acetamido-2-deoxy-beta-D-glucopyranose
7 branched 2-acetamido-2-deoxy-beta-D-glucopyranose-(1-4)-2-acetamido-2-deoxy-beta-D-glucopyranose
8 branched alpha-D-mannopyranose-(1-3)-beta-D-mannopyranose-(1-4)-2-acetamido-2-deoxy-beta-D-glucopyranose-(1-4)-2-acetamido-2-deoxy-beta-D-glucopyranose
9 non-polymer 'SULFATE ION'
10 non-polymer 'CALCIUM ION'
11 non-polymer 'MANGANESE (II) ION'
12 non-polymer 2-acetamido-2-deoxy-beta-D-glucopyranose
13 non-polymer 'CHLORIDE ION'
14 water water
#
loop_
_entity_poly.entity_id
_entity_poly.type
_entity_poly.pdbx_seq_one_letter_code
_entity_poly.pdbx_strand_id
1 'polypeptide(L)'
;LNLDPVQLTFYAGPNGSQFGFSLDFHKDSHGRVAIVVGAPRTLGPSQEETGGVFLCPWRAEGGQCPSLLFDLRDETRNVG
SQTLQTFKARQGLGASVVSWSDVIVACAPWQHWNVLEKTEEAEKTPVGSCFLAQPESGRRAEYSPCRGNTLSRIYVENDF
SWDKRYCEAGFSSVVTQAGELVLGAPGGYYFLGLLAQAPVADIFSSYRPGILLWHVSSQSLSFDSSNPEYFDGYWGYSVA
VGEFDGDLNTTEYVVGAPTWSWTLGAVEILDSYYQRLHRLRGEQMASYFGHSVAVTDVNGDGRHDLLVGAPLYMESRADR
KLAEVGRVYLFLQPRGPHALGAPSLLLTGTQLYGRFGSAIAPLGDLDRDGYNDIAVAAPYGGPSGRGQVLVFLGQSEGLR
SRPSQVLDSPFPTGSAFGFSLRGAVDIDDNGYPDLIVGAYGANQVAVYRAQPVVKAS
;
A,C
2 'polypeptide(L)'
;GPNICTTRGVSSCQQCLAVSPMCAWCSDEALPLGSPRCDLKENLLKDNCAPESIEFPVSEARVLEDRPLSDKGSGDSSQV
TQVSPQRIALRLRPDDSKNFSIQVRQVEDYPVDIYYLMDLSYSMKDDLWSIQNLGTKLATQMRKLTSNLRIGFGAFVDKP
VSPYMYISPPEALENPCYDMKTTCLPMFGYKHVLTLTDQVTRFNEEVKKQSVSRNRDAPEGGFDAIMQATVCDEKIGWRN
DASHLLVFTTDAKTHIALDGRLAGIVQPNDGQCHVGSDNHYSASTTMDYPSLGLMTEKLSQKNINLIFAVTENVVNLYQN
YSELIPGTTVGVLSMDSSNVLQLIVDAYGKIRSKVELEVRDLPEELSLSFNATCLNNEVIPGLKSCMGLKIGDTVSFSIE
AKVRGCPQEKEKSFTIKPVGFKDSLIVQVTFDCDCACQAQAEPNSHRCNNGNGTFECGVCRCGPGWLGSQCE
;
B,D
3 'polypeptide(L)'
;EVQLQQSGAELVKPGASVKLSCTASGFNIKDTYVHWVKQRPEQGLEWIGRIDPANGYTKYDPKFQGKATITADTSSNTAY
LQLSSLTSEDTAVYYCVRPLYDYYAMDYWGQGTSVTVSSAKTTAPSVYPLAPVCGDTTGSSVTLGCLVKGYFPEPVTLTW
NSGSLSSGVHTFPAVLQSDLYTLSSSVTVTSSTWPSQSITCNVAHPASSTKVDKKIEPRGP
;
E,H
4 'polypeptide(L)'
;DILMTQSPSSMSVSLGDTVSITCHASQGISSNIGWLQQKPGKSFMGLIYYGTNLVDGVPSRFSGSGSGADYSLTISSLDS
EDFADYYCVQYAQLPYTFGGGTKLEIKRADAAPTVSIFPPSSEQLTSGGASVVCFLNNFYPKDINVKWKIDGSERQNGVL
NSWTDQDSKDSTYSMSSTLTLTKDEYERHNSYTCEATHKTSTSPIVKSFNRNEC
;
F,L
5 'polypeptide(L)' GRGDSP I,J
#
# COMPACT_ATOMS: atom_id res chain seq x y z
N LEU A 1 47.77 4.76 0.52
CA LEU A 1 49.01 4.11 0.02
C LEU A 1 50.24 4.89 0.41
N ASN A 2 50.32 6.14 -0.04
CA ASN A 2 51.52 6.96 0.13
C ASN A 2 51.33 8.16 1.04
N LEU A 3 50.47 8.03 2.05
CA LEU A 3 50.37 9.04 3.10
C LEU A 3 51.46 8.77 4.12
N ASP A 4 52.28 9.78 4.42
CA ASP A 4 53.37 9.62 5.37
C ASP A 4 52.87 9.55 6.81
N PRO A 5 53.01 8.37 7.45
CA PRO A 5 52.49 8.17 8.81
C PRO A 5 53.57 8.34 9.89
N VAL A 6 54.81 8.57 9.47
CA VAL A 6 55.92 8.73 10.40
C VAL A 6 56.01 10.15 10.94
N GLN A 7 55.88 11.13 10.04
CA GLN A 7 56.03 12.53 10.41
C GLN A 7 54.74 13.31 10.21
N LEU A 8 53.91 13.33 11.25
CA LEU A 8 52.63 14.03 11.20
C LEU A 8 52.76 15.45 11.73
N THR A 9 51.74 16.26 11.45
CA THR A 9 51.65 17.60 12.00
C THR A 9 50.43 17.66 12.90
N PHE A 10 50.58 18.28 14.07
CA PHE A 10 49.48 18.35 15.02
C PHE A 10 49.09 19.78 15.35
N TYR A 11 47.79 20.07 15.21
CA TYR A 11 47.24 21.32 15.69
C TYR A 11 46.38 20.99 16.90
N ALA A 12 46.39 21.85 17.91
CA ALA A 12 45.66 21.58 19.13
C ALA A 12 44.93 22.82 19.62
N GLY A 13 43.77 22.61 20.23
CA GLY A 13 42.97 23.68 20.77
C GLY A 13 42.79 23.54 22.27
N PRO A 14 41.99 24.42 22.86
CA PRO A 14 41.75 24.41 24.31
C PRO A 14 41.15 23.08 24.77
N ASN A 15 41.44 22.66 26.00
CA ASN A 15 40.88 21.44 26.54
CA ASN A 15 40.89 21.44 26.55
C ASN A 15 39.36 21.53 26.65
N GLY A 16 38.69 20.44 26.29
CA GLY A 16 37.25 20.37 26.38
C GLY A 16 36.50 21.22 25.38
N SER A 17 37.21 21.73 24.37
CA SER A 17 36.60 22.55 23.34
C SER A 17 36.07 21.73 22.17
N GLN A 18 36.47 20.46 22.11
CA GLN A 18 36.13 19.59 20.99
C GLN A 18 36.69 20.16 19.68
N PHE A 19 37.88 20.73 19.78
CA PHE A 19 38.64 21.19 18.63
C PHE A 19 38.91 20.01 17.70
N GLY A 20 38.47 20.11 16.46
CA GLY A 20 38.62 19.03 15.50
C GLY A 20 37.33 18.28 15.21
N PHE A 21 36.23 18.74 15.80
CA PHE A 21 34.93 18.12 15.59
C PHE A 21 34.54 18.24 14.12
N SER A 22 34.95 19.34 13.50
CA SER A 22 34.73 19.56 12.08
C SER A 22 35.93 20.31 11.52
N LEU A 23 36.18 20.16 10.23
CA LEU A 23 37.29 20.85 9.60
C LEU A 23 37.14 20.94 8.09
N ASP A 24 37.98 21.75 7.48
CA ASP A 24 38.03 21.86 6.03
C ASP A 24 39.27 22.63 5.64
N PHE A 25 39.64 22.54 4.36
CA PHE A 25 40.76 23.33 3.85
C PHE A 25 40.24 24.70 3.47
N HIS A 26 41.14 25.69 3.45
CA HIS A 26 40.76 27.05 3.11
C HIS A 26 41.86 27.74 2.33
N LYS A 27 41.53 28.21 1.13
CA LYS A 27 42.48 28.97 0.31
C LYS A 27 42.11 30.45 0.33
N ASP A 28 43.05 31.29 0.70
CA ASP A 28 42.82 32.73 0.66
C ASP A 28 42.88 33.22 -0.78
N SER A 29 42.75 34.52 -0.96
CA SER A 29 42.75 35.11 -2.30
C SER A 29 44.01 34.75 -3.09
N HIS A 30 45.10 34.45 -2.37
CA HIS A 30 46.38 34.17 -3.01
C HIS A 30 46.65 32.68 -3.19
N GLY A 31 45.68 31.84 -2.79
CA GLY A 31 45.79 30.41 -2.97
C GLY A 31 46.56 29.72 -1.85
N ARG A 32 47.00 30.48 -0.86
CA ARG A 32 47.66 29.92 0.31
C ARG A 32 46.67 29.08 1.11
N VAL A 33 46.98 27.80 1.29
CA VAL A 33 46.07 26.89 1.98
C VAL A 33 46.22 26.92 3.49
N ALA A 34 45.08 26.93 4.18
CA ALA A 34 45.05 26.88 5.63
C ALA A 34 43.97 25.89 6.04
N ILE A 35 43.96 25.52 7.32
CA ILE A 35 42.96 24.61 7.83
C ILE A 35 42.00 25.38 8.73
N VAL A 36 40.71 25.23 8.47
CA VAL A 36 39.70 25.79 9.34
C VAL A 36 39.15 24.68 10.23
N VAL A 37 39.07 24.95 11.53
CA VAL A 37 38.72 23.93 12.50
C VAL A 37 37.61 24.41 13.42
N GLY A 38 36.60 23.57 13.61
CA GLY A 38 35.49 23.88 14.48
C GLY A 38 35.67 23.28 15.86
N ALA A 39 35.37 24.07 16.88
CA ALA A 39 35.48 23.63 18.27
C ALA A 39 34.21 24.02 19.01
N PRO A 40 33.14 23.23 18.84
CA PRO A 40 31.79 23.55 19.27
C PRO A 40 31.56 23.62 20.79
N ARG A 41 32.60 23.47 21.59
CA ARG A 41 32.43 23.61 23.04
C ARG A 41 33.42 24.60 23.63
N THR A 42 34.05 25.38 22.77
CA THR A 42 34.95 26.44 23.21
C THR A 42 34.17 27.41 24.09
N LEU A 43 34.83 27.91 25.14
CA LEU A 43 34.19 28.83 26.07
C LEU A 43 33.97 30.21 25.46
N GLY A 44 32.83 30.82 25.78
CA GLY A 44 32.51 32.15 25.28
C GLY A 44 32.94 33.22 26.27
N PRO A 45 32.23 34.36 26.27
CA PRO A 45 32.56 35.48 27.16
C PRO A 45 32.15 35.22 28.60
N SER A 46 31.00 34.58 28.79
CA SER A 46 30.46 34.33 30.13
C SER A 46 30.93 33.00 30.68
N GLN A 47 32.10 32.55 30.24
CA GLN A 47 32.65 31.25 30.65
C GLN A 47 31.60 30.15 30.47
N GLU A 48 30.85 30.26 29.38
CA GLU A 48 29.84 29.26 29.04
C GLU A 48 30.10 28.77 27.62
N GLU A 49 30.00 27.44 27.43
CA GLU A 49 30.28 26.84 26.13
C GLU A 49 29.39 27.45 25.05
N THR A 50 30.02 28.01 24.01
CA THR A 50 29.29 28.52 22.85
C THR A 50 29.87 27.98 21.54
N GLY A 51 31.03 27.35 21.62
CA GLY A 51 31.73 26.91 20.43
C GLY A 51 32.61 28.02 19.90
N GLY A 52 33.42 27.70 18.89
CA GLY A 52 34.30 28.66 18.28
C GLY A 52 34.99 28.09 17.06
N VAL A 53 35.60 28.96 16.27
CA VAL A 53 36.28 28.53 15.05
C VAL A 53 37.73 28.98 15.07
N PHE A 54 38.61 28.17 14.48
CA PHE A 54 40.03 28.51 14.41
C PHE A 54 40.51 28.40 12.96
N LEU A 55 41.39 29.31 12.58
CA LEU A 55 41.96 29.29 11.25
C LEU A 55 43.46 29.03 11.35
N CYS A 56 43.86 27.80 11.08
CA CYS A 56 45.24 27.36 11.28
C CYS A 56 46.07 27.50 10.01
N PRO A 57 47.13 28.33 10.07
CA PRO A 57 48.06 28.43 8.94
C PRO A 57 48.89 27.17 8.81
N TRP A 58 49.25 26.79 7.58
CA TRP A 58 50.04 25.59 7.39
C TRP A 58 51.44 25.76 7.92
N ARG A 59 51.82 24.89 8.85
CA ARG A 59 53.17 24.84 9.38
C ARG A 59 53.53 23.39 9.64
N ALA A 60 54.64 22.94 9.07
CA ALA A 60 55.02 21.54 9.18
C ALA A 60 55.01 21.07 10.63
N GLU A 61 55.20 21.99 11.57
CA GLU A 61 55.27 21.63 12.99
C GLU A 61 53.96 21.92 13.73
N GLY A 62 52.97 22.44 13.02
CA GLY A 62 51.67 22.72 13.59
C GLY A 62 51.76 23.59 14.84
N GLY A 63 50.92 23.29 15.83
CA GLY A 63 50.91 24.05 17.07
C GLY A 63 49.55 24.64 17.37
N GLN A 64 49.55 25.83 17.97
CA GLN A 64 48.31 26.51 18.32
C GLN A 64 47.80 27.33 17.13
N CYS A 65 46.52 27.69 17.19
CA CYS A 65 45.88 28.38 16.07
C CYS A 65 45.14 29.62 16.55
N PRO A 66 45.17 30.68 15.73
CA PRO A 66 44.41 31.90 16.03
C PRO A 66 42.92 31.67 15.84
N SER A 67 42.10 32.40 16.60
CA SER A 67 40.65 32.28 16.49
C SER A 67 40.14 33.02 15.27
N LEU A 68 39.01 32.54 14.74
CA LEU A 68 38.23 33.29 13.76
C LEU A 68 37.03 33.84 14.53
N LEU A 69 37.13 35.12 14.92
CA LEU A 69 36.18 35.70 15.87
C LEU A 69 34.78 35.92 15.30
N PHE A 70 33.79 35.57 16.10
CA PHE A 70 32.39 35.81 15.77
C PHE A 70 31.69 36.43 16.97
N ASP A 71 30.58 37.12 16.72
CA ASP A 71 29.79 37.71 17.78
C ASP A 71 29.09 36.60 18.56
N LEU A 72 29.34 36.54 19.87
CA LEU A 72 28.78 35.49 20.71
C LEU A 72 27.77 36.02 21.72
N ARG A 73 27.39 37.28 21.59
CA ARG A 73 26.46 37.90 22.52
C ARG A 73 25.03 37.63 22.11
N ASP A 74 24.17 37.31 23.09
CA ASP A 74 22.76 37.12 22.83
C ASP A 74 22.15 38.43 22.32
N GLU A 75 21.10 38.33 21.52
CA GLU A 75 20.51 39.50 20.90
C GLU A 75 19.03 39.60 21.22
N THR A 76 18.55 40.83 21.35
CA THR A 76 17.14 41.08 21.59
C THR A 76 16.67 42.23 20.70
N ARG A 77 15.52 42.06 20.07
CA ARG A 77 14.94 43.13 19.25
C ARG A 77 13.46 43.29 19.51
N ASN A 78 13.08 44.45 20.05
CA ASN A 78 11.67 44.77 20.25
C ASN A 78 11.11 45.52 19.05
N VAL A 79 10.39 44.79 18.21
CA VAL A 79 9.90 45.34 16.95
C VAL A 79 8.57 44.72 16.58
N GLY A 80 7.72 45.50 15.92
CA GLY A 80 6.42 45.01 15.48
C GLY A 80 5.59 44.45 16.61
N SER A 81 5.67 45.09 17.78
CA SER A 81 4.94 44.67 18.96
C SER A 81 5.36 43.28 19.42
N GLN A 82 6.54 42.84 18.98
CA GLN A 82 7.07 41.54 19.36
C GLN A 82 8.47 41.68 19.93
N THR A 83 8.96 40.61 20.55
CA THR A 83 10.32 40.58 21.06
C THR A 83 11.06 39.38 20.46
N LEU A 84 12.14 39.66 19.75
CA LEU A 84 12.95 38.62 19.13
C LEU A 84 14.15 38.31 19.99
N GLN A 85 14.45 37.03 20.18
CA GLN A 85 15.53 36.62 21.07
C GLN A 85 16.39 35.51 20.48
N THR A 86 17.70 35.68 20.59
CA THR A 86 18.64 34.63 20.21
C THR A 86 19.41 34.19 21.45
N PHE A 87 19.68 32.88 21.54
CA PHE A 87 20.44 32.34 22.66
C PHE A 87 21.59 31.50 22.12
N LYS A 88 22.81 31.91 22.45
CA LYS A 88 24.00 31.28 21.87
C LYS A 88 24.66 30.33 22.87
N ALA A 89 24.11 30.26 24.08
CA ALA A 89 24.62 29.33 25.07
C ALA A 89 24.50 27.90 24.58
N ARG A 90 25.61 27.18 24.58
CA ARG A 90 25.64 25.79 24.15
CA ARG A 90 25.66 25.79 24.15
C ARG A 90 25.12 25.63 22.73
N GLN A 91 25.33 26.65 21.90
CA GLN A 91 24.86 26.65 20.52
C GLN A 91 25.67 25.70 19.64
N GLY A 92 26.90 25.41 20.05
CA GLY A 92 27.77 24.52 19.30
C GLY A 92 28.35 25.16 18.04
N LEU A 93 28.76 26.42 18.14
CA LEU A 93 29.38 27.10 17.01
C LEU A 93 30.60 26.31 16.56
N GLY A 94 30.58 25.87 15.29
CA GLY A 94 31.68 25.10 14.75
C GLY A 94 31.38 23.61 14.71
N ALA A 95 30.13 23.25 14.95
CA ALA A 95 29.71 21.85 14.86
C ALA A 95 29.86 21.38 13.42
N SER A 96 29.90 22.34 12.50
CA SER A 96 30.27 22.06 11.13
C SER A 96 30.94 23.30 10.52
N VAL A 97 31.92 23.08 9.66
CA VAL A 97 32.55 24.19 8.94
C VAL A 97 32.81 23.77 7.50
N VAL A 98 32.65 24.72 6.58
CA VAL A 98 32.93 24.47 5.17
C VAL A 98 33.50 25.74 4.56
N SER A 99 34.41 25.56 3.61
CA SER A 99 35.06 26.69 2.99
C SER A 99 34.81 26.71 1.48
N TRP A 100 34.39 27.87 0.99
CA TRP A 100 34.20 28.08 -0.44
C TRP A 100 34.82 29.42 -0.83
N SER A 101 35.69 29.39 -1.83
CA SER A 101 36.42 30.58 -2.25
C SER A 101 37.21 31.13 -1.06
N ASP A 102 37.11 32.43 -0.81
CA ASP A 102 37.80 33.03 0.32
C ASP A 102 36.82 33.28 1.47
N VAL A 103 35.75 32.49 1.51
CA VAL A 103 34.74 32.61 2.54
C VAL A 103 34.71 31.35 3.40
N ILE A 104 34.45 31.55 4.69
CA ILE A 104 34.34 30.44 5.62
C ILE A 104 32.95 30.42 6.25
N VAL A 105 32.32 29.25 6.25
CA VAL A 105 30.99 29.11 6.82
C VAL A 105 31.02 28.17 8.02
N ALA A 106 30.80 28.74 9.20
CA ALA A 106 30.78 27.96 10.44
C ALA A 106 29.39 27.99 11.07
N CYS A 107 28.83 26.82 11.32
CA CYS A 107 27.44 26.72 11.77
C CYS A 107 27.28 26.35 13.25
N ALA A 108 26.21 26.86 13.85
CA ALA A 108 25.86 26.54 15.23
C ALA A 108 24.47 25.91 15.25
N PRO A 109 24.40 24.58 15.11
CA PRO A 109 23.14 23.86 14.93
C PRO A 109 22.17 24.01 16.10
N TRP A 110 22.67 24.22 17.31
CA TRP A 110 21.80 24.26 18.48
C TRP A 110 21.68 25.66 19.08
N GLN A 111 21.87 26.68 18.25
CA GLN A 111 21.56 28.04 18.68
C GLN A 111 20.06 28.14 18.82
N HIS A 112 19.59 28.70 19.93
CA HIS A 112 18.16 28.75 20.21
C HIS A 112 17.54 30.10 19.87
N TRP A 113 16.24 30.06 19.61
CA TRP A 113 15.49 31.22 19.14
C TRP A 113 14.14 31.25 19.83
N ASN A 114 13.62 32.44 20.07
CA ASN A 114 12.28 32.57 20.61
C ASN A 114 11.69 33.93 20.30
N VAL A 115 10.36 33.99 20.27
CA VAL A 115 9.66 35.25 20.04
C VAL A 115 8.60 35.42 21.10
N LEU A 116 8.57 36.58 21.72
CA LEU A 116 7.59 36.87 22.76
C LEU A 116 6.60 37.92 22.29
N GLU A 117 5.34 37.73 22.63
CA GLU A 117 4.29 38.68 22.30
C GLU A 117 3.28 38.70 23.44
N LYS A 118 3.45 39.65 24.36
CA LYS A 118 2.63 39.71 25.57
C LYS A 118 2.85 38.44 26.41
N THR A 119 1.81 37.63 26.56
CA THR A 119 1.90 36.43 27.37
C THR A 119 2.08 35.17 26.52
N GLU A 120 2.22 35.35 25.21
CA GLU A 120 2.43 34.22 24.31
C GLU A 120 3.86 34.20 23.78
N GLU A 121 4.26 33.05 23.24
CA GLU A 121 5.59 32.90 22.69
C GLU A 121 5.59 31.91 21.53
N ALA A 122 6.71 31.82 20.83
CA ALA A 122 6.85 30.85 19.74
C ALA A 122 7.38 29.54 20.29
N GLU A 123 8.04 29.63 21.44
CA GLU A 123 8.75 28.51 22.08
C GLU A 123 10.25 28.62 21.82
N LYS A 124 11.04 28.54 22.89
CA LYS A 124 12.48 28.58 22.79
C LYS A 124 12.99 27.28 22.19
N THR A 125 13.43 27.34 20.93
CA THR A 125 13.80 26.12 20.19
C THR A 125 15.08 26.30 19.38
N PRO A 126 15.77 25.19 19.09
CA PRO A 126 17.05 25.20 18.36
C PRO A 126 16.87 25.30 16.84
N VAL A 127 16.78 26.52 16.33
CA VAL A 127 16.62 26.73 14.90
C VAL A 127 17.97 26.68 14.19
N GLY A 128 19.05 26.80 14.95
CA GLY A 128 20.38 26.80 14.40
C GLY A 128 20.67 28.09 13.66
N SER A 129 21.93 28.26 13.24
CA SER A 129 22.33 29.46 12.53
C SER A 129 23.73 29.30 11.98
N CYS A 130 24.04 30.04 10.93
CA CYS A 130 25.36 29.96 10.30
C CYS A 130 26.05 31.33 10.34
N PHE A 131 27.36 31.30 10.60
CA PHE A 131 28.18 32.51 10.61
C PHE A 131 29.13 32.47 9.43
N LEU A 132 28.99 33.44 8.53
CA LEU A 132 29.86 33.52 7.36
C LEU A 132 30.92 34.59 7.58
N ALA A 133 32.15 34.29 7.17
CA ALA A 133 33.25 35.21 7.37
C ALA A 133 34.14 35.29 6.13
N GLN A 134 34.66 36.48 5.87
CA GLN A 134 35.68 36.67 4.85
C GLN A 134 36.93 37.17 5.56
N PRO A 135 37.77 36.24 6.03
CA PRO A 135 38.88 36.54 6.94
C PRO A 135 39.75 37.72 6.50
N GLU A 136 40.10 37.77 5.23
CA GLU A 136 40.99 38.82 4.73
C GLU A 136 40.35 40.20 4.85
N SER A 137 39.08 40.30 4.48
CA SER A 137 38.39 41.59 4.48
C SER A 137 37.74 41.91 5.82
N GLY A 138 37.56 40.88 6.64
CA GLY A 138 36.94 41.04 7.95
C GLY A 138 35.43 41.05 7.90
N ARG A 139 34.86 40.92 6.70
CA ARG A 139 33.41 40.91 6.53
C ARG A 139 32.77 39.75 7.31
N ARG A 140 31.59 40.03 7.86
CA ARG A 140 30.84 39.03 8.61
C ARG A 140 29.36 39.05 8.21
N ALA A 141 28.73 37.89 8.23
CA ALA A 141 27.32 37.79 7.91
C ALA A 141 26.71 36.58 8.62
N GLU A 142 25.39 36.50 8.60
CA GLU A 142 24.70 35.38 9.23
C GLU A 142 23.58 34.86 8.34
N TYR A 143 23.14 33.64 8.62
CA TYR A 143 22.07 33.02 7.86
C TYR A 143 21.33 32.06 8.79
N SER A 144 20.06 32.36 9.06
CA SER A 144 19.27 31.57 9.99
C SER A 144 17.86 31.39 9.44
N PRO A 145 17.74 30.57 8.39
CA PRO A 145 16.51 30.55 7.58
C PRO A 145 15.33 29.83 8.26
N CYS A 146 15.54 29.28 9.45
CA CYS A 146 14.44 28.62 10.17
C CYS A 146 13.81 29.51 11.23
N ARG A 147 14.38 30.67 11.48
CA ARG A 147 13.78 31.63 12.41
C ARG A 147 12.40 32.06 11.92
N GLY A 148 11.48 32.24 12.85
CA GLY A 148 10.14 32.67 12.52
C GLY A 148 9.53 33.51 13.62
N ASN A 149 8.41 34.16 13.31
CA ASN A 149 7.72 35.01 14.29
C ASN A 149 6.29 34.55 14.52
N THR A 150 6.01 33.28 14.23
CA THR A 150 4.70 32.71 14.49
C THR A 150 4.59 32.24 15.94
N LEU A 151 3.46 32.54 16.58
CA LEU A 151 3.26 32.17 17.97
C LEU A 151 2.87 30.70 18.10
N SER A 152 3.11 30.15 19.29
CA SER A 152 2.89 28.74 19.55
C SER A 152 1.48 28.29 19.16
N ARG A 153 0.49 29.04 19.60
CA ARG A 153 -0.91 28.71 19.33
C ARG A 153 -1.18 28.43 17.86
N ILE A 154 -0.58 29.23 16.98
CA ILE A 154 -0.86 29.12 15.55
C ILE A 154 -0.48 27.76 15.00
N TYR A 155 0.67 27.24 15.42
CA TYR A 155 1.13 25.93 14.96
C TYR A 155 0.12 24.88 15.37
N VAL A 156 -0.34 24.97 16.62
CA VAL A 156 -1.30 24.01 17.16
C VAL A 156 -2.58 23.99 16.31
N GLU A 157 -3.05 25.17 15.94
CA GLU A 157 -4.24 25.28 15.10
C GLU A 157 -4.03 24.67 13.73
N ASN A 158 -2.80 24.78 13.20
CA ASN A 158 -2.50 24.28 11.87
C ASN A 158 -1.93 22.86 11.87
N ASP A 159 -2.05 22.17 13.00
CA ASP A 159 -1.60 20.78 13.10
C ASP A 159 -0.09 20.67 12.90
N PHE A 160 0.63 21.71 13.31
CA PHE A 160 2.08 21.72 13.25
C PHE A 160 2.60 21.45 11.83
N SER A 161 2.03 22.16 10.86
CA SER A 161 2.50 22.06 9.49
C SER A 161 3.55 23.14 9.24
N TRP A 162 4.58 22.79 8.47
CA TRP A 162 5.64 23.72 8.13
C TRP A 162 6.24 24.32 9.41
N ASP A 163 6.54 23.44 10.36
CA ASP A 163 7.11 23.83 11.64
C ASP A 163 8.63 23.71 11.57
N LYS A 164 9.31 24.86 11.52
CA LYS A 164 10.75 24.89 11.37
C LYS A 164 11.45 25.32 12.66
N ARG A 165 10.78 25.15 13.79
CA ARG A 165 11.30 25.67 15.05
C ARG A 165 12.48 24.86 15.60
N TYR A 166 12.64 23.63 15.13
CA TYR A 166 13.71 22.75 15.63
C TYR A 166 14.63 22.33 14.49
N CYS A 167 14.71 23.15 13.45
CA CYS A 167 15.52 22.85 12.28
C CYS A 167 16.92 22.37 12.64
N GLU A 168 17.59 23.12 13.49
CA GLU A 168 19.01 22.93 13.74
C GLU A 168 19.77 23.13 12.42
N ALA A 169 19.50 24.26 11.78
CA ALA A 169 20.13 24.60 10.52
C ALA A 169 21.65 24.68 10.67
N GLY A 170 22.36 23.97 9.80
CA GLY A 170 23.81 23.98 9.84
C GLY A 170 24.37 22.69 10.40
N PHE A 171 23.48 21.80 10.82
CA PHE A 171 23.86 20.47 11.28
C PHE A 171 24.87 19.88 10.30
N SER A 172 24.51 19.89 9.03
CA SER A 172 25.43 19.54 7.95
C SER A 172 25.40 20.66 6.92
N SER A 173 26.50 20.84 6.20
CA SER A 173 26.60 21.94 5.26
C SER A 173 27.47 21.60 4.06
N VAL A 174 27.15 22.21 2.93
CA VAL A 174 27.94 22.07 1.72
C VAL A 174 27.77 23.32 0.88
N VAL A 175 28.75 23.62 0.04
CA VAL A 175 28.66 24.76 -0.87
C VAL A 175 28.93 24.31 -2.30
N THR A 176 28.03 24.68 -3.22
CA THR A 176 28.20 24.33 -4.63
C THR A 176 29.26 25.22 -5.26
N GLN A 177 29.86 24.75 -6.35
CA GLN A 177 30.90 25.53 -7.01
C GLN A 177 30.41 26.93 -7.34
N ALA A 178 29.14 27.05 -7.71
CA ALA A 178 28.55 28.32 -8.08
C ALA A 178 28.49 29.28 -6.89
N GLY A 179 28.58 28.73 -5.68
CA GLY A 179 28.60 29.54 -4.48
C GLY A 179 27.25 29.57 -3.76
N GLU A 180 26.46 28.52 -3.94
CA GLU A 180 25.20 28.38 -3.21
C GLU A 180 25.43 27.57 -1.96
N LEU A 181 25.15 28.17 -0.81
CA LEU A 181 25.23 27.48 0.47
C LEU A 181 24.03 26.57 0.63
N VAL A 182 24.28 25.33 1.04
CA VAL A 182 23.20 24.38 1.27
C VAL A 182 23.32 23.81 2.68
N LEU A 183 22.30 24.05 3.50
CA LEU A 183 22.32 23.66 4.90
C LEU A 183 21.35 22.53 5.17
N GLY A 184 21.83 21.47 5.80
CA GLY A 184 20.98 20.39 6.24
C GLY A 184 20.41 20.71 7.62
N ALA A 185 19.10 20.57 7.77
CA ALA A 185 18.43 20.81 9.04
C ALA A 185 17.58 19.60 9.39
N PRO A 186 18.17 18.60 10.06
CA PRO A 186 17.50 17.31 10.28
C PRO A 186 16.29 17.40 11.21
N GLY A 187 16.14 18.52 11.90
CA GLY A 187 15.01 18.69 12.81
C GLY A 187 13.87 19.45 12.19
N GLY A 188 14.06 19.91 10.96
CA GLY A 188 13.07 20.72 10.27
C GLY A 188 11.76 20.01 10.05
N TYR A 189 10.66 20.78 10.04
CA TYR A 189 9.32 20.24 9.83
C TYR A 189 9.01 19.12 10.81
N TYR A 190 9.11 19.45 12.10
CA TYR A 190 8.89 18.49 13.17
C TYR A 190 9.67 17.19 12.96
N PHE A 191 10.96 17.34 12.67
CA PHE A 191 11.90 16.22 12.65
C PHE A 191 11.80 15.33 11.41
N LEU A 192 11.17 15.83 10.36
CA LEU A 192 11.26 15.21 9.05
C LEU A 192 12.64 15.51 8.48
N GLY A 193 13.04 16.76 8.62
CA GLY A 193 14.30 17.23 8.08
C GLY A 193 14.08 18.04 6.83
N LEU A 194 14.81 19.14 6.71
CA LEU A 194 14.68 19.99 5.52
C LEU A 194 16.04 20.51 5.07
N LEU A 195 16.09 20.93 3.81
CA LEU A 195 17.27 21.57 3.26
C LEU A 195 16.98 23.05 3.05
N ALA A 196 17.97 23.89 3.26
CA ALA A 196 17.86 25.31 2.99
C ALA A 196 19.03 25.73 2.13
N GLN A 197 18.75 26.46 1.05
CA GLN A 197 19.79 26.91 0.15
C GLN A 197 19.68 28.40 -0.13
N ALA A 198 20.82 29.04 -0.34
CA ALA A 198 20.85 30.44 -0.71
C ALA A 198 22.25 30.82 -1.17
N PRO A 199 22.35 31.71 -2.17
CA PRO A 199 23.67 32.15 -2.64
C PRO A 199 24.45 32.86 -1.55
N VAL A 200 25.72 32.52 -1.39
CA VAL A 200 26.56 33.16 -0.39
C VAL A 200 26.58 34.68 -0.58
N ALA A 201 26.62 35.10 -1.84
CA ALA A 201 26.66 36.52 -2.16
C ALA A 201 25.41 37.22 -1.63
N ASP A 202 24.27 36.56 -1.76
CA ASP A 202 22.99 37.14 -1.36
C ASP A 202 22.84 37.13 0.16
N ILE A 203 23.42 36.11 0.80
CA ILE A 203 23.44 36.02 2.25
C ILE A 203 24.17 37.22 2.85
N PHE A 204 25.27 37.62 2.18
CA PHE A 204 26.09 38.73 2.66
C PHE A 204 25.41 40.08 2.44
N SER A 205 24.86 40.27 1.25
CA SER A 205 24.35 41.57 0.85
C SER A 205 23.02 41.92 1.50
N SER A 206 22.34 40.92 2.06
CA SER A 206 21.04 41.15 2.69
C SER A 206 21.14 41.18 4.22
N TYR A 207 22.28 40.75 4.75
CA TYR A 207 22.44 40.70 6.20
C TYR A 207 22.89 42.03 6.79
N ARG A 208 22.28 42.37 7.93
CA ARG A 208 22.70 43.51 8.73
C ARG A 208 22.55 43.12 10.18
N PRO A 209 23.51 43.49 11.03
CA PRO A 209 23.41 43.15 12.46
C PRO A 209 22.23 43.83 13.12
N GLY A 210 21.58 43.14 14.05
CA GLY A 210 20.51 43.73 14.82
C GLY A 210 19.12 43.38 14.32
N ILE A 211 18.99 43.11 13.03
CA ILE A 211 17.69 42.87 12.43
C ILE A 211 17.07 41.56 12.92
N LEU A 212 17.85 40.49 12.89
CA LEU A 212 17.43 39.18 13.40
C LEU A 212 16.46 38.45 12.47
N LEU A 213 15.47 39.16 11.93
CA LEU A 213 14.56 38.59 10.94
C LEU A 213 14.60 39.39 9.64
N TRP A 214 15.30 38.86 8.65
CA TRP A 214 15.41 39.52 7.36
C TRP A 214 15.13 38.51 6.24
N HIS A 215 14.82 39.03 5.06
CA HIS A 215 14.49 38.18 3.93
C HIS A 215 15.71 37.91 3.04
N VAL A 216 15.81 36.67 2.55
CA VAL A 216 16.78 36.32 1.53
C VAL A 216 16.01 35.72 0.35
N SER A 217 15.41 36.59 -0.47
CA SER A 217 14.48 36.20 -1.51
C SER A 217 14.96 35.02 -2.35
N SER A 218 16.26 34.99 -2.64
CA SER A 218 16.82 33.98 -3.52
C SER A 218 16.99 32.62 -2.85
N GLN A 219 16.64 32.52 -1.58
CA GLN A 219 16.79 31.28 -0.85
C GLN A 219 15.72 30.28 -1.26
N SER A 220 15.90 29.03 -0.86
CA SER A 220 15.02 27.96 -1.30
C SER A 220 15.06 26.80 -0.30
N LEU A 221 13.94 26.56 0.36
CA LEU A 221 13.84 25.48 1.34
C LEU A 221 13.07 24.30 0.77
N SER A 222 13.38 23.10 1.27
CA SER A 222 12.67 21.90 0.84
C SER A 222 11.27 21.91 1.44
N PHE A 223 10.54 20.80 1.30
CA PHE A 223 9.12 20.79 1.61
C PHE A 223 8.74 19.87 2.76
N ASP A 224 7.62 20.21 3.40
CA ASP A 224 7.06 19.40 4.47
C ASP A 224 6.34 18.21 3.83
N SER A 225 5.97 17.23 4.63
CA SER A 225 5.32 16.03 4.10
C SER A 225 4.34 15.42 5.09
N SER A 226 3.26 14.86 4.56
CA SER A 226 2.26 14.18 5.37
C SER A 226 2.56 12.68 5.44
N ASN A 227 3.51 12.23 4.62
CA ASN A 227 3.87 10.82 4.55
C ASN A 227 4.68 10.36 5.77
N PRO A 228 4.14 9.41 6.55
CA PRO A 228 4.81 8.92 7.76
C PRO A 228 6.16 8.25 7.49
N GLU A 229 6.39 7.85 6.24
CA GLU A 229 7.67 7.26 5.87
C GLU A 229 8.82 8.23 6.11
N TYR A 230 8.49 9.52 6.17
CA TYR A 230 9.49 10.57 6.36
C TYR A 230 9.61 11.03 7.81
N PHE A 231 8.66 10.61 8.64
CA PHE A 231 8.64 11.07 10.03
C PHE A 231 9.90 10.67 10.79
N ASP A 232 10.47 11.64 11.50
CA ASP A 232 11.65 11.41 12.32
C ASP A 232 12.78 10.77 11.50
N GLY A 233 12.86 11.14 10.23
CA GLY A 233 13.86 10.60 9.33
C GLY A 233 15.17 11.36 9.36
N TYR A 234 15.15 12.54 9.97
CA TYR A 234 16.34 13.40 10.06
C TYR A 234 16.95 13.61 8.69
N TRP A 235 16.10 14.00 7.75
CA TRP A 235 16.49 14.30 6.37
C TRP A 235 17.37 15.54 6.37
N GLY A 236 18.64 15.37 6.00
CA GLY A 236 19.59 16.47 6.05
C GLY A 236 20.62 16.29 7.15
N TYR A 237 20.66 15.08 7.70
CA TYR A 237 21.66 14.71 8.70
C TYR A 237 23.06 14.84 8.11
N SER A 238 23.15 14.61 6.80
CA SER A 238 24.38 14.80 6.06
C SER A 238 24.03 15.23 4.65
N VAL A 239 24.91 16.00 4.01
CA VAL A 239 24.62 16.52 2.68
CA VAL A 239 24.62 16.51 2.67
C VAL A 239 25.88 16.60 1.81
N ALA A 240 25.69 16.52 0.50
CA ALA A 240 26.76 16.66 -0.47
C ALA A 240 26.15 17.08 -1.79
N VAL A 241 27.00 17.51 -2.73
CA VAL A 241 26.52 17.89 -4.06
C VAL A 241 27.32 17.18 -5.12
N GLY A 242 26.81 17.17 -6.35
CA GLY A 242 27.47 16.50 -7.46
C GLY A 242 26.68 16.56 -8.74
N GLU A 243 27.14 15.83 -9.74
CA GLU A 243 26.49 15.80 -11.05
C GLU A 243 25.97 14.39 -11.33
N PHE A 244 24.65 14.24 -11.33
CA PHE A 244 24.02 12.93 -11.47
C PHE A 244 22.92 12.87 -12.52
N ASP A 245 22.78 13.93 -13.33
CA ASP A 245 21.69 13.97 -14.31
C ASP A 245 22.18 14.26 -15.73
N GLY A 246 23.49 14.29 -15.92
CA GLY A 246 24.06 14.58 -17.23
C GLY A 246 24.19 16.06 -17.51
N ASP A 247 23.11 16.81 -17.33
CA ASP A 247 23.10 18.25 -17.58
C ASP A 247 24.06 18.97 -16.64
N LEU A 248 25.10 19.56 -17.21
CA LEU A 248 26.16 20.19 -16.41
C LEU A 248 25.79 21.59 -15.92
N ASN A 249 24.67 22.11 -16.39
CA ASN A 249 24.19 23.41 -15.94
C ASN A 249 23.44 23.28 -14.62
N THR A 250 22.98 22.07 -14.32
CA THR A 250 22.26 21.80 -13.09
C THR A 250 23.16 21.14 -12.05
N THR A 251 22.99 21.51 -10.78
CA THR A 251 23.68 20.83 -9.69
C THR A 251 22.68 20.00 -8.91
N GLU A 252 23.06 18.75 -8.63
CA GLU A 252 22.18 17.84 -7.89
C GLU A 252 22.62 17.73 -6.44
N TYR A 253 21.66 17.60 -5.54
CA TYR A 253 21.95 17.47 -4.12
C TYR A 253 21.87 16.02 -3.67
N VAL A 254 22.69 15.68 -2.68
CA VAL A 254 22.68 14.35 -2.10
C VAL A 254 22.40 14.48 -0.61
N VAL A 255 21.25 13.99 -0.18
CA VAL A 255 20.82 14.15 1.20
C VAL A 255 20.74 12.80 1.91
N GLY A 256 21.39 12.71 3.07
CA GLY A 256 21.29 11.54 3.91
C GLY A 256 20.17 11.69 4.92
N ALA A 257 19.42 10.61 5.14
CA ALA A 257 18.33 10.60 6.10
C ALA A 257 18.36 9.28 6.87
N PRO A 258 19.26 9.18 7.85
CA PRO A 258 19.64 7.90 8.49
C PRO A 258 18.53 7.19 9.27
N THR A 259 17.40 7.85 9.52
CA THR A 259 16.32 7.23 10.27
C THR A 259 15.02 7.19 9.46
N TRP A 260 15.15 7.41 8.17
CA TRP A 260 14.01 7.43 7.25
C TRP A 260 13.27 6.09 7.27
N SER A 261 11.95 6.17 7.17
CA SER A 261 11.10 4.98 7.10
C SER A 261 11.32 4.04 8.28
N TRP A 262 11.04 4.53 9.48
CA TRP A 262 11.14 3.72 10.68
C TRP A 262 12.55 3.16 10.89
N THR A 263 13.53 4.03 10.76
CA THR A 263 14.95 3.70 11.00
C THR A 263 15.55 2.74 9.96
N LEU A 264 14.89 2.58 8.83
CA LEU A 264 15.50 1.83 7.73
C LEU A 264 16.64 2.65 7.14
N GLY A 265 16.45 3.97 7.12
CA GLY A 265 17.47 4.86 6.61
C GLY A 265 17.44 4.97 5.11
N ALA A 266 17.90 6.09 4.58
CA ALA A 266 17.96 6.29 3.15
C ALA A 266 18.80 7.50 2.79
N VAL A 267 19.23 7.56 1.54
CA VAL A 267 19.85 8.76 1.00
C VAL A 267 19.21 9.03 -0.35
N GLU A 268 18.93 10.29 -0.62
CA GLU A 268 18.24 10.67 -1.84
C GLU A 268 19.08 11.65 -2.66
N ILE A 269 19.00 11.51 -3.98
CA ILE A 269 19.61 12.46 -4.89
C ILE A 269 18.51 13.33 -5.49
N LEU A 270 18.69 14.65 -5.43
CA LEU A 270 17.66 15.58 -5.86
C LEU A 270 18.23 16.63 -6.80
N ASP A 271 17.34 17.38 -7.45
CA ASP A 271 17.76 18.53 -8.23
C ASP A 271 17.67 19.76 -7.34
N SER A 272 18.06 20.92 -7.87
CA SER A 272 18.07 22.15 -7.10
C SER A 272 16.67 22.58 -6.68
N TYR A 273 15.64 21.98 -7.28
CA TYR A 273 14.26 22.27 -6.91
C TYR A 273 13.71 21.23 -5.93
N TYR A 274 14.60 20.39 -5.40
CA TYR A 274 14.24 19.39 -4.41
C TYR A 274 13.30 18.31 -4.95
N GLN A 275 13.42 18.01 -6.24
CA GLN A 275 12.69 16.90 -6.83
C GLN A 275 13.56 15.65 -6.84
N ARG A 276 13.03 14.58 -6.29
CA ARG A 276 13.81 13.35 -6.10
C ARG A 276 14.13 12.64 -7.42
N LEU A 277 15.42 12.48 -7.70
CA LEU A 277 15.88 11.76 -8.89
C LEU A 277 16.11 10.29 -8.55
N HIS A 278 16.75 10.02 -7.41
CA HIS A 278 16.90 8.65 -6.96
CA HIS A 278 17.02 8.66 -6.96
C HIS A 278 16.81 8.55 -5.45
N ARG A 279 16.47 7.35 -4.98
CA ARG A 279 16.44 7.07 -3.56
C ARG A 279 17.15 5.74 -3.29
N LEU A 280 18.05 5.76 -2.32
CA LEU A 280 18.77 4.55 -1.94
C LEU A 280 18.38 4.18 -0.52
N ARG A 281 17.69 3.05 -0.38
CA ARG A 281 17.19 2.60 0.91
C ARG A 281 18.27 1.83 1.67
N GLY A 282 18.20 1.87 3.00
CA GLY A 282 19.14 1.16 3.83
C GLY A 282 18.94 -0.34 3.75
N GLU A 283 19.95 -1.07 4.20
CA GLU A 283 19.94 -2.52 4.14
C GLU A 283 19.46 -3.12 5.45
N GLN A 284 19.65 -2.38 6.53
CA GLN A 284 19.39 -2.88 7.87
C GLN A 284 18.88 -1.78 8.79
N MET A 285 17.83 -2.07 9.54
CA MET A 285 17.25 -1.09 10.45
C MET A 285 18.24 -0.70 11.54
N ALA A 286 18.37 0.60 11.75
CA ALA A 286 19.20 1.16 12.82
C ALA A 286 20.70 1.11 12.50
N SER A 287 21.04 0.68 11.28
CA SER A 287 22.43 0.73 10.85
C SER A 287 22.88 2.17 10.65
N TYR A 288 21.92 3.08 10.61
CA TYR A 288 22.17 4.50 10.36
C TYR A 288 22.74 4.74 8.97
N PHE A 289 22.14 4.06 8.00
CA PHE A 289 22.46 4.25 6.59
C PHE A 289 22.14 5.68 6.18
N GLY A 290 23.17 6.43 5.82
CA GLY A 290 23.00 7.82 5.45
C GLY A 290 23.69 8.75 6.43
N HIS A 291 24.30 8.16 7.46
CA HIS A 291 25.03 8.94 8.45
C HIS A 291 26.02 9.87 7.77
N SER A 292 26.69 9.35 6.75
CA SER A 292 27.64 10.13 5.97
C SER A 292 27.53 9.78 4.50
N VAL A 293 27.76 10.76 3.65
CA VAL A 293 27.70 10.55 2.21
C VAL A 293 28.84 11.29 1.51
N ALA A 294 29.47 10.64 0.56
CA ALA A 294 30.56 11.24 -0.21
C ALA A 294 30.25 11.17 -1.70
N VAL A 295 30.70 12.18 -2.44
CA VAL A 295 30.54 12.20 -3.88
C VAL A 295 31.90 12.33 -4.57
N THR A 296 32.25 11.34 -5.38
CA THR A 296 33.51 11.38 -6.11
C THR A 296 33.51 10.31 -7.20
N ASP A 297 34.17 10.63 -8.31
CA ASP A 297 34.33 9.66 -9.39
C ASP A 297 35.54 8.79 -9.09
N VAL A 298 35.30 7.52 -8.77
CA VAL A 298 36.37 6.63 -8.34
C VAL A 298 36.93 5.73 -9.45
N ASN A 299 36.20 5.57 -10.55
CA ASN A 299 36.62 4.67 -11.62
C ASN A 299 37.02 5.42 -12.88
N GLY A 300 37.23 6.73 -12.76
CA GLY A 300 37.80 7.53 -13.82
C GLY A 300 37.04 7.49 -15.14
N ASP A 301 35.71 7.44 -15.07
CA ASP A 301 34.88 7.48 -16.26
C ASP A 301 34.21 8.84 -16.38
N GLY A 302 34.58 9.77 -15.49
CA GLY A 302 34.07 11.12 -15.55
C GLY A 302 32.73 11.30 -14.86
N ARG A 303 32.11 10.19 -14.47
CA ARG A 303 30.80 10.25 -13.83
C ARG A 303 30.94 10.09 -12.33
N HIS A 304 30.41 11.07 -11.58
CA HIS A 304 30.47 11.05 -10.13
C HIS A 304 29.82 9.81 -9.55
N ASP A 305 30.48 9.19 -8.59
CA ASP A 305 29.94 8.03 -7.91
C ASP A 305 29.55 8.39 -6.49
N LEU A 306 28.65 7.61 -5.91
CA LEU A 306 28.15 7.90 -4.58
C LEU A 306 28.67 6.88 -3.58
N LEU A 307 29.04 7.37 -2.40
CA LEU A 307 29.42 6.52 -1.28
C LEU A 307 28.57 6.84 -0.07
N VAL A 308 28.09 5.80 0.61
CA VAL A 308 27.20 5.99 1.75
C VAL A 308 27.67 5.16 2.94
N GLY A 309 27.79 5.83 4.09
CA GLY A 309 28.21 5.15 5.31
C GLY A 309 27.03 4.73 6.17
N ALA A 310 27.15 3.55 6.77
CA ALA A 310 26.17 3.05 7.72
C ALA A 310 26.92 2.54 8.95
N PRO A 311 27.44 3.46 9.78
CA PRO A 311 28.38 3.16 10.87
C PRO A 311 27.94 2.10 11.86
N LEU A 312 26.64 1.82 11.96
CA LEU A 312 26.15 0.85 12.94
C LEU A 312 25.64 -0.42 12.30
N TYR A 313 26.03 -0.68 11.05
CA TYR A 313 25.61 -1.91 10.39
C TYR A 313 26.17 -3.10 11.15
N MET A 314 25.32 -4.11 11.34
CA MET A 314 25.71 -5.32 12.06
C MET A 314 25.89 -6.47 11.09
N GLU A 315 27.13 -6.95 11.00
CA GLU A 315 27.49 -8.01 10.09
C GLU A 315 27.05 -9.35 10.63
N SER A 316 26.64 -10.25 9.73
CA SER A 316 26.23 -11.59 10.13
CA SER A 316 26.22 -11.60 10.12
C SER A 316 27.44 -12.49 10.33
N ARG A 317 27.46 -13.19 11.47
CA ARG A 317 28.57 -14.06 11.81
C ARG A 317 28.09 -15.44 12.26
N ALA A 318 29.04 -16.34 12.47
CA ALA A 318 28.74 -17.73 12.79
C ALA A 318 27.72 -17.87 13.91
N ASP A 319 26.91 -18.91 13.81
CA ASP A 319 25.95 -19.26 14.86
C ASP A 319 24.84 -18.22 14.98
N ARG A 320 24.42 -17.66 13.86
CA ARG A 320 23.31 -16.71 13.84
C ARG A 320 23.53 -15.52 14.78
N LYS A 321 24.74 -14.97 14.76
CA LYS A 321 25.05 -13.84 15.62
C LYS A 321 25.49 -12.62 14.82
N LEU A 322 25.09 -11.43 15.28
CA LEU A 322 25.37 -10.19 14.60
C LEU A 322 26.45 -9.38 15.34
N ALA A 323 27.37 -8.79 14.57
CA ALA A 323 28.43 -7.99 15.16
C ALA A 323 28.46 -6.59 14.55
N GLU A 324 28.21 -5.59 15.36
CA GLU A 324 28.20 -4.21 14.91
C GLU A 324 29.60 -3.76 14.51
N VAL A 325 29.81 -3.54 13.22
CA VAL A 325 31.13 -3.13 12.73
C VAL A 325 31.09 -1.92 11.80
N GLY A 326 29.95 -1.70 11.14
CA GLY A 326 29.82 -0.58 10.22
C GLY A 326 30.08 -1.01 8.80
N ARG A 327 29.47 -0.30 7.84
CA ARG A 327 29.61 -0.65 6.44
C ARG A 327 29.52 0.57 5.53
N VAL A 328 30.21 0.49 4.40
CA VAL A 328 30.16 1.53 3.38
C VAL A 328 29.68 0.93 2.05
N TYR A 329 28.84 1.68 1.35
CA TYR A 329 28.27 1.22 0.09
C TYR A 329 28.77 2.09 -1.05
N LEU A 330 29.22 1.46 -2.14
CA LEU A 330 29.63 2.19 -3.33
C LEU A 330 28.60 2.05 -4.43
N PHE A 331 28.10 3.18 -4.93
CA PHE A 331 27.21 3.18 -6.08
C PHE A 331 27.88 3.89 -7.24
N LEU A 332 28.11 3.17 -8.33
CA LEU A 332 28.70 3.75 -9.53
C LEU A 332 27.61 4.30 -10.44
N GLN A 333 27.83 5.51 -10.96
CA GLN A 333 26.85 6.14 -11.83
C GLN A 333 26.91 5.53 -13.23
N PRO A 334 25.76 5.09 -13.75
CA PRO A 334 25.68 4.47 -15.07
C PRO A 334 25.75 5.48 -16.21
N ARG A 335 26.00 5.01 -17.42
CA ARG A 335 26.10 5.88 -18.58
C ARG A 335 24.72 6.45 -18.92
N GLY A 336 24.67 7.75 -19.15
CA GLY A 336 23.45 8.41 -19.58
C GLY A 336 22.33 8.33 -18.55
N PRO A 337 21.10 8.70 -18.98
CA PRO A 337 19.93 8.73 -18.10
C PRO A 337 19.51 7.35 -17.63
N HIS A 338 20.03 6.91 -16.50
CA HIS A 338 19.72 5.61 -15.94
C HIS A 338 19.76 5.63 -14.42
N ALA A 339 19.16 4.63 -13.80
CA ALA A 339 19.07 4.57 -12.35
C ALA A 339 20.26 3.87 -11.74
N LEU A 340 20.70 4.37 -10.57
CA LEU A 340 21.74 3.70 -9.81
C LEU A 340 21.20 2.37 -9.30
N GLY A 341 21.82 1.28 -9.72
CA GLY A 341 21.35 -0.05 -9.37
C GLY A 341 21.75 -0.45 -7.96
N ALA A 342 22.07 -1.72 -7.79
CA ALA A 342 22.56 -2.21 -6.52
C ALA A 342 23.94 -1.61 -6.27
N PRO A 343 24.40 -1.62 -5.01
CA PRO A 343 25.75 -1.15 -4.77
C PRO A 343 26.77 -2.01 -5.50
N SER A 344 27.82 -1.39 -6.02
CA SER A 344 28.84 -2.10 -6.77
C SER A 344 29.84 -2.76 -5.84
N LEU A 345 29.93 -2.27 -4.61
CA LEU A 345 30.89 -2.77 -3.65
C LEU A 345 30.41 -2.51 -2.23
N LEU A 346 30.58 -3.51 -1.35
CA LEU A 346 30.27 -3.36 0.06
C LEU A 346 31.56 -3.47 0.87
N LEU A 347 31.90 -2.40 1.58
CA LEU A 347 33.03 -2.42 2.48
C LEU A 347 32.52 -2.54 3.91
N THR A 348 32.95 -3.59 4.60
CA THR A 348 32.48 -3.84 5.97
C THR A 348 33.63 -3.73 6.97
N GLY A 349 33.30 -3.24 8.16
CA GLY A 349 34.28 -3.07 9.21
C GLY A 349 34.67 -4.39 9.86
N THR A 350 35.70 -4.34 10.70
CA THR A 350 36.21 -5.53 11.34
CA THR A 350 36.23 -5.53 11.35
C THR A 350 36.11 -5.44 12.87
N GLN A 351 36.56 -4.32 13.42
CA GLN A 351 36.54 -4.11 14.86
C GLN A 351 35.10 -3.94 15.35
N LEU A 352 34.76 -4.62 16.43
CA LEU A 352 33.43 -4.52 17.01
C LEU A 352 33.21 -3.13 17.60
N TYR A 353 32.06 -2.54 17.29
CA TYR A 353 31.73 -1.20 17.75
C TYR A 353 32.67 -0.14 17.17
N GLY A 354 33.42 -0.52 16.14
CA GLY A 354 34.38 0.38 15.53
C GLY A 354 33.75 1.54 14.80
N ARG A 355 32.52 1.35 14.33
CA ARG A 355 31.80 2.38 13.59
C ARG A 355 32.50 2.74 12.27
N PHE A 356 32.96 1.71 11.57
CA PHE A 356 33.49 1.86 10.22
C PHE A 356 32.41 2.48 9.32
N GLY A 357 32.73 3.62 8.73
CA GLY A 357 31.81 4.30 7.83
C GLY A 357 31.22 5.55 8.42
N SER A 358 31.71 5.97 9.58
CA SER A 358 31.20 7.16 10.24
C SER A 358 31.56 8.41 9.45
N ALA A 359 32.70 8.37 8.76
CA ALA A 359 33.11 9.47 7.91
C ALA A 359 33.77 8.95 6.63
N ILE A 360 33.46 9.56 5.50
CA ILE A 360 34.05 9.16 4.22
C ILE A 360 34.56 10.38 3.46
N ALA A 361 35.87 10.40 3.20
CA ALA A 361 36.50 11.54 2.54
C ALA A 361 37.07 11.16 1.17
N PRO A 362 36.65 11.90 0.13
CA PRO A 362 37.38 11.86 -1.13
C PRO A 362 38.81 12.39 -0.94
N LEU A 363 39.79 11.68 -1.46
CA LEU A 363 41.19 12.10 -1.30
C LEU A 363 41.73 12.73 -2.57
N GLY A 364 40.95 12.71 -3.64
CA GLY A 364 41.47 13.01 -4.95
C GLY A 364 42.25 11.78 -5.40
N ASP A 365 43.26 11.97 -6.25
CA ASP A 365 44.08 10.85 -6.69
C ASP A 365 45.39 10.86 -5.91
N LEU A 366 45.43 10.04 -4.86
CA LEU A 366 46.52 10.07 -3.89
C LEU A 366 47.83 9.53 -4.44
N ASP A 367 47.76 8.40 -5.15
CA ASP A 367 48.96 7.76 -5.68
C ASP A 367 49.24 8.16 -7.13
N ARG A 368 48.41 9.03 -7.68
CA ARG A 368 48.63 9.58 -9.02
C ARG A 368 48.62 8.50 -10.10
N ASP A 369 47.64 7.61 -10.05
CA ASP A 369 47.52 6.54 -11.04
C ASP A 369 46.39 6.80 -12.04
N GLY A 370 45.64 7.87 -11.81
CA GLY A 370 44.56 8.24 -12.72
C GLY A 370 43.17 8.01 -12.15
N TYR A 371 43.10 7.33 -11.00
CA TYR A 371 41.81 7.07 -10.36
C TYR A 371 41.77 7.76 -9.00
N ASN A 372 40.62 8.35 -8.69
CA ASN A 372 40.41 8.97 -7.39
C ASN A 372 40.24 7.92 -6.30
N ASP A 373 40.66 8.28 -5.09
CA ASP A 373 40.65 7.33 -3.98
C ASP A 373 39.88 7.94 -2.81
N ILE A 374 39.55 7.12 -1.81
CA ILE A 374 38.84 7.62 -0.64
C ILE A 374 39.47 7.16 0.67
N ALA A 375 39.09 7.83 1.75
CA ALA A 375 39.46 7.42 3.09
C ALA A 375 38.19 7.18 3.90
N VAL A 376 38.17 6.09 4.66
CA VAL A 376 37.02 5.75 5.49
C VAL A 376 37.44 5.70 6.96
N ALA A 377 36.65 6.33 7.82
CA ALA A 377 36.97 6.40 9.24
C ALA A 377 36.24 5.35 10.06
N ALA A 378 36.96 4.75 11.00
CA ALA A 378 36.38 3.92 12.05
C ALA A 378 36.87 4.47 13.39
N PRO A 379 36.19 5.52 13.89
CA PRO A 379 36.63 6.31 15.05
C PRO A 379 36.93 5.49 16.30
N TYR A 380 36.45 4.26 16.36
CA TYR A 380 36.70 3.40 17.52
C TYR A 380 37.18 2.04 17.07
N GLY A 381 37.76 1.98 15.87
CA GLY A 381 38.28 0.75 15.32
C GLY A 381 39.74 0.57 15.65
N GLY A 382 40.38 -0.37 14.97
CA GLY A 382 41.75 -0.74 15.28
C GLY A 382 41.73 -1.77 16.38
N PRO A 383 42.80 -2.57 16.49
CA PRO A 383 42.83 -3.59 17.54
C PRO A 383 42.69 -2.97 18.93
N SER A 384 43.17 -1.74 19.07
CA SER A 384 43.18 -1.07 20.36
C SER A 384 41.90 -0.24 20.59
N GLY A 385 41.07 -0.14 19.56
CA GLY A 385 39.84 0.62 19.66
C GLY A 385 40.07 2.12 19.81
N ARG A 386 41.28 2.58 19.47
CA ARG A 386 41.61 4.00 19.59
C ARG A 386 41.21 4.80 18.35
N GLY A 387 40.85 4.11 17.28
CA GLY A 387 40.45 4.77 16.05
C GLY A 387 41.34 4.37 14.89
N GLN A 388 40.82 4.46 13.67
CA GLN A 388 41.55 4.04 12.49
C GLN A 388 40.99 4.70 11.25
N VAL A 389 41.88 5.05 10.32
CA VAL A 389 41.46 5.53 9.01
C VAL A 389 42.01 4.60 7.94
N LEU A 390 41.13 4.13 7.06
CA LEU A 390 41.53 3.19 6.01
C LEU A 390 41.42 3.85 4.64
N VAL A 391 42.48 3.73 3.86
CA VAL A 391 42.50 4.29 2.52
C VAL A 391 42.18 3.20 1.49
N PHE A 392 41.24 3.50 0.60
CA PHE A 392 40.89 2.60 -0.50
C PHE A 392 41.12 3.28 -1.83
N LEU A 393 41.85 2.62 -2.72
CA LEU A 393 42.22 3.19 -4.00
C LEU A 393 41.20 2.90 -5.09
N GLY A 394 40.94 3.91 -5.93
CA GLY A 394 40.04 3.76 -7.05
C GLY A 394 40.63 2.89 -8.13
N GLN A 395 39.78 2.41 -9.01
CA GLN A 395 40.20 1.58 -10.12
C GLN A 395 39.10 1.54 -11.18
N SER A 396 39.40 1.02 -12.36
CA SER A 396 38.44 1.03 -13.46
C SER A 396 37.13 0.36 -13.06
N GLU A 397 37.21 -0.64 -12.19
CA GLU A 397 36.03 -1.40 -11.79
C GLU A 397 35.31 -0.80 -10.59
N GLY A 398 35.88 0.25 -10.00
CA GLY A 398 35.27 0.91 -8.87
C GLY A 398 36.28 1.25 -7.78
N LEU A 399 36.31 0.43 -6.73
CA LEU A 399 37.27 0.58 -5.65
C LEU A 399 37.93 -0.75 -5.36
N ARG A 400 39.10 -0.69 -4.74
CA ARG A 400 39.76 -1.89 -4.24
C ARG A 400 39.00 -2.37 -3.00
N SER A 401 38.86 -3.68 -2.85
CA SER A 401 38.11 -4.23 -1.74
C SER A 401 38.92 -4.26 -0.45
N ARG A 402 40.24 -4.18 -0.59
CA ARG A 402 41.14 -4.13 0.58
C ARG A 402 41.85 -2.79 0.64
N PRO A 403 42.10 -2.30 1.87
CA PRO A 403 42.72 -0.98 2.05
C PRO A 403 44.19 -0.99 1.65
N SER A 404 44.65 0.10 1.04
CA SER A 404 46.04 0.21 0.62
C SER A 404 46.90 0.70 1.78
N GLN A 405 46.25 1.22 2.81
CA GLN A 405 46.97 1.81 3.94
C GLN A 405 46.04 1.99 5.13
N VAL A 406 46.59 1.85 6.33
CA VAL A 406 45.82 2.03 7.55
C VAL A 406 46.51 2.99 8.50
N LEU A 407 45.86 4.11 8.79
CA LEU A 407 46.38 5.08 9.74
C LEU A 407 45.82 4.83 11.12
N ASP A 408 46.67 4.38 12.04
CA ASP A 408 46.26 4.18 13.43
C ASP A 408 46.34 5.49 14.18
N SER A 409 45.42 5.70 15.11
CA SER A 409 45.35 6.95 15.85
C SER A 409 46.60 7.17 16.70
N PRO A 410 47.23 8.35 16.55
CA PRO A 410 48.36 8.72 17.40
C PRO A 410 47.89 9.21 18.77
N PHE A 411 46.58 9.41 18.91
CA PHE A 411 46.02 9.93 20.14
C PHE A 411 45.62 8.81 21.10
N PRO A 412 45.26 9.17 22.33
CA PRO A 412 44.82 8.18 23.33
C PRO A 412 43.38 7.74 23.10
N THR A 413 42.91 6.79 23.91
CA THR A 413 41.55 6.29 23.78
C THR A 413 40.54 7.40 23.95
N GLY A 414 39.49 7.37 23.12
CA GLY A 414 38.38 8.29 23.26
C GLY A 414 38.52 9.58 22.48
N SER A 415 39.56 9.71 21.67
CA SER A 415 39.78 10.94 20.91
C SER A 415 38.81 11.08 19.73
N ALA A 416 38.11 10.00 19.41
CA ALA A 416 37.19 9.99 18.28
C ALA A 416 37.93 10.28 16.97
N PHE A 417 39.14 9.78 16.90
CA PHE A 417 40.03 9.99 15.75
C PHE A 417 39.40 9.50 14.47
N GLY A 418 39.07 10.42 13.58
CA GLY A 418 38.48 10.08 12.30
C GLY A 418 37.04 10.52 12.17
N PHE A 419 36.47 10.98 13.28
CA PHE A 419 35.08 11.45 13.29
C PHE A 419 34.86 12.49 12.20
N SER A 420 35.91 13.23 11.85
CA SER A 420 35.86 14.18 10.75
C SER A 420 37.08 14.01 9.87
N LEU A 421 36.86 14.04 8.55
CA LEU A 421 37.93 13.85 7.57
C LEU A 421 37.82 14.90 6.48
N ARG A 422 38.96 15.21 5.86
CA ARG A 422 38.98 16.07 4.69
C ARG A 422 40.26 15.86 3.92
N GLY A 423 40.13 15.67 2.61
CA GLY A 423 41.29 15.44 1.76
C GLY A 423 41.18 16.16 0.43
N ALA A 424 41.92 15.66 -0.56
CA ALA A 424 41.84 16.17 -1.93
C ALA A 424 42.43 17.57 -2.08
N VAL A 425 43.23 18.00 -1.10
CA VAL A 425 43.87 19.31 -1.19
C VAL A 425 45.35 19.21 -0.82
N ASP A 426 46.20 19.69 -1.71
CA ASP A 426 47.64 19.70 -1.49
C ASP A 426 48.00 20.93 -0.65
N ILE A 427 48.31 20.70 0.63
CA ILE A 427 48.50 21.80 1.57
C ILE A 427 49.96 22.28 1.62
N ASP A 428 50.89 21.38 1.32
CA ASP A 428 52.31 21.73 1.33
C ASP A 428 52.82 22.01 -0.08
N ASP A 429 51.94 21.89 -1.06
CA ASP A 429 52.27 22.22 -2.44
C ASP A 429 53.35 21.30 -3.00
N ASN A 430 53.30 20.02 -2.65
CA ASN A 430 54.30 19.07 -3.11
C ASN A 430 53.81 18.20 -4.25
N GLY A 431 52.63 18.50 -4.77
CA GLY A 431 52.09 17.79 -5.91
C GLY A 431 51.18 16.63 -5.57
N TYR A 432 51.12 16.27 -4.29
CA TYR A 432 50.26 15.19 -3.83
C TYR A 432 49.22 15.71 -2.85
N PRO A 433 47.95 15.30 -3.03
CA PRO A 433 46.85 15.73 -2.16
C PRO A 433 46.98 15.12 -0.76
N ASP A 434 46.60 15.89 0.26
CA ASP A 434 46.88 15.50 1.64
C ASP A 434 45.61 15.29 2.45
N LEU A 435 45.75 14.65 3.61
CA LEU A 435 44.61 14.31 4.46
C LEU A 435 44.71 14.98 5.83
N ILE A 436 43.61 15.60 6.26
CA ILE A 436 43.54 16.13 7.62
C ILE A 436 42.48 15.36 8.40
N VAL A 437 42.85 14.92 9.59
CA VAL A 437 41.98 14.08 10.40
C VAL A 437 41.71 14.71 11.76
N GLY A 438 40.44 14.91 12.07
CA GLY A 438 40.05 15.50 13.33
C GLY A 438 39.93 14.47 14.44
N ALA A 439 40.21 14.90 15.67
CA ALA A 439 40.05 14.05 16.84
C ALA A 439 39.56 14.91 18.00
N TYR A 440 38.26 15.20 17.99
CA TYR A 440 37.69 16.17 18.92
C TYR A 440 37.81 15.72 20.38
N GLY A 441 37.77 14.42 20.62
CA GLY A 441 37.95 13.89 21.95
C GLY A 441 39.29 14.30 22.54
N ALA A 442 40.29 14.46 21.68
CA ALA A 442 41.62 14.87 22.11
C ALA A 442 41.87 16.34 21.81
N ASN A 443 40.85 17.03 21.29
CA ASN A 443 40.97 18.44 20.94
C ASN A 443 42.18 18.70 20.06
N GLN A 444 42.36 17.87 19.03
CA GLN A 444 43.48 18.00 18.13
C GLN A 444 43.14 17.64 16.69
N VAL A 445 44.02 18.03 15.79
CA VAL A 445 43.90 17.66 14.38
C VAL A 445 45.25 17.10 13.94
N ALA A 446 45.21 16.06 13.13
CA ALA A 446 46.43 15.49 12.57
C ALA A 446 46.44 15.72 11.06
N VAL A 447 47.58 16.16 10.55
CA VAL A 447 47.75 16.37 9.12
C VAL A 447 48.68 15.30 8.56
N TYR A 448 48.16 14.51 7.63
CA TYR A 448 48.96 13.52 6.93
C TYR A 448 49.36 14.06 5.55
N ARG A 449 50.65 14.19 5.31
CA ARG A 449 51.16 14.62 4.03
C ARG A 449 51.40 13.42 3.12
N ALA A 450 50.93 13.51 1.88
CA ALA A 450 51.17 12.48 0.90
C ALA A 450 52.55 12.70 0.28
N GLN A 451 53.29 11.60 0.08
CA GLN A 451 54.62 11.67 -0.48
C GLN A 451 54.69 10.84 -1.75
N PRO A 452 55.74 11.02 -2.54
CA PRO A 452 55.90 10.20 -3.75
C PRO A 452 55.85 8.72 -3.42
N VAL A 453 55.26 7.91 -4.31
CA VAL A 453 55.07 6.50 -4.07
C VAL A 453 56.41 5.78 -3.98
N VAL A 454 56.55 4.89 -3.00
CA VAL A 454 57.81 4.20 -2.75
C VAL A 454 57.96 2.98 -3.66
N LYS A 455 56.93 2.15 -3.73
CA LYS A 455 56.98 0.91 -4.52
C LYS A 455 57.42 1.20 -5.95
N ASN B 3 48.78 -53.74 5.63
CA ASN B 3 47.91 -52.61 5.90
C ASN B 3 48.69 -51.29 5.92
N ILE B 4 47.96 -50.19 6.09
CA ILE B 4 48.57 -48.85 6.07
C ILE B 4 49.62 -48.67 7.17
N CYS B 5 49.43 -49.35 8.30
CA CYS B 5 50.35 -49.23 9.42
C CYS B 5 51.77 -49.63 9.03
N THR B 6 51.89 -50.74 8.30
CA THR B 6 53.19 -51.26 7.90
C THR B 6 53.73 -50.53 6.67
N THR B 7 52.86 -50.33 5.68
CA THR B 7 53.26 -49.72 4.41
C THR B 7 53.69 -48.27 4.58
N ARG B 8 53.47 -47.70 5.77
CA ARG B 8 53.89 -46.34 6.05
C ARG B 8 55.34 -46.29 6.52
N GLY B 9 55.88 -47.44 6.90
CA GLY B 9 57.26 -47.52 7.34
C GLY B 9 57.59 -46.48 8.39
N VAL B 10 56.98 -46.61 9.56
CA VAL B 10 57.19 -45.66 10.64
C VAL B 10 58.51 -45.91 11.35
N SER B 11 59.01 -44.89 12.06
CA SER B 11 60.31 -44.97 12.71
C SER B 11 60.18 -45.19 14.22
N SER B 12 59.17 -44.57 14.83
CA SER B 12 59.00 -44.64 16.27
C SER B 12 57.58 -45.04 16.65
N CYS B 13 57.36 -45.30 17.93
CA CYS B 13 56.04 -45.66 18.43
C CYS B 13 55.08 -44.49 18.29
N GLN B 14 55.60 -43.28 18.44
CA GLN B 14 54.79 -42.07 18.33
C GLN B 14 54.26 -41.92 16.91
N GLN B 15 55.11 -42.16 15.93
CA GLN B 15 54.72 -42.05 14.53
C GLN B 15 53.71 -43.13 14.16
N CYS B 16 53.83 -44.29 14.80
CA CYS B 16 52.97 -45.43 14.51
C CYS B 16 51.51 -45.12 14.82
N LEU B 17 51.27 -44.60 16.02
CA LEU B 17 49.91 -44.31 16.47
C LEU B 17 49.29 -43.18 15.65
N ALA B 18 50.14 -42.32 15.08
CA ALA B 18 49.68 -41.16 14.32
C ALA B 18 49.19 -41.54 12.93
N VAL B 19 49.51 -42.76 12.49
CA VAL B 19 49.11 -43.22 11.17
C VAL B 19 47.60 -43.45 11.11
N SER B 20 47.07 -44.14 12.11
CA SER B 20 45.64 -44.44 12.14
C SER B 20 45.23 -44.89 13.54
N PRO B 21 43.97 -44.63 13.91
CA PRO B 21 43.44 -45.04 15.22
C PRO B 21 43.48 -46.55 15.45
N MET B 22 43.64 -47.32 14.38
CA MET B 22 43.63 -48.77 14.47
C MET B 22 45.04 -49.36 14.43
N CYS B 23 46.05 -48.51 14.61
CA CYS B 23 47.43 -48.96 14.62
C CYS B 23 47.92 -49.21 16.04
N ALA B 24 48.81 -50.19 16.18
CA ALA B 24 49.42 -50.51 17.47
C ALA B 24 50.93 -50.61 17.31
N TRP B 25 51.65 -50.54 18.42
CA TRP B 25 53.11 -50.64 18.41
C TRP B 25 53.60 -51.69 19.40
N CYS B 26 54.68 -52.37 19.04
CA CYS B 26 55.25 -53.41 19.91
C CYS B 26 56.65 -53.01 20.39
N SER B 27 56.83 -52.99 21.70
CA SER B 27 58.11 -52.63 22.29
C SER B 27 58.90 -53.87 22.72
N ASP B 28 58.42 -55.04 22.32
CA ASP B 28 59.04 -56.30 22.72
C ASP B 28 60.49 -56.39 22.24
N GLU B 29 61.36 -56.88 23.12
CA GLU B 29 62.76 -57.06 22.78
C GLU B 29 62.94 -58.26 21.86
N ALA B 30 62.29 -59.37 22.21
CA ALA B 30 62.41 -60.61 21.42
C ALA B 30 61.44 -60.63 20.25
N LEU B 31 61.62 -59.69 19.33
CA LEU B 31 60.80 -59.63 18.13
C LEU B 31 61.57 -60.21 16.94
N PRO B 32 60.89 -61.02 16.10
CA PRO B 32 61.57 -61.67 14.98
C PRO B 32 62.37 -60.69 14.11
N LEU B 33 63.17 -61.24 13.21
CA LEU B 33 64.07 -60.44 12.38
C LEU B 33 63.38 -59.23 11.76
N GLY B 34 62.62 -59.45 10.70
CA GLY B 34 61.99 -58.36 9.97
C GLY B 34 60.49 -58.29 10.22
N SER B 35 60.10 -58.10 11.48
CA SER B 35 58.71 -57.96 11.84
C SER B 35 58.35 -56.48 12.03
N PRO B 36 57.38 -55.98 11.25
CA PRO B 36 56.97 -54.57 11.39
C PRO B 36 56.33 -54.30 12.75
N ARG B 37 56.94 -53.42 13.53
CA ARG B 37 56.44 -53.11 14.86
C ARG B 37 55.12 -52.34 14.81
N CYS B 38 54.80 -51.78 13.64
CA CYS B 38 53.58 -51.01 13.48
C CYS B 38 52.55 -51.79 12.67
N ASP B 39 51.66 -52.49 13.37
CA ASP B 39 50.64 -53.31 12.72
C ASP B 39 49.39 -53.38 13.61
N LEU B 40 48.42 -54.19 13.22
CA LEU B 40 47.20 -54.36 13.99
C LEU B 40 47.48 -55.15 15.27
N LYS B 41 46.73 -54.84 16.32
CA LYS B 41 46.90 -55.52 17.60
C LYS B 41 46.77 -57.02 17.45
N GLU B 42 46.01 -57.45 16.45
CA GLU B 42 45.82 -58.87 16.18
C GLU B 42 47.05 -59.46 15.50
N ASN B 43 47.66 -58.67 14.62
CA ASN B 43 48.86 -59.12 13.91
C ASN B 43 50.07 -59.18 14.84
N LEU B 44 50.12 -58.28 15.81
CA LEU B 44 51.23 -58.24 16.75
C LEU B 44 51.23 -59.44 17.68
N LEU B 45 50.07 -59.76 18.25
CA LEU B 45 49.94 -60.90 19.13
C LEU B 45 50.12 -62.21 18.38
N LYS B 46 49.91 -62.17 17.07
CA LYS B 46 50.08 -63.35 16.23
C LYS B 46 51.57 -63.67 16.06
N ASP B 47 52.41 -62.68 16.33
CA ASP B 47 53.86 -62.86 16.22
C ASP B 47 54.52 -62.97 17.58
N ASN B 48 53.81 -63.60 18.52
CA ASN B 48 54.34 -63.85 19.86
C ASN B 48 54.84 -62.58 20.55
N CYS B 49 54.12 -61.48 20.37
CA CYS B 49 54.48 -60.22 21.01
C CYS B 49 53.92 -60.18 22.43
N ALA B 50 54.77 -59.87 23.41
CA ALA B 50 54.35 -59.80 24.80
C ALA B 50 53.15 -58.87 24.95
N PRO B 51 52.06 -59.36 25.57
CA PRO B 51 50.84 -58.56 25.75
C PRO B 51 51.10 -57.20 26.38
N GLU B 52 52.10 -57.11 27.26
CA GLU B 52 52.40 -55.87 27.95
C GLU B 52 53.22 -54.93 27.09
N SER B 53 53.80 -55.46 26.01
CA SER B 53 54.60 -54.67 25.10
C SER B 53 53.73 -54.02 24.01
N ILE B 54 52.43 -54.28 24.07
CA ILE B 54 51.50 -53.70 23.09
C ILE B 54 51.08 -52.29 23.51
N GLU B 55 51.38 -51.31 22.66
CA GLU B 55 50.97 -49.94 22.88
C GLU B 55 49.81 -49.61 21.94
N PHE B 56 48.60 -49.69 22.45
CA PHE B 56 47.40 -49.49 21.64
C PHE B 56 46.33 -48.72 22.40
N PRO B 57 46.41 -47.38 22.39
CA PRO B 57 45.41 -46.53 23.04
C PRO B 57 44.03 -46.67 22.43
N VAL B 58 42.99 -46.43 23.23
CA VAL B 58 41.62 -46.50 22.75
C VAL B 58 40.82 -45.29 23.21
N SER B 59 40.18 -44.61 22.25
CA SER B 59 39.39 -43.43 22.55
C SER B 59 38.16 -43.81 23.37
N GLU B 60 38.10 -43.29 24.60
CA GLU B 60 36.98 -43.56 25.48
C GLU B 60 36.24 -42.27 25.81
N ALA B 61 35.21 -42.36 26.65
CA ALA B 61 34.43 -41.19 27.03
C ALA B 61 33.55 -41.50 28.25
N ARG B 62 34.17 -41.53 29.43
CA ARG B 62 33.44 -41.85 30.65
C ARG B 62 33.00 -40.58 31.37
N VAL B 63 31.85 -40.65 32.02
CA VAL B 63 31.29 -39.51 32.73
C VAL B 63 31.92 -39.37 34.11
N LEU B 64 31.96 -38.14 34.62
CA LEU B 64 32.49 -37.88 35.96
C LEU B 64 31.37 -37.46 36.89
N GLU B 65 30.60 -36.45 36.47
CA GLU B 65 29.42 -36.02 37.21
C GLU B 65 28.18 -36.37 36.41
N ASP B 66 27.25 -37.08 37.04
CA ASP B 66 26.04 -37.52 36.36
C ASP B 66 24.82 -37.35 37.24
N ARG B 67 24.68 -36.16 37.82
CA ARG B 67 23.50 -35.82 38.61
C ARG B 67 22.25 -36.05 37.77
N PRO B 68 21.17 -36.54 38.40
CA PRO B 68 19.91 -36.75 37.70
C PRO B 68 19.15 -35.45 37.47
N LEU B 69 18.41 -35.37 36.37
CA LEU B 69 17.63 -34.17 36.06
C LEU B 69 16.56 -33.96 37.12
N SER B 70 16.34 -32.70 37.49
CA SER B 70 15.38 -32.36 38.52
C SER B 70 13.96 -32.35 37.97
N ASP B 71 13.00 -32.79 38.77
CA ASP B 71 11.60 -32.81 38.38
C ASP B 71 10.95 -31.46 38.66
N LYS B 72 11.31 -30.87 39.80
CA LYS B 72 10.77 -29.57 40.19
C LYS B 72 11.91 -28.58 40.46
N GLY B 73 11.86 -27.44 39.76
CA GLY B 73 12.85 -26.40 39.95
C GLY B 73 12.55 -25.52 41.15
N SER B 74 11.45 -25.82 41.83
CA SER B 74 11.08 -25.10 43.04
C SER B 74 11.96 -25.54 44.21
N GLY B 75 11.86 -24.82 45.32
CA GLY B 75 12.61 -25.15 46.52
C GLY B 75 14.11 -25.21 46.26
N ASP B 76 14.84 -25.71 47.25
CA ASP B 76 16.30 -25.81 47.16
C ASP B 76 16.93 -24.44 47.06
N SER B 77 18.21 -24.36 47.42
CA SER B 77 18.98 -23.13 47.27
C SER B 77 19.69 -23.15 45.92
N SER B 78 18.90 -23.35 44.86
CA SER B 78 19.43 -23.39 43.51
C SER B 78 20.34 -24.61 43.29
N GLN B 79 19.89 -25.75 43.80
CA GLN B 79 20.61 -27.00 43.55
C GLN B 79 19.90 -27.77 42.44
N VAL B 80 19.27 -27.01 41.54
CA VAL B 80 18.50 -27.60 40.44
C VAL B 80 19.42 -27.99 39.29
N THR B 81 19.12 -29.14 38.68
CA THR B 81 19.91 -29.65 37.58
C THR B 81 19.02 -29.81 36.35
N GLN B 82 19.43 -29.18 35.24
CA GLN B 82 18.67 -29.24 34.01
C GLN B 82 19.57 -29.61 32.82
N VAL B 83 20.76 -30.11 33.13
CA VAL B 83 21.66 -30.62 32.12
C VAL B 83 22.38 -31.85 32.69
N SER B 84 22.40 -32.93 31.93
CA SER B 84 23.04 -34.16 32.37
C SER B 84 23.65 -34.92 31.21
N PRO B 85 24.88 -35.44 31.39
CA PRO B 85 25.69 -35.26 32.60
C PRO B 85 26.25 -33.84 32.68
N GLN B 86 26.93 -33.52 33.79
CA GLN B 86 27.47 -32.17 33.98
C GLN B 86 28.95 -32.11 33.66
N ARG B 87 29.63 -33.26 33.72
CA ARG B 87 31.06 -33.32 33.40
C ARG B 87 31.42 -34.70 32.89
N ILE B 88 32.22 -34.75 31.83
CA ILE B 88 32.68 -36.01 31.27
C ILE B 88 34.13 -35.89 30.79
N ALA B 89 34.90 -36.96 30.98
CA ALA B 89 36.28 -36.99 30.52
C ALA B 89 36.35 -37.65 29.16
N LEU B 90 36.99 -36.98 28.21
CA LEU B 90 37.08 -37.47 26.85
C LEU B 90 38.55 -37.73 26.49
N ARG B 91 38.85 -38.95 26.05
CA ARG B 91 40.20 -39.31 25.65
C ARG B 91 40.22 -39.70 24.18
N LEU B 92 41.06 -39.04 23.40
CA LEU B 92 41.14 -39.29 21.97
C LEU B 92 42.58 -39.56 21.53
N ARG B 93 42.72 -40.18 20.36
CA ARG B 93 44.04 -40.36 19.74
C ARG B 93 44.02 -39.70 18.36
N PRO B 94 45.20 -39.45 17.80
CA PRO B 94 45.32 -38.69 16.55
C PRO B 94 44.30 -39.07 15.47
N ASP B 95 43.57 -38.07 14.99
CA ASP B 95 42.63 -38.23 13.89
C ASP B 95 41.45 -39.16 14.22
N ASP B 96 41.28 -39.48 15.50
CA ASP B 96 40.19 -40.34 15.91
C ASP B 96 38.98 -39.49 16.33
N SER B 97 37.92 -40.15 16.79
CA SER B 97 36.73 -39.44 17.25
C SER B 97 35.90 -40.33 18.17
N LYS B 98 35.23 -39.71 19.14
CA LYS B 98 34.39 -40.45 20.07
C LYS B 98 33.06 -39.73 20.22
N ASN B 99 32.01 -40.47 20.55
CA ASN B 99 30.68 -39.89 20.70
C ASN B 99 30.22 -39.85 22.15
N PHE B 100 29.37 -38.88 22.46
CA PHE B 100 28.75 -38.79 23.78
C PHE B 100 27.43 -38.04 23.66
N SER B 101 26.57 -38.18 24.66
CA SER B 101 25.26 -37.57 24.62
C SER B 101 25.07 -36.57 25.75
N ILE B 102 24.07 -35.71 25.59
CA ILE B 102 23.70 -34.74 26.61
C ILE B 102 22.19 -34.63 26.68
N GLN B 103 21.66 -34.41 27.87
CA GLN B 103 20.22 -34.26 28.06
C GLN B 103 19.89 -32.92 28.69
N VAL B 104 18.87 -32.26 28.16
CA VAL B 104 18.44 -30.95 28.65
C VAL B 104 16.97 -30.98 29.02
N ARG B 105 16.63 -30.40 30.17
CA ARG B 105 15.25 -30.38 30.63
C ARG B 105 14.79 -28.97 30.96
N GLN B 106 13.65 -28.59 30.39
CA GLN B 106 12.99 -27.34 30.73
C GLN B 106 12.21 -27.57 32.03
N VAL B 107 12.87 -27.34 33.16
CA VAL B 107 12.34 -27.73 34.46
C VAL B 107 11.02 -27.04 34.79
N GLU B 108 10.16 -27.74 35.51
CA GLU B 108 8.87 -27.19 35.94
C GLU B 108 9.00 -26.35 37.20
N ASP B 109 8.19 -25.30 37.29
CA ASP B 109 8.17 -24.44 38.47
C ASP B 109 9.55 -23.85 38.76
N TYR B 110 10.06 -23.09 37.80
CA TYR B 110 11.35 -22.41 37.96
C TYR B 110 11.08 -20.95 38.30
N PRO B 111 11.88 -20.38 39.22
CA PRO B 111 11.68 -18.99 39.65
C PRO B 111 11.70 -18.00 38.49
N VAL B 112 10.94 -16.91 38.61
CA VAL B 112 10.84 -15.94 37.53
C VAL B 112 10.85 -14.50 38.04
N ASP B 113 11.76 -13.71 37.48
CA ASP B 113 11.77 -12.27 37.72
C ASP B 113 11.12 -11.56 36.55
N ILE B 114 10.26 -10.60 36.84
CA ILE B 114 9.64 -9.80 35.80
C ILE B 114 9.79 -8.31 36.12
N TYR B 115 10.68 -7.64 35.40
CA TYR B 115 10.85 -6.21 35.57
C TYR B 115 10.11 -5.47 34.46
N TYR B 116 9.15 -4.65 34.86
CA TYR B 116 8.30 -3.95 33.92
C TYR B 116 8.87 -2.57 33.61
N LEU B 117 9.27 -2.37 32.37
CA LEU B 117 9.83 -1.10 31.93
C LEU B 117 8.75 -0.32 31.19
N MET B 118 8.27 0.76 31.80
CA MET B 118 7.04 1.41 31.37
C MET B 118 7.25 2.79 30.76
N ASP B 119 6.79 2.95 29.52
CA ASP B 119 6.75 4.25 28.86
C ASP B 119 5.70 5.11 29.56
N LEU B 120 6.09 6.27 30.05
CA LEU B 120 5.16 7.18 30.70
C LEU B 120 5.16 8.56 30.06
N SER B 121 5.41 8.59 28.75
CA SER B 121 5.30 9.83 28.00
C SER B 121 3.82 10.16 27.84
N TYR B 122 3.53 11.39 27.42
CA TYR B 122 2.15 11.86 27.36
C TYR B 122 1.28 10.97 26.49
N SER B 123 1.85 10.46 25.39
CA SER B 123 1.10 9.62 24.48
C SER B 123 0.58 8.36 25.17
N MET B 124 1.15 8.02 26.32
CA MET B 124 0.75 6.83 27.05
C MET B 124 -0.42 7.09 27.99
N LYS B 125 -1.14 8.18 27.78
CA LYS B 125 -2.34 8.47 28.56
C LYS B 125 -3.41 7.41 28.31
N ASP B 126 -3.60 7.07 27.03
CA ASP B 126 -4.65 6.15 26.63
C ASP B 126 -4.18 4.69 26.63
N ASP B 127 -3.02 4.43 27.23
CA ASP B 127 -2.50 3.08 27.33
C ASP B 127 -2.30 2.67 28.79
N LEU B 128 -2.47 3.61 29.71
CA LEU B 128 -2.24 3.37 31.12
C LEU B 128 -3.14 2.26 31.65
N TRP B 129 -4.28 2.06 31.00
CA TRP B 129 -5.22 1.02 31.38
C TRP B 129 -4.52 -0.33 31.59
N SER B 130 -3.46 -0.57 30.82
CA SER B 130 -2.79 -1.87 30.82
C SER B 130 -2.00 -2.15 32.11
N ILE B 131 -1.51 -1.11 32.77
CA ILE B 131 -0.77 -1.31 34.01
C ILE B 131 -1.64 -1.10 35.26
N GLN B 132 -2.93 -0.83 35.04
CA GLN B 132 -3.83 -0.49 36.14
C GLN B 132 -3.65 -1.40 37.35
N ASN B 133 -4.13 -2.63 37.27
CA ASN B 133 -4.02 -3.57 38.39
C ASN B 133 -2.96 -4.62 38.10
N LEU B 134 -1.88 -4.19 37.46
CA LEU B 134 -0.88 -5.10 36.92
C LEU B 134 -0.36 -6.13 37.93
N GLY B 135 0.15 -5.65 39.06
CA GLY B 135 0.70 -6.53 40.07
C GLY B 135 -0.09 -7.80 40.27
N THR B 136 -1.39 -7.68 40.48
CA THR B 136 -2.25 -8.83 40.73
C THR B 136 -2.50 -9.63 39.46
N LYS B 137 -2.94 -8.96 38.41
CA LYS B 137 -3.25 -9.62 37.15
C LYS B 137 -2.00 -10.26 36.55
N LEU B 138 -0.83 -9.84 37.04
CA LEU B 138 0.43 -10.36 36.56
C LEU B 138 0.91 -11.52 37.41
N ALA B 139 0.31 -11.68 38.59
CA ALA B 139 0.66 -12.75 39.51
C ALA B 139 -0.26 -13.94 39.32
N THR B 140 -1.45 -13.70 38.77
CA THR B 140 -2.45 -14.74 38.62
C THR B 140 -2.10 -15.77 37.55
N GLN B 141 -1.97 -15.32 36.30
CA GLN B 141 -1.70 -16.23 35.20
C GLN B 141 -0.25 -16.70 35.20
N MET B 142 0.54 -16.22 36.16
CA MET B 142 1.90 -16.68 36.34
C MET B 142 1.98 -17.74 37.44
N ARG B 143 1.09 -17.64 38.43
CA ARG B 143 1.07 -18.55 39.55
C ARG B 143 1.01 -20.01 39.11
N LYS B 144 0.53 -20.23 37.89
CA LYS B 144 0.33 -21.59 37.38
C LYS B 144 1.53 -22.10 36.58
N LEU B 145 2.58 -21.29 36.49
CA LEU B 145 3.83 -21.70 35.86
C LEU B 145 5.03 -21.59 36.80
N THR B 146 4.85 -20.88 37.91
CA THR B 146 5.91 -20.71 38.89
C THR B 146 5.32 -20.42 40.26
N SER B 147 5.99 -20.92 41.31
CA SER B 147 5.55 -20.68 42.67
C SER B 147 6.49 -19.68 43.36
N ASN B 148 7.41 -19.12 42.58
CA ASN B 148 8.37 -18.16 43.11
C ASN B 148 8.59 -16.99 42.16
N LEU B 149 7.60 -16.09 42.10
CA LEU B 149 7.65 -14.94 41.22
C LEU B 149 8.07 -13.67 41.96
N ARG B 150 8.94 -12.89 41.33
CA ARG B 150 9.23 -11.55 41.81
C ARG B 150 8.95 -10.55 40.67
N ILE B 151 8.45 -9.37 41.03
CA ILE B 151 8.11 -8.37 40.04
C ILE B 151 8.61 -6.99 40.45
N GLY B 152 9.03 -6.21 39.45
CA GLY B 152 9.57 -4.88 39.68
C GLY B 152 9.12 -3.94 38.58
N PHE B 153 9.36 -2.65 38.76
CA PHE B 153 8.78 -1.65 37.87
C PHE B 153 9.74 -0.47 37.66
N GLY B 154 9.81 0.01 36.43
CA GLY B 154 10.60 1.18 36.10
C GLY B 154 9.85 2.02 35.08
N ALA B 155 10.25 3.27 34.93
CA ALA B 155 9.57 4.16 34.00
C ALA B 155 10.58 5.00 33.21
N PHE B 156 10.17 5.43 32.02
CA PHE B 156 11.04 6.24 31.18
C PHE B 156 10.21 7.16 30.30
N VAL B 157 10.83 8.24 29.87
CA VAL B 157 10.22 9.14 28.89
C VAL B 157 11.21 9.36 27.75
N ASP B 158 12.20 10.20 27.99
CA ASP B 158 13.19 10.53 26.97
C ASP B 158 14.26 11.39 27.62
N LYS B 159 15.34 11.65 26.91
CA LYS B 159 16.41 12.49 27.42
C LYS B 159 15.85 13.89 27.71
N PRO B 160 15.90 14.32 28.98
CA PRO B 160 15.38 15.64 29.35
C PRO B 160 16.29 16.76 28.89
N VAL B 161 16.24 17.05 27.59
CA VAL B 161 17.07 18.08 27.00
C VAL B 161 16.45 18.53 25.69
N SER B 162 16.58 19.80 25.37
CA SER B 162 16.09 20.34 24.11
C SER B 162 16.82 19.66 22.96
N PRO B 163 16.10 19.36 21.86
CA PRO B 163 14.70 19.71 21.61
C PRO B 163 13.68 18.68 22.08
N TYR B 164 14.12 17.56 22.64
CA TYR B 164 13.19 16.56 23.15
C TYR B 164 12.27 17.17 24.20
N MET B 165 12.85 18.01 25.06
CA MET B 165 12.15 18.59 26.19
C MET B 165 11.69 20.01 25.88
N TYR B 166 10.50 20.37 26.38
CA TYR B 166 10.04 21.75 26.32
C TYR B 166 10.80 22.56 27.36
N ILE B 167 11.34 23.72 26.95
CA ILE B 167 12.16 24.52 27.85
C ILE B 167 11.68 25.96 27.98
N SER B 168 10.42 26.19 27.65
CA SER B 168 9.82 27.51 27.81
C SER B 168 8.29 27.42 27.79
N PRO B 169 7.62 28.25 28.59
CA PRO B 169 8.23 29.19 29.53
C PRO B 169 8.82 28.46 30.72
N PRO B 170 9.40 29.20 31.68
CA PRO B 170 9.99 28.58 32.86
C PRO B 170 9.06 27.57 33.53
N GLU B 171 7.76 27.84 33.49
CA GLU B 171 6.77 26.96 34.10
C GLU B 171 6.73 25.61 33.38
N ALA B 172 7.09 25.61 32.10
CA ALA B 172 7.05 24.40 31.28
C ALA B 172 7.98 23.32 31.83
N LEU B 173 9.04 23.74 32.51
CA LEU B 173 10.02 22.80 33.04
C LEU B 173 9.46 21.99 34.21
N GLU B 174 8.69 22.65 35.07
CA GLU B 174 8.08 21.99 36.22
C GLU B 174 6.79 21.29 35.80
N ASN B 175 6.10 21.85 34.81
CA ASN B 175 4.87 21.27 34.28
C ASN B 175 4.84 21.35 32.76
N PRO B 176 5.29 20.28 32.09
CA PRO B 176 5.34 20.20 30.63
C PRO B 176 3.97 20.34 29.96
N CYS B 177 2.90 20.21 30.73
CA CYS B 177 1.55 20.36 30.19
C CYS B 177 1.00 21.74 30.49
N TYR B 178 1.87 22.62 30.97
CA TYR B 178 1.51 23.99 31.31
C TYR B 178 0.74 24.69 30.19
N ASP B 179 1.27 24.64 28.97
CA ASP B 179 0.66 25.34 27.85
C ASP B 179 -0.71 24.78 27.49
N MET B 180 -1.06 23.62 28.07
CA MET B 180 -2.39 23.05 27.90
C MET B 180 -3.22 23.38 29.14
N LYS B 181 -4.38 22.73 29.27
CA LYS B 181 -5.27 23.00 30.40
C LYS B 181 -4.94 22.15 31.62
N THR B 182 -3.91 21.32 31.52
CA THR B 182 -3.66 20.29 32.53
C THR B 182 -2.27 20.35 33.15
N THR B 183 -1.98 19.38 34.01
CA THR B 183 -0.69 19.29 34.68
C THR B 183 -0.11 17.88 34.51
N CYS B 184 1.22 17.79 34.45
CA CYS B 184 1.90 16.50 34.43
C CYS B 184 3.28 16.61 35.04
N LEU B 185 3.95 15.48 35.19
CA LEU B 185 5.26 15.43 35.84
C LEU B 185 6.35 16.08 35.01
N PRO B 186 7.35 16.66 35.69
CA PRO B 186 8.55 17.11 34.97
C PRO B 186 9.13 15.96 34.18
N MET B 187 9.83 16.25 33.10
CA MET B 187 10.36 15.22 32.23
C MET B 187 11.53 14.50 32.89
N PHE B 188 11.64 13.20 32.65
CA PHE B 188 12.75 12.41 33.16
C PHE B 188 13.17 11.36 32.15
N GLY B 189 14.44 10.96 32.21
CA GLY B 189 14.95 9.95 31.30
C GLY B 189 14.46 8.57 31.70
N TYR B 190 15.10 8.01 32.71
CA TYR B 190 14.69 6.72 33.26
C TYR B 190 14.79 6.76 34.76
N LYS B 191 13.77 6.22 35.43
CA LYS B 191 13.78 6.13 36.88
C LYS B 191 13.37 4.74 37.34
N HIS B 192 14.19 4.15 38.20
CA HIS B 192 13.83 2.91 38.86
C HIS B 192 12.79 3.22 39.93
N VAL B 193 11.74 2.41 39.99
CA VAL B 193 10.66 2.67 40.94
C VAL B 193 10.54 1.58 41.99
N LEU B 194 10.52 0.33 41.55
CA LEU B 194 10.34 -0.79 42.47
C LEU B 194 11.29 -1.93 42.17
N THR B 195 12.17 -2.22 43.12
CA THR B 195 13.07 -3.36 43.03
C THR B 195 12.26 -4.65 42.99
N LEU B 196 12.80 -5.67 42.32
CA LEU B 196 12.12 -6.95 42.20
C LEU B 196 11.73 -7.49 43.57
N THR B 197 10.44 -7.76 43.76
CA THR B 197 9.92 -8.23 45.04
C THR B 197 8.84 -9.27 44.84
N ASP B 198 8.55 -10.04 45.89
CA ASP B 198 7.50 -11.04 45.84
C ASP B 198 6.17 -10.49 46.36
N GLN B 199 6.22 -9.27 46.89
CA GLN B 199 5.02 -8.60 47.38
C GLN B 199 4.30 -7.87 46.24
N VAL B 200 3.30 -8.51 45.67
CA VAL B 200 2.62 -7.95 44.50
C VAL B 200 1.90 -6.65 44.81
N THR B 201 1.37 -6.52 46.03
CA THR B 201 0.66 -5.31 46.42
C THR B 201 1.61 -4.11 46.47
N ARG B 202 2.90 -4.37 46.60
CA ARG B 202 3.90 -3.32 46.50
C ARG B 202 3.91 -2.78 45.08
N PHE B 203 3.78 -3.70 44.12
CA PHE B 203 3.73 -3.33 42.71
C PHE B 203 2.47 -2.49 42.45
N ASN B 204 1.32 -3.01 42.90
CA ASN B 204 0.05 -2.33 42.69
C ASN B 204 0.05 -0.90 43.23
N GLU B 205 0.50 -0.74 44.46
CA GLU B 205 0.48 0.55 45.12
C GLU B 205 1.48 1.53 44.51
N GLU B 206 2.62 1.01 44.07
CA GLU B 206 3.61 1.85 43.40
C GLU B 206 3.04 2.38 42.09
N VAL B 207 2.45 1.51 41.30
CA VAL B 207 1.85 1.89 40.02
C VAL B 207 0.80 2.98 40.20
N LYS B 208 -0.02 2.84 41.24
CA LYS B 208 -1.10 3.78 41.49
C LYS B 208 -0.60 5.20 41.76
N LYS B 209 0.69 5.35 42.02
CA LYS B 209 1.27 6.67 42.26
C LYS B 209 1.99 7.22 41.04
N GLN B 210 2.05 6.42 39.97
CA GLN B 210 2.70 6.85 38.75
C GLN B 210 1.79 7.73 37.90
N SER B 211 2.39 8.63 37.13
CA SER B 211 1.63 9.48 36.22
C SER B 211 2.53 9.87 35.05
N VAL B 212 1.92 10.24 33.93
CA VAL B 212 2.68 10.52 32.71
C VAL B 212 3.36 11.88 32.75
N SER B 213 4.41 12.02 31.94
CA SER B 213 5.05 13.31 31.71
C SER B 213 4.70 13.76 30.30
N ARG B 214 5.62 14.47 29.64
CA ARG B 214 5.37 14.93 28.29
C ARG B 214 6.64 15.49 27.65
N ASN B 215 6.84 15.17 26.38
CA ASN B 215 7.98 15.70 25.64
C ASN B 215 7.56 16.02 24.20
N ARG B 216 8.50 16.41 23.37
CA ARG B 216 8.16 16.99 22.08
C ARG B 216 8.07 15.97 20.94
N ASP B 217 9.10 15.14 20.79
CA ASP B 217 9.16 14.25 19.64
C ASP B 217 8.65 12.85 19.94
N ALA B 218 7.97 12.27 18.96
CA ALA B 218 7.30 10.98 19.13
C ALA B 218 8.23 9.87 19.63
N PRO B 219 9.40 9.73 19.01
CA PRO B 219 10.31 8.67 19.47
C PRO B 219 10.71 8.91 20.92
N GLU B 220 10.79 7.84 21.71
CA GLU B 220 11.11 7.98 23.13
C GLU B 220 12.43 7.31 23.47
N GLY B 221 12.93 7.57 24.68
CA GLY B 221 14.23 7.09 25.08
C GLY B 221 14.22 5.78 25.85
N GLY B 222 13.37 4.86 25.44
CA GLY B 222 13.22 3.58 26.12
C GLY B 222 14.46 2.71 26.11
N PHE B 223 15.29 2.86 25.09
CA PHE B 223 16.49 2.03 24.98
C PHE B 223 17.51 2.39 26.06
N ASP B 224 17.57 3.66 26.43
CA ASP B 224 18.41 4.06 27.55
C ASP B 224 18.01 3.25 28.78
N ALA B 225 16.70 3.13 28.98
CA ALA B 225 16.16 2.43 30.14
C ALA B 225 16.46 0.93 30.09
N ILE B 226 16.30 0.32 28.91
CA ILE B 226 16.56 -1.11 28.76
C ILE B 226 18.00 -1.42 29.17
N MET B 227 18.92 -0.54 28.81
CA MET B 227 20.34 -0.74 29.14
C MET B 227 20.56 -0.71 30.65
N GLN B 228 20.06 0.33 31.30
CA GLN B 228 20.24 0.49 32.74
C GLN B 228 19.53 -0.60 33.53
N ALA B 229 18.33 -0.97 33.10
CA ALA B 229 17.58 -2.04 33.75
C ALA B 229 18.33 -3.36 33.61
N THR B 230 19.25 -3.42 32.66
CA THR B 230 20.03 -4.62 32.41
C THR B 230 21.33 -4.64 33.22
N VAL B 231 22.06 -3.53 33.21
CA VAL B 231 23.39 -3.50 33.78
C VAL B 231 23.43 -3.02 35.23
N CYS B 232 22.28 -2.59 35.73
CA CYS B 232 22.16 -2.22 37.15
C CYS B 232 21.59 -3.39 37.94
N ASP B 233 22.35 -4.47 38.01
CA ASP B 233 21.91 -5.72 38.59
C ASP B 233 21.38 -5.56 40.02
N GLU B 234 22.25 -5.05 40.89
CA GLU B 234 21.94 -4.97 42.31
C GLU B 234 20.69 -4.13 42.55
N LYS B 235 20.54 -3.05 41.80
CA LYS B 235 19.41 -2.15 41.97
C LYS B 235 18.09 -2.77 41.52
N ILE B 236 18.06 -3.28 40.30
CA ILE B 236 16.85 -3.94 39.80
C ILE B 236 16.51 -5.16 40.64
N GLY B 237 17.53 -5.95 40.94
CA GLY B 237 17.37 -7.08 41.86
C GLY B 237 17.25 -8.44 41.20
N TRP B 238 17.76 -8.57 39.99
CA TRP B 238 17.70 -9.85 39.29
C TRP B 238 18.30 -10.93 40.19
N ARG B 239 17.78 -12.16 40.08
CA ARG B 239 18.25 -13.27 40.90
C ARG B 239 19.13 -14.23 40.10
N ASN B 240 20.14 -14.77 40.76
CA ASN B 240 21.12 -15.64 40.11
C ASN B 240 20.51 -16.90 39.48
N ASP B 241 19.46 -17.42 40.09
CA ASP B 241 18.83 -18.63 39.58
C ASP B 241 17.33 -18.43 39.34
N ALA B 242 17.02 -17.72 38.26
CA ALA B 242 15.64 -17.43 37.91
C ALA B 242 15.59 -16.93 36.47
N SER B 243 14.49 -17.19 35.79
CA SER B 243 14.27 -16.64 34.45
C SER B 243 14.06 -15.14 34.56
N HIS B 244 14.77 -14.38 33.75
CA HIS B 244 14.70 -12.93 33.78
C HIS B 244 13.88 -12.40 32.61
N LEU B 245 12.73 -11.82 32.92
CA LEU B 245 11.88 -11.21 31.90
C LEU B 245 11.88 -9.70 32.06
N LEU B 246 12.30 -9.01 31.01
CA LEU B 246 12.30 -7.56 30.99
C LEU B 246 11.22 -7.07 30.03
N VAL B 247 10.09 -6.67 30.56
CA VAL B 247 8.94 -6.29 29.74
C VAL B 247 8.95 -4.80 29.40
N PHE B 248 9.01 -4.52 28.11
CA PHE B 248 9.14 -3.15 27.60
C PHE B 248 7.83 -2.72 26.98
N THR B 249 7.22 -1.68 27.54
CA THR B 249 5.92 -1.21 27.07
C THR B 249 6.01 0.19 26.48
N THR B 250 5.43 0.37 25.30
CA THR B 250 5.42 1.67 24.65
C THR B 250 4.39 1.66 23.53
N ASP B 251 3.99 2.85 23.11
CA ASP B 251 3.01 3.01 22.04
C ASP B 251 3.63 3.72 20.84
N ALA B 252 4.94 3.89 20.85
CA ALA B 252 5.59 4.74 19.86
C ALA B 252 6.94 4.19 19.40
N LYS B 253 7.51 4.87 18.40
CA LYS B 253 8.83 4.56 17.91
C LYS B 253 9.86 4.80 19.01
N THR B 254 11.08 4.35 18.80
CA THR B 254 12.13 4.51 19.80
C THR B 254 13.37 5.18 19.20
N HIS B 255 14.06 5.97 20.02
CA HIS B 255 15.34 6.53 19.62
C HIS B 255 16.40 5.43 19.58
N ILE B 256 17.48 5.71 18.87
CA ILE B 256 18.55 4.74 18.69
C ILE B 256 19.90 5.45 18.68
N ALA B 257 20.97 4.67 18.77
CA ALA B 257 22.32 5.23 18.78
C ALA B 257 22.50 6.19 17.60
N LEU B 258 23.11 7.33 17.90
CA LEU B 258 23.42 8.39 16.92
C LEU B 258 22.28 9.40 16.75
N ASP B 259 21.14 9.16 17.41
CA ASP B 259 20.07 10.14 17.42
C ASP B 259 20.41 11.27 18.38
N GLY B 260 21.16 10.94 19.42
CA GLY B 260 21.49 11.89 20.46
C GLY B 260 22.17 13.16 19.95
N ARG B 261 22.68 13.09 18.72
CA ARG B 261 23.40 14.22 18.17
C ARG B 261 22.49 15.42 17.94
N LEU B 262 21.18 15.18 17.88
CA LEU B 262 20.23 16.28 17.77
C LEU B 262 20.11 17.06 19.08
N ALA B 263 20.64 16.50 20.16
CA ALA B 263 20.68 17.18 21.45
C ALA B 263 22.10 17.59 21.80
N GLY B 264 23.02 17.43 20.85
CA GLY B 264 24.41 17.75 21.07
C GLY B 264 25.16 16.67 21.82
N ILE B 265 24.54 15.50 21.95
CA ILE B 265 25.15 14.38 22.65
C ILE B 265 25.81 13.45 21.65
N VAL B 266 27.14 13.36 21.72
CA VAL B 266 27.90 12.55 20.77
C VAL B 266 28.66 11.42 21.47
N GLN B 267 28.92 11.57 22.76
CA GLN B 267 29.61 10.52 23.51
C GLN B 267 28.83 9.21 23.44
N PRO B 268 29.47 8.15 22.91
CA PRO B 268 28.81 6.85 22.81
C PRO B 268 28.37 6.31 24.17
N ASN B 269 27.30 5.52 24.16
CA ASN B 269 26.84 4.82 25.35
C ASN B 269 27.92 3.86 25.84
N ASP B 270 28.24 3.91 27.13
CA ASP B 270 29.38 3.16 27.67
C ASP B 270 29.00 1.81 28.27
N GLY B 271 27.71 1.50 28.30
CA GLY B 271 27.27 0.21 28.77
C GLY B 271 27.42 -0.01 30.27
N GLN B 272 27.75 1.04 30.99
CA GLN B 272 27.92 0.95 32.44
C GLN B 272 26.67 1.44 33.16
N CYS B 273 26.59 1.15 34.46
CA CYS B 273 25.46 1.59 35.27
C CYS B 273 25.63 3.03 35.70
N HIS B 274 24.55 3.80 35.63
CA HIS B 274 24.57 5.19 36.07
C HIS B 274 23.25 5.54 36.77
N VAL B 275 22.74 4.59 37.55
CA VAL B 275 21.56 4.83 38.38
C VAL B 275 21.97 4.84 39.85
N GLY B 276 21.94 6.02 40.46
CA GLY B 276 22.41 6.18 41.82
C GLY B 276 21.31 6.09 42.86
N SER B 277 21.60 6.58 44.07
CA SER B 277 20.67 6.50 45.18
C SER B 277 19.33 7.14 44.86
N ASP B 278 19.33 8.15 43.99
CA ASP B 278 18.10 8.86 43.64
C ASP B 278 17.25 8.10 42.63
N ASN B 279 17.73 6.92 42.23
CA ASN B 279 16.97 6.05 41.33
C ASN B 279 16.70 6.63 39.95
N HIS B 280 17.47 7.65 39.56
CA HIS B 280 17.35 8.22 38.23
C HIS B 280 18.60 7.97 37.40
N TYR B 281 18.44 7.92 36.08
CA TYR B 281 19.54 7.73 35.16
C TYR B 281 20.27 9.05 34.95
N SER B 282 21.51 9.12 35.43
CA SER B 282 22.24 10.38 35.47
C SER B 282 23.01 10.72 34.20
N ALA B 283 23.25 9.72 33.35
CA ALA B 283 23.96 9.95 32.09
C ALA B 283 22.98 10.30 30.96
N SER B 284 21.70 10.36 31.30
CA SER B 284 20.64 10.58 30.33
C SER B 284 20.93 11.74 29.36
N THR B 285 21.57 12.80 29.86
CA THR B 285 21.76 14.00 29.06
C THR B 285 23.20 14.21 28.59
N THR B 286 24.09 13.27 28.90
CA THR B 286 25.49 13.42 28.51
C THR B 286 26.00 12.25 27.70
N MET B 287 25.15 11.25 27.49
CA MET B 287 25.57 10.01 26.84
C MET B 287 24.50 9.57 25.84
N ASP B 288 24.94 9.14 24.67
CA ASP B 288 24.05 8.81 23.57
C ASP B 288 23.25 7.54 23.86
N TYR B 289 22.20 7.32 23.09
CA TYR B 289 21.41 6.10 23.19
C TYR B 289 22.28 4.90 22.83
N PRO B 290 21.94 3.71 23.35
CA PRO B 290 22.71 2.51 23.07
C PRO B 290 22.35 1.87 21.73
N SER B 291 23.34 1.28 21.06
CA SER B 291 23.10 0.57 19.82
C SER B 291 22.50 -0.80 20.08
N LEU B 292 21.81 -1.36 19.10
CA LEU B 292 21.22 -2.69 19.23
C LEU B 292 22.31 -3.70 19.60
N GLY B 293 23.49 -3.53 19.00
CA GLY B 293 24.61 -4.41 19.27
C GLY B 293 24.98 -4.41 20.74
N LEU B 294 25.11 -3.22 21.31
CA LEU B 294 25.50 -3.08 22.70
C LEU B 294 24.43 -3.68 23.61
N MET B 295 23.17 -3.35 23.34
CA MET B 295 22.04 -3.88 24.11
C MET B 295 22.06 -5.40 24.10
N THR B 296 22.25 -5.97 22.93
CA THR B 296 22.30 -7.43 22.79
C THR B 296 23.39 -8.02 23.67
N GLU B 297 24.56 -7.39 23.65
CA GLU B 297 25.71 -7.87 24.41
C GLU B 297 25.36 -7.99 25.89
N LYS B 298 24.73 -6.96 26.44
CA LYS B 298 24.42 -6.92 27.87
C LYS B 298 23.27 -7.86 28.23
N LEU B 299 22.24 -7.88 27.40
CA LEU B 299 21.11 -8.78 27.63
C LEU B 299 21.60 -10.22 27.70
N SER B 300 22.59 -10.54 26.87
CA SER B 300 23.13 -11.89 26.82
C SER B 300 23.98 -12.16 28.06
N GLN B 301 24.78 -11.17 28.42
CA GLN B 301 25.66 -11.28 29.57
C GLN B 301 24.87 -11.49 30.86
N LYS B 302 23.90 -10.62 31.11
CA LYS B 302 23.08 -10.71 32.31
C LYS B 302 21.96 -11.73 32.16
N ASN B 303 21.88 -12.34 30.97
CA ASN B 303 20.90 -13.39 30.73
C ASN B 303 19.46 -12.89 30.88
N ILE B 304 19.16 -11.76 30.25
CA ILE B 304 17.83 -11.18 30.30
C ILE B 304 17.06 -11.48 29.01
N ASN B 305 15.78 -11.81 29.16
CA ASN B 305 14.90 -12.01 28.02
C ASN B 305 14.02 -10.78 27.82
N LEU B 306 14.30 -10.03 26.77
CA LEU B 306 13.54 -8.82 26.47
C LEU B 306 12.22 -9.15 25.79
N ILE B 307 11.15 -8.54 26.29
CA ILE B 307 9.83 -8.71 25.71
C ILE B 307 9.27 -7.36 25.30
N PHE B 308 8.92 -7.23 24.01
CA PHE B 308 8.37 -5.99 23.48
C PHE B 308 6.85 -6.04 23.52
N ALA B 309 6.25 -5.54 24.60
CA ALA B 309 4.80 -5.47 24.71
C ALA B 309 4.32 -4.10 24.23
N VAL B 310 4.03 -4.00 22.93
CA VAL B 310 3.74 -2.72 22.31
C VAL B 310 2.37 -2.70 21.64
N THR B 311 1.86 -1.50 21.37
CA THR B 311 0.57 -1.36 20.72
C THR B 311 0.69 -1.72 19.25
N GLU B 312 -0.43 -2.09 18.64
CA GLU B 312 -0.40 -2.65 17.29
C GLU B 312 0.04 -1.67 16.21
N ASN B 313 0.07 -0.38 16.54
CA ASN B 313 0.50 0.62 15.55
C ASN B 313 2.01 0.60 15.32
N VAL B 314 2.74 -0.06 16.21
CA VAL B 314 4.19 -0.18 16.06
C VAL B 314 4.66 -1.63 16.19
N VAL B 315 3.72 -2.57 16.25
CA VAL B 315 4.07 -3.97 16.40
C VAL B 315 5.08 -4.42 15.35
N ASN B 316 4.87 -4.00 14.10
CA ASN B 316 5.75 -4.37 13.02
C ASN B 316 7.17 -3.84 13.24
N LEU B 317 7.25 -2.59 13.66
CA LEU B 317 8.54 -1.98 13.96
C LEU B 317 9.34 -2.84 14.93
N TYR B 318 8.71 -3.19 16.04
CA TYR B 318 9.42 -3.93 17.09
C TYR B 318 9.59 -5.40 16.76
N GLN B 319 8.75 -5.93 15.89
CA GLN B 319 8.93 -7.28 15.36
CA GLN B 319 8.94 -7.28 15.38
C GLN B 319 10.21 -7.31 14.53
N ASN B 320 10.50 -6.20 13.87
CA ASN B 320 11.69 -6.08 13.04
C ASN B 320 12.96 -5.89 13.88
N TYR B 321 12.84 -5.13 14.97
CA TYR B 321 13.95 -4.99 15.93
C TYR B 321 14.19 -6.33 16.62
N SER B 322 13.10 -7.01 16.96
CA SER B 322 13.17 -8.30 17.63
C SER B 322 14.09 -9.27 16.90
N GLU B 323 14.15 -9.16 15.58
CA GLU B 323 14.93 -10.08 14.77
C GLU B 323 16.42 -9.72 14.77
N LEU B 324 16.73 -8.48 15.14
CA LEU B 324 18.12 -8.03 15.24
C LEU B 324 18.65 -8.22 16.66
N ILE B 325 17.78 -8.68 17.56
CA ILE B 325 18.16 -8.96 18.93
C ILE B 325 17.67 -10.36 19.28
N PRO B 326 18.39 -11.39 18.81
CA PRO B 326 18.01 -12.79 18.99
C PRO B 326 17.51 -13.10 20.40
N GLY B 327 16.43 -13.86 20.49
CA GLY B 327 15.88 -14.26 21.77
C GLY B 327 14.79 -13.32 22.26
N THR B 328 14.52 -12.28 21.49
CA THR B 328 13.50 -11.31 21.85
C THR B 328 12.14 -11.74 21.32
N THR B 329 11.08 -11.42 22.03
CA THR B 329 9.72 -11.76 21.60
C THR B 329 8.84 -10.52 21.64
N VAL B 330 7.76 -10.54 20.87
CA VAL B 330 6.84 -9.41 20.79
C VAL B 330 5.41 -9.81 21.15
N GLY B 331 4.73 -8.93 21.89
CA GLY B 331 3.34 -9.14 22.22
C GLY B 331 2.53 -7.92 21.85
N VAL B 332 1.34 -8.15 21.31
CA VAL B 332 0.46 -7.05 20.92
C VAL B 332 -0.29 -6.49 22.13
N LEU B 333 -0.09 -5.21 22.38
CA LEU B 333 -0.70 -4.54 23.53
C LEU B 333 -1.97 -3.81 23.08
N SER B 334 -3.06 -4.55 22.96
CA SER B 334 -4.30 -4.00 22.43
C SER B 334 -5.40 -4.05 23.49
N MET B 335 -6.65 -3.98 23.06
CA MET B 335 -7.77 -4.17 23.96
C MET B 335 -8.52 -5.45 23.59
N ASP B 336 -7.87 -6.27 22.75
CA ASP B 336 -8.46 -7.51 22.29
C ASP B 336 -7.36 -8.46 21.83
N SER B 337 -7.46 -9.72 22.24
CA SER B 337 -6.46 -10.74 21.93
C SER B 337 -6.64 -11.93 22.85
N SER B 338 -5.70 -12.88 22.80
CA SER B 338 -5.68 -13.97 23.76
C SER B 338 -5.85 -13.38 25.16
N ASN B 339 -5.15 -12.27 25.39
CA ASN B 339 -5.26 -11.49 26.61
C ASN B 339 -4.09 -10.52 26.63
N VAL B 340 -4.38 -9.23 26.79
CA VAL B 340 -3.35 -8.22 26.73
C VAL B 340 -2.72 -8.04 28.12
N LEU B 341 -1.79 -8.95 28.42
CA LEU B 341 -0.98 -8.98 29.64
C LEU B 341 -1.03 -10.35 30.32
N GLN B 342 -1.67 -11.30 29.65
CA GLN B 342 -1.30 -12.71 29.79
C GLN B 342 -0.28 -12.90 28.67
N LEU B 343 -0.40 -12.01 27.68
CA LEU B 343 0.70 -11.64 26.80
C LEU B 343 2.05 -11.98 27.39
N ILE B 344 2.22 -11.71 28.68
CA ILE B 344 3.47 -12.01 29.37
C ILE B 344 3.63 -13.51 29.56
N VAL B 345 2.55 -14.19 29.95
CA VAL B 345 2.56 -15.63 30.12
C VAL B 345 2.85 -16.33 28.80
N ASP B 346 2.18 -15.88 27.74
CA ASP B 346 2.36 -16.46 26.41
C ASP B 346 3.78 -16.21 25.93
N ALA B 347 4.32 -15.04 26.26
CA ALA B 347 5.69 -14.71 25.91
C ALA B 347 6.65 -15.66 26.61
N TYR B 348 6.42 -15.88 27.90
CA TYR B 348 7.24 -16.81 28.67
C TYR B 348 7.21 -18.18 28.03
N GLY B 349 6.00 -18.67 27.73
CA GLY B 349 5.84 -19.95 27.09
C GLY B 349 6.66 -20.05 25.82
N LYS B 350 6.66 -18.97 25.04
CA LYS B 350 7.44 -18.89 23.81
C LYS B 350 8.93 -18.92 24.13
N ILE B 351 9.30 -18.33 25.26
CA ILE B 351 10.70 -18.26 25.68
C ILE B 351 11.24 -19.63 26.06
N ARG B 352 10.46 -20.39 26.82
CA ARG B 352 10.90 -21.71 27.26
C ARG B 352 10.42 -22.82 26.32
N SER B 353 10.24 -22.47 25.05
CA SER B 353 9.80 -23.44 24.05
C SER B 353 10.92 -23.78 23.09
N LYS B 354 12.13 -23.33 23.40
CA LYS B 354 13.28 -23.62 22.57
C LYS B 354 14.48 -24.04 23.41
N VAL B 355 15.25 -24.99 22.91
CA VAL B 355 16.48 -25.41 23.55
C VAL B 355 17.60 -25.47 22.52
N GLU B 356 18.49 -24.48 22.57
CA GLU B 356 19.57 -24.37 21.60
C GLU B 356 20.91 -24.55 22.31
N LEU B 357 21.72 -25.49 21.81
CA LEU B 357 23.03 -25.74 22.40
C LEU B 357 24.04 -24.71 21.93
N GLU B 358 25.06 -24.48 22.76
CA GLU B 358 26.10 -23.52 22.45
C GLU B 358 27.44 -24.08 22.93
N VAL B 359 28.49 -23.84 22.17
CA VAL B 359 29.80 -24.40 22.50
C VAL B 359 30.81 -23.28 22.80
N ARG B 360 31.50 -23.40 23.93
CA ARG B 360 32.47 -22.40 24.35
C ARG B 360 33.85 -23.02 24.53
N ASP B 361 34.87 -22.34 24.04
CA ASP B 361 36.26 -22.75 24.25
C ASP B 361 36.61 -24.03 23.51
N LEU B 362 36.00 -24.23 22.34
CA LEU B 362 36.30 -25.39 21.52
C LEU B 362 37.65 -25.22 20.86
N PRO B 363 38.59 -26.15 21.13
CA PRO B 363 39.93 -26.11 20.51
C PRO B 363 39.87 -26.09 19.00
N GLU B 364 40.92 -25.57 18.37
CA GLU B 364 40.99 -25.48 16.91
C GLU B 364 40.99 -26.86 16.27
N GLU B 365 41.49 -27.85 17.00
CA GLU B 365 41.64 -29.20 16.46
C GLU B 365 40.31 -29.95 16.48
N LEU B 366 39.49 -29.68 17.49
CA LEU B 366 38.23 -30.38 17.66
C LEU B 366 37.09 -29.77 16.84
N SER B 367 36.26 -30.64 16.29
CA SER B 367 35.04 -30.23 15.60
C SER B 367 33.91 -31.13 16.07
N LEU B 368 32.72 -30.57 16.24
CA LEU B 368 31.59 -31.31 16.79
C LEU B 368 30.44 -31.45 15.80
N SER B 369 29.70 -32.54 15.94
CA SER B 369 28.49 -32.76 15.16
C SER B 369 27.35 -33.12 16.10
N PHE B 370 26.12 -32.80 15.70
CA PHE B 370 24.98 -33.00 16.59
C PHE B 370 23.79 -33.67 15.90
N ASN B 371 23.16 -34.60 16.60
CA ASN B 371 21.90 -35.17 16.17
C ASN B 371 20.84 -34.96 17.25
N ALA B 372 19.89 -34.09 16.98
CA ALA B 372 18.89 -33.72 17.97
C ALA B 372 17.78 -34.76 18.07
N THR B 373 17.21 -34.90 19.26
CA THR B 373 16.08 -35.80 19.47
C THR B 373 14.96 -35.04 20.19
N CYS B 374 13.99 -34.57 19.42
CA CYS B 374 12.92 -33.72 19.95
C CYS B 374 11.56 -34.40 19.88
N LEU B 375 10.55 -33.70 20.39
CA LEU B 375 9.16 -34.17 20.32
C LEU B 375 9.00 -35.60 20.86
N ASN B 376 9.23 -36.59 20.01
CA ASN B 376 9.02 -37.98 20.41
C ASN B 376 10.05 -38.92 19.78
N ASN B 377 11.27 -38.92 20.33
CA ASN B 377 12.34 -39.79 19.85
C ASN B 377 12.61 -39.58 18.37
N GLU B 378 12.27 -38.41 17.86
CA GLU B 378 12.49 -38.09 16.45
C GLU B 378 13.89 -37.53 16.26
N VAL B 379 14.78 -38.31 15.67
CA VAL B 379 16.16 -37.90 15.46
C VAL B 379 16.28 -36.97 14.26
N ILE B 380 17.02 -35.88 14.44
CA ILE B 380 17.20 -34.89 13.38
C ILE B 380 18.69 -34.58 13.24
N PRO B 381 19.36 -35.24 12.28
CA PRO B 381 20.80 -35.08 12.06
C PRO B 381 21.24 -33.64 11.84
N GLY B 382 22.49 -33.35 12.17
CA GLY B 382 23.08 -32.04 11.95
C GLY B 382 22.22 -30.92 12.52
N LEU B 383 21.68 -31.15 13.71
CA LEU B 383 20.85 -30.15 14.37
C LEU B 383 21.17 -30.12 15.87
N LYS B 384 21.45 -28.93 16.38
CA LYS B 384 21.81 -28.79 17.79
C LYS B 384 20.85 -27.83 18.53
N SER B 385 19.60 -27.81 18.09
CA SER B 385 18.57 -27.00 18.74
C SER B 385 17.21 -27.66 18.59
N CYS B 386 16.28 -27.31 19.49
CA CYS B 386 14.94 -27.84 19.44
C CYS B 386 13.91 -26.73 19.56
N MET B 387 12.69 -27.01 19.14
CA MET B 387 11.63 -26.00 19.16
C MET B 387 10.27 -26.66 19.36
N GLY B 388 9.29 -25.88 19.79
CA GLY B 388 7.96 -26.39 20.04
C GLY B 388 7.89 -27.21 21.31
N LEU B 389 8.74 -26.87 22.27
CA LEU B 389 8.79 -27.59 23.54
C LEU B 389 7.89 -26.94 24.57
N LYS B 390 7.37 -27.75 25.49
CA LYS B 390 6.61 -27.25 26.62
C LYS B 390 7.47 -27.34 27.87
N ILE B 391 7.10 -26.61 28.90
CA ILE B 391 7.83 -26.66 30.16
C ILE B 391 7.65 -28.03 30.81
N GLY B 392 8.78 -28.67 31.13
CA GLY B 392 8.77 -30.01 31.69
C GLY B 392 9.35 -31.01 30.70
N ASP B 393 9.36 -30.62 29.42
CA ASP B 393 9.86 -31.49 28.37
C ASP B 393 11.36 -31.71 28.50
N THR B 394 11.82 -32.84 27.99
CA THR B 394 13.24 -33.16 27.98
C THR B 394 13.68 -33.59 26.59
N VAL B 395 14.85 -33.12 26.17
CA VAL B 395 15.43 -33.49 24.89
C VAL B 395 16.87 -33.95 25.07
N SER B 396 17.45 -34.50 24.02
CA SER B 396 18.84 -34.95 24.07
C SER B 396 19.52 -34.72 22.73
N PHE B 397 20.84 -34.80 22.74
CA PHE B 397 21.62 -34.62 21.52
C PHE B 397 22.78 -35.61 21.49
N SER B 398 23.00 -36.22 20.33
CA SER B 398 24.16 -37.08 20.13
C SER B 398 25.31 -36.23 19.60
N ILE B 399 26.47 -36.34 20.23
CA ILE B 399 27.61 -35.50 19.89
C ILE B 399 28.81 -36.35 19.52
N GLU B 400 29.60 -35.86 18.56
CA GLU B 400 30.81 -36.55 18.13
C GLU B 400 31.95 -35.56 17.95
N ALA B 401 33.00 -35.72 18.75
CA ALA B 401 34.18 -34.86 18.66
C ALA B 401 35.24 -35.51 17.78
N LYS B 402 35.57 -34.85 16.67
CA LYS B 402 36.58 -35.37 15.75
C LYS B 402 37.84 -34.53 15.82
N VAL B 403 38.88 -35.08 16.44
CA VAL B 403 40.16 -34.37 16.56
C VAL B 403 40.95 -34.49 15.25
N ARG B 404 41.66 -33.42 14.91
CA ARG B 404 42.41 -33.37 13.66
C ARG B 404 43.90 -33.29 13.96
N GLY B 405 44.62 -34.37 13.65
CA GLY B 405 46.03 -34.47 13.99
C GLY B 405 46.21 -34.66 15.49
N CYS B 406 47.32 -34.18 16.02
CA CYS B 406 47.56 -34.23 17.46
C CYS B 406 48.11 -32.89 17.93
N PRO B 407 47.38 -32.21 18.82
CA PRO B 407 47.76 -30.86 19.27
C PRO B 407 48.96 -30.84 20.20
N GLN B 408 49.55 -29.67 20.37
CA GLN B 408 50.69 -29.49 21.25
C GLN B 408 50.29 -29.70 22.71
N GLU B 409 49.18 -29.10 23.11
CA GLU B 409 48.68 -29.23 24.47
C GLU B 409 47.81 -30.47 24.58
N LYS B 410 48.14 -31.35 25.52
CA LYS B 410 47.43 -32.62 25.68
C LYS B 410 46.22 -32.48 26.60
N GLU B 411 46.15 -31.38 27.34
CA GLU B 411 45.05 -31.17 28.27
C GLU B 411 44.28 -29.91 27.95
N LYS B 412 43.09 -30.08 27.40
CA LYS B 412 42.19 -28.96 27.12
C LYS B 412 40.77 -29.32 27.54
N SER B 413 39.92 -28.31 27.70
CA SER B 413 38.53 -28.55 28.06
C SER B 413 37.63 -27.43 27.53
N PHE B 414 36.43 -27.81 27.09
CA PHE B 414 35.46 -26.86 26.58
C PHE B 414 34.11 -27.08 27.25
N THR B 415 33.14 -26.22 26.93
CA THR B 415 31.83 -26.29 27.56
C THR B 415 30.72 -26.37 26.52
N ILE B 416 29.67 -27.13 26.83
CA ILE B 416 28.48 -27.16 26.01
C ILE B 416 27.29 -26.73 26.86
N LYS B 417 26.79 -25.53 26.59
CA LYS B 417 25.72 -24.96 27.41
C LYS B 417 24.53 -24.58 26.55
N PRO B 418 23.30 -24.82 27.06
CA PRO B 418 22.12 -24.30 26.38
C PRO B 418 21.98 -22.80 26.61
N VAL B 419 21.63 -22.05 25.57
CA VAL B 419 21.50 -20.60 25.70
C VAL B 419 20.46 -20.26 26.75
N GLY B 420 20.83 -19.38 27.68
CA GLY B 420 19.91 -18.96 28.72
C GLY B 420 19.97 -19.82 29.97
N PHE B 421 20.46 -21.05 29.83
CA PHE B 421 20.50 -21.98 30.95
C PHE B 421 21.70 -21.72 31.86
N LYS B 422 21.50 -21.96 33.14
CA LYS B 422 22.55 -21.81 34.13
C LYS B 422 23.54 -22.98 34.02
N ASP B 423 23.00 -24.19 33.96
CA ASP B 423 23.81 -25.40 33.95
C ASP B 423 24.49 -25.63 32.60
N SER B 424 25.53 -26.45 32.62
CA SER B 424 26.31 -26.72 31.41
C SER B 424 27.08 -28.03 31.52
N LEU B 425 27.42 -28.60 30.36
CA LEU B 425 28.23 -29.82 30.31
C LEU B 425 29.68 -29.47 30.04
N ILE B 426 30.56 -29.85 30.96
CA ILE B 426 31.99 -29.60 30.80
C ILE B 426 32.69 -30.85 30.27
N VAL B 427 33.35 -30.71 29.12
CA VAL B 427 34.05 -31.81 28.50
C VAL B 427 35.56 -31.66 28.67
N GLN B 428 36.15 -32.51 29.51
CA GLN B 428 37.59 -32.49 29.73
C GLN B 428 38.28 -33.42 28.76
N VAL B 429 38.93 -32.84 27.76
CA VAL B 429 39.56 -33.63 26.71
C VAL B 429 41.00 -33.98 27.06
N THR B 430 41.44 -35.17 26.63
CA THR B 430 42.81 -35.61 26.83
C THR B 430 43.33 -36.25 25.55
N PHE B 431 44.38 -35.67 24.98
CA PHE B 431 44.94 -36.17 23.73
C PHE B 431 46.03 -37.18 24.00
N ASP B 432 45.72 -38.46 23.80
CA ASP B 432 46.66 -39.54 24.06
C ASP B 432 47.36 -39.95 22.77
N CYS B 433 48.52 -39.36 22.52
CA CYS B 433 49.32 -39.70 21.34
C CYS B 433 50.75 -40.05 21.74
N ASP B 434 50.89 -40.61 22.94
CA ASP B 434 52.19 -41.05 23.44
C ASP B 434 52.10 -42.46 23.98
N CYS B 435 53.26 -43.07 24.20
CA CYS B 435 53.32 -44.42 24.76
C CYS B 435 53.90 -44.36 26.17
N ALA B 436 53.50 -45.31 27.02
CA ALA B 436 54.01 -45.38 28.37
C ALA B 436 55.51 -45.65 28.37
N CYS B 437 55.97 -46.37 27.35
CA CYS B 437 57.38 -46.75 27.25
C CYS B 437 58.28 -45.54 26.98
N GLN B 438 57.68 -44.46 26.50
CA GLN B 438 58.42 -43.23 26.27
C GLN B 438 58.85 -42.61 27.60
N ALA B 439 58.09 -42.90 28.65
CA ALA B 439 58.42 -42.43 29.98
C ALA B 439 59.38 -43.39 30.67
N GLN B 440 60.36 -43.88 29.92
CA GLN B 440 61.36 -44.81 30.43
C GLN B 440 62.36 -45.12 29.32
N ALA B 441 62.85 -44.08 28.66
CA ALA B 441 63.77 -44.24 27.54
C ALA B 441 65.21 -44.23 28.01
N GLU B 442 66.13 -44.43 27.07
CA GLU B 442 67.55 -44.44 27.38
C GLU B 442 68.30 -43.43 26.53
N PRO B 443 68.43 -42.20 27.04
CA PRO B 443 69.22 -41.18 26.32
C PRO B 443 70.70 -41.52 26.33
N ASN B 444 71.39 -41.29 25.23
CA ASN B 444 72.80 -41.62 25.12
C ASN B 444 73.02 -43.12 25.36
N SER B 445 72.06 -43.93 24.92
CA SER B 445 72.11 -45.37 25.17
C SER B 445 73.33 -46.02 24.53
N HIS B 446 73.75 -47.14 25.11
CA HIS B 446 74.89 -47.90 24.60
C HIS B 446 74.50 -48.68 23.34
N ARG B 447 73.20 -48.92 23.18
CA ARG B 447 72.71 -49.69 22.05
C ARG B 447 72.64 -48.85 20.76
N CYS B 448 72.43 -47.55 20.92
CA CYS B 448 72.18 -46.69 19.78
C CYS B 448 73.43 -45.94 19.33
N ASN B 449 74.04 -46.41 18.24
CA ASN B 449 75.18 -45.75 17.64
C ASN B 449 76.26 -45.41 18.66
N ASN B 450 76.32 -46.19 19.74
CA ASN B 450 77.30 -45.98 20.79
C ASN B 450 77.21 -44.60 21.44
N GLY B 451 76.05 -44.29 22.00
CA GLY B 451 75.89 -43.06 22.77
C GLY B 451 75.33 -41.89 22.00
N ASN B 452 75.30 -42.01 20.67
CA ASN B 452 74.82 -40.91 19.83
C ASN B 452 73.30 -40.95 19.60
N GLY B 453 72.64 -41.92 20.23
CA GLY B 453 71.21 -42.09 20.05
C GLY B 453 70.46 -42.38 21.33
N THR B 454 69.14 -42.51 21.22
CA THR B 454 68.28 -42.79 22.37
C THR B 454 67.48 -44.06 22.11
N PHE B 455 67.44 -44.94 23.11
CA PHE B 455 66.73 -46.21 22.97
C PHE B 455 65.39 -46.17 23.71
N GLU B 456 64.30 -46.14 22.94
CA GLU B 456 62.96 -46.13 23.53
C GLU B 456 61.99 -46.95 22.69
N CYS B 457 61.12 -47.68 23.37
CA CYS B 457 60.08 -48.45 22.70
C CYS B 457 60.66 -49.49 21.73
N GLY B 458 61.89 -49.92 22.00
CA GLY B 458 62.51 -50.99 21.22
C GLY B 458 63.51 -50.50 20.18
N VAL B 459 63.18 -49.40 19.51
CA VAL B 459 64.02 -48.89 18.43
C VAL B 459 65.01 -47.83 18.92
N CYS B 460 65.88 -47.39 18.02
CA CYS B 460 66.86 -46.36 18.36
C CYS B 460 66.54 -45.06 17.65
N ARG B 461 66.28 -44.02 18.43
CA ARG B 461 65.97 -42.70 17.91
C ARG B 461 67.22 -41.83 17.88
N CYS B 462 67.23 -40.85 16.98
CA CYS B 462 68.35 -39.92 16.90
C CYS B 462 68.19 -38.84 17.96
N GLY B 463 69.11 -38.80 18.91
CA GLY B 463 69.01 -37.89 20.05
C GLY B 463 68.89 -36.44 19.64
N PRO B 464 68.68 -35.56 20.64
CA PRO B 464 68.56 -34.12 20.41
C PRO B 464 69.87 -33.48 19.98
N GLY B 465 69.84 -32.70 18.91
CA GLY B 465 71.03 -32.04 18.41
C GLY B 465 71.45 -32.54 17.04
N TRP B 466 70.83 -33.64 16.60
CA TRP B 466 71.15 -34.22 15.30
C TRP B 466 70.07 -33.91 14.29
N LEU C 1 -41.36 -12.61 -36.22
CA LEU C 1 -42.20 -12.24 -37.40
C LEU C 1 -43.57 -12.90 -37.31
N ASN C 2 -43.59 -14.21 -37.11
CA ASN C 2 -44.83 -14.98 -37.11
C ASN C 2 -45.11 -15.67 -35.79
N LEU C 3 -44.71 -15.05 -34.68
CA LEU C 3 -45.08 -15.55 -33.36
C LEU C 3 -46.45 -15.00 -32.98
N ASP C 4 -47.35 -15.87 -32.53
CA ASP C 4 -48.69 -15.45 -32.16
C ASP C 4 -48.67 -14.79 -30.78
N PRO C 5 -48.99 -13.48 -30.72
CA PRO C 5 -48.97 -12.74 -29.46
C PRO C 5 -50.36 -12.65 -28.81
N VAL C 6 -51.37 -13.23 -29.46
CA VAL C 6 -52.74 -13.14 -28.99
C VAL C 6 -53.10 -14.31 -28.07
N GLN C 7 -52.86 -15.53 -28.56
CA GLN C 7 -53.12 -16.73 -27.77
C GLN C 7 -51.82 -17.34 -27.25
N LEU C 8 -51.46 -16.97 -26.04
CA LEU C 8 -50.25 -17.48 -25.40
C LEU C 8 -50.61 -18.64 -24.48
N THR C 9 -49.59 -19.42 -24.11
CA THR C 9 -49.74 -20.47 -23.12
C THR C 9 -48.90 -20.14 -21.90
N PHE C 10 -49.52 -20.17 -20.72
CA PHE C 10 -48.83 -19.79 -19.50
C PHE C 10 -48.72 -20.97 -18.55
N TYR C 11 -47.49 -21.28 -18.14
CA TYR C 11 -47.26 -22.22 -17.06
C TYR C 11 -46.87 -21.41 -15.83
N ALA C 12 -47.28 -21.89 -14.66
CA ALA C 12 -47.00 -21.17 -13.42
C ALA C 12 -46.50 -22.12 -12.33
N GLY C 13 -45.60 -21.61 -11.49
CA GLY C 13 -45.09 -22.37 -10.38
C GLY C 13 -45.51 -21.77 -9.05
N PRO C 14 -45.05 -22.34 -7.94
CA PRO C 14 -45.38 -21.84 -6.60
C PRO C 14 -44.98 -20.39 -6.41
N ASN C 15 -45.72 -19.68 -5.56
CA ASN C 15 -45.42 -18.28 -5.28
C ASN C 15 -44.04 -18.11 -4.64
N GLY C 16 -43.31 -17.10 -5.08
CA GLY C 16 -42.00 -16.80 -4.54
C GLY C 16 -40.94 -17.85 -4.85
N SER C 17 -41.23 -18.71 -5.81
CA SER C 17 -40.32 -19.80 -6.16
C SER C 17 -39.33 -19.41 -7.26
N GLN C 18 -39.56 -18.25 -7.87
CA GLN C 18 -38.75 -17.82 -9.02
C GLN C 18 -38.86 -18.85 -10.15
N PHE C 19 -40.04 -19.44 -10.27
CA PHE C 19 -40.35 -20.35 -11.37
C PHE C 19 -40.17 -19.61 -12.69
N GLY C 20 -39.23 -20.06 -13.50
CA GLY C 20 -38.97 -19.45 -14.78
C GLY C 20 -37.59 -18.82 -14.89
N PHE C 21 -36.83 -18.87 -13.80
CA PHE C 21 -35.50 -18.28 -13.77
C PHE C 21 -34.62 -18.91 -14.85
N SER C 22 -34.87 -20.19 -15.13
CA SER C 22 -34.17 -20.89 -16.19
C SER C 22 -35.11 -21.92 -16.81
N LEU C 23 -34.95 -22.17 -18.10
CA LEU C 23 -35.80 -23.14 -18.78
C LEU C 23 -35.12 -23.70 -20.02
N ASP C 24 -35.65 -24.81 -20.52
CA ASP C 24 -35.13 -25.43 -21.74
C ASP C 24 -36.15 -26.41 -22.29
N PHE C 25 -36.02 -26.74 -23.58
CA PHE C 25 -36.85 -27.76 -24.19
C PHE C 25 -36.28 -29.14 -23.89
N HIS C 26 -37.15 -30.08 -23.56
CA HIS C 26 -36.73 -31.44 -23.26
C HIS C 26 -37.48 -32.45 -24.12
N LYS C 27 -36.74 -33.22 -24.91
CA LYS C 27 -37.31 -34.33 -25.65
C LYS C 27 -37.15 -35.62 -24.87
N ASP C 28 -38.23 -36.38 -24.75
CA ASP C 28 -38.15 -37.70 -24.12
C ASP C 28 -37.63 -38.71 -25.14
N SER C 29 -37.54 -39.97 -24.73
CA SER C 29 -37.02 -41.01 -25.62
C SER C 29 -37.88 -41.19 -26.87
N HIS C 30 -39.17 -40.88 -26.75
CA HIS C 30 -40.09 -40.99 -27.87
C HIS C 30 -39.89 -39.81 -28.83
N GLY C 31 -39.49 -38.67 -28.29
CA GLY C 31 -39.31 -37.47 -29.08
C GLY C 31 -40.35 -36.41 -28.75
N ARG C 32 -41.22 -36.71 -27.81
CA ARG C 32 -42.27 -35.78 -27.37
C ARG C 32 -41.67 -34.65 -26.56
N VAL C 33 -41.91 -33.41 -27.01
CA VAL C 33 -41.28 -32.24 -26.40
C VAL C 33 -42.01 -31.76 -25.14
N ALA C 34 -41.22 -31.41 -24.13
CA ALA C 34 -41.75 -30.85 -22.89
C ALA C 34 -40.86 -29.69 -22.47
N ILE C 35 -41.29 -28.94 -21.46
CA ILE C 35 -40.54 -27.79 -20.98
C ILE C 35 -40.04 -28.03 -19.57
N VAL C 36 -38.73 -27.94 -19.38
CA VAL C 36 -38.14 -28.05 -18.05
C VAL C 36 -37.87 -26.65 -17.51
N VAL C 37 -38.41 -26.35 -16.34
CA VAL C 37 -38.30 -25.02 -15.76
C VAL C 37 -37.62 -25.07 -14.39
N GLY C 38 -36.75 -24.09 -14.15
CA GLY C 38 -36.06 -23.99 -12.87
C GLY C 38 -36.76 -23.05 -11.93
N ALA C 39 -36.77 -23.40 -10.65
CA ALA C 39 -37.40 -22.59 -9.61
C ALA C 39 -36.48 -22.52 -8.41
N PRO C 40 -35.39 -21.75 -8.53
CA PRO C 40 -34.26 -21.70 -7.59
C PRO C 40 -34.60 -21.33 -6.14
N ARG C 41 -35.78 -20.78 -5.88
CA ARG C 41 -36.15 -20.41 -4.52
C ARG C 41 -37.36 -21.16 -4.01
N THR C 42 -37.65 -22.31 -4.62
CA THR C 42 -38.74 -23.17 -4.16
C THR C 42 -38.40 -23.70 -2.79
N LEU C 43 -39.42 -23.88 -1.95
CA LEU C 43 -39.21 -24.39 -0.60
C LEU C 43 -38.89 -25.87 -0.62
N GLY C 44 -38.09 -26.32 0.34
CA GLY C 44 -37.78 -27.73 0.50
C GLY C 44 -38.50 -28.31 1.70
N PRO C 45 -38.23 -29.59 2.00
CA PRO C 45 -38.85 -30.27 3.14
C PRO C 45 -38.50 -29.60 4.47
N SER C 46 -37.31 -29.02 4.53
CA SER C 46 -36.84 -28.35 5.74
C SER C 46 -37.52 -27.00 5.93
N GLN C 47 -38.44 -26.66 5.03
CA GLN C 47 -39.18 -25.40 5.11
C GLN C 47 -38.28 -24.21 4.77
N GLU C 48 -37.11 -24.48 4.20
CA GLU C 48 -36.21 -23.44 3.74
C GLU C 48 -36.02 -23.54 2.23
N GLU C 49 -35.73 -22.40 1.60
CA GLU C 49 -35.51 -22.35 0.16
C GLU C 49 -34.37 -23.28 -0.23
N THR C 50 -34.66 -24.21 -1.14
CA THR C 50 -33.63 -25.08 -1.69
C THR C 50 -33.57 -24.98 -3.20
N GLY C 51 -34.67 -24.58 -3.82
CA GLY C 51 -34.78 -24.59 -5.27
C GLY C 51 -35.50 -25.84 -5.71
N GLY C 52 -35.89 -25.88 -6.98
CA GLY C 52 -36.60 -27.03 -7.50
C GLY C 52 -36.65 -27.02 -9.02
N VAL C 53 -37.00 -28.17 -9.59
CA VAL C 53 -37.14 -28.29 -11.04
C VAL C 53 -38.52 -28.82 -11.36
N PHE C 54 -39.08 -28.34 -12.47
CA PHE C 54 -40.39 -28.78 -12.91
C PHE C 54 -40.33 -29.24 -14.36
N LEU C 55 -41.01 -30.33 -14.65
CA LEU C 55 -41.07 -30.84 -16.01
C LEU C 55 -42.48 -30.68 -16.56
N CYS C 56 -42.69 -29.60 -17.32
CA CYS C 56 -44.01 -29.26 -17.82
C CYS C 56 -44.29 -29.95 -19.15
N PRO C 57 -45.33 -30.79 -19.21
CA PRO C 57 -45.74 -31.37 -20.48
C PRO C 57 -46.47 -30.35 -21.35
N TRP C 58 -46.38 -30.48 -22.66
CA TRP C 58 -46.99 -29.51 -23.56
C TRP C 58 -48.52 -29.57 -23.51
N ARG C 59 -49.12 -28.42 -23.24
CA ARG C 59 -50.58 -28.28 -23.25
C ARG C 59 -50.90 -26.85 -23.65
N ALA C 60 -51.74 -26.69 -24.66
CA ALA C 60 -52.06 -25.36 -25.16
C ALA C 60 -52.60 -24.46 -24.06
N GLU C 61 -53.20 -25.07 -23.05
CA GLU C 61 -53.79 -24.30 -21.95
C GLU C 61 -52.86 -24.18 -20.74
N GLY C 62 -51.62 -24.64 -20.90
CA GLY C 62 -50.63 -24.55 -19.83
C GLY C 62 -51.13 -25.11 -18.52
N GLY C 63 -50.80 -24.43 -17.42
CA GLY C 63 -51.25 -24.82 -16.10
C GLY C 63 -50.13 -25.11 -15.12
N GLN C 64 -50.43 -25.93 -14.11
CA GLN C 64 -49.43 -26.35 -13.14
C GLN C 64 -48.54 -27.44 -13.72
N CYS C 65 -47.35 -27.60 -13.15
CA CYS C 65 -46.38 -28.56 -13.68
C CYS C 65 -45.94 -29.57 -12.64
N PRO C 66 -45.69 -30.82 -13.07
CA PRO C 66 -45.13 -31.85 -12.19
C PRO C 66 -43.78 -31.45 -11.65
N SER C 67 -43.45 -31.92 -10.45
CA SER C 67 -42.16 -31.61 -9.84
C SER C 67 -41.15 -32.71 -10.15
N LEU C 68 -40.01 -32.33 -10.72
CA LEU C 68 -38.90 -33.25 -10.92
C LEU C 68 -38.09 -33.32 -9.64
N LEU C 69 -38.21 -34.43 -8.92
CA LEU C 69 -37.69 -34.53 -7.57
C LEU C 69 -36.20 -34.88 -7.51
N PHE C 70 -35.51 -34.27 -6.56
CA PHE C 70 -34.11 -34.59 -6.27
C PHE C 70 -33.92 -34.71 -4.76
N ASP C 71 -32.83 -35.35 -4.35
CA ASP C 71 -32.55 -35.49 -2.92
C ASP C 71 -32.10 -34.16 -2.34
N LEU C 72 -32.89 -33.63 -1.40
CA LEU C 72 -32.61 -32.32 -0.81
C LEU C 72 -32.14 -32.43 0.63
N ARG C 73 -31.42 -33.51 0.95
CA ARG C 73 -30.92 -33.71 2.29
C ARG C 73 -29.48 -33.24 2.42
N ASP C 74 -29.16 -32.66 3.58
CA ASP C 74 -27.78 -32.29 3.88
C ASP C 74 -27.01 -33.56 4.20
N GLU C 75 -25.97 -33.84 3.42
CA GLU C 75 -25.25 -35.09 3.50
C GLU C 75 -24.01 -34.95 4.38
N THR C 76 -23.80 -35.93 5.25
CA THR C 76 -22.66 -35.94 6.16
C THR C 76 -21.95 -37.28 6.09
N ARG C 77 -20.63 -37.25 5.94
CA ARG C 77 -19.85 -38.49 5.88
C ARG C 77 -18.54 -38.36 6.66
N ASN C 78 -18.31 -39.30 7.57
CA ASN C 78 -17.04 -39.35 8.30
C ASN C 78 -16.12 -40.38 7.66
N VAL C 79 -15.03 -39.92 7.08
CA VAL C 79 -14.10 -40.80 6.37
C VAL C 79 -12.70 -40.20 6.35
N GLY C 80 -11.69 -41.05 6.47
CA GLY C 80 -10.31 -40.59 6.48
C GLY C 80 -10.04 -39.61 7.60
N SER C 81 -10.64 -39.87 8.76
CA SER C 81 -10.49 -38.99 9.91
C SER C 81 -10.92 -37.56 9.59
N GLN C 82 -11.77 -37.42 8.57
CA GLN C 82 -12.32 -36.13 8.18
C GLN C 82 -13.85 -36.22 8.16
N THR C 83 -14.51 -35.08 8.26
CA THR C 83 -15.96 -35.05 8.19
C THR C 83 -16.41 -34.21 7.00
N LEU C 84 -17.01 -34.87 6.02
CA LEU C 84 -17.50 -34.21 4.82
C LEU C 84 -18.94 -33.72 5.03
N GLN C 85 -19.24 -32.53 4.52
CA GLN C 85 -20.57 -31.95 4.71
C GLN C 85 -21.06 -31.25 3.44
N THR C 86 -22.37 -31.32 3.23
CA THR C 86 -23.01 -30.58 2.15
C THR C 86 -24.21 -29.84 2.71
N PHE C 87 -24.35 -28.58 2.32
CA PHE C 87 -25.48 -27.77 2.75
C PHE C 87 -26.27 -27.31 1.54
N LYS C 88 -27.56 -27.64 1.51
CA LYS C 88 -28.40 -27.36 0.35
C LYS C 88 -29.37 -26.22 0.62
N ALA C 89 -29.33 -25.66 1.83
CA ALA C 89 -30.17 -24.52 2.16
C ALA C 89 -29.73 -23.31 1.33
N ARG C 90 -30.66 -22.76 0.56
CA ARG C 90 -30.39 -21.62 -0.29
C ARG C 90 -29.32 -21.96 -1.33
N GLN C 91 -29.41 -23.16 -1.89
CA GLN C 91 -28.44 -23.61 -2.89
C GLN C 91 -28.85 -23.13 -4.28
N GLY C 92 -30.12 -22.79 -4.44
CA GLY C 92 -30.61 -22.29 -5.70
C GLY C 92 -30.68 -23.36 -6.78
N LEU C 93 -31.19 -24.52 -6.42
CA LEU C 93 -31.36 -25.61 -7.38
C LEU C 93 -32.37 -25.20 -8.45
N GLY C 94 -31.90 -25.14 -9.70
CA GLY C 94 -32.74 -24.69 -10.80
C GLY C 94 -32.32 -23.33 -11.31
N ALA C 95 -31.24 -22.79 -10.75
CA ALA C 95 -30.69 -21.51 -11.19
C ALA C 95 -30.23 -21.63 -12.65
N SER C 96 -30.00 -22.85 -13.10
CA SER C 96 -29.71 -23.11 -14.50
C SER C 96 -30.14 -24.52 -14.85
N VAL C 97 -30.77 -24.68 -16.01
CA VAL C 97 -31.21 -26.00 -16.47
C VAL C 97 -30.94 -26.16 -17.95
N VAL C 98 -30.49 -27.36 -18.32
CA VAL C 98 -30.24 -27.68 -19.72
C VAL C 98 -30.60 -29.14 -19.97
N SER C 99 -31.04 -29.44 -21.19
CA SER C 99 -31.40 -30.80 -21.54
C SER C 99 -30.54 -31.32 -22.68
N TRP C 100 -30.24 -32.61 -22.63
CA TRP C 100 -29.50 -33.29 -23.68
C TRP C 100 -29.97 -34.72 -23.72
N SER C 101 -30.36 -35.19 -24.91
CA SER C 101 -30.95 -36.50 -25.04
C SER C 101 -32.17 -36.57 -24.12
N ASP C 102 -32.33 -37.68 -23.40
CA ASP C 102 -33.42 -37.81 -22.46
C ASP C 102 -32.93 -37.55 -21.04
N VAL C 103 -31.87 -36.78 -20.92
CA VAL C 103 -31.30 -36.44 -19.62
C VAL C 103 -31.46 -34.95 -19.33
N ILE C 104 -31.77 -34.63 -18.08
CA ILE C 104 -31.89 -33.24 -17.65
C ILE C 104 -30.81 -32.91 -16.63
N VAL C 105 -30.26 -31.70 -16.74
CA VAL C 105 -29.21 -31.27 -15.84
C VAL C 105 -29.59 -29.96 -15.14
N ALA C 106 -29.91 -30.05 -13.86
CA ALA C 106 -30.25 -28.88 -13.06
C ALA C 106 -29.13 -28.57 -12.09
N CYS C 107 -28.76 -27.29 -11.99
CA CYS C 107 -27.62 -26.88 -11.19
C CYS C 107 -27.98 -26.04 -9.99
N ALA C 108 -27.26 -26.24 -8.89
CA ALA C 108 -27.40 -25.44 -7.68
C ALA C 108 -26.08 -24.75 -7.39
N PRO C 109 -25.82 -23.60 -8.04
CA PRO C 109 -24.52 -22.92 -7.98
C PRO C 109 -24.14 -22.40 -6.59
N TRP C 110 -25.07 -22.39 -5.64
CA TRP C 110 -24.78 -21.86 -4.31
C TRP C 110 -24.90 -22.93 -3.23
N GLN C 111 -24.76 -24.19 -3.62
CA GLN C 111 -24.70 -25.28 -2.66
C GLN C 111 -23.37 -25.20 -1.94
N HIS C 112 -23.39 -25.32 -0.62
CA HIS C 112 -22.18 -25.15 0.16
C HIS C 112 -21.54 -26.48 0.56
N TRP C 113 -20.23 -26.42 0.81
CA TRP C 113 -19.42 -27.60 1.07
C TRP C 113 -18.41 -27.28 2.17
N ASN C 114 -18.19 -28.25 3.06
CA ASN C 114 -17.19 -28.08 4.10
C ASN C 114 -16.51 -29.41 4.43
N VAL C 115 -15.30 -29.32 4.98
CA VAL C 115 -14.55 -30.50 5.40
C VAL C 115 -13.91 -30.23 6.75
N LEU C 116 -14.26 -31.03 7.74
CA LEU C 116 -13.72 -30.85 9.09
C LEU C 116 -12.64 -31.86 9.38
N GLU C 117 -11.68 -31.47 10.21
CA GLU C 117 -10.62 -32.36 10.65
C GLU C 117 -10.09 -31.87 11.98
N LYS C 118 -10.63 -32.41 13.07
CA LYS C 118 -10.31 -31.96 14.41
C LYS C 118 -10.80 -30.52 14.64
N THR C 119 -9.86 -29.58 14.72
CA THR C 119 -10.21 -28.19 14.94
C THR C 119 -10.10 -27.36 13.66
N GLU C 120 -9.41 -27.90 12.67
CA GLU C 120 -9.25 -27.22 11.39
C GLU C 120 -10.44 -27.50 10.47
N GLU C 121 -10.49 -26.80 9.35
CA GLU C 121 -11.54 -27.01 8.37
C GLU C 121 -11.14 -26.45 7.01
N ALA C 122 -11.87 -26.85 5.97
CA ALA C 122 -11.61 -26.38 4.62
C ALA C 122 -12.32 -25.06 4.35
N GLU C 123 -13.32 -24.76 5.17
CA GLU C 123 -14.15 -23.55 5.05
C GLU C 123 -15.48 -23.86 4.36
N LYS C 124 -16.56 -23.38 4.95
CA LYS C 124 -17.90 -23.54 4.40
C LYS C 124 -18.09 -22.58 3.22
N THR C 125 -17.99 -23.10 2.01
CA THR C 125 -18.02 -22.26 0.81
C THR C 125 -18.92 -22.84 -0.29
N PRO C 126 -19.46 -21.97 -1.16
CA PRO C 126 -20.35 -22.38 -2.25
C PRO C 126 -19.59 -22.98 -3.44
N VAL C 127 -19.37 -24.29 -3.41
CA VAL C 127 -18.65 -24.98 -4.47
C VAL C 127 -19.57 -25.29 -5.65
N GLY C 128 -20.88 -25.25 -5.40
CA GLY C 128 -21.85 -25.54 -6.43
C GLY C 128 -21.92 -27.02 -6.74
N SER C 129 -23.04 -27.46 -7.29
CA SER C 129 -23.22 -28.86 -7.66
C SER C 129 -24.34 -28.99 -8.68
N CYS C 130 -24.21 -29.99 -9.56
CA CYS C 130 -25.24 -30.23 -10.56
C CYS C 130 -25.96 -31.55 -10.31
N PHE C 131 -27.28 -31.51 -10.34
CA PHE C 131 -28.10 -32.70 -10.27
C PHE C 131 -28.50 -33.15 -11.67
N LEU C 132 -28.22 -34.40 -11.99
CA LEU C 132 -28.62 -34.96 -13.28
C LEU C 132 -29.74 -35.96 -13.07
N ALA C 133 -30.63 -36.06 -14.04
CA ALA C 133 -31.77 -36.97 -13.96
C ALA C 133 -32.16 -37.52 -15.31
N GLN C 134 -32.68 -38.75 -15.32
CA GLN C 134 -33.24 -39.36 -16.51
C GLN C 134 -34.69 -39.72 -16.19
N PRO C 135 -35.57 -38.74 -16.31
CA PRO C 135 -36.92 -38.82 -15.73
C PRO C 135 -37.64 -40.13 -16.04
N GLU C 136 -37.49 -40.64 -17.26
CA GLU C 136 -38.15 -41.88 -17.64
C GLU C 136 -37.66 -43.05 -16.79
N SER C 137 -36.34 -43.23 -16.73
CA SER C 137 -35.76 -44.34 -15.98
C SER C 137 -35.77 -44.08 -14.48
N GLY C 138 -35.76 -42.81 -14.10
CA GLY C 138 -35.74 -42.43 -12.70
C GLY C 138 -34.33 -42.33 -12.16
N ARG C 139 -33.34 -42.65 -12.99
CA ARG C 139 -31.96 -42.62 -12.57
C ARG C 139 -31.52 -41.21 -12.20
N ARG C 140 -30.78 -41.11 -11.10
CA ARG C 140 -30.28 -39.82 -10.62
C ARG C 140 -28.76 -39.86 -10.47
N ALA C 141 -28.14 -38.69 -10.59
CA ALA C 141 -26.70 -38.56 -10.40
C ALA C 141 -26.37 -37.12 -10.03
N GLU C 142 -25.22 -36.93 -9.38
CA GLU C 142 -24.75 -35.59 -9.03
C GLU C 142 -23.36 -35.38 -9.59
N TYR C 143 -22.93 -34.12 -9.63
CA TYR C 143 -21.60 -33.78 -10.12
C TYR C 143 -21.17 -32.45 -9.52
N SER C 144 -20.16 -32.52 -8.65
CA SER C 144 -19.66 -31.33 -7.96
C SER C 144 -18.14 -31.30 -8.06
N PRO C 145 -17.62 -30.83 -9.20
CA PRO C 145 -16.20 -30.94 -9.55
C PRO C 145 -15.28 -30.02 -8.75
N CYS C 146 -15.82 -29.23 -7.84
CA CYS C 146 -15.02 -28.26 -7.10
C CYS C 146 -14.87 -28.60 -5.62
N ARG C 147 -15.53 -29.68 -5.18
CA ARG C 147 -15.37 -30.15 -3.81
C ARG C 147 -13.94 -30.63 -3.59
N GLY C 148 -13.35 -30.23 -2.46
CA GLY C 148 -11.99 -30.64 -2.13
C GLY C 148 -11.89 -31.09 -0.68
N ASN C 149 -10.76 -31.69 -0.34
CA ASN C 149 -10.52 -32.15 1.03
C ASN C 149 -9.35 -31.42 1.69
N THR C 150 -8.84 -30.40 1.02
CA THR C 150 -7.73 -29.62 1.54
C THR C 150 -8.18 -28.68 2.65
N LEU C 151 -7.31 -28.44 3.61
CA LEU C 151 -7.63 -27.58 4.75
C LEU C 151 -7.27 -26.13 4.49
N SER C 152 -7.96 -25.22 5.18
CA SER C 152 -7.75 -23.79 5.02
C SER C 152 -6.27 -23.44 5.15
N ARG C 153 -5.68 -23.83 6.27
CA ARG C 153 -4.27 -23.56 6.53
C ARG C 153 -3.39 -23.79 5.31
N ILE C 154 -3.74 -24.79 4.51
CA ILE C 154 -2.93 -25.17 3.37
C ILE C 154 -2.94 -24.11 2.28
N TYR C 155 -4.13 -23.67 1.89
CA TYR C 155 -4.27 -22.67 0.84
C TYR C 155 -3.45 -21.43 1.17
N VAL C 156 -3.45 -21.04 2.43
CA VAL C 156 -2.74 -19.86 2.88
C VAL C 156 -1.26 -19.94 2.50
N GLU C 157 -0.68 -21.11 2.70
CA GLU C 157 0.75 -21.33 2.43
C GLU C 157 1.08 -21.17 0.95
N ASN C 158 0.20 -21.68 0.09
CA ASN C 158 0.46 -21.73 -1.34
C ASN C 158 -0.09 -20.53 -2.11
N ASP C 159 -0.27 -19.41 -1.41
CA ASP C 159 -0.75 -18.19 -2.05
C ASP C 159 -2.08 -18.41 -2.75
N PHE C 160 -2.97 -19.17 -2.09
CA PHE C 160 -4.31 -19.44 -2.61
C PHE C 160 -4.28 -19.78 -4.11
N SER C 161 -3.40 -20.69 -4.49
CA SER C 161 -3.33 -21.14 -5.87
C SER C 161 -4.24 -22.34 -6.07
N TRP C 162 -4.91 -22.39 -7.22
CA TRP C 162 -5.83 -23.49 -7.51
C TRP C 162 -6.87 -23.64 -6.41
N ASP C 163 -7.50 -22.53 -6.06
CA ASP C 163 -8.55 -22.53 -5.03
C ASP C 163 -9.91 -22.67 -5.68
N LYS C 164 -10.52 -23.84 -5.53
CA LYS C 164 -11.81 -24.14 -6.16
C LYS C 164 -12.95 -24.11 -5.13
N ARG C 165 -12.73 -23.47 -4.00
CA ARG C 165 -13.71 -23.50 -2.91
C ARG C 165 -14.93 -22.63 -3.17
N TYR C 166 -14.81 -21.69 -4.11
CA TYR C 166 -15.90 -20.76 -4.39
C TYR C 166 -16.36 -20.87 -5.84
N CYS C 167 -16.17 -22.03 -6.44
CA CYS C 167 -16.49 -22.24 -7.85
C CYS C 167 -17.89 -21.76 -8.22
N GLU C 168 -18.88 -22.20 -7.43
CA GLU C 168 -20.28 -22.03 -7.81
C GLU C 168 -20.51 -22.69 -9.17
N ALA C 169 -20.00 -23.91 -9.30
CA ALA C 169 -20.18 -24.68 -10.52
C ALA C 169 -21.66 -24.84 -10.84
N GLY C 170 -22.01 -24.65 -12.11
CA GLY C 170 -23.40 -24.74 -12.52
C GLY C 170 -24.02 -23.37 -12.70
N PHE C 171 -23.30 -22.33 -12.30
CA PHE C 171 -23.76 -20.97 -12.51
C PHE C 171 -24.24 -20.84 -13.94
N SER C 172 -23.46 -21.40 -14.86
CA SER C 172 -23.88 -21.54 -16.25
C SER C 172 -23.57 -22.96 -16.69
N SER C 173 -24.30 -23.45 -17.69
CA SER C 173 -24.09 -24.81 -18.17
C SER C 173 -24.44 -24.95 -19.65
N VAL C 174 -23.99 -26.05 -20.24
CA VAL C 174 -24.26 -26.37 -21.63
C VAL C 174 -23.78 -27.79 -21.90
N VAL C 175 -24.37 -28.44 -22.89
CA VAL C 175 -23.98 -29.80 -23.23
C VAL C 175 -23.70 -29.94 -24.72
N THR C 176 -22.49 -30.39 -25.04
CA THR C 176 -22.10 -30.61 -26.43
C THR C 176 -22.94 -31.74 -27.01
N GLN C 177 -23.11 -31.75 -28.33
CA GLN C 177 -23.94 -32.76 -28.97
C GLN C 177 -23.35 -34.15 -28.75
N ALA C 178 -22.05 -34.21 -28.46
CA ALA C 178 -21.39 -35.48 -28.16
C ALA C 178 -21.86 -36.02 -26.82
N GLY C 179 -22.31 -35.14 -25.93
CA GLY C 179 -22.79 -35.53 -24.62
C GLY C 179 -21.83 -35.16 -23.52
N GLU C 180 -21.10 -34.05 -23.70
CA GLU C 180 -20.15 -33.58 -22.71
C GLU C 180 -20.72 -32.40 -21.94
N LEU C 181 -20.96 -32.60 -20.65
CA LEU C 181 -21.42 -31.53 -19.79
C LEU C 181 -20.31 -30.52 -19.57
N VAL C 182 -20.64 -29.23 -19.68
CA VAL C 182 -19.66 -28.17 -19.46
C VAL C 182 -20.24 -27.11 -18.53
N LEU C 183 -19.71 -27.06 -17.31
CA LEU C 183 -20.19 -26.13 -16.30
C LEU C 183 -19.29 -24.91 -16.20
N GLY C 184 -19.89 -23.73 -16.21
CA GLY C 184 -19.18 -22.51 -15.92
C GLY C 184 -19.16 -22.26 -14.42
N ALA C 185 -18.00 -21.94 -13.89
CA ALA C 185 -17.86 -21.67 -12.46
C ALA C 185 -17.16 -20.34 -12.27
N PRO C 186 -17.94 -19.23 -12.27
CA PRO C 186 -17.38 -17.88 -12.25
C PRO C 186 -16.55 -17.56 -11.01
N GLY C 187 -16.80 -18.28 -9.92
CA GLY C 187 -16.08 -18.04 -8.68
C GLY C 187 -14.88 -18.93 -8.48
N GLY C 188 -14.52 -19.67 -9.54
CA GLY C 188 -13.41 -20.60 -9.46
C GLY C 188 -12.06 -19.92 -9.37
N TYR C 189 -11.08 -20.64 -8.84
CA TYR C 189 -9.73 -20.12 -8.69
C TYR C 189 -9.75 -18.72 -8.10
N TYR C 190 -10.43 -18.60 -6.95
CA TYR C 190 -10.57 -17.31 -6.26
C TYR C 190 -11.12 -16.24 -7.20
N PHE C 191 -12.29 -16.53 -7.78
CA PHE C 191 -13.05 -15.55 -8.55
C PHE C 191 -12.41 -15.19 -9.89
N LEU C 192 -11.50 -16.04 -10.36
CA LEU C 192 -11.01 -15.91 -11.73
C LEU C 192 -12.02 -16.55 -12.66
N GLY C 193 -12.66 -17.60 -12.18
CA GLY C 193 -13.61 -18.35 -12.97
C GLY C 193 -12.93 -19.53 -13.65
N LEU C 194 -13.69 -20.59 -13.90
CA LEU C 194 -13.15 -21.75 -14.58
C LEU C 194 -14.26 -22.58 -15.21
N LEU C 195 -13.88 -23.52 -16.05
CA LEU C 195 -14.85 -24.39 -16.72
C LEU C 195 -14.55 -25.85 -16.38
N ALA C 196 -15.56 -26.54 -15.84
CA ALA C 196 -15.45 -27.96 -15.56
C ALA C 196 -16.18 -28.76 -16.64
N GLN C 197 -15.54 -29.80 -17.14
CA GLN C 197 -16.10 -30.60 -18.21
C GLN C 197 -16.06 -32.08 -17.84
N ALA C 198 -17.04 -32.83 -18.33
CA ALA C 198 -17.10 -34.27 -18.08
C ALA C 198 -18.24 -34.91 -18.87
N PRO C 199 -17.98 -36.07 -19.49
CA PRO C 199 -19.01 -36.80 -20.21
C PRO C 199 -20.18 -37.21 -19.31
N VAL C 200 -21.40 -36.88 -19.70
CA VAL C 200 -22.57 -37.18 -18.89
C VAL C 200 -22.60 -38.65 -18.53
N ALA C 201 -22.36 -39.50 -19.52
CA ALA C 201 -22.40 -40.95 -19.32
C ALA C 201 -21.47 -41.38 -18.19
N ASP C 202 -20.31 -40.72 -18.11
CA ASP C 202 -19.32 -41.05 -17.08
C ASP C 202 -19.75 -40.54 -15.71
N ILE C 203 -20.37 -39.37 -15.69
CA ILE C 203 -20.87 -38.80 -14.45
C ILE C 203 -21.85 -39.76 -13.78
N PHE C 204 -22.68 -40.40 -14.59
CA PHE C 204 -23.66 -41.35 -14.08
C PHE C 204 -23.01 -42.66 -13.63
N SER C 205 -22.07 -43.16 -14.43
CA SER C 205 -21.45 -44.45 -14.15
C SER C 205 -20.47 -44.40 -12.99
N SER C 206 -19.98 -43.21 -12.67
CA SER C 206 -18.97 -43.06 -11.62
C SER C 206 -19.55 -42.51 -10.32
N TYR C 207 -20.83 -42.15 -10.34
CA TYR C 207 -21.46 -41.58 -9.15
C TYR C 207 -22.20 -42.61 -8.32
N ARG C 208 -22.08 -42.48 -7.00
CA ARG C 208 -22.83 -43.30 -6.06
C ARG C 208 -23.23 -42.43 -4.87
N PRO C 209 -24.46 -42.61 -4.37
CA PRO C 209 -24.93 -41.82 -3.23
C PRO C 209 -24.11 -42.07 -1.98
N GLY C 210 -23.84 -41.02 -1.21
CA GLY C 210 -23.18 -41.16 0.07
C GLY C 210 -21.68 -40.90 0.05
N ILE C 211 -21.07 -41.01 -1.13
CA ILE C 211 -19.63 -40.81 -1.25
C ILE C 211 -19.26 -39.34 -1.07
N LEU C 212 -20.03 -38.46 -1.71
CA LEU C 212 -19.85 -37.02 -1.59
C LEU C 212 -18.58 -36.51 -2.29
N LEU C 213 -17.49 -37.26 -2.17
CA LEU C 213 -16.25 -36.88 -2.83
C LEU C 213 -15.68 -38.07 -3.58
N TRP C 214 -15.85 -38.05 -4.91
CA TRP C 214 -15.39 -39.15 -5.76
C TRP C 214 -14.61 -38.61 -6.96
N HIS C 215 -13.92 -39.51 -7.67
CA HIS C 215 -13.11 -39.11 -8.81
C HIS C 215 -13.86 -39.29 -10.13
N VAL C 216 -13.62 -38.36 -11.05
CA VAL C 216 -14.12 -38.48 -12.42
C VAL C 216 -12.95 -38.33 -13.37
N SER C 217 -12.28 -39.44 -13.65
CA SER C 217 -11.05 -39.44 -14.44
C SER C 217 -11.17 -38.63 -15.72
N SER C 218 -12.27 -38.83 -16.44
CA SER C 218 -12.44 -38.24 -17.76
C SER C 218 -12.71 -36.72 -17.70
N GLN C 219 -12.92 -36.20 -16.50
CA GLN C 219 -13.24 -34.79 -16.36
C GLN C 219 -12.04 -33.91 -16.74
N SER C 220 -12.33 -32.65 -17.07
CA SER C 220 -11.29 -31.73 -17.53
C SER C 220 -11.62 -30.31 -17.09
N LEU C 221 -10.74 -29.73 -16.28
CA LEU C 221 -10.93 -28.38 -15.76
C LEU C 221 -9.93 -27.40 -16.36
N SER C 222 -10.36 -26.17 -16.58
CA SER C 222 -9.48 -25.11 -17.05
C SER C 222 -8.46 -24.77 -15.96
N PHE C 223 -7.54 -23.87 -16.27
CA PHE C 223 -6.39 -23.63 -15.41
C PHE C 223 -6.39 -22.25 -14.77
N ASP C 224 -5.67 -22.13 -13.66
CA ASP C 224 -5.51 -20.86 -12.97
C ASP C 224 -4.56 -19.96 -13.77
N SER C 225 -4.57 -18.66 -13.49
CA SER C 225 -3.69 -17.73 -14.18
C SER C 225 -3.17 -16.65 -13.24
N SER C 226 -1.92 -16.25 -13.46
CA SER C 226 -1.29 -15.22 -12.66
C SER C 226 -1.53 -13.83 -13.27
N ASN C 227 -1.93 -13.82 -14.54
CA ASN C 227 -2.22 -12.56 -15.23
C ASN C 227 -3.31 -11.78 -14.50
N PRO C 228 -2.96 -10.61 -13.95
CA PRO C 228 -3.91 -9.85 -13.13
C PRO C 228 -5.12 -9.34 -13.90
N GLU C 229 -5.09 -9.46 -15.23
CA GLU C 229 -6.23 -9.11 -16.05
C GLU C 229 -7.41 -10.01 -15.72
N TYR C 230 -7.12 -11.30 -15.48
CA TYR C 230 -8.15 -12.29 -15.24
C TYR C 230 -8.70 -12.25 -13.81
N PHE C 231 -8.06 -11.47 -12.94
CA PHE C 231 -8.49 -11.38 -11.55
C PHE C 231 -9.91 -10.82 -11.44
N ASP C 232 -10.80 -11.61 -10.83
CA ASP C 232 -12.18 -11.20 -10.58
C ASP C 232 -12.94 -10.95 -11.88
N GLY C 233 -12.76 -11.84 -12.84
CA GLY C 233 -13.36 -11.70 -14.16
C GLY C 233 -14.60 -12.53 -14.36
N TYR C 234 -14.90 -13.40 -13.39
CA TYR C 234 -16.07 -14.27 -13.47
C TYR C 234 -16.12 -15.06 -14.77
N TRP C 235 -14.94 -15.53 -15.18
CA TRP C 235 -14.80 -16.39 -16.35
C TRP C 235 -15.73 -17.60 -16.20
N GLY C 236 -16.80 -17.63 -17.00
CA GLY C 236 -17.77 -18.71 -16.92
C GLY C 236 -19.14 -18.23 -16.46
N TYR C 237 -19.30 -16.92 -16.32
CA TYR C 237 -20.59 -16.32 -16.00
C TYR C 237 -21.62 -16.81 -17.01
N SER C 238 -21.18 -17.00 -18.24
CA SER C 238 -22.01 -17.55 -19.30
C SER C 238 -21.16 -18.46 -20.18
N VAL C 239 -21.81 -19.41 -20.85
CA VAL C 239 -21.07 -20.39 -21.65
C VAL C 239 -21.88 -20.83 -22.86
N ALA C 240 -21.17 -21.28 -23.90
CA ALA C 240 -21.82 -21.79 -25.11
C ALA C 240 -20.83 -22.65 -25.90
N VAL C 241 -21.32 -23.32 -26.93
CA VAL C 241 -20.47 -24.14 -27.78
C VAL C 241 -20.80 -23.94 -29.25
N GLY C 242 -19.84 -24.28 -30.11
CA GLY C 242 -20.03 -24.18 -31.55
C GLY C 242 -18.78 -24.57 -32.32
N GLU C 243 -18.87 -24.51 -33.65
CA GLU C 243 -17.74 -24.83 -34.50
C GLU C 243 -17.14 -23.53 -35.05
N PHE C 244 -15.90 -23.25 -34.66
CA PHE C 244 -15.23 -22.02 -35.07
C PHE C 244 -13.80 -22.25 -35.55
N ASP C 245 -13.37 -23.50 -35.64
CA ASP C 245 -12.00 -23.81 -36.01
C ASP C 245 -11.92 -24.70 -37.25
N GLY C 246 -13.02 -24.81 -37.98
CA GLY C 246 -13.04 -25.61 -39.19
C GLY C 246 -13.18 -27.09 -38.92
N ASP C 247 -12.26 -27.64 -38.12
CA ASP C 247 -12.27 -29.06 -37.80
C ASP C 247 -13.57 -29.45 -37.10
N LEU C 248 -14.35 -30.30 -37.78
CA LEU C 248 -15.65 -30.73 -37.27
C LEU C 248 -15.50 -31.74 -36.14
N ASN C 249 -14.43 -32.52 -36.17
CA ASN C 249 -14.17 -33.52 -35.14
C ASN C 249 -14.04 -32.85 -33.77
N THR C 250 -13.55 -31.62 -33.76
CA THR C 250 -13.35 -30.87 -32.52
C THR C 250 -14.57 -30.00 -32.21
N THR C 251 -14.73 -29.67 -30.93
CA THR C 251 -15.83 -28.79 -30.50
C THR C 251 -15.29 -27.64 -29.68
N GLU C 252 -15.49 -26.41 -30.18
CA GLU C 252 -14.97 -25.23 -29.53
C GLU C 252 -15.94 -24.68 -28.47
N TYR C 253 -15.41 -24.16 -27.38
CA TYR C 253 -16.21 -23.60 -26.31
C TYR C 253 -16.22 -22.07 -26.38
N VAL C 254 -17.28 -21.47 -25.85
CA VAL C 254 -17.40 -20.02 -25.80
C VAL C 254 -17.69 -19.60 -24.36
N VAL C 255 -16.82 -18.77 -23.81
CA VAL C 255 -16.92 -18.37 -22.42
C VAL C 255 -17.06 -16.85 -22.28
N GLY C 256 -17.86 -16.43 -21.30
CA GLY C 256 -18.06 -15.01 -21.04
C GLY C 256 -17.46 -14.59 -19.71
N ALA C 257 -16.56 -13.63 -19.76
CA ALA C 257 -15.96 -13.07 -18.56
C ALA C 257 -16.32 -11.59 -18.47
N PRO C 258 -17.52 -11.31 -17.94
CA PRO C 258 -18.11 -9.97 -17.95
C PRO C 258 -17.35 -8.91 -17.17
N THR C 259 -16.42 -9.31 -16.31
CA THR C 259 -15.64 -8.35 -15.53
C THR C 259 -14.14 -8.48 -15.76
N TRP C 260 -13.78 -9.14 -16.86
CA TRP C 260 -12.38 -9.33 -17.23
C TRP C 260 -11.67 -8.00 -17.43
N SER C 261 -10.36 -8.02 -17.24
CA SER C 261 -9.53 -6.82 -17.42
C SER C 261 -10.16 -5.61 -16.73
N TRP C 262 -10.38 -5.73 -15.42
CA TRP C 262 -10.98 -4.65 -14.64
C TRP C 262 -12.31 -4.20 -15.22
N THR C 263 -13.32 -5.05 -15.09
CA THR C 263 -14.68 -4.74 -15.53
C THR C 263 -14.75 -4.22 -16.97
N LEU C 264 -13.80 -4.63 -17.80
CA LEU C 264 -13.88 -4.33 -19.23
C LEU C 264 -14.75 -5.37 -19.90
N GLY C 265 -14.79 -6.56 -19.30
CA GLY C 265 -15.55 -7.66 -19.84
C GLY C 265 -14.92 -8.20 -21.11
N ALA C 266 -15.16 -9.48 -21.39
CA ALA C 266 -14.61 -10.09 -22.60
C ALA C 266 -15.27 -11.45 -22.86
N VAL C 267 -15.04 -11.98 -24.05
CA VAL C 267 -15.56 -13.28 -24.44
C VAL C 267 -14.51 -14.02 -25.25
N GLU C 268 -14.30 -15.29 -24.93
CA GLU C 268 -13.24 -16.06 -25.54
C GLU C 268 -13.72 -17.36 -26.15
N ILE C 269 -13.19 -17.68 -27.33
CA ILE C 269 -13.48 -18.95 -27.98
C ILE C 269 -12.30 -19.89 -27.77
N LEU C 270 -12.56 -21.07 -27.22
CA LEU C 270 -11.51 -22.01 -26.88
C LEU C 270 -11.73 -23.35 -27.57
N ASP C 271 -10.80 -24.28 -27.38
CA ASP C 271 -10.96 -25.65 -27.83
C ASP C 271 -11.20 -26.56 -26.64
N SER C 272 -11.30 -27.87 -26.89
CA SER C 272 -11.59 -28.83 -25.85
C SER C 272 -10.58 -28.75 -24.69
N TYR C 273 -9.36 -28.30 -24.99
CA TYR C 273 -8.30 -28.26 -24.00
C TYR C 273 -8.09 -26.86 -23.43
N TYR C 274 -9.11 -26.01 -23.57
CA TYR C 274 -9.08 -24.67 -23.00
C TYR C 274 -7.92 -23.83 -23.52
N GLN C 275 -7.61 -23.99 -24.80
CA GLN C 275 -6.61 -23.16 -25.46
C GLN C 275 -7.32 -22.01 -26.17
N ARG C 276 -6.94 -20.79 -25.83
CA ARG C 276 -7.60 -19.61 -26.38
C ARG C 276 -7.37 -19.47 -27.88
N LEU C 277 -8.46 -19.58 -28.64
CA LEU C 277 -8.41 -19.41 -30.09
C LEU C 277 -8.63 -17.94 -30.46
N HIS C 278 -9.62 -17.31 -29.83
CA HIS C 278 -9.86 -15.90 -30.05
CA HIS C 278 -9.93 -15.90 -30.08
C HIS C 278 -10.34 -15.21 -28.78
N ARG C 279 -10.31 -13.89 -28.77
CA ARG C 279 -10.77 -13.12 -27.63
C ARG C 279 -11.42 -11.82 -28.09
N LEU C 280 -12.61 -11.55 -27.56
CA LEU C 280 -13.35 -10.35 -27.90
C LEU C 280 -13.45 -9.46 -26.68
N ARG C 281 -12.92 -8.25 -26.79
CA ARG C 281 -12.88 -7.32 -25.67
C ARG C 281 -14.16 -6.50 -25.61
N GLY C 282 -14.51 -6.04 -24.41
CA GLY C 282 -15.68 -5.21 -24.24
C GLY C 282 -15.42 -3.80 -24.77
N GLU C 283 -16.50 -3.08 -25.03
CA GLU C 283 -16.39 -1.72 -25.57
C GLU C 283 -16.44 -0.69 -24.44
N GLN C 284 -17.20 -0.98 -23.40
CA GLN C 284 -17.37 -0.05 -22.29
C GLN C 284 -17.22 -0.76 -20.95
N MET C 285 -16.70 -0.04 -19.97
CA MET C 285 -16.49 -0.60 -18.64
C MET C 285 -17.81 -0.74 -17.88
N ALA C 286 -17.93 -1.82 -17.14
CA ALA C 286 -19.10 -2.07 -16.29
C ALA C 286 -20.37 -2.32 -17.12
N SER C 287 -20.23 -2.48 -18.43
CA SER C 287 -21.37 -2.76 -19.28
C SER C 287 -21.70 -4.25 -19.24
N TYR C 288 -20.84 -5.02 -18.57
CA TYR C 288 -21.03 -6.46 -18.44
C TYR C 288 -21.04 -7.15 -19.80
N PHE C 289 -20.13 -6.74 -20.67
CA PHE C 289 -19.92 -7.39 -21.95
C PHE C 289 -19.52 -8.83 -21.70
N GLY C 290 -20.40 -9.76 -22.08
CA GLY C 290 -20.17 -11.17 -21.85
C GLY C 290 -21.22 -11.77 -20.95
N HIS C 291 -22.12 -10.93 -20.43
CA HIS C 291 -23.20 -11.39 -19.57
C HIS C 291 -23.99 -12.53 -20.21
N SER C 292 -24.11 -12.48 -21.53
CA SER C 292 -24.79 -13.53 -22.27
C SER C 292 -24.13 -13.76 -23.63
N VAL C 293 -24.11 -15.01 -24.07
CA VAL C 293 -23.51 -15.36 -25.35
C VAL C 293 -24.38 -16.39 -26.07
N ALA C 294 -24.51 -16.23 -27.37
CA ALA C 294 -25.30 -17.15 -28.19
C ALA C 294 -24.53 -17.54 -29.45
N VAL C 295 -24.80 -18.74 -29.95
CA VAL C 295 -24.12 -19.24 -31.14
C VAL C 295 -25.13 -19.78 -32.17
N THR C 296 -25.12 -19.18 -33.35
CA THR C 296 -26.01 -19.61 -34.42
C THR C 296 -25.59 -19.00 -35.75
N ASP C 297 -26.03 -19.60 -36.85
CA ASP C 297 -25.68 -19.14 -38.18
C ASP C 297 -26.76 -18.23 -38.75
N VAL C 298 -26.64 -16.93 -38.49
CA VAL C 298 -27.66 -15.97 -38.89
C VAL C 298 -27.66 -15.66 -40.38
N ASN C 299 -26.50 -15.73 -41.01
CA ASN C 299 -26.37 -15.34 -42.42
C ASN C 299 -26.36 -16.53 -43.37
N GLY C 300 -26.72 -17.71 -42.86
CA GLY C 300 -26.86 -18.89 -43.69
C GLY C 300 -25.68 -19.18 -44.59
N ASP C 301 -24.47 -19.01 -44.06
CA ASP C 301 -23.26 -19.38 -44.80
C ASP C 301 -22.67 -20.67 -44.24
N GLY C 302 -23.40 -21.29 -43.30
CA GLY C 302 -23.00 -22.56 -42.73
C GLY C 302 -21.99 -22.42 -41.60
N ARG C 303 -21.60 -21.20 -41.28
CA ARG C 303 -20.59 -20.96 -40.26
C ARG C 303 -21.19 -20.27 -39.03
N HIS C 304 -21.09 -20.92 -37.88
CA HIS C 304 -21.64 -20.39 -36.64
C HIS C 304 -21.14 -18.98 -36.35
N ASP C 305 -22.07 -18.08 -36.08
CA ASP C 305 -21.72 -16.71 -35.71
C ASP C 305 -21.87 -16.53 -34.21
N LEU C 306 -21.36 -15.43 -33.68
CA LEU C 306 -21.36 -15.20 -32.25
C LEU C 306 -22.11 -13.92 -31.88
N LEU C 307 -23.03 -14.04 -30.93
CA LEU C 307 -23.76 -12.88 -30.42
C LEU C 307 -23.42 -12.69 -28.95
N VAL C 308 -23.00 -11.48 -28.59
CA VAL C 308 -22.61 -11.16 -27.23
C VAL C 308 -23.47 -10.03 -26.67
N GLY C 309 -23.87 -10.15 -25.42
CA GLY C 309 -24.72 -9.16 -24.79
C GLY C 309 -24.02 -8.36 -23.72
N ALA C 310 -24.24 -7.04 -23.73
CA ALA C 310 -23.74 -6.16 -22.69
C ALA C 310 -24.92 -5.35 -22.14
N PRO C 311 -25.69 -5.97 -21.24
CA PRO C 311 -26.99 -5.44 -20.79
C PRO C 311 -26.90 -4.10 -20.07
N LEU C 312 -25.71 -3.66 -19.68
CA LEU C 312 -25.58 -2.40 -18.97
C LEU C 312 -24.85 -1.34 -19.78
N TYR C 313 -24.67 -1.59 -21.08
CA TYR C 313 -24.00 -0.64 -21.95
C TYR C 313 -24.75 0.67 -21.96
N MET C 314 -24.02 1.77 -21.77
CA MET C 314 -24.61 3.10 -21.80
C MET C 314 -24.39 3.73 -23.18
N GLU C 315 -25.49 4.04 -23.85
CA GLU C 315 -25.41 4.66 -25.17
C GLU C 315 -25.14 6.16 -25.03
N SER C 316 -24.41 6.71 -25.99
CA SER C 316 -24.03 8.12 -25.94
C SER C 316 -25.17 8.99 -26.45
N ARG C 317 -25.83 9.69 -25.53
CA ARG C 317 -26.92 10.59 -25.87
C ARG C 317 -26.39 11.99 -26.15
N ALA C 318 -27.28 12.89 -26.55
CA ALA C 318 -26.89 14.26 -26.88
C ALA C 318 -26.45 15.02 -25.63
N ASP C 319 -25.60 16.03 -25.83
CA ASP C 319 -25.10 16.85 -24.73
C ASP C 319 -24.18 16.04 -23.82
N ARG C 320 -23.31 15.22 -24.42
CA ARG C 320 -22.40 14.37 -23.67
C ARG C 320 -23.12 13.67 -22.52
N LYS C 321 -24.28 13.09 -22.82
CA LYS C 321 -25.04 12.32 -21.84
C LYS C 321 -24.87 10.82 -22.10
N LEU C 322 -25.09 10.02 -21.06
CA LEU C 322 -25.01 8.58 -21.17
C LEU C 322 -26.29 7.94 -20.64
N ALA C 323 -26.89 7.07 -21.44
CA ALA C 323 -28.12 6.39 -21.05
C ALA C 323 -27.95 4.89 -21.07
N GLU C 324 -28.09 4.26 -19.90
CA GLU C 324 -27.96 2.81 -19.79
C GLU C 324 -29.15 2.14 -20.47
N VAL C 325 -28.89 1.47 -21.59
CA VAL C 325 -29.94 0.81 -22.35
C VAL C 325 -29.62 -0.65 -22.69
N GLY C 326 -28.33 -0.97 -22.76
CA GLY C 326 -27.89 -2.30 -23.12
C GLY C 326 -27.61 -2.41 -24.60
N ARG C 327 -26.75 -3.35 -24.97
CA ARG C 327 -26.39 -3.54 -26.37
C ARG C 327 -26.02 -4.98 -26.68
N VAL C 328 -26.19 -5.36 -27.94
CA VAL C 328 -25.79 -6.67 -28.42
C VAL C 328 -24.80 -6.52 -29.56
N TYR C 329 -23.82 -7.40 -29.60
CA TYR C 329 -22.82 -7.38 -30.65
C TYR C 329 -22.94 -8.64 -31.50
N LEU C 330 -22.90 -8.46 -32.82
CA LEU C 330 -22.91 -9.60 -33.73
C LEU C 330 -21.54 -9.77 -34.36
N PHE C 331 -20.99 -10.98 -34.25
CA PHE C 331 -19.72 -11.30 -34.87
C PHE C 331 -19.91 -12.43 -35.87
N LEU C 332 -19.82 -12.12 -37.17
CA LEU C 332 -19.92 -13.13 -38.20
C LEU C 332 -18.59 -13.84 -38.38
N GLN C 333 -18.63 -15.15 -38.58
CA GLN C 333 -17.42 -15.93 -38.75
C GLN C 333 -16.92 -15.84 -40.19
N PRO C 334 -15.67 -15.38 -40.37
CA PRO C 334 -15.09 -15.23 -41.71
C PRO C 334 -14.64 -16.57 -42.30
N ARG C 335 -14.52 -16.61 -43.62
CA ARG C 335 -14.06 -17.81 -44.31
C ARG C 335 -12.63 -18.13 -43.92
N GLY C 336 -12.37 -19.40 -43.63
CA GLY C 336 -11.02 -19.84 -43.29
C GLY C 336 -10.70 -19.70 -41.82
N PRO C 337 -9.40 -19.78 -41.48
CA PRO C 337 -8.91 -19.71 -40.10
C PRO C 337 -8.81 -18.27 -39.59
N HIS C 338 -9.31 -17.32 -40.39
CA HIS C 338 -9.21 -15.91 -40.04
C HIS C 338 -9.92 -15.61 -38.72
N ALA C 339 -9.29 -14.77 -37.91
CA ALA C 339 -9.84 -14.40 -36.61
C ALA C 339 -11.08 -13.53 -36.77
N LEU C 340 -12.00 -13.63 -35.83
CA LEU C 340 -13.21 -12.81 -35.83
C LEU C 340 -12.84 -11.34 -35.68
N GLY C 341 -13.20 -10.53 -36.67
CA GLY C 341 -12.85 -9.13 -36.66
C GLY C 341 -13.72 -8.32 -35.74
N ALA C 342 -14.11 -7.13 -36.19
CA ALA C 342 -14.96 -6.24 -35.40
C ALA C 342 -16.43 -6.65 -35.58
N PRO C 343 -17.30 -6.13 -34.71
CA PRO C 343 -18.73 -6.45 -34.80
C PRO C 343 -19.30 -6.11 -36.17
N SER C 344 -20.11 -7.02 -36.72
CA SER C 344 -20.75 -6.83 -38.01
C SER C 344 -22.01 -5.99 -37.87
N LEU C 345 -22.48 -5.86 -36.63
CA LEU C 345 -23.72 -5.14 -36.35
C LEU C 345 -23.86 -4.89 -34.86
N LEU C 346 -24.31 -3.68 -34.50
CA LEU C 346 -24.55 -3.33 -33.11
C LEU C 346 -26.01 -3.01 -32.86
N LEU C 347 -26.67 -3.87 -32.10
CA LEU C 347 -28.06 -3.61 -31.70
C LEU C 347 -28.06 -2.98 -30.32
N THR C 348 -28.77 -1.87 -30.18
CA THR C 348 -28.82 -1.14 -28.92
C THR C 348 -30.25 -1.01 -28.42
N GLY C 349 -30.41 -1.01 -27.10
CA GLY C 349 -31.71 -0.83 -26.49
C GLY C 349 -32.14 0.63 -26.56
N THR C 350 -33.40 0.88 -26.21
CA THR C 350 -33.94 2.23 -26.22
C THR C 350 -34.46 2.64 -24.85
N GLN C 351 -35.07 1.69 -24.14
CA GLN C 351 -35.61 1.96 -22.81
C GLN C 351 -34.49 2.04 -21.78
N LEU C 352 -34.48 3.13 -21.03
CA LEU C 352 -33.51 3.30 -19.95
C LEU C 352 -33.66 2.20 -18.92
N TYR C 353 -32.53 1.60 -18.54
CA TYR C 353 -32.51 0.51 -17.56
C TYR C 353 -33.22 -0.74 -18.05
N GLY C 354 -33.50 -0.80 -19.36
CA GLY C 354 -34.18 -1.94 -19.93
C GLY C 354 -33.35 -3.21 -19.91
N ARG C 355 -32.03 -3.05 -19.85
CA ARG C 355 -31.10 -4.17 -19.88
C ARG C 355 -31.25 -4.98 -21.16
N PHE C 356 -31.36 -4.27 -22.28
CA PHE C 356 -31.34 -4.92 -23.59
C PHE C 356 -30.04 -5.69 -23.72
N GLY C 357 -30.15 -7.00 -23.96
CA GLY C 357 -28.99 -7.85 -24.10
C GLY C 357 -28.80 -8.82 -22.94
N SER C 358 -29.77 -8.85 -22.03
CA SER C 358 -29.69 -9.73 -20.88
CA SER C 358 -29.70 -9.73 -20.88
C SER C 358 -29.71 -11.19 -21.30
N ALA C 359 -30.47 -11.50 -22.35
CA ALA C 359 -30.59 -12.87 -22.82
C ALA C 359 -30.74 -12.91 -24.34
N ILE C 360 -29.97 -13.80 -24.98
CA ILE C 360 -30.03 -13.97 -26.43
C ILE C 360 -30.35 -15.43 -26.77
N ALA C 361 -31.44 -15.63 -27.50
CA ALA C 361 -31.90 -16.97 -27.81
C ALA C 361 -32.01 -17.21 -29.31
N PRO C 362 -31.24 -18.18 -29.82
CA PRO C 362 -31.41 -18.61 -31.21
C PRO C 362 -32.81 -19.17 -31.43
N LEU C 363 -33.44 -18.79 -32.54
CA LEU C 363 -34.80 -19.23 -32.82
C LEU C 363 -34.84 -20.23 -33.96
N GLY C 364 -33.69 -20.54 -34.54
CA GLY C 364 -33.63 -21.30 -35.77
C GLY C 364 -34.23 -20.45 -36.88
N ASP C 365 -34.72 -21.10 -37.94
CA ASP C 365 -35.36 -20.37 -39.02
C ASP C 365 -36.84 -20.21 -38.72
N LEU C 366 -37.19 -19.09 -38.09
CA LEU C 366 -38.55 -18.86 -37.62
C LEU C 366 -39.56 -18.79 -38.76
N ASP C 367 -39.24 -18.01 -39.78
CA ASP C 367 -40.15 -17.83 -40.91
C ASP C 367 -39.84 -18.79 -42.06
N ARG C 368 -38.94 -19.74 -41.80
CA ARG C 368 -38.54 -20.72 -42.81
C ARG C 368 -38.28 -20.06 -44.16
N ASP C 369 -37.42 -19.04 -44.14
CA ASP C 369 -37.06 -18.32 -45.36
C ASP C 369 -35.69 -18.74 -45.86
N GLY C 370 -34.85 -19.22 -44.95
CA GLY C 370 -33.51 -19.67 -45.30
C GLY C 370 -32.45 -19.22 -44.33
N TYR C 371 -32.78 -18.25 -43.47
CA TYR C 371 -31.82 -17.72 -42.52
C TYR C 371 -32.29 -17.91 -41.08
N ASN C 372 -31.36 -18.21 -40.19
CA ASN C 372 -31.67 -18.33 -38.78
C ASN C 372 -31.92 -16.98 -38.14
N ASP C 373 -32.77 -16.97 -37.12
CA ASP C 373 -33.22 -15.74 -36.48
C ASP C 373 -32.96 -15.81 -34.99
N ILE C 374 -33.01 -14.67 -34.31
CA ILE C 374 -32.75 -14.64 -32.87
C ILE C 374 -33.78 -13.81 -32.10
N ALA C 375 -33.75 -13.95 -30.79
CA ALA C 375 -34.58 -13.16 -29.90
C ALA C 375 -33.69 -12.53 -28.83
N VAL C 376 -33.89 -11.24 -28.59
CA VAL C 376 -33.12 -10.53 -27.59
C VAL C 376 -34.04 -10.01 -26.50
N ALA C 377 -33.67 -10.23 -25.25
CA ALA C 377 -34.52 -9.87 -24.12
C ALA C 377 -34.14 -8.54 -23.50
N ALA C 378 -35.14 -7.79 -23.07
CA ALA C 378 -34.95 -6.59 -22.26
C ALA C 378 -35.90 -6.68 -21.07
N PRO C 379 -35.47 -7.41 -20.02
CA PRO C 379 -36.32 -7.75 -18.88
C PRO C 379 -37.02 -6.56 -18.24
N TYR C 380 -36.53 -5.35 -18.48
CA TYR C 380 -37.15 -4.16 -17.92
C TYR C 380 -37.35 -3.09 -18.99
N GLY C 381 -37.42 -3.54 -20.24
CA GLY C 381 -37.58 -2.64 -21.37
C GLY C 381 -39.04 -2.39 -21.72
N GLY C 382 -39.26 -1.79 -22.88
CA GLY C 382 -40.60 -1.41 -23.29
C GLY C 382 -40.97 -0.08 -22.65
N PRO C 383 -41.98 0.60 -23.21
CA PRO C 383 -42.41 1.90 -22.68
C PRO C 383 -42.80 1.81 -21.20
N SER C 384 -43.47 0.73 -20.83
CA SER C 384 -43.93 0.54 -19.46
C SER C 384 -42.82 0.03 -18.55
N GLY C 385 -41.76 -0.51 -19.14
CA GLY C 385 -40.66 -1.05 -18.38
C GLY C 385 -41.01 -2.38 -17.74
N ARG C 386 -42.02 -3.06 -18.29
CA ARG C 386 -42.46 -4.34 -17.75
C ARG C 386 -41.70 -5.51 -18.38
N GLY C 387 -40.85 -5.22 -19.36
CA GLY C 387 -40.11 -6.26 -20.05
C GLY C 387 -40.56 -6.38 -21.50
N GLN C 388 -39.66 -6.87 -22.35
CA GLN C 388 -39.94 -6.91 -23.78
C GLN C 388 -38.94 -7.81 -24.50
N VAL C 389 -39.43 -8.60 -25.45
CA VAL C 389 -38.59 -9.47 -26.26
C VAL C 389 -38.66 -9.06 -27.73
N LEU C 390 -37.50 -8.92 -28.37
CA LEU C 390 -37.43 -8.45 -29.75
C LEU C 390 -36.89 -9.53 -30.68
N VAL C 391 -37.60 -9.78 -31.78
CA VAL C 391 -37.19 -10.78 -32.75
C VAL C 391 -36.41 -10.15 -33.89
N PHE C 392 -35.24 -10.71 -34.19
CA PHE C 392 -34.41 -10.23 -35.29
C PHE C 392 -34.20 -11.35 -36.32
N LEU C 393 -34.47 -11.03 -37.58
CA LEU C 393 -34.41 -12.03 -38.64
C LEU C 393 -33.06 -12.06 -39.34
N GLY C 394 -32.61 -13.26 -39.69
CA GLY C 394 -31.35 -13.43 -40.39
C GLY C 394 -31.43 -12.98 -41.84
N GLN C 395 -30.27 -12.76 -42.44
CA GLN C 395 -30.18 -12.33 -43.82
C GLN C 395 -28.77 -12.59 -44.36
N SER C 396 -28.61 -12.51 -45.68
CA SER C 396 -27.32 -12.76 -46.31
C SER C 396 -26.22 -11.92 -45.67
N GLU C 397 -26.59 -10.75 -45.16
CA GLU C 397 -25.61 -9.81 -44.64
C GLU C 397 -25.51 -9.83 -43.11
N GLY C 398 -26.25 -10.73 -42.47
CA GLY C 398 -26.23 -10.85 -41.02
C GLY C 398 -27.63 -10.80 -40.42
N LEU C 399 -27.92 -9.71 -39.71
CA LEU C 399 -29.23 -9.52 -39.10
C LEU C 399 -29.81 -8.17 -39.49
N ARG C 400 -31.13 -8.03 -39.37
CA ARG C 400 -31.79 -6.78 -39.65
C ARG C 400 -31.54 -5.79 -38.52
N SER C 401 -31.44 -4.51 -38.85
CA SER C 401 -31.20 -3.48 -37.84
C SER C 401 -32.40 -3.32 -36.93
N ARG C 402 -33.59 -3.58 -37.48
CA ARG C 402 -34.83 -3.45 -36.73
C ARG C 402 -35.50 -4.81 -36.56
N PRO C 403 -36.19 -5.01 -35.42
CA PRO C 403 -36.85 -6.28 -35.14
C PRO C 403 -38.07 -6.48 -36.00
N SER C 404 -38.35 -7.72 -36.39
CA SER C 404 -39.52 -8.02 -37.21
C SER C 404 -40.77 -8.12 -36.35
N GLN C 405 -40.56 -8.26 -35.04
CA GLN C 405 -41.67 -8.39 -34.11
C GLN C 405 -41.21 -8.02 -32.71
N VAL C 406 -42.15 -7.62 -31.86
CA VAL C 406 -41.86 -7.24 -30.49
C VAL C 406 -42.92 -7.81 -29.56
N LEU C 407 -42.49 -8.69 -28.65
CA LEU C 407 -43.40 -9.28 -27.68
C LEU C 407 -43.33 -8.51 -26.36
N ASP C 408 -44.41 -7.81 -26.04
CA ASP C 408 -44.47 -7.08 -24.77
C ASP C 408 -44.88 -8.01 -23.64
N SER C 409 -44.27 -7.82 -22.47
CA SER C 409 -44.56 -8.66 -21.32
C SER C 409 -46.06 -8.67 -21.01
N PRO C 410 -46.65 -9.87 -20.92
CA PRO C 410 -48.06 -9.99 -20.53
C PRO C 410 -48.23 -9.97 -19.02
N PHE C 411 -47.11 -9.94 -18.28
CA PHE C 411 -47.15 -10.00 -16.83
C PHE C 411 -47.07 -8.61 -16.21
N PRO C 412 -47.28 -8.52 -14.89
CA PRO C 412 -47.20 -7.23 -14.19
C PRO C 412 -45.75 -6.76 -14.06
N THR C 413 -45.57 -5.55 -13.52
CA THR C 413 -44.25 -4.97 -13.38
C THR C 413 -43.40 -5.83 -12.43
N GLY C 414 -42.13 -5.98 -12.76
CA GLY C 414 -41.20 -6.68 -11.91
C GLY C 414 -41.13 -8.18 -12.18
N SER C 415 -41.71 -8.61 -13.28
CA SER C 415 -41.74 -10.03 -13.62
C SER C 415 -40.40 -10.50 -14.19
N ALA C 416 -39.61 -9.55 -14.67
CA ALA C 416 -38.34 -9.87 -15.34
C ALA C 416 -38.59 -10.69 -16.60
N PHE C 417 -39.71 -10.42 -17.25
CA PHE C 417 -40.09 -11.06 -18.51
C PHE C 417 -38.95 -11.02 -19.52
N GLY C 418 -38.39 -12.18 -19.83
CA GLY C 418 -37.33 -12.27 -20.82
C GLY C 418 -35.99 -12.70 -20.24
N PHE C 419 -35.83 -12.54 -18.92
CA PHE C 419 -34.59 -12.88 -18.25
C PHE C 419 -34.04 -14.23 -18.74
N SER C 420 -34.94 -15.11 -19.15
CA SER C 420 -34.54 -16.40 -19.73
C SER C 420 -35.33 -16.64 -21.01
N LEU C 421 -34.64 -17.20 -22.00
CA LEU C 421 -35.24 -17.47 -23.30
C LEU C 421 -34.78 -18.82 -23.84
N ARG C 422 -35.58 -19.38 -24.73
CA ARG C 422 -35.20 -20.61 -25.41
C ARG C 422 -36.15 -20.85 -26.57
N GLY C 423 -35.59 -21.11 -27.75
CA GLY C 423 -36.39 -21.35 -28.93
C GLY C 423 -35.79 -22.41 -29.82
N ALA C 424 -36.06 -22.32 -31.12
CA ALA C 424 -35.50 -23.25 -32.09
C ALA C 424 -36.01 -24.68 -31.87
N VAL C 425 -37.19 -24.81 -31.29
CA VAL C 425 -37.80 -26.12 -31.07
C VAL C 425 -39.30 -26.08 -31.33
N ASP C 426 -39.79 -26.99 -32.16
CA ASP C 426 -41.19 -27.06 -32.51
C ASP C 426 -41.94 -27.92 -31.49
N ILE C 427 -42.53 -27.27 -30.49
CA ILE C 427 -43.18 -27.98 -29.40
C ILE C 427 -44.59 -28.47 -29.75
N ASP C 428 -45.21 -27.84 -30.74
CA ASP C 428 -46.56 -28.21 -31.15
C ASP C 428 -46.55 -28.99 -32.47
N ASP C 429 -45.35 -29.32 -32.95
CA ASP C 429 -45.21 -30.14 -34.15
C ASP C 429 -46.00 -29.56 -35.33
N ASN C 430 -45.87 -28.26 -35.57
CA ASN C 430 -46.52 -27.61 -36.70
C ASN C 430 -45.51 -27.15 -37.74
N GLY C 431 -44.28 -27.65 -37.64
CA GLY C 431 -43.26 -27.35 -38.63
C GLY C 431 -42.51 -26.05 -38.39
N TYR C 432 -42.98 -25.23 -37.46
CA TYR C 432 -42.33 -23.97 -37.14
C TYR C 432 -41.77 -23.98 -35.72
N PRO C 433 -40.58 -23.40 -35.53
CA PRO C 433 -39.94 -23.34 -34.21
C PRO C 433 -40.67 -22.37 -33.28
N ASP C 434 -40.73 -22.69 -31.99
CA ASP C 434 -41.50 -21.91 -31.04
C ASP C 434 -40.60 -21.28 -29.99
N LEU C 435 -41.17 -20.41 -29.15
CA LEU C 435 -40.39 -19.65 -28.18
C LEU C 435 -41.01 -19.69 -26.79
N ILE C 436 -40.20 -20.05 -25.80
CA ILE C 436 -40.62 -20.00 -24.41
C ILE C 436 -39.87 -18.88 -23.69
N VAL C 437 -40.60 -18.13 -22.87
CA VAL C 437 -40.03 -16.99 -22.17
C VAL C 437 -40.32 -17.07 -20.69
N GLY C 438 -39.28 -16.90 -19.88
CA GLY C 438 -39.42 -16.98 -18.44
C GLY C 438 -39.69 -15.63 -17.81
N ALA C 439 -40.42 -15.63 -16.71
CA ALA C 439 -40.66 -14.43 -15.93
C ALA C 439 -40.63 -14.80 -14.46
N TYR C 440 -39.43 -15.06 -13.94
CA TYR C 440 -39.28 -15.59 -12.58
C TYR C 440 -39.88 -14.66 -11.54
N GLY C 441 -39.88 -13.36 -11.82
CA GLY C 441 -40.47 -12.38 -10.93
C GLY C 441 -41.96 -12.63 -10.72
N ALA C 442 -42.61 -13.24 -11.70
CA ALA C 442 -44.04 -13.54 -11.62
C ALA C 442 -44.27 -15.05 -11.50
N ASN C 443 -43.19 -15.81 -11.41
CA ASN C 443 -43.29 -17.26 -11.26
C ASN C 443 -44.11 -17.87 -12.38
N GLN C 444 -43.83 -17.46 -13.61
CA GLN C 444 -44.53 -18.02 -14.76
C GLN C 444 -43.62 -18.11 -15.97
N VAL C 445 -44.09 -18.86 -16.96
CA VAL C 445 -43.41 -19.00 -18.24
C VAL C 445 -44.43 -18.85 -19.35
N ALA C 446 -44.16 -17.95 -20.29
CA ALA C 446 -45.03 -17.77 -21.45
C ALA C 446 -44.48 -18.57 -22.62
N VAL C 447 -45.39 -19.14 -23.41
CA VAL C 447 -44.99 -19.86 -24.62
C VAL C 447 -45.62 -19.22 -25.84
N TYR C 448 -44.78 -18.79 -26.78
CA TYR C 448 -45.25 -18.22 -28.03
C TYR C 448 -45.11 -19.25 -29.14
N ARG C 449 -46.20 -19.48 -29.87
CA ARG C 449 -46.19 -20.43 -30.98
C ARG C 449 -46.04 -19.70 -32.30
N ALA C 450 -45.10 -20.18 -33.12
CA ALA C 450 -44.90 -19.64 -34.45
C ALA C 450 -45.98 -20.19 -35.39
N GLN C 451 -46.70 -19.29 -36.05
CA GLN C 451 -47.76 -19.67 -36.96
C GLN C 451 -47.26 -19.67 -38.40
N PRO C 452 -47.95 -20.39 -39.29
CA PRO C 452 -47.58 -20.41 -40.71
C PRO C 452 -47.56 -19.01 -41.32
N VAL C 453 -46.62 -18.77 -42.23
CA VAL C 453 -46.51 -17.47 -42.88
C VAL C 453 -47.23 -17.48 -44.23
N ASN D 3 -38.96 43.69 -53.32
CA ASN D 3 -38.37 42.79 -52.32
C ASN D 3 -39.23 41.55 -52.11
N ILE D 4 -38.78 40.67 -51.22
CA ILE D 4 -39.48 39.41 -50.97
C ILE D 4 -40.78 39.58 -50.21
N CYS D 5 -41.12 40.83 -49.87
CA CYS D 5 -42.38 41.10 -49.17
C CYS D 5 -43.52 41.29 -50.16
N THR D 6 -43.33 42.21 -51.10
CA THR D 6 -44.37 42.56 -52.06
C THR D 6 -44.56 41.47 -53.12
N THR D 7 -43.53 40.65 -53.33
CA THR D 7 -43.56 39.64 -54.38
C THR D 7 -44.05 38.28 -53.86
N ARG D 8 -44.91 38.31 -52.84
CA ARG D 8 -45.49 37.09 -52.31
C ARG D 8 -47.03 37.12 -52.33
N GLY D 9 -47.59 38.30 -52.62
CA GLY D 9 -49.03 38.45 -52.67
C GLY D 9 -49.70 37.86 -51.45
N VAL D 10 -49.16 38.16 -50.28
CA VAL D 10 -49.69 37.63 -49.02
C VAL D 10 -51.16 37.98 -48.84
N SER D 11 -51.92 37.05 -48.28
CA SER D 11 -53.36 37.19 -48.15
C SER D 11 -53.74 37.93 -46.86
N SER D 12 -52.97 37.71 -45.80
CA SER D 12 -53.29 38.26 -44.50
C SER D 12 -52.08 38.99 -43.89
N CYS D 13 -52.33 39.71 -42.80
CA CYS D 13 -51.25 40.37 -42.07
C CYS D 13 -50.36 39.33 -41.42
N GLN D 14 -50.98 38.33 -40.80
CA GLN D 14 -50.24 37.24 -40.16
C GLN D 14 -49.27 36.62 -41.16
N GLN D 15 -49.79 36.29 -42.34
CA GLN D 15 -49.00 35.67 -43.39
C GLN D 15 -47.82 36.55 -43.80
N CYS D 16 -48.03 37.87 -43.72
CA CYS D 16 -47.00 38.83 -44.11
C CYS D 16 -45.80 38.77 -43.15
N LEU D 17 -46.08 38.83 -41.86
CA LEU D 17 -45.02 38.82 -40.85
C LEU D 17 -44.24 37.51 -40.87
N ALA D 18 -44.86 36.46 -41.39
CA ALA D 18 -44.24 35.15 -41.46
C ALA D 18 -43.21 35.07 -42.59
N VAL D 19 -43.29 36.02 -43.51
CA VAL D 19 -42.36 36.06 -44.65
C VAL D 19 -40.94 36.31 -44.17
N SER D 20 -40.78 37.31 -43.31
CA SER D 20 -39.47 37.68 -42.80
C SER D 20 -39.60 38.71 -41.69
N PRO D 21 -38.67 38.69 -40.72
CA PRO D 21 -38.66 39.69 -39.65
C PRO D 21 -38.54 41.12 -40.19
N MET D 22 -38.10 41.22 -41.44
CA MET D 22 -37.91 42.51 -42.09
C MET D 22 -39.22 43.09 -42.60
N CYS D 23 -40.22 42.23 -42.81
CA CYS D 23 -41.49 42.66 -43.41
C CYS D 23 -42.40 43.37 -42.41
N ALA D 24 -43.21 44.29 -42.95
CA ALA D 24 -44.21 45.00 -42.16
C ALA D 24 -45.54 44.97 -42.89
N TRP D 25 -46.61 45.30 -42.18
CA TRP D 25 -47.95 45.30 -42.76
C TRP D 25 -48.66 46.62 -42.52
N CYS D 26 -49.49 47.02 -43.48
CA CYS D 26 -50.27 48.25 -43.37
C CYS D 26 -51.76 47.93 -43.43
N SER D 27 -52.48 48.26 -42.37
CA SER D 27 -53.91 47.99 -42.28
C SER D 27 -54.76 49.23 -42.53
N ASP D 28 -54.10 50.31 -42.98
CA ASP D 28 -54.81 51.56 -43.28
C ASP D 28 -55.75 51.35 -44.45
N GLU D 29 -57.04 51.61 -44.22
CA GLU D 29 -58.06 51.39 -45.24
C GLU D 29 -57.91 52.36 -46.41
N ALA D 30 -57.52 53.60 -46.11
CA ALA D 30 -57.33 54.62 -47.13
C ALA D 30 -55.97 54.47 -47.78
N LEU D 31 -55.77 53.36 -48.49
CA LEU D 31 -54.49 53.07 -49.12
C LEU D 31 -54.64 52.95 -50.63
N PRO D 32 -53.67 53.47 -51.40
CA PRO D 32 -53.70 53.32 -52.86
C PRO D 32 -53.94 51.88 -53.28
N LEU D 33 -54.89 51.67 -54.20
CA LEU D 33 -55.27 50.33 -54.62
C LEU D 33 -54.11 49.57 -55.25
N GLY D 34 -53.19 50.30 -55.86
CA GLY D 34 -52.05 49.69 -56.53
C GLY D 34 -50.86 49.46 -55.63
N SER D 35 -51.01 49.80 -54.34
CA SER D 35 -49.93 49.65 -53.38
C SER D 35 -50.02 48.33 -52.63
N PRO D 36 -48.88 47.64 -52.47
CA PRO D 36 -48.83 46.37 -51.72
C PRO D 36 -48.87 46.61 -50.21
N ARG D 37 -49.61 45.77 -49.50
CA ARG D 37 -49.76 45.93 -48.06
C ARG D 37 -48.61 45.28 -47.29
N CYS D 38 -47.79 44.50 -48.00
CA CYS D 38 -46.66 43.83 -47.36
C CYS D 38 -45.35 44.36 -47.94
N ASP D 39 -44.68 45.22 -47.17
CA ASP D 39 -43.44 45.84 -47.62
C ASP D 39 -42.61 46.31 -46.43
N LEU D 40 -41.46 46.91 -46.69
CA LEU D 40 -40.61 47.45 -45.64
C LEU D 40 -41.30 48.64 -44.98
N LYS D 41 -41.06 48.81 -43.69
CA LYS D 41 -41.70 49.91 -42.94
C LYS D 41 -41.46 51.25 -43.63
N GLU D 42 -40.29 51.39 -44.25
CA GLU D 42 -39.97 52.63 -44.97
C GLU D 42 -40.89 52.78 -46.17
N ASN D 43 -40.83 51.81 -47.08
CA ASN D 43 -41.66 51.84 -48.28
C ASN D 43 -43.12 52.10 -47.97
N LEU D 44 -43.58 51.58 -46.84
CA LEU D 44 -44.98 51.74 -46.44
C LEU D 44 -45.28 53.19 -46.05
N LEU D 45 -44.35 53.81 -45.33
CA LEU D 45 -44.52 55.20 -44.91
C LEU D 45 -44.41 56.14 -46.11
N LYS D 46 -43.73 55.70 -47.17
CA LYS D 46 -43.63 56.48 -48.39
C LYS D 46 -44.98 56.57 -49.08
N ASP D 47 -45.83 55.57 -48.86
CA ASP D 47 -47.16 55.54 -49.45
C ASP D 47 -48.20 56.09 -48.48
N ASN D 48 -47.82 57.09 -47.71
CA ASN D 48 -48.74 57.79 -46.82
C ASN D 48 -49.53 56.83 -45.93
N CYS D 49 -48.89 55.73 -45.54
CA CYS D 49 -49.53 54.77 -44.64
C CYS D 49 -49.47 55.31 -43.21
N ALA D 50 -50.65 55.50 -42.61
CA ALA D 50 -50.73 56.02 -41.26
C ALA D 50 -49.76 55.28 -40.35
N PRO D 51 -48.81 56.01 -39.73
CA PRO D 51 -47.80 55.40 -38.85
C PRO D 51 -48.40 54.49 -37.79
N GLU D 52 -49.54 54.86 -37.23
CA GLU D 52 -50.18 54.09 -36.17
C GLU D 52 -50.98 52.91 -36.73
N SER D 53 -51.11 52.86 -38.06
CA SER D 53 -51.80 51.76 -38.73
C SER D 53 -50.81 50.70 -39.22
N ILE D 54 -49.52 50.95 -39.01
CA ILE D 54 -48.49 50.01 -39.42
C ILE D 54 -48.23 48.97 -38.34
N GLU D 55 -47.96 47.74 -38.77
CA GLU D 55 -47.64 46.66 -37.86
C GLU D 55 -46.23 46.15 -38.13
N PHE D 56 -45.34 46.29 -37.16
CA PHE D 56 -43.95 45.88 -37.33
C PHE D 56 -43.32 45.49 -36.01
N PRO D 57 -43.66 44.29 -35.51
CA PRO D 57 -43.11 43.76 -34.26
C PRO D 57 -41.59 43.68 -34.28
N VAL D 58 -40.95 43.91 -33.14
CA VAL D 58 -39.50 43.83 -33.03
C VAL D 58 -39.11 42.91 -31.89
N SER D 59 -38.18 41.99 -32.17
CA SER D 59 -37.70 41.05 -31.16
C SER D 59 -36.87 41.78 -30.11
N GLU D 60 -37.32 41.73 -28.86
CA GLU D 60 -36.66 42.45 -27.78
C GLU D 60 -36.46 41.55 -26.55
N ALA D 61 -35.29 41.67 -25.94
CA ALA D 61 -35.00 40.94 -24.71
C ALA D 61 -35.06 41.91 -23.52
N ARG D 62 -36.11 41.78 -22.72
CA ARG D 62 -36.33 42.67 -21.59
C ARG D 62 -36.00 41.98 -20.27
N VAL D 63 -35.21 42.64 -19.44
CA VAL D 63 -34.81 42.07 -18.16
C VAL D 63 -35.82 42.44 -17.08
N LEU D 64 -36.28 41.42 -16.35
CA LEU D 64 -37.25 41.63 -15.27
C LEU D 64 -36.55 41.62 -13.92
N GLU D 65 -36.21 40.44 -13.42
CA GLU D 65 -35.50 40.31 -12.16
C GLU D 65 -34.00 40.38 -12.41
N ASP D 66 -33.31 41.23 -11.66
CA ASP D 66 -31.89 41.45 -11.89
C ASP D 66 -31.15 41.84 -10.61
N ARG D 67 -31.04 40.91 -9.67
CA ARG D 67 -30.24 41.12 -8.48
C ARG D 67 -28.76 41.08 -8.84
N PRO D 68 -27.93 41.87 -8.13
CA PRO D 68 -26.48 41.81 -8.35
C PRO D 68 -25.89 40.50 -7.85
N LEU D 69 -24.70 40.16 -8.32
CA LEU D 69 -24.01 38.97 -7.86
C LEU D 69 -23.48 39.18 -6.44
N SER D 70 -23.96 38.38 -5.50
CA SER D 70 -23.52 38.48 -4.11
C SER D 70 -22.01 38.29 -4.03
N ASP D 71 -21.40 38.93 -3.04
CA ASP D 71 -19.96 38.87 -2.86
C ASP D 71 -19.56 37.68 -1.99
N LYS D 72 -20.29 37.49 -0.89
CA LYS D 72 -20.03 36.38 0.03
C LYS D 72 -21.19 35.41 0.04
N GLY D 73 -20.91 34.15 0.35
CA GLY D 73 -21.92 33.11 0.39
C GLY D 73 -22.41 32.81 1.79
N SER D 74 -21.93 33.58 2.76
CA SER D 74 -22.31 33.38 4.16
C SER D 74 -23.60 34.11 4.49
N GLY D 75 -23.97 34.09 5.78
CA GLY D 75 -25.16 34.78 6.23
C GLY D 75 -26.40 33.95 6.05
N ASP D 76 -27.25 34.34 5.09
CA ASP D 76 -28.48 33.63 4.81
C ASP D 76 -28.45 33.09 3.38
N SER D 77 -29.01 31.90 3.18
CA SER D 77 -29.01 31.25 1.88
C SER D 77 -29.97 31.95 0.92
N SER D 78 -31.12 32.38 1.44
CA SER D 78 -32.13 33.04 0.62
C SER D 78 -31.60 34.34 0.00
N GLN D 79 -30.54 34.88 0.57
CA GLN D 79 -29.98 36.14 0.11
C GLN D 79 -28.95 35.93 -1.00
N VAL D 80 -28.41 34.72 -1.10
CA VAL D 80 -27.32 34.44 -2.03
C VAL D 80 -27.79 34.51 -3.49
N THR D 81 -26.93 35.05 -4.35
CA THR D 81 -27.20 35.13 -5.77
C THR D 81 -25.94 34.81 -6.55
N GLN D 82 -25.99 33.73 -7.32
CA GLN D 82 -24.84 33.28 -8.11
C GLN D 82 -25.08 33.50 -9.60
N VAL D 83 -26.30 33.87 -9.96
CA VAL D 83 -26.66 34.07 -11.36
C VAL D 83 -27.24 35.48 -11.56
N SER D 84 -26.98 36.04 -12.74
CA SER D 84 -27.48 37.37 -13.06
C SER D 84 -27.55 37.58 -14.57
N PRO D 85 -28.74 37.94 -15.10
CA PRO D 85 -29.99 38.15 -14.36
C PRO D 85 -30.69 36.84 -14.01
N GLN D 86 -31.81 36.92 -13.29
CA GLN D 86 -32.54 35.73 -12.87
C GLN D 86 -33.75 35.46 -13.75
N ARG D 87 -34.39 36.53 -14.23
CA ARG D 87 -35.56 36.38 -15.09
C ARG D 87 -35.57 37.46 -16.17
N ILE D 88 -35.80 37.04 -17.41
CA ILE D 88 -35.86 37.98 -18.52
C ILE D 88 -36.98 37.59 -19.49
N ALA D 89 -37.72 38.58 -19.96
CA ALA D 89 -38.75 38.35 -20.97
C ALA D 89 -38.11 38.37 -22.35
N LEU D 90 -38.63 37.54 -23.25
CA LEU D 90 -38.08 37.43 -24.59
C LEU D 90 -39.21 37.38 -25.62
N ARG D 91 -39.17 38.28 -26.59
CA ARG D 91 -40.16 38.32 -27.65
C ARG D 91 -39.51 38.01 -29.00
N LEU D 92 -40.05 37.02 -29.69
CA LEU D 92 -39.52 36.64 -31.00
C LEU D 92 -40.65 36.59 -32.03
N ARG D 93 -40.31 36.90 -33.27
CA ARG D 93 -41.26 36.77 -34.37
C ARG D 93 -40.77 35.70 -35.34
N PRO D 94 -41.67 35.17 -36.17
CA PRO D 94 -41.37 34.02 -37.03
C PRO D 94 -40.01 34.11 -37.71
N ASP D 95 -39.19 33.07 -37.53
CA ASP D 95 -37.88 32.98 -38.16
C ASP D 95 -36.99 34.17 -37.81
N ASP D 96 -37.02 34.57 -36.54
CA ASP D 96 -36.18 35.65 -36.06
C ASP D 96 -35.34 35.17 -34.89
N SER D 97 -34.41 36.01 -34.44
CA SER D 97 -33.55 35.65 -33.31
C SER D 97 -33.09 36.88 -32.53
N LYS D 98 -33.10 36.76 -31.20
CA LYS D 98 -32.58 37.81 -30.34
C LYS D 98 -31.56 37.20 -29.39
N ASN D 99 -30.67 38.04 -28.86
CA ASN D 99 -29.62 37.55 -27.97
C ASN D 99 -29.65 38.24 -26.61
N PHE D 100 -29.11 37.56 -25.61
CA PHE D 100 -29.03 38.08 -24.26
C PHE D 100 -27.77 37.55 -23.59
N SER D 101 -27.60 37.85 -22.30
CA SER D 101 -26.40 37.43 -21.59
C SER D 101 -26.70 37.01 -20.15
N ILE D 102 -25.80 36.21 -19.59
CA ILE D 102 -25.92 35.73 -18.23
C ILE D 102 -24.54 35.67 -17.58
N GLN D 103 -24.48 35.98 -16.29
CA GLN D 103 -23.25 35.91 -15.54
C GLN D 103 -23.33 34.88 -14.43
N VAL D 104 -22.24 34.15 -14.22
CA VAL D 104 -22.19 33.12 -13.19
C VAL D 104 -20.96 33.34 -12.32
N ARG D 105 -21.15 33.31 -11.01
CA ARG D 105 -20.05 33.54 -10.07
C ARG D 105 -19.92 32.41 -9.04
N GLN D 106 -18.70 31.92 -8.88
CA GLN D 106 -18.38 31.00 -7.79
C GLN D 106 -18.23 31.82 -6.52
N VAL D 107 -19.36 32.14 -5.89
CA VAL D 107 -19.37 33.02 -4.73
C VAL D 107 -18.48 32.47 -3.62
N GLU D 108 -17.57 33.32 -3.12
CA GLU D 108 -16.65 32.93 -2.06
C GLU D 108 -17.39 32.69 -0.74
N ASP D 109 -16.86 31.77 0.06
CA ASP D 109 -17.41 31.47 1.37
C ASP D 109 -18.84 30.97 1.28
N TYR D 110 -19.05 29.94 0.46
CA TYR D 110 -20.36 29.30 0.34
C TYR D 110 -20.36 28.03 1.19
N PRO D 111 -21.44 27.78 1.93
CA PRO D 111 -21.51 26.61 2.80
C PRO D 111 -21.08 25.32 2.10
N VAL D 112 -20.57 24.36 2.87
CA VAL D 112 -20.06 23.12 2.32
C VAL D 112 -20.34 21.93 3.22
N ASP D 113 -20.87 20.86 2.62
CA ASP D 113 -21.03 19.59 3.32
C ASP D 113 -20.01 18.59 2.77
N ILE D 114 -19.39 17.84 3.68
CA ILE D 114 -18.45 16.81 3.29
C ILE D 114 -18.77 15.51 4.01
N TYR D 115 -19.23 14.50 3.25
CA TYR D 115 -19.50 13.20 3.84
C TYR D 115 -18.36 12.24 3.55
N TYR D 116 -17.74 11.75 4.61
CA TYR D 116 -16.61 10.83 4.49
C TYR D 116 -17.10 9.40 4.39
N LEU D 117 -16.88 8.79 3.23
CA LEU D 117 -17.28 7.40 3.00
C LEU D 117 -16.03 6.53 2.98
N MET D 118 -15.90 5.68 3.99
CA MET D 118 -14.64 4.95 4.19
C MET D 118 -14.77 3.44 4.06
N ASP D 119 -13.88 2.86 3.28
CA ASP D 119 -13.74 1.41 3.22
C ASP D 119 -13.09 0.94 4.51
N LEU D 120 -13.85 0.21 5.33
CA LEU D 120 -13.33 -0.34 6.58
C LEU D 120 -13.09 -1.84 6.45
N SER D 121 -12.57 -2.24 5.30
CA SER D 121 -12.20 -3.62 5.05
C SER D 121 -10.74 -3.79 5.49
N TYR D 122 -10.43 -4.93 6.10
CA TYR D 122 -9.17 -5.13 6.81
C TYR D 122 -7.93 -4.56 6.10
N SER D 123 -7.99 -4.39 4.78
CA SER D 123 -6.85 -3.81 4.07
C SER D 123 -6.71 -2.32 4.34
N MET D 124 -7.51 -1.81 5.29
CA MET D 124 -7.53 -0.39 5.61
C MET D 124 -7.36 -0.16 7.10
N LYS D 125 -6.82 -1.16 7.79
CA LYS D 125 -6.67 -1.10 9.24
C LYS D 125 -5.74 0.04 9.66
N ASP D 126 -4.68 0.25 8.89
CA ASP D 126 -3.72 1.31 9.18
C ASP D 126 -4.26 2.68 8.77
N ASP D 127 -5.21 2.69 7.84
CA ASP D 127 -5.80 3.94 7.35
C ASP D 127 -6.59 4.63 8.45
N LEU D 128 -7.11 3.85 9.40
CA LEU D 128 -7.87 4.40 10.50
C LEU D 128 -6.99 5.22 11.44
N TRP D 129 -5.72 4.87 11.52
CA TRP D 129 -4.77 5.55 12.39
C TRP D 129 -4.33 6.90 11.81
N SER D 130 -4.45 7.03 10.49
CA SER D 130 -4.00 8.24 9.80
C SER D 130 -5.04 9.35 9.86
N ILE D 131 -6.27 9.01 10.24
CA ILE D 131 -7.36 9.98 10.25
C ILE D 131 -8.00 10.10 11.62
N GLN D 132 -7.26 9.74 12.67
CA GLN D 132 -7.78 9.81 14.03
C GLN D 132 -8.16 11.24 14.38
N ASN D 133 -7.50 12.20 13.75
CA ASN D 133 -7.76 13.62 14.02
C ASN D 133 -8.17 14.37 12.75
N LEU D 134 -8.49 13.62 11.70
CA LEU D 134 -8.84 14.21 10.41
C LEU D 134 -9.97 15.22 10.53
N GLY D 135 -10.91 14.96 11.44
CA GLY D 135 -12.06 15.85 11.61
C GLY D 135 -11.66 17.27 11.96
N THR D 136 -10.78 17.41 12.94
CA THR D 136 -10.36 18.73 13.41
C THR D 136 -9.35 19.36 12.46
N LYS D 137 -8.46 18.52 11.93
CA LYS D 137 -7.42 18.98 11.03
C LYS D 137 -8.04 19.45 9.71
N LEU D 138 -8.92 18.63 9.16
CA LEU D 138 -9.62 18.97 7.93
C LEU D 138 -10.48 20.21 8.12
N ALA D 139 -10.93 20.43 9.35
CA ALA D 139 -11.80 21.57 9.66
C ALA D 139 -11.06 22.89 9.54
N THR D 140 -9.94 23.03 10.24
CA THR D 140 -9.21 24.28 10.31
C THR D 140 -8.78 24.78 8.92
N GLN D 141 -8.52 23.84 8.01
CA GLN D 141 -8.08 24.20 6.66
C GLN D 141 -9.26 24.60 5.78
N MET D 142 -10.44 24.05 6.06
CA MET D 142 -11.64 24.41 5.33
C MET D 142 -12.23 25.69 5.89
N ARG D 143 -12.01 25.93 7.19
CA ARG D 143 -12.46 27.15 7.84
C ARG D 143 -12.00 28.38 7.06
N LYS D 144 -10.87 28.23 6.37
CA LYS D 144 -10.29 29.32 5.60
C LYS D 144 -11.01 29.50 4.26
N LEU D 145 -11.57 28.41 3.74
CA LEU D 145 -12.31 28.44 2.48
C LEU D 145 -13.76 28.87 2.68
N THR D 146 -14.38 28.36 3.75
CA THR D 146 -15.79 28.65 4.01
C THR D 146 -16.06 28.81 5.50
N SER D 147 -17.13 29.52 5.82
CA SER D 147 -17.56 29.70 7.20
C SER D 147 -18.45 28.53 7.61
N ASN D 148 -19.45 28.27 6.80
CA ASN D 148 -20.37 27.16 7.06
C ASN D 148 -19.80 25.83 6.56
N LEU D 149 -19.41 24.98 7.51
CA LEU D 149 -18.84 23.68 7.16
C LEU D 149 -19.47 22.58 8.01
N ARG D 150 -19.78 21.46 7.36
CA ARG D 150 -20.28 20.29 8.07
C ARG D 150 -19.57 19.05 7.55
N ILE D 151 -19.30 18.11 8.45
CA ILE D 151 -18.67 16.86 8.08
C ILE D 151 -19.40 15.68 8.71
N GLY D 152 -19.57 14.62 7.92
CA GLY D 152 -20.22 13.41 8.38
C GLY D 152 -19.36 12.21 8.04
N PHE D 153 -19.69 11.07 8.64
CA PHE D 153 -18.88 9.87 8.46
C PHE D 153 -19.75 8.64 8.23
N GLY D 154 -19.28 7.76 7.35
CA GLY D 154 -19.94 6.51 7.07
C GLY D 154 -18.93 5.49 6.61
N ALA D 155 -19.20 4.21 6.88
CA ALA D 155 -18.26 3.15 6.54
C ALA D 155 -18.95 2.03 5.78
N PHE D 156 -18.16 1.24 5.07
CA PHE D 156 -18.68 0.12 4.29
C PHE D 156 -17.62 -0.95 4.08
N VAL D 157 -18.07 -2.16 3.80
CA VAL D 157 -17.18 -3.26 3.46
C VAL D 157 -17.70 -3.97 2.21
N ASP D 158 -18.68 -4.84 2.42
CA ASP D 158 -19.26 -5.62 1.33
C ASP D 158 -20.54 -6.26 1.85
N LYS D 159 -21.31 -6.87 0.95
CA LYS D 159 -22.55 -7.52 1.33
C LYS D 159 -22.29 -8.65 2.33
N PRO D 160 -22.90 -8.57 3.52
CA PRO D 160 -22.69 -9.58 4.57
C PRO D 160 -23.37 -10.90 4.24
N VAL D 161 -22.86 -11.58 3.21
CA VAL D 161 -23.44 -12.83 2.74
C VAL D 161 -22.39 -13.61 1.96
N SER D 162 -22.43 -14.93 2.08
CA SER D 162 -21.52 -15.79 1.32
C SER D 162 -21.71 -15.56 -0.17
N PRO D 163 -20.62 -15.60 -0.94
CA PRO D 163 -19.25 -15.89 -0.53
C PRO D 163 -18.42 -14.67 -0.16
N TYR D 164 -19.07 -13.52 0.03
CA TYR D 164 -18.34 -12.33 0.42
C TYR D 164 -17.99 -12.37 1.90
N MET D 165 -18.81 -13.06 2.68
CA MET D 165 -18.68 -13.10 4.12
C MET D 165 -18.31 -14.49 4.60
N TYR D 166 -17.24 -14.58 5.40
CA TYR D 166 -16.86 -15.84 6.03
C TYR D 166 -18.01 -16.32 6.91
N ILE D 167 -18.51 -17.53 6.63
CA ILE D 167 -19.67 -18.04 7.35
C ILE D 167 -19.33 -19.17 8.33
N SER D 168 -18.05 -19.55 8.38
CA SER D 168 -17.61 -20.57 9.32
C SER D 168 -16.19 -20.28 9.78
N PRO D 169 -15.85 -20.69 11.01
CA PRO D 169 -16.75 -21.36 11.96
C PRO D 169 -17.79 -20.40 12.54
N PRO D 170 -18.63 -20.87 13.46
CA PRO D 170 -19.65 -20.03 14.10
C PRO D 170 -19.05 -18.76 14.70
N GLU D 171 -17.79 -18.84 15.10
CA GLU D 171 -17.10 -17.69 15.69
C GLU D 171 -16.77 -16.65 14.62
N ALA D 172 -16.57 -17.11 13.39
CA ALA D 172 -16.24 -16.20 12.28
C ALA D 172 -17.36 -15.19 12.03
N LEU D 173 -18.57 -15.48 12.48
CA LEU D 173 -19.69 -14.56 12.33
C LEU D 173 -19.65 -13.48 13.41
N GLU D 174 -19.22 -13.87 14.61
CA GLU D 174 -19.11 -12.93 15.72
C GLU D 174 -17.83 -12.12 15.59
N ASN D 175 -16.81 -12.73 14.99
CA ASN D 175 -15.50 -12.12 14.88
C ASN D 175 -14.75 -12.66 13.67
N PRO D 176 -14.89 -11.98 12.52
CA PRO D 176 -14.24 -12.39 11.26
C PRO D 176 -12.73 -12.56 11.41
N CYS D 177 -12.16 -12.03 12.48
CA CYS D 177 -10.73 -12.19 12.74
C CYS D 177 -10.50 -13.31 13.75
N TYR D 178 -11.15 -14.45 13.53
CA TYR D 178 -11.00 -15.59 14.42
C TYR D 178 -9.73 -16.37 14.08
N ASP D 179 -9.60 -16.79 12.84
CA ASP D 179 -8.40 -17.48 12.38
C ASP D 179 -7.18 -16.60 12.66
N MET D 180 -7.39 -15.29 12.62
CA MET D 180 -6.34 -14.35 12.99
C MET D 180 -6.32 -14.24 14.51
N LYS D 181 -5.19 -13.80 15.05
CA LYS D 181 -5.05 -13.69 16.50
C LYS D 181 -5.40 -12.28 16.97
N THR D 182 -6.48 -11.73 16.41
CA THR D 182 -6.97 -10.42 16.82
C THR D 182 -8.50 -10.43 16.82
N THR D 183 -9.11 -9.24 16.87
CA THR D 183 -10.56 -9.13 16.91
C THR D 183 -11.06 -7.92 16.12
N CYS D 184 -12.09 -8.15 15.33
CA CYS D 184 -12.72 -7.09 14.56
C CYS D 184 -14.24 -7.22 14.61
N LEU D 185 -14.93 -6.23 14.07
CA LEU D 185 -16.39 -6.21 14.11
C LEU D 185 -16.96 -7.23 13.12
N PRO D 186 -18.17 -7.73 13.42
CA PRO D 186 -18.88 -8.56 12.44
C PRO D 186 -19.04 -7.78 11.13
N MET D 187 -19.17 -8.49 10.02
CA MET D 187 -19.24 -7.85 8.71
C MET D 187 -20.50 -7.00 8.58
N PHE D 188 -20.38 -5.93 7.81
CA PHE D 188 -21.49 -5.02 7.57
C PHE D 188 -21.40 -4.44 6.16
N GLY D 189 -22.55 -4.27 5.52
CA GLY D 189 -22.59 -3.71 4.18
C GLY D 189 -22.27 -2.23 4.20
N TYR D 190 -23.13 -1.46 4.84
CA TYR D 190 -22.93 -0.02 4.98
C TYR D 190 -23.65 0.50 6.21
N LYS D 191 -22.93 1.22 7.06
CA LYS D 191 -23.52 1.82 8.24
C LYS D 191 -23.27 3.32 8.28
N HIS D 192 -24.35 4.08 8.42
CA HIS D 192 -24.25 5.52 8.63
C HIS D 192 -23.79 5.77 10.06
N VAL D 193 -22.65 6.43 10.20
CA VAL D 193 -22.09 6.69 11.52
C VAL D 193 -22.47 8.08 12.02
N LEU D 194 -21.88 9.11 11.43
CA LEU D 194 -22.09 10.48 11.88
C LEU D 194 -22.77 11.35 10.84
N THR D 195 -23.87 11.98 11.24
CA THR D 195 -24.58 12.92 10.38
C THR D 195 -23.77 14.19 10.17
N LEU D 196 -23.89 14.78 8.99
CA LEU D 196 -23.23 16.05 8.71
C LEU D 196 -23.48 17.01 9.86
N THR D 197 -22.40 17.42 10.52
CA THR D 197 -22.49 18.32 11.66
C THR D 197 -21.39 19.37 11.60
N ASP D 198 -21.64 20.51 12.24
CA ASP D 198 -20.63 21.57 12.32
C ASP D 198 -19.70 21.37 13.50
N GLN D 199 -20.04 20.42 14.37
CA GLN D 199 -19.20 20.10 15.52
C GLN D 199 -18.15 19.07 15.11
N VAL D 200 -17.04 19.56 14.55
CA VAL D 200 -16.02 18.69 13.99
C VAL D 200 -15.38 17.79 15.04
N THR D 201 -15.56 18.15 16.32
CA THR D 201 -15.07 17.32 17.41
C THR D 201 -15.80 15.98 17.42
N ARG D 202 -17.12 16.04 17.23
CA ARG D 202 -17.94 14.85 17.21
C ARG D 202 -17.42 13.87 16.16
N PHE D 203 -16.79 14.40 15.12
CA PHE D 203 -16.19 13.59 14.07
C PHE D 203 -15.05 12.76 14.63
N ASN D 204 -14.11 13.43 15.31
CA ASN D 204 -12.97 12.76 15.92
C ASN D 204 -13.41 11.74 16.97
N GLU D 205 -14.47 12.06 17.70
CA GLU D 205 -14.99 11.17 18.73
C GLU D 205 -15.46 9.85 18.14
N GLU D 206 -16.26 9.94 17.07
CA GLU D 206 -16.84 8.76 16.45
C GLU D 206 -15.81 7.94 15.69
N VAL D 207 -14.90 8.62 15.01
CA VAL D 207 -13.86 7.95 14.24
C VAL D 207 -12.98 7.07 15.13
N LYS D 208 -12.78 7.50 16.37
CA LYS D 208 -11.96 6.76 17.32
C LYS D 208 -12.65 5.48 17.80
N LYS D 209 -13.97 5.43 17.63
CA LYS D 209 -14.73 4.24 18.00
C LYS D 209 -15.01 3.38 16.77
N GLN D 210 -14.09 3.40 15.81
CA GLN D 210 -14.25 2.65 14.57
C GLN D 210 -13.14 1.62 14.41
N SER D 211 -13.52 0.43 13.93
CA SER D 211 -12.56 -0.63 13.66
C SER D 211 -12.94 -1.35 12.38
N VAL D 212 -11.93 -1.76 11.62
CA VAL D 212 -12.15 -2.48 10.36
C VAL D 212 -12.75 -3.86 10.62
N SER D 213 -13.37 -4.42 9.59
CA SER D 213 -13.81 -5.80 9.63
C SER D 213 -13.03 -6.59 8.59
N ARG D 214 -13.57 -7.73 8.17
CA ARG D 214 -12.85 -8.57 7.23
C ARG D 214 -13.81 -9.34 6.31
N ASN D 215 -13.48 -9.36 5.03
CA ASN D 215 -14.26 -10.11 4.04
C ASN D 215 -13.32 -10.92 3.14
N ARG D 216 -13.89 -11.58 2.14
CA ARG D 216 -13.13 -12.55 1.36
C ARG D 216 -12.63 -12.01 0.02
N ASP D 217 -13.55 -11.63 -0.86
CA ASP D 217 -13.18 -11.24 -2.21
C ASP D 217 -12.60 -9.82 -2.29
N ALA D 218 -11.67 -9.63 -3.22
CA ALA D 218 -10.94 -8.36 -3.34
C ALA D 218 -11.85 -7.15 -3.57
N PRO D 219 -12.74 -7.23 -4.57
CA PRO D 219 -13.62 -6.07 -4.82
C PRO D 219 -14.58 -5.84 -3.65
N GLU D 220 -14.90 -4.58 -3.38
CA GLU D 220 -15.76 -4.25 -2.25
C GLU D 220 -17.05 -3.59 -2.70
N GLY D 221 -18.05 -3.61 -1.82
CA GLY D 221 -19.36 -3.07 -2.14
C GLY D 221 -19.49 -1.61 -1.75
N GLY D 222 -18.65 -0.77 -2.33
CA GLY D 222 -18.66 0.65 -2.02
C GLY D 222 -19.76 1.42 -2.72
N PHE D 223 -20.18 0.93 -3.88
CA PHE D 223 -21.22 1.61 -4.65
C PHE D 223 -22.58 1.53 -3.94
N ASP D 224 -22.81 0.44 -3.22
CA ASP D 224 -24.01 0.35 -2.39
C ASP D 224 -24.05 1.51 -1.40
N ALA D 225 -22.88 1.84 -0.86
CA ALA D 225 -22.77 2.90 0.13
C ALA D 225 -22.97 4.28 -0.50
N ILE D 226 -22.30 4.52 -1.63
CA ILE D 226 -22.44 5.78 -2.35
C ILE D 226 -23.92 6.04 -2.67
N MET D 227 -24.63 4.99 -3.06
CA MET D 227 -26.03 5.11 -3.42
C MET D 227 -26.87 5.55 -2.22
N GLN D 228 -26.66 4.90 -1.07
CA GLN D 228 -27.44 5.21 0.12
C GLN D 228 -27.07 6.57 0.70
N ALA D 229 -25.79 6.91 0.63
CA ALA D 229 -25.33 8.21 1.12
C ALA D 229 -25.93 9.34 0.28
N THR D 230 -26.38 9.00 -0.92
CA THR D 230 -26.92 9.99 -1.84
C THR D 230 -28.43 10.17 -1.64
N VAL D 231 -29.15 9.05 -1.51
CA VAL D 231 -30.61 9.09 -1.48
C VAL D 231 -31.19 9.15 -0.06
N CYS D 232 -30.32 9.15 0.94
CA CYS D 232 -30.77 9.27 2.33
C CYS D 232 -30.56 10.70 2.83
N ASP D 233 -31.45 11.59 2.40
CA ASP D 233 -31.31 13.02 2.67
C ASP D 233 -31.33 13.34 4.15
N GLU D 234 -32.35 12.86 4.86
CA GLU D 234 -32.49 13.15 6.28
C GLU D 234 -31.31 12.58 7.09
N LYS D 235 -31.15 11.26 7.02
CA LYS D 235 -30.06 10.60 7.74
C LYS D 235 -28.74 11.31 7.53
N ILE D 236 -28.28 11.36 6.28
CA ILE D 236 -26.99 11.97 5.96
C ILE D 236 -27.00 13.44 6.36
N GLY D 237 -28.11 14.11 6.06
CA GLY D 237 -28.31 15.49 6.49
C GLY D 237 -27.75 16.52 5.54
N TRP D 238 -27.81 16.25 4.25
CA TRP D 238 -27.38 17.21 3.25
C TRP D 238 -28.21 18.49 3.37
N ARG D 239 -27.56 19.64 3.22
CA ARG D 239 -28.26 20.91 3.32
C ARG D 239 -28.77 21.37 1.96
N ASN D 240 -29.91 22.06 1.97
CA ASN D 240 -30.52 22.55 0.74
C ASN D 240 -29.64 23.55 0.01
N ASP D 241 -28.92 24.36 0.77
CA ASP D 241 -28.08 25.40 0.19
C ASP D 241 -26.63 25.22 0.62
N ALA D 242 -25.94 24.30 -0.06
CA ALA D 242 -24.55 24.02 0.25
C ALA D 242 -23.93 23.16 -0.85
N SER D 243 -22.59 23.14 -0.90
CA SER D 243 -21.88 22.28 -1.84
C SER D 243 -21.67 20.92 -1.19
N HIS D 244 -22.14 19.88 -1.87
CA HIS D 244 -22.14 18.53 -1.30
C HIS D 244 -20.98 17.71 -1.85
N LEU D 245 -20.02 17.39 -0.98
CA LEU D 245 -18.88 16.57 -1.36
C LEU D 245 -19.03 15.17 -0.77
N LEU D 246 -18.81 14.16 -1.60
CA LEU D 246 -18.83 12.78 -1.15
C LEU D 246 -17.44 12.18 -1.32
N VAL D 247 -16.76 11.94 -0.20
CA VAL D 247 -15.42 11.40 -0.23
C VAL D 247 -15.47 9.87 -0.19
N PHE D 248 -15.08 9.24 -1.30
CA PHE D 248 -15.07 7.79 -1.41
C PHE D 248 -13.65 7.27 -1.33
N THR D 249 -13.31 6.60 -0.23
CA THR D 249 -11.97 6.12 0.00
C THR D 249 -11.90 4.59 0.02
N THR D 250 -11.03 4.03 -0.80
CA THR D 250 -10.85 2.59 -0.88
C THR D 250 -9.54 2.26 -1.58
N ASP D 251 -8.94 1.12 -1.22
CA ASP D 251 -7.69 0.69 -1.81
C ASP D 251 -7.90 -0.57 -2.63
N ALA D 252 -9.09 -0.73 -3.19
CA ALA D 252 -9.43 -1.93 -3.96
C ALA D 252 -10.52 -1.64 -4.99
N LYS D 253 -10.55 -2.46 -6.04
CA LYS D 253 -11.58 -2.36 -7.07
C LYS D 253 -12.97 -2.49 -6.44
N THR D 254 -14.01 -2.21 -7.22
CA THR D 254 -15.36 -2.14 -6.69
C THR D 254 -16.32 -3.08 -7.40
N HIS D 255 -17.36 -3.50 -6.68
CA HIS D 255 -18.41 -4.33 -7.27
C HIS D 255 -19.34 -3.45 -8.09
N ILE D 256 -19.95 -4.05 -9.10
CA ILE D 256 -20.86 -3.34 -9.99
C ILE D 256 -22.13 -4.16 -10.21
N ALA D 257 -23.16 -3.50 -10.75
CA ALA D 257 -24.43 -4.17 -11.00
C ALA D 257 -24.21 -5.53 -11.65
N LEU D 258 -25.05 -6.49 -11.28
CA LEU D 258 -25.00 -7.85 -11.83
C LEU D 258 -23.96 -8.73 -11.13
N ASP D 259 -23.14 -8.13 -10.28
CA ASP D 259 -22.18 -8.90 -9.47
C ASP D 259 -22.91 -9.62 -8.34
N GLY D 260 -24.02 -9.03 -7.90
CA GLY D 260 -24.79 -9.60 -6.81
C GLY D 260 -25.24 -11.02 -7.06
N ARG D 261 -25.21 -11.45 -8.32
CA ARG D 261 -25.69 -12.79 -8.66
C ARG D 261 -24.81 -13.89 -8.07
N LEU D 262 -23.57 -13.57 -7.74
CA LEU D 262 -22.69 -14.55 -7.11
C LEU D 262 -23.13 -14.86 -5.68
N ALA D 263 -23.95 -13.98 -5.11
CA ALA D 263 -24.50 -14.22 -3.78
C ALA D 263 -25.98 -14.57 -3.87
N GLY D 264 -26.44 -14.88 -5.08
CA GLY D 264 -27.82 -15.25 -5.30
C GLY D 264 -28.76 -14.06 -5.35
N ILE D 265 -28.19 -12.87 -5.44
CA ILE D 265 -28.98 -11.65 -5.50
C ILE D 265 -29.16 -11.21 -6.95
N VAL D 266 -30.41 -11.10 -7.39
CA VAL D 266 -30.71 -10.75 -8.78
C VAL D 266 -31.59 -9.51 -8.91
N GLN D 267 -32.20 -9.08 -7.81
CA GLN D 267 -33.07 -7.91 -7.87
C GLN D 267 -32.27 -6.64 -8.12
N PRO D 268 -32.63 -5.88 -9.16
CA PRO D 268 -31.94 -4.63 -9.46
C PRO D 268 -32.04 -3.61 -8.33
N ASN D 269 -31.02 -2.78 -8.18
CA ASN D 269 -31.05 -1.71 -7.18
C ASN D 269 -32.20 -0.77 -7.50
N ASP D 270 -33.01 -0.46 -6.49
CA ASP D 270 -34.22 0.34 -6.69
C ASP D 270 -33.97 1.84 -6.51
N GLY D 271 -32.74 2.20 -6.15
CA GLY D 271 -32.37 3.60 -6.02
C GLY D 271 -33.06 4.34 -4.89
N GLN D 272 -33.66 3.59 -3.96
CA GLN D 272 -34.36 4.20 -2.83
C GLN D 272 -33.54 4.02 -1.55
N CYS D 273 -33.88 4.78 -0.52
CA CYS D 273 -33.19 4.71 0.76
C CYS D 273 -33.68 3.53 1.59
N HIS D 274 -32.74 2.78 2.17
CA HIS D 274 -33.08 1.63 2.98
C HIS D 274 -32.24 1.59 4.25
N VAL D 275 -32.05 2.75 4.87
CA VAL D 275 -31.29 2.85 6.12
C VAL D 275 -32.21 3.30 7.25
N GLY D 276 -32.60 2.36 8.10
CA GLY D 276 -33.52 2.65 9.19
C GLY D 276 -32.84 3.21 10.42
N SER D 277 -33.53 3.13 11.56
CA SER D 277 -33.01 3.63 12.82
C SER D 277 -31.66 2.99 13.16
N ASP D 278 -31.53 1.70 12.84
CA ASP D 278 -30.31 0.96 13.14
C ASP D 278 -29.08 1.52 12.42
N ASN D 279 -29.30 2.46 11.49
CA ASN D 279 -28.21 3.11 10.78
C ASN D 279 -27.42 2.19 9.85
N HIS D 280 -27.94 0.99 9.63
CA HIS D 280 -27.33 0.06 8.67
C HIS D 280 -28.20 -0.04 7.41
N TYR D 281 -27.56 -0.37 6.29
CA TYR D 281 -28.26 -0.58 5.03
C TYR D 281 -28.85 -1.99 5.00
N SER D 282 -30.17 -2.07 5.04
CA SER D 282 -30.85 -3.35 5.25
C SER D 282 -31.00 -4.20 3.98
N ALA D 283 -31.06 -3.54 2.83
CA ALA D 283 -31.27 -4.25 1.56
C ALA D 283 -29.95 -4.81 1.03
N SER D 284 -28.88 -4.67 1.80
CA SER D 284 -27.56 -5.12 1.37
C SER D 284 -27.57 -6.55 0.87
N THR D 285 -28.35 -7.41 1.52
CA THR D 285 -28.33 -8.84 1.22
C THR D 285 -29.50 -9.28 0.35
N THR D 286 -30.36 -8.34 -0.04
CA THR D 286 -31.55 -8.67 -0.80
C THR D 286 -31.66 -7.87 -2.11
N MET D 287 -30.67 -7.06 -2.39
CA MET D 287 -30.71 -6.17 -3.55
C MET D 287 -29.31 -6.03 -4.17
N ASP D 288 -29.28 -5.92 -5.49
CA ASP D 288 -28.03 -5.93 -6.23
C ASP D 288 -27.31 -4.59 -6.14
N TYR D 289 -26.04 -4.58 -6.55
CA TYR D 289 -25.27 -3.33 -6.60
C TYR D 289 -25.87 -2.41 -7.65
N PRO D 290 -25.82 -1.09 -7.39
CA PRO D 290 -26.35 -0.13 -8.36
C PRO D 290 -25.45 -0.03 -9.58
N SER D 291 -26.05 0.25 -10.74
CA SER D 291 -25.28 0.43 -11.96
C SER D 291 -24.73 1.85 -12.02
N LEU D 292 -23.74 2.07 -12.88
CA LEU D 292 -23.15 3.40 -13.05
C LEU D 292 -24.23 4.40 -13.46
N GLY D 293 -25.14 3.97 -14.33
CA GLY D 293 -26.23 4.82 -14.78
C GLY D 293 -27.10 5.29 -13.63
N LEU D 294 -27.56 4.34 -12.83
CA LEU D 294 -28.42 4.67 -11.69
C LEU D 294 -27.70 5.61 -10.73
N MET D 295 -26.42 5.35 -10.48
CA MET D 295 -25.63 6.20 -9.61
C MET D 295 -25.54 7.62 -10.15
N THR D 296 -25.31 7.74 -11.46
CA THR D 296 -25.20 9.04 -12.09
C THR D 296 -26.50 9.82 -11.91
N GLU D 297 -27.62 9.13 -12.13
CA GLU D 297 -28.93 9.76 -11.98
C GLU D 297 -29.10 10.36 -10.59
N LYS D 298 -28.88 9.56 -9.56
CA LYS D 298 -29.12 10.00 -8.20
C LYS D 298 -28.15 11.09 -7.75
N LEU D 299 -26.88 10.93 -8.10
CA LEU D 299 -25.88 11.95 -7.79
C LEU D 299 -26.30 13.29 -8.38
N SER D 300 -26.81 13.26 -9.61
CA SER D 300 -27.27 14.47 -10.26
C SER D 300 -28.49 15.06 -9.57
N GLN D 301 -29.45 14.20 -9.25
CA GLN D 301 -30.70 14.64 -8.64
C GLN D 301 -30.47 15.30 -7.28
N LYS D 302 -29.47 14.83 -6.56
CA LYS D 302 -29.20 15.31 -5.22
C LYS D 302 -28.02 16.30 -5.20
N ASN D 303 -27.52 16.65 -6.38
CA ASN D 303 -26.33 17.48 -6.49
C ASN D 303 -25.22 17.04 -5.54
N ILE D 304 -24.65 15.87 -5.83
CA ILE D 304 -23.59 15.32 -5.03
C ILE D 304 -22.33 15.22 -5.87
N ASN D 305 -21.23 15.76 -5.36
CA ASN D 305 -19.95 15.66 -6.03
C ASN D 305 -19.15 14.48 -5.51
N LEU D 306 -19.16 13.39 -6.27
CA LEU D 306 -18.47 12.18 -5.87
C LEU D 306 -16.97 12.30 -6.13
N ILE D 307 -16.18 12.09 -5.07
CA ILE D 307 -14.73 12.17 -5.16
C ILE D 307 -14.12 10.80 -4.90
N PHE D 308 -13.53 10.21 -5.94
CA PHE D 308 -12.86 8.93 -5.81
C PHE D 308 -11.46 9.09 -5.25
N ALA D 309 -11.32 8.90 -3.94
CA ALA D 309 -10.02 8.96 -3.29
C ALA D 309 -9.44 7.56 -3.19
N VAL D 310 -8.82 7.09 -4.27
CA VAL D 310 -8.31 5.73 -4.34
C VAL D 310 -6.79 5.69 -4.44
N THR D 311 -6.21 4.52 -4.22
CA THR D 311 -4.75 4.37 -4.20
C THR D 311 -4.19 3.98 -5.57
N GLU D 312 -2.89 4.18 -5.74
CA GLU D 312 -2.21 4.00 -7.02
C GLU D 312 -2.70 2.82 -7.84
N ASN D 313 -2.70 1.63 -7.22
CA ASN D 313 -3.00 0.40 -7.95
C ASN D 313 -4.33 0.40 -8.69
N VAL D 314 -5.24 1.31 -8.30
CA VAL D 314 -6.57 1.34 -8.89
C VAL D 314 -6.96 2.72 -9.42
N VAL D 315 -6.02 3.66 -9.44
CA VAL D 315 -6.31 5.01 -9.91
C VAL D 315 -6.85 5.00 -11.33
N ASN D 316 -6.26 4.17 -12.19
CA ASN D 316 -6.73 4.07 -13.57
C ASN D 316 -8.12 3.47 -13.67
N LEU D 317 -8.45 2.60 -12.73
CA LEU D 317 -9.77 1.97 -12.69
C LEU D 317 -10.85 3.03 -12.51
N TYR D 318 -10.66 3.89 -11.51
CA TYR D 318 -11.65 4.90 -11.18
C TYR D 318 -11.55 6.15 -12.06
N GLN D 319 -10.37 6.37 -12.63
CA GLN D 319 -10.21 7.47 -13.58
C GLN D 319 -11.01 7.16 -14.84
N ASN D 320 -11.12 5.87 -15.17
CA ASN D 320 -11.91 5.46 -16.32
C ASN D 320 -13.40 5.47 -15.98
N TYR D 321 -13.75 5.08 -14.76
CA TYR D 321 -15.13 5.18 -14.30
C TYR D 321 -15.55 6.65 -14.27
N SER D 322 -14.63 7.51 -13.85
CA SER D 322 -14.90 8.93 -13.74
C SER D 322 -15.44 9.50 -15.04
N GLU D 323 -14.99 8.96 -16.17
CA GLU D 323 -15.39 9.44 -17.46
C GLU D 323 -16.80 8.96 -17.83
N LEU D 324 -17.32 8.01 -17.04
CA LEU D 324 -18.67 7.50 -17.23
C LEU D 324 -19.66 8.22 -16.32
N ILE D 325 -19.17 8.67 -15.16
CA ILE D 325 -19.99 9.45 -14.24
C ILE D 325 -19.51 10.89 -14.23
N PRO D 326 -19.90 11.67 -15.25
CA PRO D 326 -19.45 13.06 -15.37
C PRO D 326 -19.67 13.87 -14.10
N GLY D 327 -18.70 14.70 -13.74
CA GLY D 327 -18.82 15.55 -12.57
C GLY D 327 -18.15 14.96 -11.35
N THR D 328 -17.33 13.93 -11.55
CA THR D 328 -16.67 13.26 -10.44
C THR D 328 -15.16 13.44 -10.53
N THR D 329 -14.52 13.60 -9.38
CA THR D 329 -13.08 13.83 -9.31
C THR D 329 -12.35 12.57 -8.86
N VAL D 330 -11.15 12.37 -9.38
CA VAL D 330 -10.31 11.26 -8.96
C VAL D 330 -8.98 11.80 -8.41
N GLY D 331 -8.69 11.46 -7.17
CA GLY D 331 -7.46 11.88 -6.52
C GLY D 331 -6.70 10.69 -5.97
N VAL D 332 -5.37 10.78 -6.00
CA VAL D 332 -4.53 9.68 -5.57
C VAL D 332 -4.40 9.65 -4.05
N LEU D 333 -4.59 8.46 -3.48
CA LEU D 333 -4.53 8.29 -2.04
C LEU D 333 -3.37 7.37 -1.67
N SER D 334 -2.69 7.69 -0.57
CA SER D 334 -1.61 6.84 -0.08
C SER D 334 -2.21 5.56 0.49
N MET D 335 -1.39 4.53 0.66
CA MET D 335 -1.87 3.26 1.18
C MET D 335 -2.04 3.32 2.71
N ASP D 336 -1.96 4.51 3.27
CA ASP D 336 -2.26 4.73 4.68
C ASP D 336 -3.27 5.86 4.88
N SER D 337 -3.72 6.46 3.78
CA SER D 337 -4.69 7.55 3.82
C SER D 337 -4.16 8.73 4.61
N SER D 338 -2.90 9.08 4.40
CA SER D 338 -2.27 10.17 5.14
C SER D 338 -2.45 11.51 4.41
N ASN D 339 -2.52 11.46 3.08
CA ASN D 339 -2.63 12.67 2.28
C ASN D 339 -4.08 13.02 1.98
N VAL D 340 -5.01 12.35 2.66
CA VAL D 340 -6.43 12.50 2.37
C VAL D 340 -6.89 13.96 2.44
N LEU D 341 -6.39 14.70 3.43
CA LEU D 341 -6.80 16.09 3.62
C LEU D 341 -6.50 16.90 2.36
N GLN D 342 -5.26 16.84 1.89
CA GLN D 342 -4.87 17.52 0.67
C GLN D 342 -5.68 17.01 -0.52
N LEU D 343 -6.02 15.73 -0.48
CA LEU D 343 -6.79 15.11 -1.56
C LEU D 343 -8.16 15.79 -1.68
N ILE D 344 -8.78 16.05 -0.52
CA ILE D 344 -10.10 16.68 -0.47
C ILE D 344 -10.05 18.12 -0.94
N VAL D 345 -9.13 18.90 -0.35
CA VAL D 345 -9.01 20.31 -0.66
C VAL D 345 -8.73 20.53 -2.15
N ASP D 346 -7.73 19.82 -2.66
CA ASP D 346 -7.36 19.92 -4.07
C ASP D 346 -8.53 19.50 -4.97
N ALA D 347 -9.21 18.44 -4.58
CA ALA D 347 -10.36 17.95 -5.34
C ALA D 347 -11.49 18.98 -5.32
N TYR D 348 -11.67 19.64 -4.17
CA TYR D 348 -12.72 20.64 -4.03
C TYR D 348 -12.46 21.83 -4.95
N GLY D 349 -11.21 22.23 -5.05
CA GLY D 349 -10.83 23.32 -5.94
C GLY D 349 -11.17 22.99 -7.38
N LYS D 350 -10.80 21.78 -7.80
CA LYS D 350 -11.09 21.32 -9.15
C LYS D 350 -12.60 21.22 -9.38
N ILE D 351 -13.34 20.92 -8.33
CA ILE D 351 -14.80 20.84 -8.41
C ILE D 351 -15.42 22.21 -8.68
N ARG D 352 -14.84 23.24 -8.07
CA ARG D 352 -15.35 24.60 -8.25
C ARG D 352 -14.47 25.41 -9.19
N SER D 353 -13.87 24.71 -10.16
CA SER D 353 -13.10 25.36 -11.21
C SER D 353 -13.83 25.23 -12.54
N LYS D 354 -15.08 24.80 -12.47
CA LYS D 354 -15.88 24.58 -13.68
C LYS D 354 -17.23 25.28 -13.58
N VAL D 355 -17.64 25.91 -14.67
CA VAL D 355 -18.96 26.49 -14.77
C VAL D 355 -19.58 26.08 -16.10
N GLU D 356 -20.37 25.01 -16.06
CA GLU D 356 -21.00 24.47 -17.26
C GLU D 356 -22.49 24.77 -17.26
N LEU D 357 -23.02 25.18 -18.42
CA LEU D 357 -24.42 25.54 -18.54
C LEU D 357 -25.26 24.38 -19.08
N GLU D 358 -26.50 24.29 -18.60
CA GLU D 358 -27.45 23.33 -19.10
C GLU D 358 -28.81 24.01 -19.26
N VAL D 359 -29.51 23.68 -20.33
CA VAL D 359 -30.80 24.29 -20.62
C VAL D 359 -31.93 23.29 -20.40
N ARG D 360 -32.95 23.70 -19.65
CA ARG D 360 -34.06 22.84 -19.32
C ARG D 360 -35.38 23.35 -19.90
N ASP D 361 -36.12 22.46 -20.54
CA ASP D 361 -37.45 22.77 -21.06
C ASP D 361 -37.40 23.69 -22.28
N LEU D 362 -36.39 23.49 -23.13
CA LEU D 362 -36.26 24.30 -24.34
C LEU D 362 -37.24 23.82 -25.40
N PRO D 363 -38.14 24.72 -25.85
CA PRO D 363 -39.12 24.39 -26.90
C PRO D 363 -38.47 23.83 -28.16
N GLU D 364 -39.17 22.91 -28.83
CA GLU D 364 -38.66 22.28 -30.04
C GLU D 364 -38.23 23.31 -31.09
N GLU D 365 -38.98 24.40 -31.18
CA GLU D 365 -38.76 25.38 -32.25
C GLU D 365 -37.60 26.32 -31.93
N LEU D 366 -37.21 26.40 -30.67
CA LEU D 366 -36.08 27.25 -30.29
C LEU D 366 -34.76 26.49 -30.37
N SER D 367 -33.70 27.24 -30.66
CA SER D 367 -32.35 26.68 -30.72
C SER D 367 -31.36 27.74 -30.26
N LEU D 368 -30.44 27.35 -29.38
CA LEU D 368 -29.53 28.31 -28.76
C LEU D 368 -28.09 28.17 -29.26
N SER D 369 -27.27 29.16 -28.94
CA SER D 369 -25.85 29.15 -29.27
C SER D 369 -25.11 29.98 -28.23
N PHE D 370 -23.86 29.62 -27.94
CA PHE D 370 -23.14 30.23 -26.83
C PHE D 370 -21.73 30.69 -27.21
N ASN D 371 -21.39 31.89 -26.73
CA ASN D 371 -20.02 32.38 -26.81
C ASN D 371 -19.50 32.66 -25.40
N ALA D 372 -18.58 31.82 -24.94
CA ALA D 372 -18.10 31.91 -23.57
C ALA D 372 -16.96 32.92 -23.41
N THR D 373 -16.98 33.65 -22.29
CA THR D 373 -15.92 34.58 -21.97
C THR D 373 -15.30 34.19 -20.63
N CYS D 374 -14.43 33.18 -20.65
CA CYS D 374 -13.87 32.62 -19.44
C CYS D 374 -12.68 33.44 -18.92
N LEU D 375 -11.49 32.85 -18.95
CA LEU D 375 -10.29 33.53 -18.49
C LEU D 375 -10.14 34.88 -19.17
N ASN D 376 -9.93 35.91 -18.36
CA ASN D 376 -9.87 37.29 -18.87
C ASN D 376 -11.14 37.59 -19.68
N ASN D 377 -11.04 38.53 -20.63
CA ASN D 377 -12.17 38.86 -21.48
C ASN D 377 -12.03 38.23 -22.86
N GLU D 378 -11.55 37.00 -22.90
CA GLU D 378 -11.33 36.30 -24.16
C GLU D 378 -12.57 35.49 -24.55
N VAL D 379 -13.31 35.98 -25.54
CA VAL D 379 -14.50 35.29 -26.02
C VAL D 379 -14.11 33.96 -26.67
N ILE D 380 -14.97 32.97 -26.53
CA ILE D 380 -14.71 31.65 -27.09
C ILE D 380 -15.97 31.12 -27.77
N PRO D 381 -15.99 31.17 -29.12
CA PRO D 381 -17.18 30.79 -29.89
C PRO D 381 -17.53 29.31 -29.82
N GLY D 382 -18.82 29.01 -29.77
CA GLY D 382 -19.28 27.63 -29.74
C GLY D 382 -18.87 26.90 -28.48
N LEU D 383 -19.19 27.48 -27.34
CA LEU D 383 -18.83 26.88 -26.05
C LEU D 383 -19.75 27.39 -24.95
N LYS D 384 -20.27 26.46 -24.15
CA LYS D 384 -21.18 26.80 -23.07
C LYS D 384 -20.63 26.34 -21.72
N SER D 385 -19.32 26.44 -21.57
CA SER D 385 -18.66 25.97 -20.35
C SER D 385 -17.31 26.64 -20.14
N CYS D 386 -16.88 26.72 -18.90
CA CYS D 386 -15.58 27.29 -18.54
C CYS D 386 -14.82 26.32 -17.66
N MET D 387 -13.49 26.34 -17.78
CA MET D 387 -12.64 25.48 -16.97
C MET D 387 -11.40 26.24 -16.53
N GLY D 388 -10.80 25.79 -15.42
CA GLY D 388 -9.62 26.43 -14.89
C GLY D 388 -9.95 27.69 -14.11
N LEU D 389 -11.13 27.71 -13.52
CA LEU D 389 -11.59 28.88 -12.77
C LEU D 389 -11.20 28.78 -11.30
N LYS D 390 -11.09 29.93 -10.65
CA LYS D 390 -10.83 29.99 -9.22
C LYS D 390 -12.13 30.35 -8.50
N ILE D 391 -12.12 30.27 -7.18
CA ILE D 391 -13.29 30.66 -6.39
C ILE D 391 -13.37 32.17 -6.31
N GLY D 392 -14.51 32.73 -6.68
CA GLY D 392 -14.69 34.17 -6.69
C GLY D 392 -14.71 34.73 -8.10
N ASP D 393 -14.18 33.96 -9.03
CA ASP D 393 -14.13 34.36 -10.43
C ASP D 393 -15.53 34.42 -11.06
N THR D 394 -15.76 35.42 -11.89
CA THR D 394 -17.02 35.56 -12.60
C THR D 394 -16.82 35.30 -14.09
N VAL D 395 -17.75 34.58 -14.69
CA VAL D 395 -17.73 34.34 -16.13
C VAL D 395 -19.03 34.82 -16.75
N SER D 396 -19.07 34.87 -18.06
CA SER D 396 -20.27 35.34 -18.77
C SER D 396 -20.44 34.60 -20.09
N PHE D 397 -21.68 34.50 -20.55
CA PHE D 397 -21.99 33.86 -21.81
C PHE D 397 -22.93 34.73 -22.64
N SER D 398 -22.65 34.82 -23.93
CA SER D 398 -23.57 35.47 -24.86
C SER D 398 -24.46 34.39 -25.45
N ILE D 399 -25.77 34.59 -25.37
CA ILE D 399 -26.73 33.59 -25.83
C ILE D 399 -27.65 34.17 -26.89
N GLU D 400 -27.91 33.37 -27.93
CA GLU D 400 -28.79 33.79 -29.00
C GLU D 400 -29.87 32.74 -29.24
N ALA D 401 -31.13 33.15 -29.14
CA ALA D 401 -32.25 32.25 -29.38
C ALA D 401 -32.79 32.45 -30.79
N LYS D 402 -32.85 31.37 -31.56
CA LYS D 402 -33.37 31.41 -32.92
C LYS D 402 -34.60 30.52 -33.05
N VAL D 403 -35.76 31.15 -33.21
CA VAL D 403 -37.00 30.41 -33.38
C VAL D 403 -37.23 30.06 -34.84
N ARG D 404 -37.71 28.85 -35.09
CA ARG D 404 -37.96 28.39 -36.45
C ARG D 404 -39.45 28.18 -36.68
N GLY D 405 -40.05 29.11 -37.43
CA GLY D 405 -41.47 29.06 -37.72
C GLY D 405 -42.27 29.77 -36.66
N CYS D 406 -43.56 29.46 -36.59
CA CYS D 406 -44.44 30.06 -35.59
C CYS D 406 -45.11 28.97 -34.77
N PRO D 407 -44.65 28.78 -33.52
CA PRO D 407 -45.20 27.71 -32.68
C PRO D 407 -46.70 27.88 -32.42
N GLN D 408 -47.36 26.77 -32.11
CA GLN D 408 -48.78 26.79 -31.76
C GLN D 408 -48.98 27.59 -30.47
N GLU D 409 -48.18 27.26 -29.46
CA GLU D 409 -48.25 27.94 -28.18
C GLU D 409 -47.45 29.24 -28.24
N LYS D 410 -48.12 30.36 -28.02
CA LYS D 410 -47.49 31.66 -28.16
C LYS D 410 -46.72 32.08 -26.92
N GLU D 411 -46.75 31.24 -25.89
CA GLU D 411 -46.01 31.54 -24.66
C GLU D 411 -45.43 30.29 -24.01
N LYS D 412 -44.10 30.25 -23.92
CA LYS D 412 -43.41 29.19 -23.22
C LYS D 412 -42.26 29.81 -22.43
N SER D 413 -41.71 29.04 -21.49
CA SER D 413 -40.58 29.52 -20.71
C SER D 413 -39.64 28.38 -20.35
N PHE D 414 -38.34 28.61 -20.56
CA PHE D 414 -37.33 27.60 -20.25
C PHE D 414 -36.35 28.12 -19.20
N THR D 415 -35.34 27.33 -18.89
CA THR D 415 -34.41 27.66 -17.82
C THR D 415 -32.96 27.43 -18.23
N ILE D 416 -32.08 28.30 -17.76
CA ILE D 416 -30.64 28.13 -17.97
C ILE D 416 -29.94 28.09 -16.62
N LYS D 417 -29.60 26.89 -16.15
CA LYS D 417 -28.97 26.73 -14.86
C LYS D 417 -27.56 26.18 -15.00
N PRO D 418 -26.59 26.75 -14.26
CA PRO D 418 -25.24 26.18 -14.22
C PRO D 418 -25.23 24.84 -13.48
N VAL D 419 -24.56 23.84 -14.04
CA VAL D 419 -24.52 22.51 -13.43
C VAL D 419 -24.05 22.58 -11.98
N GLY D 420 -24.91 22.13 -11.07
CA GLY D 420 -24.57 22.09 -9.66
C GLY D 420 -25.11 23.27 -8.88
N PHE D 421 -25.35 24.38 -9.56
CA PHE D 421 -25.83 25.60 -8.91
C PHE D 421 -27.30 25.50 -8.54
N LYS D 422 -27.72 26.36 -7.61
CA LYS D 422 -29.11 26.42 -7.18
C LYS D 422 -29.87 27.46 -8.01
N ASP D 423 -29.30 28.65 -8.12
CA ASP D 423 -29.94 29.74 -8.85
C ASP D 423 -29.89 29.48 -10.34
N SER D 424 -30.84 30.07 -11.07
CA SER D 424 -30.90 29.88 -12.52
C SER D 424 -31.53 31.10 -13.20
N LEU D 425 -31.44 31.12 -14.52
CA LEU D 425 -32.06 32.17 -15.33
C LEU D 425 -33.32 31.63 -16.00
N ILE D 426 -34.46 32.19 -15.64
CA ILE D 426 -35.74 31.79 -16.23
C ILE D 426 -36.09 32.71 -17.38
N VAL D 427 -36.10 32.16 -18.59
CA VAL D 427 -36.40 32.92 -19.78
C VAL D 427 -37.86 32.73 -20.18
N GLN D 428 -38.64 33.81 -20.10
CA GLN D 428 -40.04 33.78 -20.49
C GLN D 428 -40.20 34.23 -21.94
N VAL D 429 -40.48 33.28 -22.82
CA VAL D 429 -40.58 33.56 -24.24
C VAL D 429 -42.02 33.87 -24.66
N THR D 430 -42.16 34.76 -25.63
CA THR D 430 -43.46 35.08 -26.21
C THR D 430 -43.30 35.25 -27.71
N PHE D 431 -43.98 34.41 -28.47
CA PHE D 431 -43.86 34.44 -29.93
C PHE D 431 -44.84 35.43 -30.54
N ASP D 432 -44.31 36.46 -31.17
CA ASP D 432 -45.12 37.49 -31.80
C ASP D 432 -45.47 37.10 -33.23
N CYS D 433 -46.59 36.41 -33.38
CA CYS D 433 -47.03 35.93 -34.69
C CYS D 433 -48.24 36.70 -35.20
N ASP D 434 -49.03 37.26 -34.29
CA ASP D 434 -50.24 37.97 -34.66
C ASP D 434 -50.03 39.48 -34.67
N CYS D 435 -50.96 40.19 -35.29
CA CYS D 435 -50.92 41.65 -35.35
C CYS D 435 -51.93 42.23 -34.38
N ALA D 436 -51.65 43.43 -33.88
CA ALA D 436 -52.54 44.10 -32.94
C ALA D 436 -53.92 44.32 -33.54
N CYS D 437 -53.96 44.56 -34.85
CA CYS D 437 -55.22 44.86 -35.53
C CYS D 437 -56.15 43.65 -35.60
N GLN D 438 -55.62 42.45 -35.32
CA GLN D 438 -56.43 41.24 -35.33
C GLN D 438 -57.47 41.27 -34.22
N ALA D 439 -57.14 41.92 -33.12
CA ALA D 439 -58.05 42.04 -31.98
C ALA D 439 -59.26 42.89 -32.37
N GLN D 440 -59.09 43.71 -33.40
CA GLN D 440 -60.17 44.59 -33.86
C GLN D 440 -60.85 44.01 -35.09
N ALA D 441 -60.70 42.70 -35.28
CA ALA D 441 -61.30 42.02 -36.43
C ALA D 441 -62.81 42.14 -36.38
N GLU D 442 -63.45 41.95 -37.53
CA GLU D 442 -64.90 42.07 -37.64
C GLU D 442 -65.47 40.89 -38.42
N PRO D 443 -65.95 39.87 -37.71
CA PRO D 443 -66.50 38.68 -38.36
C PRO D 443 -67.84 38.96 -39.05
N ASN D 444 -68.13 38.23 -40.12
CA ASN D 444 -69.35 38.44 -40.88
C ASN D 444 -69.53 39.90 -41.28
N SER D 445 -68.43 40.53 -41.67
CA SER D 445 -68.46 41.95 -42.04
C SER D 445 -69.22 42.15 -43.36
N HIS D 446 -70.02 43.19 -43.42
CA HIS D 446 -70.78 43.51 -44.62
C HIS D 446 -69.86 43.89 -45.76
N ARG D 447 -68.65 44.34 -45.41
CA ARG D 447 -67.66 44.74 -46.41
C ARG D 447 -67.17 43.56 -47.24
N CYS D 448 -67.26 42.36 -46.68
CA CYS D 448 -66.74 41.16 -47.34
C CYS D 448 -67.86 40.23 -47.76
N ASN D 449 -68.20 40.28 -49.05
CA ASN D 449 -69.22 39.41 -49.62
C ASN D 449 -70.58 39.57 -48.94
N ASN D 450 -70.80 40.76 -48.37
CA ASN D 450 -72.07 41.07 -47.72
C ASN D 450 -72.35 40.17 -46.51
N GLY D 451 -71.29 39.72 -45.85
CA GLY D 451 -71.43 38.97 -44.61
C GLY D 451 -70.85 37.56 -44.63
N ASN D 452 -70.25 37.17 -45.75
CA ASN D 452 -69.68 35.83 -45.87
C ASN D 452 -68.20 35.77 -45.46
N GLY D 453 -67.61 36.93 -45.16
CA GLY D 453 -66.20 36.99 -44.83
C GLY D 453 -65.91 37.81 -43.59
N THR D 454 -64.65 37.80 -43.18
CA THR D 454 -64.19 38.54 -42.01
C THR D 454 -63.22 39.65 -42.41
N PHE D 455 -63.54 40.88 -42.03
CA PHE D 455 -62.67 42.00 -42.33
C PHE D 455 -61.59 42.14 -41.26
N GLU D 456 -60.37 41.74 -41.61
CA GLU D 456 -59.27 41.71 -40.67
C GLU D 456 -58.05 42.45 -41.21
N CYS D 457 -57.62 43.47 -40.48
CA CYS D 457 -56.40 44.20 -40.82
C CYS D 457 -56.49 44.84 -42.20
N GLY D 458 -57.63 45.42 -42.52
CA GLY D 458 -57.78 46.17 -43.75
C GLY D 458 -58.07 45.34 -44.99
N VAL D 459 -58.17 44.02 -44.81
CA VAL D 459 -58.48 43.14 -45.92
C VAL D 459 -59.53 42.11 -45.53
N CYS D 460 -60.12 41.45 -46.53
CA CYS D 460 -61.20 40.51 -46.30
C CYS D 460 -60.71 39.05 -46.31
N ARG D 461 -60.67 38.44 -45.13
CA ARG D 461 -60.33 37.03 -45.01
C ARG D 461 -61.56 36.17 -45.20
N CYS D 462 -61.36 34.93 -45.65
CA CYS D 462 -62.46 33.99 -45.80
C CYS D 462 -62.86 33.48 -44.43
N GLY D 463 -64.16 33.44 -44.16
CA GLY D 463 -64.67 33.06 -42.86
C GLY D 463 -64.41 31.61 -42.53
N PRO D 464 -64.65 31.23 -41.26
CA PRO D 464 -64.50 29.84 -40.81
C PRO D 464 -65.60 28.95 -41.37
N GLY D 465 -65.22 27.80 -41.91
CA GLY D 465 -66.17 26.88 -42.51
C GLY D 465 -66.09 26.85 -44.01
N TRP D 466 -65.38 27.81 -44.58
CA TRP D 466 -65.23 27.90 -46.04
C TRP D 466 -63.90 27.31 -46.48
N LEU D 467 -63.79 26.99 -47.77
CA LEU D 467 -62.55 26.49 -48.35
C LEU D 467 -62.23 27.23 -49.64
N GLY D 468 -60.94 27.33 -49.95
CA GLY D 468 -60.49 28.04 -51.13
C GLY D 468 -59.93 29.41 -50.80
N SER D 469 -59.27 30.03 -51.76
CA SER D 469 -58.66 31.34 -51.56
C SER D 469 -59.73 32.42 -51.46
N GLN D 470 -60.68 32.40 -52.38
CA GLN D 470 -61.75 33.40 -52.41
C GLN D 470 -63.12 32.75 -52.29
N CYS D 471 -63.22 31.80 -51.36
CA CYS D 471 -64.48 31.10 -51.11
C CYS D 471 -65.08 30.54 -52.39
N GLU E 1 -6.62 -48.01 -19.78
CA GLU E 1 -6.75 -49.04 -18.71
C GLU E 1 -5.85 -48.72 -17.53
N VAL E 2 -6.43 -48.67 -16.33
CA VAL E 2 -5.67 -48.39 -15.13
C VAL E 2 -4.84 -49.60 -14.73
N GLN E 3 -3.58 -49.36 -14.37
CA GLN E 3 -2.68 -50.45 -14.01
C GLN E 3 -1.42 -49.91 -13.32
N LEU E 4 -1.16 -50.41 -12.11
CA LEU E 4 0.01 -49.99 -11.34
C LEU E 4 1.17 -50.94 -11.53
N GLN E 5 2.22 -50.46 -12.20
CA GLN E 5 3.39 -51.28 -12.50
C GLN E 5 4.55 -50.91 -11.57
N GLN E 6 4.83 -51.80 -10.61
CA GLN E 6 5.87 -51.55 -9.62
C GLN E 6 7.22 -52.08 -10.09
N SER E 7 8.23 -51.98 -9.22
CA SER E 7 9.58 -52.43 -9.55
C SER E 7 9.72 -53.94 -9.32
N GLY E 8 10.92 -54.45 -9.56
CA GLY E 8 11.20 -55.87 -9.38
C GLY E 8 11.64 -56.17 -7.96
N ALA E 9 11.68 -57.46 -7.63
CA ALA E 9 12.07 -57.89 -6.29
C ALA E 9 13.42 -57.30 -5.90
N GLU E 10 13.65 -57.16 -4.60
CA GLU E 10 14.89 -56.58 -4.09
C GLU E 10 15.47 -57.44 -2.98
N LEU E 11 16.79 -57.55 -2.96
CA LEU E 11 17.49 -58.24 -1.88
C LEU E 11 18.63 -57.37 -1.36
N VAL E 12 18.66 -57.15 -0.06
CA VAL E 12 19.64 -56.27 0.55
C VAL E 12 20.01 -56.73 1.96
N LYS E 13 21.14 -56.24 2.46
CA LYS E 13 21.61 -56.60 3.79
C LYS E 13 21.01 -55.69 4.85
N PRO E 14 20.88 -56.19 6.09
CA PRO E 14 20.34 -55.39 7.20
C PRO E 14 21.10 -54.09 7.40
N GLY E 15 20.36 -52.99 7.58
CA GLY E 15 20.96 -51.68 7.77
C GLY E 15 20.93 -50.84 6.51
N ALA E 16 20.92 -51.51 5.35
CA ALA E 16 20.89 -50.81 4.08
C ALA E 16 19.56 -50.10 3.86
N SER E 17 19.36 -49.55 2.67
CA SER E 17 18.13 -48.87 2.32
C SER E 17 17.75 -49.14 0.88
N VAL E 18 16.45 -49.20 0.60
CA VAL E 18 15.97 -49.50 -0.75
C VAL E 18 14.82 -48.58 -1.15
N LYS E 19 14.79 -48.21 -2.42
CA LYS E 19 13.70 -47.41 -2.96
C LYS E 19 12.86 -48.23 -3.94
N LEU E 20 11.57 -48.39 -3.63
CA LEU E 20 10.67 -49.13 -4.48
C LEU E 20 9.88 -48.19 -5.38
N SER E 21 9.70 -48.59 -6.63
CA SER E 21 9.03 -47.75 -7.62
C SER E 21 7.60 -48.22 -7.88
N CYS E 22 6.72 -47.26 -8.14
CA CYS E 22 5.33 -47.55 -8.48
C CYS E 22 4.88 -46.64 -9.63
N THR E 23 5.21 -47.04 -10.85
CA THR E 23 4.92 -46.23 -12.03
C THR E 23 3.47 -46.43 -12.47
N ALA E 24 2.78 -45.33 -12.73
CA ALA E 24 1.39 -45.38 -13.18
C ALA E 24 1.32 -45.56 -14.69
N SER E 25 0.38 -46.39 -15.14
CA SER E 25 0.24 -46.68 -16.57
C SER E 25 -1.23 -46.59 -16.98
N GLY E 26 -1.53 -45.66 -17.87
CA GLY E 26 -2.88 -45.47 -18.36
C GLY E 26 -3.59 -44.31 -17.70
N PHE E 27 -2.84 -43.51 -16.95
CA PHE E 27 -3.39 -42.34 -16.28
C PHE E 27 -2.29 -41.49 -15.67
N ASN E 28 -2.68 -40.38 -15.05
CA ASN E 28 -1.71 -39.49 -14.40
C ASN E 28 -1.68 -39.76 -12.90
N ILE E 29 -0.48 -40.04 -12.39
CA ILE E 29 -0.29 -40.31 -10.97
C ILE E 29 -0.93 -39.21 -10.11
N LYS E 30 -0.99 -38.01 -10.68
CA LYS E 30 -1.49 -36.84 -9.97
C LYS E 30 -2.99 -36.94 -9.64
N ASP E 31 -3.67 -37.91 -10.25
CA ASP E 31 -5.13 -37.99 -10.18
C ASP E 31 -5.67 -38.33 -8.78
N THR E 32 -5.03 -39.26 -8.08
CA THR E 32 -5.57 -39.75 -6.82
C THR E 32 -4.52 -39.92 -5.74
N TYR E 33 -4.99 -40.22 -4.53
CA TYR E 33 -4.11 -40.63 -3.44
C TYR E 33 -3.38 -41.90 -3.84
N VAL E 34 -2.19 -42.10 -3.29
CA VAL E 34 -1.46 -43.33 -3.50
C VAL E 34 -0.98 -43.88 -2.16
N HIS E 35 -1.43 -45.08 -1.83
CA HIS E 35 -1.11 -45.70 -0.55
C HIS E 35 -0.09 -46.80 -0.75
N TRP E 36 0.64 -47.12 0.31
CA TRP E 36 1.54 -48.27 0.32
C TRP E 36 1.12 -49.24 1.42
N VAL E 37 0.98 -50.51 1.05
CA VAL E 37 0.55 -51.54 1.99
C VAL E 37 1.60 -52.63 2.14
N LYS E 38 1.86 -53.02 3.39
CA LYS E 38 2.81 -54.07 3.70
C LYS E 38 2.08 -55.37 4.02
N GLN E 39 2.59 -56.48 3.52
CA GLN E 39 1.97 -57.78 3.78
C GLN E 39 2.98 -58.82 4.23
N ARG E 40 2.68 -59.49 5.33
CA ARG E 40 3.48 -60.60 5.81
C ARG E 40 2.57 -61.79 6.11
N PRO E 41 3.10 -63.02 5.96
CA PRO E 41 2.31 -64.25 6.14
C PRO E 41 1.65 -64.36 7.51
N GLU E 42 2.42 -64.13 8.57
CA GLU E 42 1.90 -64.31 9.93
C GLU E 42 1.17 -63.08 10.43
N GLN E 43 1.75 -61.91 10.19
CA GLN E 43 1.20 -60.65 10.70
C GLN E 43 0.00 -60.21 9.86
N GLY E 44 0.14 -60.30 8.55
CA GLY E 44 -0.94 -59.94 7.65
C GLY E 44 -0.71 -58.61 6.96
N LEU E 45 -1.80 -57.95 6.58
CA LEU E 45 -1.74 -56.68 5.87
C LEU E 45 -1.59 -55.51 6.83
N GLU E 46 -0.79 -54.53 6.42
CA GLU E 46 -0.56 -53.33 7.24
C GLU E 46 -0.48 -52.09 6.36
N TRP E 47 -1.12 -51.02 6.81
CA TRP E 47 -1.13 -49.76 6.05
C TRP E 47 0.05 -48.88 6.44
N ILE E 48 0.94 -48.63 5.48
CA ILE E 48 2.14 -47.84 5.74
C ILE E 48 1.81 -46.35 5.79
N GLY E 49 1.46 -45.80 4.65
CA GLY E 49 1.17 -44.38 4.56
C GLY E 49 0.42 -44.01 3.29
N ARG E 50 0.38 -42.72 2.99
CA ARG E 50 -0.36 -42.20 1.85
C ARG E 50 0.33 -40.95 1.32
N ILE E 51 0.13 -40.66 0.04
CA ILE E 51 0.68 -39.47 -0.58
C ILE E 51 -0.25 -38.91 -1.65
N ASP E 52 -0.23 -37.60 -1.81
CA ASP E 52 -0.98 -36.94 -2.87
C ASP E 52 0.00 -36.38 -3.88
N PRO E 53 0.26 -37.14 -4.96
CA PRO E 53 1.29 -36.81 -5.96
C PRO E 53 1.16 -35.40 -6.54
N ALA E 54 0.01 -34.75 -6.34
CA ALA E 54 -0.20 -33.41 -6.87
C ALA E 54 0.55 -32.35 -6.06
N ASN E 55 0.62 -32.56 -4.74
CA ASN E 55 1.25 -31.57 -3.86
C ASN E 55 2.33 -32.15 -2.95
N GLY E 56 2.42 -33.48 -2.89
CA GLY E 56 3.48 -34.13 -2.14
C GLY E 56 3.18 -34.33 -0.66
N TYR E 57 2.03 -33.85 -0.20
CA TYR E 57 1.64 -34.03 1.19
C TYR E 57 1.37 -35.50 1.50
N THR E 58 1.83 -35.97 2.66
CA THR E 58 1.73 -37.38 3.01
C THR E 58 1.10 -37.61 4.38
N LYS E 59 0.79 -38.88 4.65
CA LYS E 59 0.25 -39.31 5.93
C LYS E 59 0.82 -40.68 6.25
N TYR E 60 1.32 -40.86 7.47
CA TYR E 60 1.96 -42.12 7.86
C TYR E 60 1.31 -42.75 9.08
N ASP E 61 1.44 -44.06 9.18
CA ASP E 61 1.06 -44.78 10.40
C ASP E 61 2.18 -44.59 11.42
N PRO E 62 1.82 -44.16 12.64
CA PRO E 62 2.84 -43.87 13.66
C PRO E 62 3.81 -45.02 13.93
N LYS E 63 3.53 -46.21 13.39
CA LYS E 63 4.43 -47.34 13.53
C LYS E 63 5.58 -47.27 12.54
N PHE E 64 5.30 -46.77 11.34
CA PHE E 64 6.31 -46.72 10.29
C PHE E 64 7.00 -45.36 10.22
N GLN E 65 7.01 -44.63 11.34
CA GLN E 65 7.64 -43.33 11.39
C GLN E 65 9.16 -43.47 11.40
N GLY E 66 9.83 -42.69 10.58
CA GLY E 66 11.28 -42.72 10.49
C GLY E 66 11.78 -43.68 9.43
N LYS E 67 11.18 -44.86 9.36
CA LYS E 67 11.60 -45.89 8.42
C LYS E 67 11.11 -45.62 7.00
N ALA E 68 9.80 -45.62 6.82
CA ALA E 68 9.21 -45.46 5.51
C ALA E 68 9.18 -43.98 5.09
N THR E 69 9.48 -43.73 3.82
CA THR E 69 9.46 -42.38 3.28
C THR E 69 8.89 -42.39 1.86
N ILE E 70 7.64 -41.99 1.73
CA ILE E 70 6.96 -41.98 0.43
C ILE E 70 7.16 -40.66 -0.28
N THR E 71 7.58 -40.73 -1.55
CA THR E 71 7.76 -39.55 -2.37
C THR E 71 7.13 -39.76 -3.74
N ALA E 72 6.99 -38.67 -4.51
CA ALA E 72 6.37 -38.75 -5.82
C ALA E 72 7.18 -37.97 -6.86
N ASP E 73 6.83 -38.16 -8.13
CA ASP E 73 7.51 -37.48 -9.22
C ASP E 73 6.62 -37.49 -10.47
N THR E 74 5.88 -36.40 -10.66
CA THR E 74 4.93 -36.31 -11.77
C THR E 74 5.65 -36.42 -13.12
N SER E 75 6.87 -35.93 -13.20
CA SER E 75 7.66 -35.98 -14.43
C SER E 75 7.74 -37.41 -14.94
N SER E 76 8.28 -38.30 -14.11
CA SER E 76 8.41 -39.71 -14.44
C SER E 76 7.08 -40.45 -14.25
N ASN E 77 6.13 -39.78 -13.61
CA ASN E 77 4.82 -40.37 -13.36
C ASN E 77 4.95 -41.60 -12.48
N THR E 78 5.60 -41.44 -11.34
CA THR E 78 5.89 -42.56 -10.46
C THR E 78 5.86 -42.15 -8.99
N ALA E 79 5.45 -43.08 -8.14
CA ALA E 79 5.48 -42.88 -6.69
C ALA E 79 6.47 -43.85 -6.07
N TYR E 80 7.31 -43.34 -5.17
CA TYR E 80 8.37 -44.15 -4.58
C TYR E 80 8.14 -44.41 -3.10
N LEU E 81 8.69 -45.51 -2.61
CA LEU E 81 8.69 -45.83 -1.18
C LEU E 81 10.09 -46.21 -0.73
N GLN E 82 10.72 -45.33 0.04
CA GLN E 82 12.09 -45.57 0.49
C GLN E 82 12.10 -46.12 1.92
N LEU E 83 12.66 -47.30 2.08
CA LEU E 83 12.82 -47.91 3.40
C LEU E 83 14.27 -47.82 3.85
N SER E 84 14.48 -47.52 5.12
CA SER E 84 15.82 -47.34 5.68
C SER E 84 16.01 -48.19 6.93
N SER E 85 17.27 -48.48 7.24
CA SER E 85 17.60 -49.30 8.40
C SER E 85 16.80 -50.60 8.36
N LEU E 86 17.05 -51.42 7.33
CA LEU E 86 16.27 -52.62 7.11
C LEU E 86 16.60 -53.72 8.11
N THR E 87 15.62 -54.60 8.32
CA THR E 87 15.80 -55.75 9.21
C THR E 87 14.99 -56.92 8.67
N SER E 88 15.11 -58.08 9.30
CA SER E 88 14.31 -59.24 8.93
C SER E 88 12.84 -58.97 9.23
N GLU E 89 12.59 -57.96 10.05
CA GLU E 89 11.23 -57.54 10.38
C GLU E 89 10.60 -56.79 9.21
N ASP E 90 11.46 -56.24 8.34
CA ASP E 90 10.99 -55.49 7.18
C ASP E 90 10.81 -56.39 5.97
N THR E 91 11.27 -57.63 6.06
CA THR E 91 11.07 -58.60 5.00
C THR E 91 9.58 -58.81 4.80
N ALA E 92 9.08 -58.44 3.61
CA ALA E 92 7.65 -58.53 3.34
C ALA E 92 7.34 -58.20 1.88
N VAL E 93 6.06 -58.24 1.52
CA VAL E 93 5.60 -57.87 0.20
C VAL E 93 4.91 -56.51 0.27
N TYR E 94 5.33 -55.59 -0.58
CA TYR E 94 4.82 -54.22 -0.53
C TYR E 94 4.05 -53.85 -1.81
N TYR E 95 2.82 -53.37 -1.63
CA TYR E 95 1.96 -52.99 -2.74
C TYR E 95 1.67 -51.49 -2.71
N CYS E 96 1.49 -50.91 -3.89
CA CYS E 96 0.99 -49.54 -3.99
C CYS E 96 -0.47 -49.60 -4.40
N VAL E 97 -1.28 -48.70 -3.86
CA VAL E 97 -2.72 -48.76 -4.07
C VAL E 97 -3.34 -47.39 -4.31
N ARG E 98 -4.40 -47.36 -5.12
CA ARG E 98 -5.18 -46.15 -5.33
C ARG E 98 -6.65 -46.52 -5.44
N PRO E 99 -7.55 -45.58 -5.11
CA PRO E 99 -8.99 -45.81 -5.22
C PRO E 99 -9.48 -45.82 -6.65
N LEU E 100 -10.70 -46.28 -6.86
CA LEU E 100 -11.34 -46.25 -8.17
C LEU E 100 -12.14 -44.96 -8.33
N TYR E 101 -13.18 -44.82 -7.53
CA TYR E 101 -14.01 -43.61 -7.53
C TYR E 101 -13.91 -42.92 -6.18
N ASP E 102 -14.28 -43.64 -5.13
CA ASP E 102 -14.25 -43.11 -3.78
C ASP E 102 -12.86 -42.61 -3.42
N TYR E 103 -12.76 -41.31 -3.17
CA TYR E 103 -11.49 -40.68 -2.80
C TYR E 103 -10.67 -41.49 -1.80
N TYR E 104 -11.34 -42.20 -0.90
CA TYR E 104 -10.69 -42.80 0.25
C TYR E 104 -10.62 -44.34 0.21
N ALA E 105 -11.01 -44.93 -0.92
CA ALA E 105 -11.08 -46.38 -1.02
C ALA E 105 -9.75 -47.00 -1.44
N MET E 106 -9.70 -48.33 -1.39
CA MET E 106 -8.52 -49.10 -1.78
C MET E 106 -8.95 -50.16 -2.79
N ASP E 107 -8.91 -49.81 -4.07
CA ASP E 107 -9.48 -50.67 -5.10
C ASP E 107 -8.46 -51.20 -6.10
N TYR E 108 -7.59 -50.32 -6.60
CA TYR E 108 -6.58 -50.71 -7.56
C TYR E 108 -5.22 -50.93 -6.91
N TRP E 109 -4.68 -52.14 -7.06
CA TRP E 109 -3.40 -52.50 -6.45
C TRP E 109 -2.37 -52.84 -7.52
N GLY E 110 -1.10 -52.82 -7.15
CA GLY E 110 -0.03 -53.21 -8.03
C GLY E 110 0.24 -54.70 -7.91
N GLN E 111 1.17 -55.22 -8.71
CA GLN E 111 1.51 -56.63 -8.65
C GLN E 111 2.32 -56.94 -7.40
N GLY E 112 2.84 -55.89 -6.76
CA GLY E 112 3.59 -56.04 -5.53
C GLY E 112 5.08 -56.23 -5.78
N THR E 113 5.86 -55.97 -4.74
CA THR E 113 7.31 -56.15 -4.82
C THR E 113 7.80 -56.82 -3.54
N SER E 114 8.45 -57.98 -3.71
CA SER E 114 8.98 -58.72 -2.57
C SER E 114 10.34 -58.17 -2.16
N VAL E 115 10.47 -57.83 -0.88
CA VAL E 115 11.73 -57.35 -0.33
C VAL E 115 12.28 -58.34 0.69
N THR E 116 13.44 -58.90 0.38
CA THR E 116 14.07 -59.88 1.26
C THR E 116 15.33 -59.30 1.90
N VAL E 117 15.39 -59.38 3.23
CA VAL E 117 16.53 -58.86 3.97
C VAL E 117 17.29 -59.98 4.67
N SER E 118 18.58 -60.09 4.39
CA SER E 118 19.41 -61.13 4.99
C SER E 118 20.89 -60.81 4.79
N SER E 119 21.74 -61.43 5.61
CA SER E 119 23.17 -61.21 5.54
C SER E 119 23.86 -62.27 4.69
N ALA E 120 23.20 -63.41 4.52
CA ALA E 120 23.78 -64.53 3.79
C ALA E 120 24.32 -64.12 2.42
N LYS E 121 25.38 -64.78 1.99
CA LYS E 121 25.95 -64.55 0.68
C LYS E 121 25.21 -65.40 -0.34
N THR E 122 25.52 -65.20 -1.62
CA THR E 122 24.94 -66.03 -2.67
C THR E 122 25.50 -67.44 -2.55
N THR E 123 24.65 -68.38 -2.15
CA THR E 123 25.09 -69.75 -1.86
C THR E 123 24.34 -70.76 -2.72
N ALA E 124 25.06 -71.77 -3.20
CA ALA E 124 24.47 -72.85 -3.97
C ALA E 124 23.98 -73.95 -3.05
N PRO E 125 22.84 -74.58 -3.39
CA PRO E 125 22.21 -75.60 -2.55
C PRO E 125 22.93 -76.94 -2.57
N SER E 126 22.92 -77.64 -1.44
CA SER E 126 23.44 -78.99 -1.37
C SER E 126 22.30 -79.98 -1.53
N VAL E 127 22.24 -80.63 -2.68
CA VAL E 127 21.16 -81.55 -3.00
C VAL E 127 21.44 -82.93 -2.40
N TYR E 128 20.48 -83.44 -1.62
CA TYR E 128 20.61 -84.74 -1.00
C TYR E 128 19.46 -85.65 -1.42
N PRO E 129 19.78 -86.85 -1.91
CA PRO E 129 18.74 -87.82 -2.30
C PRO E 129 18.16 -88.53 -1.08
N LEU E 130 16.87 -88.82 -1.11
CA LEU E 130 16.20 -89.47 0.01
C LEU E 130 15.51 -90.76 -0.43
N ALA E 131 16.19 -91.89 -0.24
CA ALA E 131 15.63 -93.19 -0.58
C ALA E 131 14.93 -93.78 0.64
N PRO E 132 13.95 -94.67 0.41
CA PRO E 132 13.22 -95.30 1.53
C PRO E 132 14.14 -96.07 2.46
N VAL E 133 13.60 -96.53 3.59
CA VAL E 133 14.39 -97.22 4.60
C VAL E 133 14.91 -98.56 4.08
N CYS E 134 14.13 -99.62 4.26
CA CYS E 134 14.53 -100.95 3.81
C CYS E 134 13.30 -101.83 3.62
N THR E 138 6.85 -104.12 -1.07
CA THR E 138 6.44 -103.38 0.11
C THR E 138 5.49 -102.25 -0.26
N GLY E 139 4.28 -102.62 -0.67
CA GLY E 139 3.25 -101.65 -1.02
C GLY E 139 3.08 -101.50 -2.53
N SER E 140 1.97 -100.89 -2.93
CA SER E 140 1.69 -100.69 -4.34
C SER E 140 2.57 -99.58 -4.93
N SER E 141 2.96 -98.63 -4.08
CA SER E 141 3.76 -97.50 -4.51
C SER E 141 4.92 -97.24 -3.55
N VAL E 142 5.82 -96.35 -3.95
CA VAL E 142 6.95 -95.95 -3.13
C VAL E 142 7.12 -94.43 -3.18
N THR E 143 7.65 -93.86 -2.10
CA THR E 143 7.84 -92.42 -2.01
C THR E 143 9.32 -92.06 -1.90
N LEU E 144 9.82 -91.32 -2.88
CA LEU E 144 11.19 -90.84 -2.85
C LEU E 144 11.21 -89.36 -2.48
N GLY E 145 12.37 -88.87 -2.05
CA GLY E 145 12.49 -87.48 -1.64
C GLY E 145 13.79 -86.85 -2.10
N CYS E 146 13.83 -85.52 -2.08
CA CYS E 146 15.01 -84.78 -2.48
C CYS E 146 15.17 -83.54 -1.61
N LEU E 147 16.14 -83.57 -0.70
CA LEU E 147 16.35 -82.49 0.25
C LEU E 147 17.31 -81.45 -0.26
N VAL E 148 16.79 -80.27 -0.59
CA VAL E 148 17.61 -79.14 -1.00
C VAL E 148 17.87 -78.25 0.21
N LYS E 149 19.10 -78.28 0.71
CA LYS E 149 19.43 -77.60 1.96
C LYS E 149 20.57 -76.61 1.81
N GLY E 150 20.52 -75.53 2.58
CA GLY E 150 21.59 -74.55 2.61
C GLY E 150 21.81 -73.83 1.30
N TYR E 151 20.98 -72.82 1.02
CA TYR E 151 21.15 -72.00 -0.16
C TYR E 151 20.51 -70.63 0.04
N PHE E 152 20.88 -69.69 -0.82
CA PHE E 152 20.36 -68.33 -0.74
C PHE E 152 20.79 -67.53 -1.96
N PRO E 153 19.90 -66.67 -2.48
CA PRO E 153 18.52 -66.46 -2.03
C PRO E 153 17.51 -67.27 -2.83
N GLU E 154 16.23 -66.96 -2.66
CA GLU E 154 15.18 -67.56 -3.47
C GLU E 154 15.25 -67.00 -4.89
N PRO E 155 14.62 -67.69 -5.85
CA PRO E 155 13.94 -68.97 -5.69
C PRO E 155 14.76 -70.13 -6.25
N VAL E 156 14.19 -71.33 -6.25
CA VAL E 156 14.79 -72.49 -6.88
C VAL E 156 13.74 -73.26 -7.66
N THR E 157 14.14 -73.91 -8.74
CA THR E 157 13.21 -74.69 -9.55
C THR E 157 13.59 -76.16 -9.55
N LEU E 158 12.83 -76.95 -8.80
CA LEU E 158 13.09 -78.38 -8.71
C LEU E 158 12.16 -79.16 -9.64
N THR E 159 12.73 -80.13 -10.36
CA THR E 159 11.95 -80.98 -11.25
C THR E 159 12.42 -82.43 -11.14
N TRP E 160 11.57 -83.35 -11.56
CA TRP E 160 11.92 -84.77 -11.54
C TRP E 160 12.04 -85.31 -12.96
N ASN E 161 13.20 -85.89 -13.26
CA ASN E 161 13.47 -86.41 -14.59
C ASN E 161 13.28 -85.32 -15.66
N SER E 162 13.74 -84.11 -15.34
CA SER E 162 13.66 -82.98 -16.26
C SER E 162 12.21 -82.56 -16.53
N GLY E 163 11.32 -82.91 -15.62
CA GLY E 163 9.92 -82.51 -15.72
C GLY E 163 8.99 -83.60 -16.23
N SER E 164 9.56 -84.65 -16.82
CA SER E 164 8.76 -85.73 -17.38
C SER E 164 7.86 -86.36 -16.32
N LEU E 165 8.28 -86.27 -15.05
CA LEU E 165 7.45 -86.73 -13.94
C LEU E 165 6.60 -85.57 -13.44
N SER E 166 5.50 -85.31 -14.15
CA SER E 166 4.61 -84.20 -13.83
C SER E 166 3.67 -84.53 -12.68
N SER E 167 3.40 -85.82 -12.49
CA SER E 167 2.42 -86.25 -11.51
C SER E 167 3.05 -86.92 -10.29
N GLY E 168 2.32 -86.91 -9.18
CA GLY E 168 2.78 -87.56 -7.96
C GLY E 168 3.87 -86.79 -7.24
N VAL E 169 3.96 -85.50 -7.52
CA VAL E 169 5.01 -84.66 -6.93
C VAL E 169 4.44 -83.68 -5.91
N HIS E 170 5.20 -83.44 -4.85
CA HIS E 170 4.81 -82.48 -3.82
C HIS E 170 6.01 -81.67 -3.38
N THR E 171 6.26 -80.54 -4.05
CA THR E 171 7.35 -79.66 -3.69
C THR E 171 6.91 -78.68 -2.60
N PHE E 172 7.50 -78.81 -1.42
CA PHE E 172 7.13 -78.00 -0.28
C PHE E 172 7.82 -76.64 -0.32
N PRO E 173 7.14 -75.60 0.20
CA PRO E 173 7.72 -74.24 0.26
C PRO E 173 9.07 -74.21 0.97
N ALA E 174 9.87 -73.19 0.68
CA ALA E 174 11.18 -73.04 1.31
C ALA E 174 11.04 -72.32 2.65
N VAL E 175 11.80 -72.78 3.64
CA VAL E 175 11.77 -72.18 4.97
C VAL E 175 13.13 -71.58 5.31
N LEU E 176 13.15 -70.27 5.56
CA LEU E 176 14.39 -69.58 5.89
C LEU E 176 14.88 -69.94 7.28
N GLN E 177 15.83 -70.86 7.34
CA GLN E 177 16.43 -71.25 8.61
C GLN E 177 17.75 -70.52 8.83
N SER E 178 17.76 -69.61 9.81
CA SER E 178 18.95 -68.85 10.15
C SER E 178 19.78 -68.46 8.92
N ASP E 179 19.26 -67.49 8.16
CA ASP E 179 19.99 -66.91 7.03
C ASP E 179 19.99 -67.77 5.76
N LEU E 180 19.69 -69.06 5.90
CA LEU E 180 19.68 -69.96 4.76
C LEU E 180 18.32 -70.64 4.57
N TYR E 181 18.02 -71.01 3.33
CA TYR E 181 16.75 -71.63 3.00
C TYR E 181 16.87 -73.15 2.97
N THR E 182 15.79 -73.84 3.35
CA THR E 182 15.72 -75.28 3.27
C THR E 182 14.42 -75.71 2.59
N LEU E 183 14.55 -76.47 1.52
CA LEU E 183 13.39 -76.90 0.74
C LEU E 183 13.47 -78.41 0.48
N SER E 184 12.30 -79.04 0.32
CA SER E 184 12.23 -80.46 0.05
C SER E 184 11.07 -80.80 -0.88
N SER E 185 11.21 -81.90 -1.61
CA SER E 185 10.17 -82.36 -2.52
C SER E 185 10.04 -83.88 -2.45
N SER E 186 8.85 -84.38 -2.71
CA SER E 186 8.60 -85.82 -2.66
C SER E 186 7.85 -86.29 -3.91
N VAL E 187 8.33 -87.39 -4.49
CA VAL E 187 7.70 -87.97 -5.66
C VAL E 187 7.24 -89.40 -5.37
N THR E 188 6.03 -89.73 -5.80
CA THR E 188 5.49 -91.06 -5.56
C THR E 188 5.21 -91.77 -6.88
N VAL E 189 5.58 -93.05 -6.95
CA VAL E 189 5.36 -93.86 -8.14
C VAL E 189 5.04 -95.30 -7.75
N THR E 190 4.65 -96.11 -8.72
CA THR E 190 4.35 -97.51 -8.46
C THR E 190 5.63 -98.26 -8.11
N SER E 191 5.50 -99.32 -7.31
CA SER E 191 6.66 -100.09 -6.87
C SER E 191 7.39 -100.73 -8.04
N SER E 192 6.70 -100.90 -9.15
CA SER E 192 7.27 -101.55 -10.33
C SER E 192 8.08 -100.60 -11.20
N THR E 193 8.01 -99.31 -10.90
CA THR E 193 8.74 -98.30 -11.66
C THR E 193 10.14 -98.09 -11.09
N TRP E 194 10.23 -97.99 -9.76
CA TRP E 194 11.50 -97.76 -9.09
C TRP E 194 11.82 -98.94 -8.18
N PRO E 195 13.10 -99.32 -8.08
CA PRO E 195 14.25 -98.69 -8.75
C PRO E 195 14.51 -99.23 -10.15
N SER E 196 13.59 -100.05 -10.66
CA SER E 196 13.76 -100.64 -11.98
C SER E 196 14.00 -99.57 -13.05
N GLN E 197 13.51 -98.36 -12.79
CA GLN E 197 13.68 -97.24 -13.72
C GLN E 197 14.35 -96.07 -13.02
N SER E 198 15.10 -95.29 -13.78
CA SER E 198 15.87 -94.17 -13.22
C SER E 198 14.98 -92.98 -12.86
N ILE E 199 15.17 -92.46 -11.66
CA ILE E 199 14.46 -91.27 -11.21
C ILE E 199 15.46 -90.27 -10.64
N THR E 200 15.57 -89.10 -11.29
CA THR E 200 16.56 -88.10 -10.92
C THR E 200 15.91 -86.82 -10.40
N CYS E 201 16.57 -86.18 -9.45
CA CYS E 201 16.11 -84.93 -8.88
C CYS E 201 16.94 -83.76 -9.42
N ASN E 202 16.34 -82.96 -10.29
CA ASN E 202 17.04 -81.82 -10.89
C ASN E 202 16.73 -80.52 -10.15
N VAL E 203 17.78 -79.80 -9.77
CA VAL E 203 17.64 -78.54 -9.05
C VAL E 203 18.46 -77.45 -9.72
N ALA E 204 17.83 -76.29 -9.93
CA ALA E 204 18.51 -75.17 -10.56
C ALA E 204 18.38 -73.91 -9.71
N HIS E 205 19.53 -73.27 -9.43
CA HIS E 205 19.56 -72.07 -8.62
C HIS E 205 20.14 -70.91 -9.43
N PRO E 206 19.27 -70.12 -10.07
CA PRO E 206 19.66 -69.02 -10.96
C PRO E 206 20.65 -68.05 -10.34
N ALA E 207 20.42 -67.68 -9.08
CA ALA E 207 21.27 -66.70 -8.40
C ALA E 207 22.73 -67.12 -8.41
N SER E 208 22.98 -68.42 -8.31
CA SER E 208 24.35 -68.94 -8.29
C SER E 208 24.72 -69.58 -9.62
N SER E 209 23.75 -69.69 -10.53
CA SER E 209 23.99 -70.28 -11.84
C SER E 209 24.51 -71.70 -11.71
N THR E 210 23.76 -72.54 -11.02
CA THR E 210 24.14 -73.94 -10.82
C THR E 210 22.99 -74.87 -11.17
N LYS E 211 23.33 -76.08 -11.61
CA LYS E 211 22.33 -77.10 -11.93
C LYS E 211 22.83 -78.46 -11.49
N VAL E 212 22.19 -79.03 -10.47
CA VAL E 212 22.63 -80.28 -9.88
C VAL E 212 21.64 -81.42 -10.13
N ASP E 213 22.17 -82.61 -10.37
CA ASP E 213 21.35 -83.80 -10.57
C ASP E 213 21.76 -84.89 -9.57
N LYS E 214 20.80 -85.43 -8.84
CA LYS E 214 21.05 -86.48 -7.86
C LYS E 214 20.12 -87.66 -8.06
N LYS E 215 20.56 -88.63 -8.84
CA LYS E 215 19.77 -89.84 -9.09
C LYS E 215 19.53 -90.58 -7.78
N ILE E 216 18.25 -90.88 -7.50
CA ILE E 216 17.89 -91.56 -6.27
C ILE E 216 18.30 -93.02 -6.32
N GLU E 217 19.21 -93.40 -5.42
CA GLU E 217 19.71 -94.77 -5.36
C GLU E 217 19.22 -95.46 -4.09
N PRO E 218 18.88 -96.77 -4.19
CA PRO E 218 18.50 -97.55 -3.02
C PRO E 218 19.61 -97.61 -1.97
N ARG E 219 19.23 -97.90 -0.72
CA ARG E 219 20.20 -98.00 0.36
C ARG E 219 20.67 -99.44 0.51
N ASP F 1 -6.58 -46.52 17.10
CA ASP F 1 -6.63 -47.43 15.92
C ASP F 1 -7.83 -48.38 16.02
N ILE F 2 -8.46 -48.63 14.88
CA ILE F 2 -9.64 -49.50 14.84
C ILE F 2 -9.25 -50.94 14.58
N LEU F 3 -9.87 -51.85 15.32
CA LEU F 3 -9.61 -53.28 15.17
C LEU F 3 -10.68 -53.90 14.25
N MET F 4 -10.25 -54.75 13.34
CA MET F 4 -11.15 -55.38 12.39
C MET F 4 -11.19 -56.89 12.57
N THR F 5 -12.03 -57.36 13.49
CA THR F 5 -12.17 -58.79 13.73
C THR F 5 -12.97 -59.43 12.59
N GLN F 6 -12.25 -60.03 11.64
CA GLN F 6 -12.87 -60.67 10.50
C GLN F 6 -13.01 -62.18 10.75
N SER F 7 -14.22 -62.69 10.62
CA SER F 7 -14.49 -64.10 10.86
C SER F 7 -15.32 -64.71 9.74
N PRO F 8 -15.17 -66.02 9.52
CA PRO F 8 -14.23 -66.89 10.24
C PRO F 8 -12.83 -66.84 9.64
N SER F 9 -11.85 -67.35 10.38
CA SER F 9 -10.47 -67.38 9.90
C SER F 9 -10.39 -68.16 8.59
N SER F 10 -11.23 -69.18 8.47
CA SER F 10 -11.28 -70.00 7.27
C SER F 10 -12.55 -70.85 7.26
N MET F 11 -12.99 -71.25 6.06
CA MET F 11 -14.19 -72.07 5.92
C MET F 11 -14.06 -73.01 4.74
N SER F 12 -14.36 -74.28 4.96
CA SER F 12 -14.34 -75.27 3.90
C SER F 12 -15.74 -75.46 3.34
N VAL F 13 -15.94 -75.04 2.10
CA VAL F 13 -17.26 -75.09 1.47
C VAL F 13 -17.18 -75.74 0.08
N SER F 14 -18.35 -76.04 -0.48
CA SER F 14 -18.43 -76.72 -1.77
C SER F 14 -18.66 -75.72 -2.91
N LEU F 15 -18.46 -76.19 -4.14
CA LEU F 15 -18.65 -75.36 -5.32
C LEU F 15 -20.13 -75.19 -5.61
N GLY F 16 -20.56 -73.94 -5.76
CA GLY F 16 -21.95 -73.64 -6.05
C GLY F 16 -22.73 -73.31 -4.79
N ASP F 17 -22.03 -73.16 -3.67
CA ASP F 17 -22.67 -72.84 -2.40
C ASP F 17 -22.72 -71.33 -2.18
N THR F 18 -23.55 -70.91 -1.23
CA THR F 18 -23.65 -69.50 -0.86
C THR F 18 -23.03 -69.30 0.52
N VAL F 19 -22.04 -68.42 0.59
CA VAL F 19 -21.32 -68.18 1.84
C VAL F 19 -21.36 -66.72 2.23
N SER F 20 -21.07 -66.44 3.49
CA SER F 20 -21.08 -65.07 3.99
C SER F 20 -19.93 -64.85 4.99
N ILE F 21 -19.04 -63.92 4.66
CA ILE F 21 -17.94 -63.56 5.54
C ILE F 21 -18.27 -62.28 6.29
N THR F 22 -18.22 -62.36 7.62
CA THR F 22 -18.54 -61.21 8.46
C THR F 22 -17.29 -60.41 8.81
N CYS F 23 -17.49 -59.20 9.31
CA CYS F 23 -16.38 -58.33 9.71
C CYS F 23 -16.85 -57.40 10.83
N HIS F 24 -16.22 -57.49 11.98
CA HIS F 24 -16.61 -56.68 13.14
C HIS F 24 -15.56 -55.62 13.44
N ALA F 25 -16.02 -54.38 13.60
CA ALA F 25 -15.14 -53.27 13.96
C ALA F 25 -15.34 -52.88 15.42
N SER F 26 -14.27 -52.48 16.07
CA SER F 26 -14.32 -52.10 17.48
C SER F 26 -15.21 -50.88 17.70
N GLN F 27 -15.56 -50.19 16.62
CA GLN F 27 -16.46 -49.04 16.69
C GLN F 27 -17.16 -48.84 15.35
N GLY F 28 -18.20 -48.01 15.35
CA GLY F 28 -18.95 -47.74 14.13
C GLY F 28 -18.09 -47.12 13.07
N ILE F 29 -18.30 -47.51 11.82
CA ILE F 29 -17.53 -46.98 10.69
C ILE F 29 -18.43 -46.55 9.53
N SER F 30 -19.74 -46.50 9.77
CA SER F 30 -20.70 -45.97 8.81
C SER F 30 -20.39 -46.37 7.37
N SER F 31 -20.49 -47.67 7.08
CA SER F 31 -20.33 -48.20 5.73
C SER F 31 -18.97 -47.90 5.07
N ASN F 32 -18.06 -47.27 5.80
CA ASN F 32 -16.75 -46.96 5.26
C ASN F 32 -15.84 -48.18 5.30
N ILE F 33 -16.17 -49.18 4.47
CA ILE F 33 -15.44 -50.43 4.46
C ILE F 33 -15.34 -50.96 3.03
N GLY F 34 -14.22 -51.62 2.73
CA GLY F 34 -14.01 -52.20 1.43
C GLY F 34 -13.60 -53.65 1.56
N TRP F 35 -13.96 -54.47 0.57
CA TRP F 35 -13.61 -55.88 0.57
C TRP F 35 -12.62 -56.19 -0.54
N LEU F 36 -11.65 -57.05 -0.23
CA LEU F 36 -10.56 -57.35 -1.15
C LEU F 36 -10.41 -58.84 -1.34
N GLN F 37 -9.93 -59.24 -2.52
CA GLN F 37 -9.70 -60.65 -2.83
C GLN F 37 -8.26 -60.83 -3.29
N GLN F 38 -7.66 -61.96 -2.92
CA GLN F 38 -6.31 -62.28 -3.34
C GLN F 38 -6.21 -63.72 -3.81
N LYS F 39 -6.20 -63.92 -5.13
CA LYS F 39 -6.10 -65.25 -5.70
C LYS F 39 -4.73 -65.84 -5.39
N PRO F 40 -4.65 -67.17 -5.28
CA PRO F 40 -3.42 -67.88 -4.90
C PRO F 40 -2.20 -67.47 -5.74
N GLY F 41 -1.26 -66.77 -5.11
CA GLY F 41 -0.04 -66.35 -5.77
C GLY F 41 -0.14 -64.99 -6.42
N LYS F 42 -1.36 -64.58 -6.76
CA LYS F 42 -1.57 -63.31 -7.44
C LYS F 42 -1.77 -62.17 -6.42
N SER F 43 -1.92 -60.95 -6.93
CA SER F 43 -2.06 -59.78 -6.08
C SER F 43 -3.51 -59.59 -5.64
N PHE F 44 -3.92 -58.34 -5.43
CA PHE F 44 -5.24 -58.06 -4.89
C PHE F 44 -6.15 -57.48 -5.96
N MET F 45 -7.46 -57.67 -5.76
CA MET F 45 -8.47 -57.12 -6.64
C MET F 45 -9.60 -56.55 -5.79
N GLY F 46 -10.05 -55.34 -6.13
CA GLY F 46 -11.14 -54.72 -5.41
C GLY F 46 -12.45 -55.44 -5.65
N LEU F 47 -13.18 -55.72 -4.58
CA LEU F 47 -14.50 -56.32 -4.68
C LEU F 47 -15.57 -55.28 -4.37
N ILE F 48 -15.52 -54.73 -3.17
CA ILE F 48 -16.51 -53.77 -2.71
C ILE F 48 -15.83 -52.51 -2.20
N TYR F 49 -16.55 -51.39 -2.26
CA TYR F 49 -16.10 -50.16 -1.62
C TYR F 49 -17.30 -49.43 -1.02
N TYR F 50 -17.05 -48.71 0.07
CA TYR F 50 -18.10 -48.02 0.80
C TYR F 50 -19.27 -48.95 1.14
N GLY F 51 -18.94 -50.20 1.48
CA GLY F 51 -19.92 -51.12 2.03
C GLY F 51 -20.66 -51.99 1.04
N THR F 52 -21.32 -51.39 0.06
CA THR F 52 -22.23 -52.13 -0.81
C THR F 52 -21.90 -52.02 -2.31
N ASN F 53 -21.10 -51.04 -2.68
CA ASN F 53 -20.83 -50.79 -4.09
C ASN F 53 -19.77 -51.71 -4.68
N LEU F 54 -20.14 -52.43 -5.75
CA LEU F 54 -19.21 -53.31 -6.45
C LEU F 54 -18.16 -52.51 -7.22
N VAL F 55 -16.96 -53.06 -7.31
CA VAL F 55 -15.91 -52.46 -8.13
C VAL F 55 -16.16 -52.85 -9.58
N ASP F 56 -15.99 -51.90 -10.49
CA ASP F 56 -16.22 -52.14 -11.91
C ASP F 56 -15.48 -53.39 -12.38
N GLY F 57 -16.23 -54.36 -12.91
CA GLY F 57 -15.65 -55.58 -13.43
C GLY F 57 -15.88 -56.78 -12.54
N VAL F 58 -16.41 -56.55 -11.35
CA VAL F 58 -16.67 -57.63 -10.40
C VAL F 58 -18.07 -58.22 -10.63
N PRO F 59 -18.15 -59.55 -10.80
CA PRO F 59 -19.43 -60.23 -11.00
C PRO F 59 -20.47 -59.83 -9.97
N SER F 60 -21.74 -59.88 -10.37
CA SER F 60 -22.83 -59.44 -9.50
C SER F 60 -23.15 -60.45 -8.39
N ARG F 61 -22.53 -61.62 -8.45
CA ARG F 61 -22.77 -62.64 -7.43
C ARG F 61 -22.19 -62.23 -6.09
N PHE F 62 -21.28 -61.26 -6.11
CA PHE F 62 -20.75 -60.68 -4.88
C PHE F 62 -21.71 -59.61 -4.36
N SER F 63 -21.71 -59.39 -3.06
CA SER F 63 -22.59 -58.39 -2.47
C SER F 63 -22.19 -58.07 -1.03
N GLY F 64 -22.09 -56.79 -0.73
CA GLY F 64 -21.78 -56.33 0.62
C GLY F 64 -23.03 -55.85 1.33
N SER F 65 -22.99 -55.87 2.66
CA SER F 65 -24.13 -55.45 3.46
C SER F 65 -23.70 -55.17 4.90
N GLY F 66 -24.57 -54.52 5.65
CA GLY F 66 -24.30 -54.22 7.05
C GLY F 66 -24.39 -52.74 7.36
N SER F 67 -24.16 -52.40 8.62
CA SER F 67 -24.19 -51.01 9.06
C SER F 67 -23.64 -50.89 10.48
N GLY F 68 -23.05 -49.74 10.79
CA GLY F 68 -22.48 -49.51 12.10
C GLY F 68 -21.11 -50.16 12.25
N ALA F 69 -21.07 -51.28 12.97
CA ALA F 69 -19.82 -51.97 13.24
C ALA F 69 -19.90 -53.45 12.88
N ASP F 70 -20.80 -53.80 11.97
CA ASP F 70 -20.95 -55.18 11.53
C ASP F 70 -21.32 -55.24 10.05
N TYR F 71 -20.47 -55.90 9.26
CA TYR F 71 -20.68 -55.98 7.82
C TYR F 71 -20.36 -57.39 7.31
N SER F 72 -20.98 -57.77 6.20
CA SER F 72 -20.85 -59.12 5.69
C SER F 72 -20.70 -59.16 4.17
N LEU F 73 -19.64 -59.82 3.70
CA LEU F 73 -19.45 -60.06 2.28
C LEU F 73 -20.07 -61.40 1.90
N THR F 74 -20.92 -61.40 0.88
CA THR F 74 -21.66 -62.60 0.50
C THR F 74 -21.41 -62.99 -0.96
N ILE F 75 -21.08 -64.25 -1.17
CA ILE F 75 -20.88 -64.78 -2.51
C ILE F 75 -21.96 -65.81 -2.83
N SER F 76 -22.76 -65.53 -3.86
CA SER F 76 -23.83 -66.43 -4.26
C SER F 76 -23.34 -67.40 -5.33
N SER F 77 -23.53 -68.69 -5.08
CA SER F 77 -23.08 -69.72 -6.01
C SER F 77 -21.58 -69.59 -6.27
N LEU F 78 -20.78 -70.20 -5.40
CA LEU F 78 -19.33 -70.11 -5.49
C LEU F 78 -18.80 -70.68 -6.81
N ASP F 79 -17.71 -70.09 -7.29
CA ASP F 79 -17.06 -70.54 -8.51
C ASP F 79 -15.60 -70.92 -8.21
N SER F 80 -15.02 -71.74 -9.08
CA SER F 80 -13.64 -72.18 -8.91
C SER F 80 -12.69 -71.00 -8.69
N GLU F 81 -13.07 -69.83 -9.20
CA GLU F 81 -12.27 -68.62 -9.04
C GLU F 81 -12.36 -68.10 -7.62
N ASP F 82 -13.54 -68.20 -7.03
CA ASP F 82 -13.82 -67.60 -5.73
C ASP F 82 -13.03 -68.22 -4.59
N PHE F 83 -12.33 -69.33 -4.86
CA PHE F 83 -11.49 -69.95 -3.85
C PHE F 83 -10.18 -69.17 -3.69
N ALA F 84 -10.17 -68.25 -2.74
CA ALA F 84 -9.01 -67.39 -2.51
C ALA F 84 -9.13 -66.71 -1.15
N ASP F 85 -8.20 -65.81 -0.86
CA ASP F 85 -8.21 -65.07 0.39
C ASP F 85 -9.02 -63.79 0.25
N TYR F 86 -9.76 -63.45 1.31
CA TYR F 86 -10.55 -62.22 1.33
C TYR F 86 -10.22 -61.40 2.57
N TYR F 87 -10.09 -60.09 2.38
CA TYR F 87 -9.77 -59.19 3.49
C TYR F 87 -10.67 -57.98 3.47
N CYS F 88 -11.20 -57.62 4.63
CA CYS F 88 -11.97 -56.40 4.78
C CYS F 88 -11.07 -55.30 5.29
N VAL F 89 -11.22 -54.09 4.75
CA VAL F 89 -10.44 -52.95 5.17
C VAL F 89 -11.34 -51.78 5.54
N GLN F 90 -11.03 -51.12 6.64
CA GLN F 90 -11.78 -49.94 7.05
C GLN F 90 -10.95 -48.70 6.79
N TYR F 91 -11.59 -47.66 6.28
CA TYR F 91 -10.92 -46.38 6.06
C TYR F 91 -11.73 -45.23 6.62
N ALA F 92 -12.50 -45.51 7.66
CA ALA F 92 -13.25 -44.49 8.37
C ALA F 92 -12.28 -43.60 9.15
N GLN F 93 -11.20 -44.20 9.63
CA GLN F 93 -10.18 -43.47 10.36
C GLN F 93 -8.78 -43.83 9.90
N LEU F 94 -7.83 -42.94 10.15
CA LEU F 94 -6.42 -43.23 9.93
C LEU F 94 -5.80 -43.67 11.26
N PRO F 95 -4.87 -44.65 11.20
CA PRO F 95 -4.45 -45.33 9.98
C PRO F 95 -5.46 -46.37 9.51
N TYR F 96 -5.50 -46.64 8.21
CA TYR F 96 -6.35 -47.70 7.69
C TYR F 96 -5.96 -49.02 8.34
N THR F 97 -6.95 -49.87 8.63
CA THR F 97 -6.69 -51.15 9.26
C THR F 97 -7.41 -52.28 8.53
N PHE F 98 -6.68 -53.37 8.28
CA PHE F 98 -7.22 -54.53 7.58
C PHE F 98 -7.72 -55.57 8.58
N GLY F 99 -8.44 -56.56 8.07
CA GLY F 99 -8.95 -57.64 8.89
C GLY F 99 -8.04 -58.85 8.85
N GLY F 100 -8.26 -59.79 9.76
CA GLY F 100 -7.45 -60.99 9.84
C GLY F 100 -7.45 -61.77 8.54
N GLY F 101 -8.56 -61.68 7.80
CA GLY F 101 -8.69 -62.36 6.52
C GLY F 101 -9.48 -63.64 6.63
N THR F 102 -9.82 -64.21 5.47
CA THR F 102 -10.56 -65.45 5.41
C THR F 102 -10.11 -66.25 4.19
N LYS F 103 -9.85 -67.54 4.39
CA LYS F 103 -9.39 -68.40 3.32
C LYS F 103 -10.46 -69.44 2.96
N LEU F 104 -11.06 -69.29 1.78
CA LEU F 104 -12.06 -70.24 1.32
C LEU F 104 -11.41 -71.50 0.76
N GLU F 105 -11.69 -72.64 1.39
CA GLU F 105 -11.11 -73.91 0.99
C GLU F 105 -12.19 -74.84 0.45
N ILE F 106 -11.78 -75.87 -0.29
CA ILE F 106 -12.71 -76.83 -0.87
C ILE F 106 -13.05 -77.93 0.13
N LYS F 107 -14.32 -78.31 0.19
CA LYS F 107 -14.77 -79.36 1.09
C LYS F 107 -14.64 -80.73 0.43
N ARG F 108 -14.31 -81.75 1.21
CA ARG F 108 -14.17 -83.10 0.70
C ARG F 108 -14.16 -84.11 1.84
N ALA F 109 -14.21 -85.39 1.49
CA ALA F 109 -14.16 -86.45 2.47
C ALA F 109 -12.80 -86.48 3.15
N ASP F 110 -12.80 -86.71 4.46
CA ASP F 110 -11.56 -86.75 5.23
C ASP F 110 -10.61 -87.80 4.67
N ALA F 111 -9.33 -87.67 4.99
CA ALA F 111 -8.32 -88.60 4.51
C ALA F 111 -7.11 -88.63 5.45
N ALA F 112 -6.69 -89.84 5.83
CA ALA F 112 -5.53 -90.01 6.69
C ALA F 112 -4.24 -89.82 5.90
N PRO F 113 -3.21 -89.27 6.55
CA PRO F 113 -1.93 -88.95 5.89
C PRO F 113 -1.10 -90.20 5.59
N THR F 114 -0.28 -90.11 4.54
CA THR F 114 0.63 -91.20 4.19
C THR F 114 2.02 -90.87 4.72
N VAL F 115 2.31 -91.33 5.93
CA VAL F 115 3.57 -91.00 6.60
C VAL F 115 4.74 -91.78 5.99
N SER F 116 5.89 -91.12 5.92
CA SER F 116 7.09 -91.75 5.38
C SER F 116 8.34 -91.11 6.01
N ILE F 117 9.11 -91.91 6.73
CA ILE F 117 10.29 -91.41 7.42
C ILE F 117 11.57 -91.75 6.64
N PHE F 118 12.52 -90.83 6.65
CA PHE F 118 13.77 -90.99 5.90
C PHE F 118 14.97 -90.61 6.75
N PRO F 119 15.88 -91.57 6.99
CA PRO F 119 17.12 -91.25 7.71
C PRO F 119 18.08 -90.45 6.84
N PRO F 120 19.04 -89.75 7.46
CA PRO F 120 20.01 -88.94 6.72
C PRO F 120 20.72 -89.72 5.62
N SER F 121 21.02 -89.06 4.51
CA SER F 121 21.69 -89.71 3.39
C SER F 121 23.20 -89.76 3.61
N SER F 122 23.86 -90.70 2.95
CA SER F 122 25.30 -90.86 3.08
C SER F 122 26.03 -89.57 2.71
N GLU F 123 25.50 -88.85 1.73
CA GLU F 123 26.13 -87.64 1.24
C GLU F 123 26.17 -86.56 2.32
N GLN F 124 25.14 -86.53 3.15
CA GLN F 124 25.04 -85.50 4.18
C GLN F 124 25.82 -85.86 5.44
N LEU F 125 25.79 -87.14 5.81
CA LEU F 125 26.51 -87.61 6.99
C LEU F 125 28.00 -87.32 6.89
N THR F 126 28.56 -87.51 5.70
CA THR F 126 29.98 -87.27 5.49
C THR F 126 30.35 -85.80 5.70
N SER F 127 29.38 -84.92 5.52
CA SER F 127 29.62 -83.48 5.69
C SER F 127 29.30 -83.01 7.10
N GLY F 128 29.09 -83.95 8.01
CA GLY F 128 28.86 -83.63 9.41
C GLY F 128 27.42 -83.25 9.71
N GLY F 129 26.53 -83.42 8.74
CA GLY F 129 25.13 -83.09 8.91
C GLY F 129 24.27 -84.33 9.00
N ALA F 130 23.09 -84.19 9.61
CA ALA F 130 22.17 -85.31 9.75
C ALA F 130 20.73 -84.82 9.87
N SER F 131 19.98 -84.92 8.78
CA SER F 131 18.59 -84.48 8.78
C SER F 131 17.64 -85.66 8.61
N VAL F 132 16.68 -85.77 9.53
CA VAL F 132 15.68 -86.82 9.48
C VAL F 132 14.36 -86.27 8.94
N VAL F 133 14.06 -86.61 7.68
CA VAL F 133 12.87 -86.09 7.02
C VAL F 133 11.67 -86.99 7.29
N CYS F 134 10.48 -86.39 7.33
CA CYS F 134 9.25 -87.15 7.54
C CYS F 134 8.10 -86.50 6.77
N PHE F 135 7.71 -87.15 5.68
CA PHE F 135 6.65 -86.63 4.82
C PHE F 135 5.27 -87.15 5.23
N LEU F 136 4.31 -86.24 5.34
CA LEU F 136 2.91 -86.61 5.58
C LEU F 136 2.07 -86.12 4.42
N ASN F 137 1.83 -87.00 3.44
CA ASN F 137 1.22 -86.60 2.18
C ASN F 137 -0.28 -86.91 2.09
N ASN F 138 -1.01 -85.99 1.46
CA ASN F 138 -2.42 -86.19 1.13
C ASN F 138 -3.29 -86.53 2.33
N PHE F 139 -3.67 -85.51 3.09
CA PHE F 139 -4.57 -85.68 4.21
C PHE F 139 -5.56 -84.52 4.29
N TYR F 140 -6.71 -84.75 4.93
CA TYR F 140 -7.73 -83.72 5.06
C TYR F 140 -8.58 -83.97 6.29
N PRO F 141 -8.89 -82.91 7.06
CA PRO F 141 -8.54 -81.50 6.82
C PRO F 141 -7.07 -81.17 7.08
N LYS F 142 -6.73 -79.90 6.89
CA LYS F 142 -5.34 -79.45 7.00
C LYS F 142 -4.79 -79.54 8.42
N ASP F 143 -5.68 -79.43 9.41
CA ASP F 143 -5.25 -79.43 10.80
C ASP F 143 -4.57 -80.74 11.17
N ILE F 144 -3.33 -80.66 11.63
CA ILE F 144 -2.55 -81.83 12.01
C ILE F 144 -1.39 -81.44 12.91
N ASN F 145 -0.97 -82.38 13.76
CA ASN F 145 0.19 -82.17 14.62
C ASN F 145 1.22 -83.29 14.45
N VAL F 146 2.49 -82.91 14.44
CA VAL F 146 3.57 -83.88 14.32
C VAL F 146 4.47 -83.80 15.55
N LYS F 147 4.98 -84.96 15.98
CA LYS F 147 5.83 -85.03 17.15
C LYS F 147 7.02 -85.95 16.93
N TRP F 148 8.22 -85.44 17.20
CA TRP F 148 9.43 -86.24 17.09
C TRP F 148 9.81 -86.83 18.44
N LYS F 149 10.21 -88.10 18.43
CA LYS F 149 10.64 -88.77 19.66
C LYS F 149 11.98 -89.47 19.45
N ILE F 150 12.99 -89.04 20.22
CA ILE F 150 14.30 -89.68 20.19
C ILE F 150 14.43 -90.60 21.40
N ASP F 151 14.52 -91.90 21.14
CA ASP F 151 14.57 -92.90 22.19
C ASP F 151 13.36 -92.78 23.12
N GLY F 152 12.21 -92.47 22.53
CA GLY F 152 10.97 -92.37 23.28
C GLY F 152 10.67 -90.95 23.75
N SER F 153 11.72 -90.21 24.09
CA SER F 153 11.56 -88.85 24.60
C SER F 153 11.31 -87.85 23.47
N GLU F 154 10.37 -86.95 23.69
CA GLU F 154 10.02 -85.95 22.69
C GLU F 154 11.20 -85.03 22.39
N ARG F 155 11.20 -84.46 21.20
CA ARG F 155 12.26 -83.55 20.78
C ARG F 155 11.65 -82.33 20.08
N GLN F 156 12.01 -81.14 20.54
CA GLN F 156 11.40 -79.91 20.03
C GLN F 156 12.44 -78.86 19.63
N ASN F 157 13.64 -79.30 19.26
CA ASN F 157 14.69 -78.40 18.81
C ASN F 157 15.28 -78.84 17.48
N GLY F 158 15.42 -77.90 16.55
CA GLY F 158 15.96 -78.21 15.23
C GLY F 158 14.91 -78.77 14.29
N VAL F 159 13.64 -78.53 14.61
CA VAL F 159 12.53 -79.03 13.80
C VAL F 159 12.02 -77.94 12.87
N LEU F 160 12.10 -78.20 11.57
CA LEU F 160 11.60 -77.28 10.56
C LEU F 160 10.47 -77.92 9.76
N ASN F 161 9.30 -77.28 9.79
CA ASN F 161 8.13 -77.80 9.11
C ASN F 161 7.75 -76.95 7.90
N SER F 162 7.04 -77.55 6.96
CA SER F 162 6.58 -76.84 5.76
C SER F 162 5.33 -77.52 5.20
N TRP F 163 4.32 -76.72 4.91
CA TRP F 163 3.05 -77.23 4.40
C TRP F 163 2.86 -76.85 2.94
N THR F 164 2.02 -77.60 2.24
CA THR F 164 1.68 -77.28 0.86
C THR F 164 0.25 -76.76 0.79
N ASP F 165 0.00 -75.86 -0.16
CA ASP F 165 -1.35 -75.35 -0.37
C ASP F 165 -2.26 -76.49 -0.78
N GLN F 166 -3.54 -76.39 -0.44
CA GLN F 166 -4.51 -77.42 -0.79
C GLN F 166 -4.31 -77.83 -2.25
N ASP F 167 -3.92 -79.08 -2.46
CA ASP F 167 -3.63 -79.58 -3.80
C ASP F 167 -4.79 -79.29 -4.75
N SER F 168 -4.45 -78.98 -6.00
CA SER F 168 -5.46 -78.61 -6.99
C SER F 168 -6.26 -79.81 -7.47
N LYS F 169 -5.61 -80.97 -7.52
CA LYS F 169 -6.25 -82.18 -8.04
C LYS F 169 -7.24 -82.79 -7.06
N ASP F 170 -6.72 -83.30 -5.94
CA ASP F 170 -7.54 -84.02 -4.97
C ASP F 170 -7.93 -83.17 -3.77
N SER F 171 -7.50 -81.90 -3.77
CA SER F 171 -7.85 -80.97 -2.71
C SER F 171 -7.41 -81.47 -1.33
N THR F 172 -6.28 -82.19 -1.29
CA THR F 172 -5.71 -82.66 -0.04
C THR F 172 -4.50 -81.82 0.33
N TYR F 173 -3.98 -82.04 1.54
CA TYR F 173 -2.82 -81.30 2.01
C TYR F 173 -1.64 -82.24 2.25
N SER F 174 -0.43 -81.67 2.29
CA SER F 174 0.77 -82.43 2.59
C SER F 174 1.67 -81.62 3.52
N MET F 175 2.46 -82.32 4.32
CA MET F 175 3.35 -81.66 5.27
C MET F 175 4.75 -82.27 5.20
N SER F 176 5.74 -81.46 5.55
CA SER F 176 7.14 -81.91 5.52
C SER F 176 7.87 -81.44 6.78
N SER F 177 8.34 -82.40 7.57
CA SER F 177 9.06 -82.09 8.80
C SER F 177 10.50 -82.60 8.70
N THR F 178 11.45 -81.74 9.08
CA THR F 178 12.86 -82.10 9.01
C THR F 178 13.59 -81.82 10.33
N LEU F 179 13.97 -82.89 11.01
CA LEU F 179 14.71 -82.78 12.25
C LEU F 179 16.21 -82.79 11.97
N THR F 180 16.84 -81.62 12.03
CA THR F 180 18.25 -81.49 11.70
C THR F 180 19.13 -81.57 12.96
N LEU F 181 19.97 -82.59 13.02
CA LEU F 181 20.90 -82.78 14.12
C LEU F 181 22.33 -82.80 13.61
N THR F 182 23.29 -82.72 14.52
CA THR F 182 24.70 -82.84 14.16
C THR F 182 25.08 -84.32 14.15
N LYS F 183 25.93 -84.70 13.20
CA LYS F 183 26.38 -86.08 13.10
C LYS F 183 26.78 -86.62 14.47
N ASP F 184 27.35 -85.74 15.28
CA ASP F 184 27.78 -86.11 16.63
C ASP F 184 26.61 -86.60 17.47
N GLU F 185 25.57 -85.78 17.59
CA GLU F 185 24.42 -86.10 18.42
C GLU F 185 23.58 -87.24 17.82
N TYR F 186 23.62 -87.37 16.50
CA TYR F 186 22.84 -88.39 15.83
C TYR F 186 23.25 -89.79 16.29
N GLU F 187 24.53 -89.95 16.62
CA GLU F 187 25.06 -91.25 17.03
C GLU F 187 24.93 -91.45 18.55
N ARG F 188 24.46 -90.43 19.25
CA ARG F 188 24.25 -90.54 20.70
C ARG F 188 22.84 -91.01 21.02
N HIS F 189 22.10 -91.44 20.00
CA HIS F 189 20.78 -92.02 20.18
C HIS F 189 20.56 -93.13 19.16
N ASN F 190 19.49 -93.89 19.32
CA ASN F 190 19.22 -95.04 18.45
C ASN F 190 17.93 -94.91 17.65
N SER F 191 16.80 -95.13 18.31
CA SER F 191 15.51 -95.12 17.63
C SER F 191 14.96 -93.71 17.43
N TYR F 192 14.50 -93.44 16.21
CA TYR F 192 13.89 -92.15 15.88
C TYR F 192 12.48 -92.37 15.35
N THR F 193 11.52 -91.65 15.91
CA THR F 193 10.11 -91.82 15.57
C THR F 193 9.48 -90.53 15.07
N CYS F 194 8.48 -90.68 14.20
CA CYS F 194 7.74 -89.54 13.67
C CYS F 194 6.24 -89.77 13.83
N GLU F 195 5.68 -89.24 14.92
CA GLU F 195 4.26 -89.43 15.22
C GLU F 195 3.41 -88.33 14.58
N ALA F 196 2.19 -88.70 14.22
CA ALA F 196 1.26 -87.75 13.59
C ALA F 196 -0.15 -87.95 14.14
N THR F 197 -0.70 -86.90 14.73
CA THR F 197 -2.06 -86.96 15.29
C THR F 197 -3.04 -86.26 14.35
N HIS F 198 -4.12 -86.95 14.01
CA HIS F 198 -5.11 -86.40 13.09
C HIS F 198 -6.51 -86.84 13.53
N LYS F 199 -7.53 -86.17 13.01
CA LYS F 199 -8.91 -86.44 13.42
C LYS F 199 -9.39 -87.79 12.90
N THR F 200 -8.85 -88.23 11.77
CA THR F 200 -9.25 -89.49 11.15
C THR F 200 -8.94 -90.68 12.05
N SER F 201 -7.91 -90.55 12.89
CA SER F 201 -7.49 -91.63 13.75
C SER F 201 -7.47 -91.22 15.22
N THR F 202 -7.83 -92.15 16.10
CA THR F 202 -7.76 -91.92 17.54
C THR F 202 -6.31 -92.03 17.99
N SER F 203 -5.60 -93.01 17.45
CA SER F 203 -4.19 -93.21 17.77
C SER F 203 -3.31 -92.55 16.70
N PRO F 204 -2.15 -92.01 17.12
CA PRO F 204 -1.23 -91.36 16.18
C PRO F 204 -0.64 -92.33 15.16
N ILE F 205 -0.41 -91.85 13.94
CA ILE F 205 0.27 -92.64 12.93
C ILE F 205 1.77 -92.62 13.21
N VAL F 206 2.34 -93.79 13.44
CA VAL F 206 3.74 -93.88 13.83
C VAL F 206 4.60 -94.48 12.73
N LYS F 207 5.76 -93.88 12.49
CA LYS F 207 6.75 -94.40 11.56
C LYS F 207 8.15 -94.18 12.12
N SER F 208 8.85 -95.27 12.42
CA SER F 208 10.14 -95.20 13.07
C SER F 208 11.21 -96.00 12.34
N PHE F 209 12.46 -95.81 12.76
CA PHE F 209 13.58 -96.57 12.25
C PHE F 209 14.69 -96.57 13.29
N ASN F 210 15.41 -97.68 13.40
CA ASN F 210 16.51 -97.80 14.36
C ASN F 210 17.86 -97.58 13.68
N ARG F 211 18.66 -96.67 14.23
CA ARG F 211 19.97 -96.36 13.68
C ARG F 211 20.80 -97.63 13.60
N ASN F 212 21.79 -97.64 12.71
CA ASN F 212 22.62 -98.81 12.47
C ASN F 212 21.83 -99.95 11.84
N GLU F 213 20.85 -100.47 12.57
CA GLU F 213 20.00 -101.55 12.08
C GLU F 213 19.33 -101.16 10.77
N CYS F 214 19.17 -102.14 9.89
CA CYS F 214 18.52 -101.92 8.60
C CYS F 214 17.66 -103.12 8.22
N GLU G 1 13.40 42.63 -10.87
CA GLU G 1 13.23 43.87 -10.06
C GLU G 1 11.86 43.90 -9.41
N VAL G 2 11.83 44.24 -8.13
CA VAL G 2 10.58 44.30 -7.38
C VAL G 2 9.74 45.50 -7.83
N GLN G 3 8.50 45.21 -8.20
CA GLN G 3 7.54 46.26 -8.57
C GLN G 3 6.13 45.90 -8.14
N LEU G 4 5.39 46.89 -7.64
CA LEU G 4 4.02 46.68 -7.22
C LEU G 4 3.08 47.48 -8.10
N GLN G 5 2.43 46.81 -9.04
CA GLN G 5 1.46 47.46 -9.92
C GLN G 5 0.09 47.54 -9.28
N GLN G 6 -0.27 48.72 -8.80
CA GLN G 6 -1.59 48.93 -8.22
C GLN G 6 -2.61 49.27 -9.31
N SER G 7 -3.87 48.95 -9.05
CA SER G 7 -4.94 49.19 -10.02
C SER G 7 -5.16 50.68 -10.28
N GLY G 8 -5.92 50.97 -11.33
CA GLY G 8 -6.15 52.34 -11.74
C GLY G 8 -6.99 53.14 -10.77
N ALA G 9 -7.09 54.44 -11.01
CA ALA G 9 -7.88 55.32 -10.16
C ALA G 9 -9.33 54.86 -10.10
N GLU G 10 -9.96 55.05 -8.95
CA GLU G 10 -11.35 54.66 -8.76
C GLU G 10 -12.20 55.87 -8.44
N LEU G 11 -13.40 55.90 -9.00
CA LEU G 11 -14.35 56.99 -8.75
C LEU G 11 -15.71 56.40 -8.43
N VAL G 12 -16.07 56.40 -7.15
CA VAL G 12 -17.29 55.76 -6.70
C VAL G 12 -18.18 56.73 -5.91
N LYS G 13 -19.39 56.29 -5.60
CA LYS G 13 -20.35 57.11 -4.87
C LYS G 13 -20.35 56.75 -3.39
N PRO G 14 -20.76 57.69 -2.53
CA PRO G 14 -20.81 57.45 -1.09
C PRO G 14 -21.73 56.29 -0.71
N GLY G 15 -21.23 55.39 0.13
CA GLY G 15 -22.03 54.25 0.56
C GLY G 15 -21.67 52.98 -0.21
N ALA G 16 -21.04 53.14 -1.36
CA ALA G 16 -20.64 52.01 -2.18
C ALA G 16 -19.40 51.33 -1.60
N SER G 17 -18.97 50.26 -2.25
CA SER G 17 -17.77 49.54 -1.85
C SER G 17 -16.78 49.47 -3.00
N VAL G 18 -15.49 49.61 -2.67
CA VAL G 18 -14.44 49.55 -3.68
C VAL G 18 -13.38 48.55 -3.25
N LYS G 19 -12.72 47.94 -4.23
CA LYS G 19 -11.68 46.95 -3.95
C LYS G 19 -10.44 47.23 -4.78
N LEU G 20 -9.36 47.66 -4.11
CA LEU G 20 -8.12 47.98 -4.78
C LEU G 20 -7.24 46.72 -4.86
N SER G 21 -6.34 46.69 -5.84
CA SER G 21 -5.47 45.54 -6.02
C SER G 21 -4.01 45.98 -6.09
N CYS G 22 -3.11 45.05 -5.77
CA CYS G 22 -1.68 45.32 -5.78
C CYS G 22 -0.94 44.10 -6.31
N THR G 23 -0.79 44.03 -7.63
CA THR G 23 -0.16 42.88 -8.26
C THR G 23 1.36 42.98 -8.18
N ALA G 24 2.00 41.90 -7.76
CA ALA G 24 3.45 41.87 -7.61
C ALA G 24 4.14 41.49 -8.91
N SER G 25 5.21 42.21 -9.24
CA SER G 25 6.01 41.93 -10.42
C SER G 25 7.47 41.72 -10.05
N GLY G 26 8.06 40.66 -10.57
CA GLY G 26 9.46 40.36 -10.31
C GLY G 26 9.69 39.64 -9.01
N PHE G 27 8.61 39.15 -8.40
CA PHE G 27 8.72 38.39 -7.16
C PHE G 27 7.37 37.78 -6.78
N ASN G 28 7.40 36.86 -5.83
CA ASN G 28 6.17 36.23 -5.35
C ASN G 28 5.57 37.00 -4.19
N ILE G 29 4.32 37.42 -4.36
CA ILE G 29 3.62 38.19 -3.34
C ILE G 29 3.72 37.51 -1.98
N LYS G 30 3.81 36.17 -2.01
CA LYS G 30 3.85 35.37 -0.80
C LYS G 30 5.14 35.56 0.00
N ASP G 31 6.13 36.21 -0.61
CA ASP G 31 7.46 36.33 -0.01
C ASP G 31 7.47 37.05 1.33
N THR G 32 6.78 38.19 1.41
CA THR G 32 6.87 39.03 2.59
C THR G 32 5.52 39.58 3.03
N TYR G 33 5.52 40.33 4.13
CA TYR G 33 4.35 41.06 4.57
C TYR G 33 3.93 42.02 3.47
N VAL G 34 2.65 42.40 3.48
CA VAL G 34 2.14 43.40 2.56
C VAL G 34 1.25 44.38 3.31
N HIS G 35 1.69 45.63 3.40
CA HIS G 35 0.96 46.66 4.13
C HIS G 35 0.16 47.52 3.17
N TRP G 36 -0.83 48.23 3.73
CA TRP G 36 -1.56 49.25 2.99
C TRP G 36 -1.49 50.58 3.74
N VAL G 37 -1.29 51.66 3.00
CA VAL G 37 -1.14 52.97 3.62
C VAL G 37 -2.02 54.01 2.92
N LYS G 38 -2.77 54.76 3.72
CA LYS G 38 -3.64 55.82 3.24
C LYS G 38 -2.93 57.16 3.33
N GLN G 39 -3.06 57.98 2.29
CA GLN G 39 -2.44 59.31 2.30
C GLN G 39 -3.42 60.41 1.93
N ARG G 40 -3.46 61.45 2.75
CA ARG G 40 -4.25 62.64 2.45
C ARG G 40 -3.36 63.88 2.59
N PRO G 41 -3.71 64.95 1.85
CA PRO G 41 -2.90 66.18 1.85
C PRO G 41 -2.76 66.79 3.25
N GLU G 42 -3.86 66.94 3.95
CA GLU G 42 -3.85 67.59 5.26
C GLU G 42 -3.53 66.60 6.38
N GLN G 43 -4.19 65.45 6.36
CA GLN G 43 -4.06 64.48 7.44
C GLN G 43 -2.72 63.74 7.39
N GLY G 44 -2.21 63.50 6.19
CA GLY G 44 -0.91 62.87 6.03
C GLY G 44 -0.98 61.37 5.80
N LEU G 45 -0.01 60.64 6.36
CA LEU G 45 0.10 59.20 6.14
C LEU G 45 -0.47 58.40 7.30
N GLU G 46 -1.36 57.46 6.99
CA GLU G 46 -1.96 56.60 7.99
C GLU G 46 -1.79 55.13 7.60
N TRP G 47 -1.29 54.33 8.53
CA TRP G 47 -1.14 52.91 8.32
C TRP G 47 -2.50 52.21 8.47
N ILE G 48 -2.94 51.52 7.42
CA ILE G 48 -4.22 50.84 7.45
C ILE G 48 -4.09 49.48 8.11
N GLY G 49 -3.22 48.65 7.57
CA GLY G 49 -3.00 47.31 8.08
C GLY G 49 -2.03 46.55 7.21
N ARG G 50 -1.81 45.28 7.54
CA ARG G 50 -0.92 44.42 6.76
C ARG G 50 -1.54 43.05 6.60
N ILE G 51 -0.95 42.24 5.73
CA ILE G 51 -1.36 40.86 5.55
C ILE G 51 -0.15 40.01 5.19
N ASP G 52 -0.16 38.76 5.65
CA ASP G 52 0.86 37.80 5.27
C ASP G 52 0.27 36.87 4.20
N PRO G 53 0.47 37.20 2.92
CA PRO G 53 -0.21 36.50 1.83
C PRO G 53 -0.02 34.98 1.85
N ALA G 54 1.01 34.51 2.55
CA ALA G 54 1.29 33.08 2.62
C ALA G 54 0.18 32.34 3.36
N ASN G 55 -0.23 32.89 4.50
CA ASN G 55 -1.19 32.23 5.37
C ASN G 55 -2.51 32.99 5.49
N GLY G 56 -2.49 34.28 5.16
CA GLY G 56 -3.70 35.08 5.12
C GLY G 56 -3.99 35.87 6.39
N TYR G 57 -3.13 35.73 7.40
CA TYR G 57 -3.32 36.44 8.66
C TYR G 57 -3.09 37.94 8.49
N THR G 58 -3.93 38.74 9.13
CA THR G 58 -3.89 40.19 8.97
C THR G 58 -3.83 40.95 10.29
N LYS G 59 -3.47 42.23 10.20
CA LYS G 59 -3.50 43.14 11.33
C LYS G 59 -3.98 44.51 10.84
N TYR G 60 -4.76 45.19 11.67
CA TYR G 60 -5.32 46.49 11.28
C TYR G 60 -5.10 47.53 12.37
N ASP G 61 -5.02 48.80 11.97
CA ASP G 61 -5.11 49.90 12.90
C ASP G 61 -6.57 50.00 13.32
N PRO G 62 -6.83 49.98 14.64
CA PRO G 62 -8.21 49.97 15.13
C PRO G 62 -9.08 51.11 14.59
N LYS G 63 -8.46 52.10 13.96
CA LYS G 63 -9.21 53.18 13.33
C LYS G 63 -9.96 52.69 12.09
N PHE G 64 -9.40 51.70 11.41
CA PHE G 64 -9.97 51.21 10.16
C PHE G 64 -10.72 49.89 10.32
N GLN G 65 -10.77 49.36 11.55
CA GLN G 65 -11.46 48.11 11.78
C GLN G 65 -12.92 48.21 11.34
N GLY G 66 -13.31 47.33 10.41
CA GLY G 66 -14.65 47.35 9.86
C GLY G 66 -14.67 47.97 8.48
N LYS G 67 -14.03 49.13 8.36
CA LYS G 67 -13.96 49.84 7.09
C LYS G 67 -13.10 49.10 6.07
N ALA G 68 -11.84 48.84 6.46
CA ALA G 68 -10.88 48.23 5.56
C ALA G 68 -10.79 46.72 5.72
N THR G 69 -10.65 46.01 4.60
CA THR G 69 -10.50 44.57 4.61
C THR G 69 -9.42 44.17 3.61
N ILE G 70 -8.33 43.61 4.13
CA ILE G 70 -7.18 43.25 3.29
C ILE G 70 -7.14 41.75 3.04
N THR G 71 -7.00 41.38 1.77
CA THR G 71 -6.90 39.97 1.39
C THR G 71 -5.77 39.78 0.39
N ALA G 72 -5.53 38.53 -0.02
CA ALA G 72 -4.46 38.23 -0.94
C ALA G 72 -4.66 36.88 -1.62
N ASP G 73 -4.37 36.84 -2.92
CA ASP G 73 -4.48 35.61 -3.70
C ASP G 73 -3.13 35.25 -4.31
N THR G 74 -2.48 34.24 -3.75
CA THR G 74 -1.17 33.82 -4.21
C THR G 74 -1.20 33.35 -5.67
N SER G 75 -2.37 32.88 -6.10
CA SER G 75 -2.53 32.42 -7.48
C SER G 75 -2.25 33.55 -8.47
N SER G 76 -3.01 34.64 -8.35
CA SER G 76 -2.83 35.79 -9.22
C SER G 76 -1.72 36.71 -8.72
N ASN G 77 -1.05 36.30 -7.64
CA ASN G 77 0.09 37.03 -7.11
C ASN G 77 -0.27 38.47 -6.77
N THR G 78 -1.49 38.67 -6.30
CA THR G 78 -2.01 40.01 -6.04
C THR G 78 -2.57 40.15 -4.63
N ALA G 79 -2.43 41.34 -4.06
CA ALA G 79 -3.00 41.65 -2.76
C ALA G 79 -4.07 42.72 -2.92
N TYR G 80 -5.15 42.61 -2.15
CA TYR G 80 -6.29 43.51 -2.30
C TYR G 80 -6.59 44.31 -1.04
N LEU G 81 -7.30 45.42 -1.22
CA LEU G 81 -7.79 46.22 -0.10
C LEU G 81 -9.19 46.70 -0.39
N GLN G 82 -10.16 46.20 0.36
CA GLN G 82 -11.55 46.59 0.15
C GLN G 82 -12.04 47.57 1.21
N LEU G 83 -12.67 48.65 0.75
CA LEU G 83 -13.23 49.65 1.64
C LEU G 83 -14.74 49.69 1.48
N SER G 84 -15.46 49.56 2.58
CA SER G 84 -16.92 49.49 2.55
C SER G 84 -17.55 50.76 3.11
N SER G 85 -18.83 50.94 2.85
CA SER G 85 -19.58 52.11 3.32
C SER G 85 -18.75 53.39 3.16
N LEU G 86 -18.41 53.71 1.92
CA LEU G 86 -17.49 54.80 1.63
C LEU G 86 -18.07 56.17 1.96
N THR G 87 -17.17 57.10 2.27
CA THR G 87 -17.55 58.48 2.57
C THR G 87 -16.51 59.42 1.97
N SER G 88 -16.63 60.71 2.28
CA SER G 88 -15.70 61.71 1.76
C SER G 88 -14.31 61.54 2.38
N GLU G 89 -14.28 61.20 3.66
CA GLU G 89 -13.01 61.02 4.36
C GLU G 89 -12.23 59.85 3.80
N ASP G 90 -12.90 58.98 3.05
CA ASP G 90 -12.23 57.85 2.40
C ASP G 90 -11.55 58.27 1.10
N THR G 91 -11.70 59.55 0.75
CA THR G 91 -11.03 60.08 -0.43
C THR G 91 -9.56 60.29 -0.12
N ALA G 92 -8.72 59.42 -0.67
CA ALA G 92 -7.29 59.48 -0.41
C ALA G 92 -6.55 58.60 -1.41
N VAL G 93 -5.23 58.75 -1.46
CA VAL G 93 -4.40 57.88 -2.28
C VAL G 93 -3.91 56.71 -1.42
N TYR G 94 -4.10 55.50 -1.92
CA TYR G 94 -3.76 54.30 -1.15
C TYR G 94 -2.54 53.60 -1.74
N TYR G 95 -1.63 53.18 -0.86
CA TYR G 95 -0.39 52.55 -1.28
C TYR G 95 -0.23 51.17 -0.68
N CYS G 96 0.24 50.22 -1.48
CA CYS G 96 0.67 48.92 -0.97
C CYS G 96 2.17 48.97 -0.76
N VAL G 97 2.64 48.37 0.34
CA VAL G 97 4.04 48.47 0.71
C VAL G 97 4.58 47.11 1.18
N ARG G 98 5.86 46.89 0.96
CA ARG G 98 6.52 45.68 1.47
C ARG G 98 7.97 46.00 1.82
N PRO G 99 8.56 45.23 2.75
CA PRO G 99 9.94 45.44 3.17
C PRO G 99 10.96 44.97 2.16
N LEU G 100 12.21 45.41 2.32
CA LEU G 100 13.30 44.97 1.45
C LEU G 100 13.94 43.72 2.04
N TYR G 101 14.58 43.89 3.19
CA TYR G 101 15.19 42.78 3.91
C TYR G 101 14.51 42.61 5.27
N ASP G 102 14.59 43.66 6.08
CA ASP G 102 13.99 43.64 7.42
C ASP G 102 12.52 43.25 7.36
N TYR G 103 12.16 42.19 8.08
CA TYR G 103 10.80 41.69 8.10
C TYR G 103 9.76 42.79 8.36
N TYR G 104 10.12 43.75 9.22
CA TYR G 104 9.15 44.71 9.72
C TYR G 104 9.26 46.09 9.08
N ALA G 105 10.00 46.20 7.97
CA ALA G 105 10.26 47.50 7.37
C ALA G 105 9.24 47.86 6.29
N MET G 106 9.37 49.07 5.76
CA MET G 106 8.46 49.61 4.75
C MET G 106 9.29 50.29 3.67
N ASP G 107 9.79 49.49 2.71
CA ASP G 107 10.82 49.96 1.79
C ASP G 107 10.35 50.11 0.34
N TYR G 108 9.61 49.12 -0.16
CA TYR G 108 9.10 49.16 -1.52
C TYR G 108 7.64 49.58 -1.57
N TRP G 109 7.33 50.55 -2.43
CA TRP G 109 5.98 51.10 -2.52
C TRP G 109 5.42 51.02 -3.94
N GLY G 110 4.11 50.77 -4.04
CA GLY G 110 3.43 50.81 -5.32
C GLY G 110 3.23 52.25 -5.75
N GLN G 111 2.84 52.46 -7.00
CA GLN G 111 2.69 53.82 -7.52
C GLN G 111 1.54 54.56 -6.84
N GLY G 112 0.61 53.82 -6.26
CA GLY G 112 -0.51 54.42 -5.54
C GLY G 112 -1.80 54.41 -6.34
N THR G 113 -2.92 54.38 -5.62
CA THR G 113 -4.24 54.35 -6.25
C THR G 113 -5.11 55.47 -5.70
N SER G 114 -5.54 56.38 -6.58
CA SER G 114 -6.39 57.50 -6.17
C SER G 114 -7.84 57.08 -6.08
N VAL G 115 -8.48 57.42 -4.96
CA VAL G 115 -9.89 57.10 -4.75
C VAL G 115 -10.67 58.38 -4.43
N THR G 116 -11.75 58.60 -5.18
CA THR G 116 -12.59 59.76 -4.96
C THR G 116 -14.04 59.34 -4.75
N VAL G 117 -14.63 59.79 -3.64
CA VAL G 117 -16.00 59.46 -3.30
C VAL G 117 -16.88 60.70 -3.44
N SER G 118 -17.85 60.64 -4.35
CA SER G 118 -18.74 61.77 -4.59
C SER G 118 -19.99 61.32 -5.34
N SER G 119 -21.11 61.99 -5.08
CA SER G 119 -22.34 61.73 -5.80
C SER G 119 -22.34 62.47 -7.13
N ALA G 120 -21.53 63.51 -7.21
CA ALA G 120 -21.47 64.36 -8.40
C ALA G 120 -21.48 63.57 -9.69
N LYS G 121 -22.45 63.84 -10.56
CA LYS G 121 -22.52 63.21 -11.86
C LYS G 121 -21.66 63.98 -12.86
N THR G 122 -21.19 63.29 -13.90
CA THR G 122 -20.34 63.90 -14.90
C THR G 122 -20.93 65.23 -15.37
N THR G 123 -20.14 66.30 -15.25
CA THR G 123 -20.60 67.64 -15.62
C THR G 123 -19.55 68.37 -16.44
N ALA G 124 -19.97 68.97 -17.54
CA ALA G 124 -19.07 69.70 -18.42
C ALA G 124 -18.70 71.06 -17.81
N PRO G 125 -17.45 71.50 -18.02
CA PRO G 125 -16.94 72.76 -17.46
C PRO G 125 -17.46 74.00 -18.18
N SER G 126 -17.68 75.06 -17.41
CA SER G 126 -18.06 76.35 -17.99
C SER G 126 -16.83 77.25 -18.03
N VAL G 127 -16.27 77.41 -19.22
CA VAL G 127 -15.05 78.22 -19.39
C VAL G 127 -15.40 79.70 -19.55
N TYR G 128 -14.62 80.55 -18.89
CA TYR G 128 -14.85 81.99 -18.91
C TYR G 128 -13.54 82.74 -19.18
N PRO G 129 -13.57 83.68 -20.13
CA PRO G 129 -12.39 84.50 -20.44
C PRO G 129 -12.20 85.61 -19.41
N LEU G 130 -10.95 85.85 -19.01
CA LEU G 130 -10.65 86.89 -18.03
C LEU G 130 -9.74 87.96 -18.62
N ALA G 131 -10.34 89.05 -19.08
CA ALA G 131 -9.59 90.18 -19.62
C ALA G 131 -9.41 91.23 -18.52
N PRO G 132 -8.30 91.96 -18.56
CA PRO G 132 -7.99 92.95 -17.53
C PRO G 132 -8.99 94.11 -17.50
N VAL G 133 -8.73 95.08 -16.62
CA VAL G 133 -9.61 96.24 -16.48
C VAL G 133 -9.03 97.45 -17.21
N CYS G 134 -9.91 98.33 -17.67
CA CYS G 134 -9.48 99.53 -18.39
C CYS G 134 -8.82 100.51 -17.44
N THR G 138 -2.24 99.02 -19.57
CA THR G 138 -1.80 100.34 -19.14
C THR G 138 -0.32 100.33 -18.78
N GLY G 139 0.15 99.19 -18.27
CA GLY G 139 1.54 99.05 -17.88
C GLY G 139 2.41 98.63 -19.06
N SER G 140 3.54 97.99 -18.75
CA SER G 140 4.45 97.53 -19.79
C SER G 140 4.09 96.12 -20.24
N SER G 141 3.65 95.30 -19.28
CA SER G 141 3.23 93.93 -19.57
C SER G 141 1.80 93.71 -19.09
N VAL G 142 1.07 92.85 -19.79
CA VAL G 142 -0.31 92.56 -19.46
C VAL G 142 -0.45 91.10 -19.03
N THR G 143 -1.47 90.84 -18.20
CA THR G 143 -1.75 89.48 -17.75
C THR G 143 -3.22 89.12 -17.98
N LEU G 144 -3.44 88.04 -18.72
CA LEU G 144 -4.79 87.55 -18.98
C LEU G 144 -5.05 86.30 -18.16
N GLY G 145 -6.25 85.74 -18.27
CA GLY G 145 -6.59 84.55 -17.51
C GLY G 145 -7.76 83.77 -18.06
N CYS G 146 -7.93 82.56 -17.55
CA CYS G 146 -9.04 81.69 -17.94
C CYS G 146 -9.61 81.05 -16.69
N LEU G 147 -10.92 80.81 -16.69
CA LEU G 147 -11.59 80.27 -15.51
C LEU G 147 -12.49 79.10 -15.86
N VAL G 148 -12.05 77.89 -15.51
CA VAL G 148 -12.84 76.68 -15.73
C VAL G 148 -13.63 76.38 -14.47
N LYS G 149 -14.94 76.58 -14.52
CA LYS G 149 -15.76 76.48 -13.32
C LYS G 149 -16.85 75.42 -13.46
N GLY G 150 -17.05 74.65 -12.38
CA GLY G 150 -18.11 73.67 -12.33
C GLY G 150 -17.95 72.52 -13.31
N TYR G 151 -17.13 71.54 -12.95
CA TYR G 151 -16.99 70.33 -13.75
C TYR G 151 -16.65 69.14 -12.86
N PHE G 152 -16.87 67.94 -13.40
CA PHE G 152 -16.61 66.72 -12.65
C PHE G 152 -16.70 65.50 -13.57
N PRO G 153 -15.78 64.54 -13.41
CA PRO G 153 -14.64 64.57 -12.48
C PRO G 153 -13.39 65.15 -13.12
N GLU G 154 -12.25 65.01 -12.46
CA GLU G 154 -10.98 65.45 -13.00
C GLU G 154 -10.43 64.41 -13.99
N PRO G 155 -9.41 64.80 -14.77
CA PRO G 155 -8.80 66.13 -14.82
C PRO G 155 -9.18 66.89 -16.09
N VAL G 156 -8.58 68.06 -16.27
CA VAL G 156 -8.80 68.85 -17.47
C VAL G 156 -7.48 69.42 -17.96
N THR G 157 -7.22 69.28 -19.26
CA THR G 157 -5.99 69.78 -19.85
C THR G 157 -6.22 71.18 -20.42
N LEU G 158 -5.58 72.17 -19.81
CA LEU G 158 -5.72 73.55 -20.25
C LEU G 158 -4.47 74.01 -20.99
N THR G 159 -4.67 74.70 -22.11
CA THR G 159 -3.58 75.22 -22.90
C THR G 159 -3.96 76.54 -23.55
N TRP G 160 -2.97 77.29 -24.02
CA TRP G 160 -3.20 78.57 -24.67
C TRP G 160 -2.82 78.50 -26.14
N ASN G 161 -3.72 78.98 -27.00
CA ASN G 161 -3.50 78.93 -28.45
C ASN G 161 -3.16 77.52 -28.92
N SER G 162 -3.83 76.53 -28.33
CA SER G 162 -3.66 75.14 -28.71
C SER G 162 -2.23 74.67 -28.47
N GLY G 163 -1.66 75.08 -27.35
CA GLY G 163 -0.32 74.66 -26.98
C GLY G 163 0.77 75.59 -27.48
N SER G 164 0.42 76.44 -28.45
CA SER G 164 1.38 77.37 -29.02
C SER G 164 2.09 78.17 -27.94
N LEU G 165 1.31 78.81 -27.08
CA LEU G 165 1.86 79.59 -25.98
C LEU G 165 2.08 78.71 -24.76
N SER G 166 3.35 78.47 -24.42
CA SER G 166 3.70 77.58 -23.33
C SER G 166 4.38 78.32 -22.18
N SER G 167 5.53 78.92 -22.47
CA SER G 167 6.31 79.62 -21.45
C SER G 167 5.61 80.91 -21.03
N GLY G 168 5.73 81.25 -19.74
CA GLY G 168 5.10 82.44 -19.20
C GLY G 168 3.64 82.21 -18.86
N VAL G 169 3.34 81.02 -18.33
CA VAL G 169 1.98 80.63 -18.02
C VAL G 169 1.89 80.01 -16.64
N HIS G 170 0.72 80.13 -16.01
CA HIS G 170 0.48 79.51 -14.72
C HIS G 170 -0.91 78.89 -14.66
N THR G 171 -0.97 77.57 -14.51
CA THR G 171 -2.23 76.86 -14.34
C THR G 171 -2.32 76.32 -12.91
N PHE G 172 -3.32 76.78 -12.17
CA PHE G 172 -3.43 76.46 -10.76
C PHE G 172 -4.17 75.15 -10.52
N PRO G 173 -3.73 74.38 -9.50
CA PRO G 173 -4.37 73.12 -9.11
C PRO G 173 -5.87 73.27 -8.90
N ALA G 174 -6.64 72.33 -9.42
CA ALA G 174 -8.10 72.36 -9.27
C ALA G 174 -8.48 72.37 -7.80
N VAL G 175 -9.69 72.84 -7.51
CA VAL G 175 -10.20 72.89 -6.15
C VAL G 175 -11.67 72.46 -6.14
N LEU G 176 -12.01 71.59 -5.19
CA LEU G 176 -13.37 71.05 -5.13
C LEU G 176 -14.37 72.06 -4.59
N GLN G 177 -15.07 72.73 -5.50
CA GLN G 177 -16.13 73.64 -5.12
C GLN G 177 -17.44 72.88 -4.94
N SER G 178 -17.68 72.42 -3.71
CA SER G 178 -18.89 71.68 -3.38
C SER G 178 -19.32 70.72 -4.49
N ASP G 179 -18.76 69.51 -4.46
CA ASP G 179 -19.13 68.45 -5.41
C ASP G 179 -18.90 68.84 -6.87
N LEU G 180 -18.03 69.82 -7.09
CA LEU G 180 -17.64 70.23 -8.43
C LEU G 180 -16.30 70.94 -8.38
N TYR G 181 -15.46 70.69 -9.38
CA TYR G 181 -14.11 71.27 -9.40
C TYR G 181 -14.08 72.64 -10.08
N THR G 182 -13.10 73.45 -9.66
CA THR G 182 -12.87 74.75 -10.27
C THR G 182 -11.37 74.94 -10.47
N LEU G 183 -11.01 75.55 -11.61
CA LEU G 183 -9.61 75.73 -11.95
C LEU G 183 -9.44 77.04 -12.69
N SER G 184 -8.24 77.62 -12.59
CA SER G 184 -7.95 78.87 -13.29
C SER G 184 -6.52 78.84 -13.82
N SER G 185 -6.25 79.68 -14.81
CA SER G 185 -4.93 79.77 -15.41
C SER G 185 -4.65 81.19 -15.87
N SER G 186 -3.46 81.69 -15.53
CA SER G 186 -3.05 83.03 -15.95
C SER G 186 -2.11 82.94 -17.14
N VAL G 187 -1.61 84.08 -17.59
CA VAL G 187 -0.67 84.15 -18.69
C VAL G 187 -0.19 85.59 -18.86
N THR G 188 1.11 85.76 -19.04
CA THR G 188 1.69 87.10 -19.09
C THR G 188 2.49 87.33 -20.37
N VAL G 189 2.28 88.48 -20.99
CA VAL G 189 3.03 88.89 -22.17
C VAL G 189 3.26 90.39 -22.13
N THR G 190 3.91 90.93 -23.15
CA THR G 190 4.14 92.37 -23.24
C THR G 190 2.92 93.06 -23.81
N SER G 191 2.82 94.37 -23.57
CA SER G 191 1.67 95.15 -24.01
C SER G 191 1.53 95.17 -25.53
N SER G 192 2.63 94.93 -26.24
CA SER G 192 2.62 94.96 -27.69
C SER G 192 2.13 93.64 -28.30
N THR G 193 1.84 92.66 -27.44
CA THR G 193 1.39 91.36 -27.91
C THR G 193 -0.13 91.23 -27.86
N TRP G 194 -0.77 92.01 -27.00
CA TRP G 194 -2.23 91.93 -26.83
C TRP G 194 -2.81 93.34 -26.70
N PRO G 195 -4.00 93.56 -27.29
CA PRO G 195 -4.82 92.59 -28.02
C PRO G 195 -4.38 92.37 -29.46
N SER G 196 -3.22 92.88 -29.84
CA SER G 196 -2.72 92.72 -31.21
C SER G 196 -2.73 91.25 -31.60
N GLN G 197 -1.94 90.45 -30.90
CA GLN G 197 -1.89 89.00 -31.14
C GLN G 197 -3.04 88.34 -30.40
N SER G 198 -3.87 87.62 -31.14
CA SER G 198 -5.04 86.96 -30.56
C SER G 198 -4.63 85.81 -29.64
N ILE G 199 -5.26 85.76 -28.47
CA ILE G 199 -4.99 84.71 -27.49
C ILE G 199 -6.27 83.95 -27.14
N THR G 200 -6.22 82.62 -27.24
CA THR G 200 -7.38 81.78 -27.00
C THR G 200 -7.14 80.79 -25.87
N CYS G 201 -8.17 80.57 -25.06
CA CYS G 201 -8.11 79.60 -23.98
C CYS G 201 -8.64 78.26 -24.47
N ASN G 202 -7.83 77.21 -24.36
CA ASN G 202 -8.20 75.89 -24.83
C ASN G 202 -8.27 74.87 -23.69
N VAL G 203 -9.49 74.50 -23.32
CA VAL G 203 -9.72 73.54 -22.25
C VAL G 203 -10.42 72.29 -22.77
N ALA G 204 -9.98 71.14 -22.27
CA ALA G 204 -10.57 69.87 -22.70
C ALA G 204 -10.98 69.04 -21.48
N HIS G 205 -12.20 68.52 -21.53
CA HIS G 205 -12.71 67.65 -20.47
C HIS G 205 -13.06 66.29 -21.07
N PRO G 206 -12.08 65.38 -21.12
CA PRO G 206 -12.27 64.05 -21.71
C PRO G 206 -13.52 63.34 -21.21
N ALA G 207 -13.86 63.52 -19.94
CA ALA G 207 -15.02 62.85 -19.35
C ALA G 207 -16.28 63.12 -20.16
N SER G 208 -16.69 64.38 -20.23
CA SER G 208 -17.89 64.76 -20.97
C SER G 208 -17.63 64.80 -22.46
N SER G 209 -16.39 64.55 -22.86
CA SER G 209 -16.01 64.58 -24.27
C SER G 209 -16.31 65.95 -24.87
N THR G 210 -15.86 66.99 -24.18
CA THR G 210 -16.07 68.36 -24.62
C THR G 210 -14.77 69.14 -24.59
N LYS G 211 -14.51 69.91 -25.64
CA LYS G 211 -13.31 70.73 -25.72
C LYS G 211 -13.67 72.12 -26.25
N VAL G 212 -14.01 73.02 -25.32
CA VAL G 212 -14.45 74.35 -25.67
C VAL G 212 -13.27 75.32 -25.70
N ASP G 213 -13.38 76.35 -26.55
CA ASP G 213 -12.33 77.36 -26.67
C ASP G 213 -12.91 78.77 -26.64
N LYS G 214 -12.31 79.64 -25.83
CA LYS G 214 -12.78 81.01 -25.67
C LYS G 214 -11.65 82.00 -25.93
N LYS G 215 -11.84 82.88 -26.91
CA LYS G 215 -10.87 83.93 -27.19
C LYS G 215 -11.04 85.06 -26.17
N ILE G 216 -9.93 85.59 -25.69
CA ILE G 216 -9.96 86.67 -24.71
C ILE G 216 -10.22 88.01 -25.38
N GLU G 217 -11.33 88.65 -25.01
CA GLU G 217 -11.71 89.93 -25.60
C GLU G 217 -11.50 91.06 -24.60
N PRO G 218 -10.92 92.19 -25.07
CA PRO G 218 -10.77 93.36 -24.19
C PRO G 218 -12.12 93.99 -23.87
N ARG G 219 -12.13 94.95 -22.94
CA ARG G 219 -13.37 95.60 -22.54
C ARG G 219 -13.43 97.02 -23.07
N GLY H 1 0.45 15.15 16.43
CA GLY H 1 0.41 14.09 15.44
C GLY H 1 1.75 13.41 15.28
N ARG H 2 2.76 14.19 14.93
CA ARG H 2 4.12 13.67 14.79
C ARG H 2 4.84 13.69 16.13
N GLY H 3 4.17 14.15 17.16
CA GLY H 3 4.79 14.33 18.46
C GLY H 3 4.36 13.29 19.49
N ASP H 4 4.65 13.60 20.75
CA ASP H 4 4.29 12.74 21.86
C ASP H 4 2.85 13.01 22.27
N SER H 5 1.92 12.48 21.49
CA SER H 5 0.50 12.76 21.68
C SER H 5 -0.32 11.48 21.58
N PRO H 6 -1.36 11.36 22.42
CA PRO H 6 -2.21 10.16 22.42
C PRO H 6 -2.86 9.90 21.06
N GLY I 1 -4.75 -14.19 -0.53
CA GLY I 1 -4.42 -13.74 -1.87
C GLY I 1 -5.05 -12.39 -2.15
N ARG I 2 -5.65 -12.26 -3.33
CA ARG I 2 -6.40 -11.06 -3.66
C ARG I 2 -7.73 -11.07 -2.94
N GLY I 3 -7.79 -10.36 -1.82
CA GLY I 3 -8.97 -10.33 -0.99
C GLY I 3 -9.03 -9.05 -0.19
N ASP I 4 -9.38 -9.17 1.08
CA ASP I 4 -9.39 -8.01 1.95
C ASP I 4 -7.98 -7.69 2.42
N SER I 5 -6.99 -8.34 1.81
CA SER I 5 -5.58 -8.02 1.97
C SER I 5 -5.31 -6.97 3.03
N ASP J 1 -0.84 54.18 20.62
CA ASP J 1 -0.11 54.54 19.37
C ASP J 1 1.09 55.43 19.69
N ILE J 2 2.18 55.24 18.95
CA ILE J 2 3.37 56.06 19.12
C ILE J 2 3.29 57.28 18.21
N LEU J 3 3.46 58.45 18.79
CA LEU J 3 3.43 59.69 18.03
C LEU J 3 4.81 60.02 17.48
N MET J 4 4.86 60.52 16.26
CA MET J 4 6.12 60.86 15.61
C MET J 4 6.18 62.35 15.29
N THR J 5 6.83 63.13 16.14
CA THR J 5 6.99 64.56 15.93
C THR J 5 8.17 64.84 15.02
N GLN J 6 7.89 65.06 13.73
CA GLN J 6 8.92 65.27 12.74
C GLN J 6 9.07 66.75 12.40
N SER J 7 10.26 67.29 12.64
CA SER J 7 10.52 68.71 12.37
C SER J 7 11.85 68.88 11.66
N PRO J 8 12.00 69.97 10.89
CA PRO J 8 10.97 70.98 10.66
C PRO J 8 9.97 70.58 9.58
N SER J 9 8.83 71.25 9.53
CA SER J 9 7.80 70.96 8.54
C SER J 9 8.29 71.31 7.14
N SER J 10 9.25 72.24 7.08
CA SER J 10 9.82 72.66 5.81
C SER J 10 11.10 73.47 6.03
N MET J 11 11.93 73.55 5.00
CA MET J 11 13.14 74.34 5.06
C MET J 11 13.57 74.75 3.67
N SER J 12 14.08 75.97 3.54
CA SER J 12 14.54 76.47 2.25
C SER J 12 16.07 76.48 2.19
N VAL J 13 16.61 75.68 1.28
CA VAL J 13 18.06 75.53 1.17
C VAL J 13 18.48 75.49 -0.29
N SER J 14 19.79 75.53 -0.53
CA SER J 14 20.33 75.53 -1.88
C SER J 14 21.12 74.25 -2.15
N LEU J 15 21.63 74.13 -3.38
CA LEU J 15 22.37 72.95 -3.79
C LEU J 15 23.73 72.90 -3.10
N GLY J 16 24.13 71.70 -2.69
CA GLY J 16 25.43 71.51 -2.06
C GLY J 16 25.39 71.66 -0.55
N ASP J 17 24.23 72.03 -0.02
CA ASP J 17 24.07 72.20 1.42
C ASP J 17 24.00 70.85 2.13
N THR J 18 24.23 70.87 3.43
CA THR J 18 24.07 69.68 4.26
C THR J 18 22.99 69.94 5.31
N VAL J 19 21.86 69.26 5.15
CA VAL J 19 20.72 69.47 6.04
C VAL J 19 20.39 68.19 6.81
N SER J 20 19.78 68.36 7.98
CA SER J 20 19.40 67.22 8.81
C SER J 20 17.97 67.37 9.31
N ILE J 21 17.14 66.38 8.98
CA ILE J 21 15.78 66.32 9.50
C ILE J 21 15.78 65.49 10.77
N THR J 22 14.89 65.81 11.70
CA THR J 22 14.83 65.11 12.97
C THR J 22 13.48 64.44 13.17
N CYS J 23 13.44 63.46 14.07
CA CYS J 23 12.21 62.71 14.34
C CYS J 23 12.17 62.33 15.81
N HIS J 24 11.14 62.76 16.51
CA HIS J 24 10.98 62.45 17.92
C HIS J 24 9.78 61.54 18.14
N ALA J 25 9.99 60.47 18.90
CA ALA J 25 8.93 59.51 19.19
C ALA J 25 8.37 59.74 20.58
N SER J 26 7.12 59.34 20.80
CA SER J 26 6.49 59.49 22.12
C SER J 26 7.10 58.54 23.14
N GLN J 27 7.99 57.66 22.66
CA GLN J 27 8.68 56.73 23.54
C GLN J 27 9.87 56.12 22.80
N GLY J 28 10.61 55.25 23.47
CA GLY J 28 11.75 54.59 22.86
C GLY J 28 11.31 53.64 21.77
N ILE J 29 12.08 53.56 20.70
CA ILE J 29 11.76 52.67 19.58
C ILE J 29 13.00 51.96 19.05
N SER J 30 14.08 51.98 19.84
CA SER J 30 15.33 51.31 19.51
C SER J 30 15.60 51.12 18.01
N SER J 31 15.86 52.22 17.32
CA SER J 31 16.28 52.20 15.91
C SER J 31 15.30 51.55 14.93
N ASN J 32 14.11 51.18 15.39
CA ASN J 32 13.11 50.62 14.49
C ASN J 32 12.39 51.74 13.73
N ILE J 33 13.16 52.48 12.94
CA ILE J 33 12.64 53.62 12.20
C ILE J 33 13.06 53.53 10.74
N GLY J 34 12.22 54.05 9.86
CA GLY J 34 12.52 54.09 8.44
C GLY J 34 12.30 55.49 7.89
N TRP J 35 13.08 55.85 6.86
CA TRP J 35 12.95 57.15 6.23
C TRP J 35 12.50 57.01 4.78
N LEU J 36 11.54 57.82 4.38
CA LEU J 36 10.94 57.74 3.06
C LEU J 36 11.10 59.04 2.30
N GLN J 37 11.11 58.95 0.97
CA GLN J 37 11.16 60.12 0.10
C GLN J 37 10.03 60.08 -0.91
N GLN J 38 9.43 61.23 -1.16
CA GLN J 38 8.37 61.33 -2.15
C GLN J 38 8.60 62.54 -3.04
N LYS J 39 9.20 62.32 -4.21
CA LYS J 39 9.40 63.38 -5.17
C LYS J 39 8.04 63.90 -5.64
N PRO J 40 7.94 65.22 -5.84
CA PRO J 40 6.64 65.84 -6.18
C PRO J 40 5.94 65.14 -7.34
N GLY J 41 4.68 64.78 -7.13
CA GLY J 41 3.87 64.15 -8.16
C GLY J 41 4.33 62.75 -8.47
N LYS J 42 4.83 62.06 -7.46
CA LYS J 42 5.31 60.68 -7.64
C LYS J 42 5.12 59.88 -6.36
N SER J 43 5.37 58.57 -6.45
CA SER J 43 5.18 57.69 -5.31
C SER J 43 6.36 57.77 -4.35
N PHE J 44 6.41 56.85 -3.40
CA PHE J 44 7.44 56.85 -2.38
C PHE J 44 8.64 55.99 -2.73
N MET J 45 9.77 56.28 -2.09
CA MET J 45 11.00 55.52 -2.26
C MET J 45 11.66 55.36 -0.90
N GLY J 46 12.09 54.14 -0.59
CA GLY J 46 12.75 53.88 0.67
C GLY J 46 14.15 54.45 0.69
N LEU J 47 14.50 55.13 1.78
CA LEU J 47 15.83 55.69 1.95
C LEU J 47 16.61 54.90 2.98
N ILE J 48 16.08 54.85 4.19
CA ILE J 48 16.75 54.19 5.31
C ILE J 48 15.81 53.20 5.97
N TYR J 49 16.37 52.14 6.55
CA TYR J 49 15.60 51.23 7.38
C TYR J 49 16.42 50.85 8.61
N TYR J 50 15.73 50.41 9.65
CA TYR J 50 16.36 50.09 10.93
C TYR J 50 17.41 51.12 11.31
N GLY J 51 17.02 52.39 11.27
CA GLY J 51 17.84 53.46 11.83
C GLY J 51 18.89 54.03 10.88
N THR J 52 19.83 53.18 10.45
CA THR J 52 21.00 53.67 9.73
C THR J 52 21.25 52.99 8.39
N ASN J 53 20.51 51.93 8.10
CA ASN J 53 20.79 51.12 6.92
C ASN J 53 20.15 51.65 5.64
N LEU J 54 20.99 51.99 4.67
CA LEU J 54 20.54 52.48 3.38
C LEU J 54 19.84 51.39 2.57
N VAL J 55 18.71 51.74 1.98
CA VAL J 55 18.02 50.86 1.04
C VAL J 55 18.88 50.73 -0.21
N ASP J 56 18.84 49.55 -0.84
CA ASP J 56 19.65 49.31 -2.03
C ASP J 56 19.39 50.37 -3.09
N GLY J 57 20.46 50.92 -3.65
CA GLY J 57 20.36 51.87 -4.74
C GLY J 57 20.21 53.32 -4.29
N VAL J 58 20.40 53.56 -3.00
CA VAL J 58 20.31 54.92 -2.46
C VAL J 58 21.69 55.55 -2.34
N PRO J 59 21.85 56.80 -2.81
CA PRO J 59 23.11 57.53 -2.71
C PRO J 59 23.64 57.58 -1.28
N SER J 60 24.96 57.53 -1.13
CA SER J 60 25.58 57.48 0.19
C SER J 60 25.52 58.81 0.92
N ARG J 61 25.19 59.88 0.20
CA ARG J 61 25.06 61.19 0.83
C ARG J 61 23.95 61.20 1.87
N PHE J 62 23.02 60.24 1.74
CA PHE J 62 21.98 60.05 2.74
C PHE J 62 22.54 59.25 3.90
N SER J 63 22.08 59.55 5.11
CA SER J 63 22.49 58.80 6.29
C SER J 63 21.51 58.99 7.44
N GLY J 64 21.21 57.90 8.14
CA GLY J 64 20.35 57.94 9.31
C GLY J 64 21.14 57.76 10.58
N SER J 65 20.63 58.30 11.68
CA SER J 65 21.31 58.20 12.97
C SER J 65 20.34 58.43 14.12
N GLY J 66 20.86 58.36 15.33
CA GLY J 66 20.05 58.58 16.52
C GLY J 66 19.70 57.30 17.23
N SER J 67 19.12 57.43 18.42
CA SER J 67 18.72 56.29 19.22
C SER J 67 17.63 56.71 20.20
N GLY J 68 17.11 55.76 20.95
CA GLY J 68 16.05 56.04 21.90
C GLY J 68 14.79 56.53 21.22
N ALA J 69 14.48 57.82 21.41
CA ALA J 69 13.28 58.40 20.83
C ALA J 69 13.60 59.52 19.85
N ASP J 70 14.89 59.74 19.58
CA ASP J 70 15.30 60.82 18.71
C ASP J 70 16.21 60.32 17.59
N TYR J 71 15.87 60.69 16.36
CA TYR J 71 16.61 60.22 15.19
C TYR J 71 16.71 61.31 14.13
N SER J 72 17.68 61.18 13.24
CA SER J 72 17.93 62.22 12.24
C SER J 72 18.36 61.66 10.90
N LEU J 73 17.68 62.11 9.85
CA LEU J 73 18.11 61.84 8.47
C LEU J 73 18.94 63.02 7.98
N THR J 74 20.14 62.73 7.47
CA THR J 74 21.04 63.79 7.02
C THR J 74 21.38 63.61 5.54
N ILE J 75 21.32 64.71 4.80
CA ILE J 75 21.70 64.70 3.38
C ILE J 75 22.86 65.64 3.14
N SER J 76 24.05 65.08 2.93
CA SER J 76 25.24 65.87 2.65
C SER J 76 25.29 66.27 1.19
N SER J 77 25.58 67.54 0.93
CA SER J 77 25.66 68.04 -0.44
C SER J 77 24.35 67.78 -1.17
N LEU J 78 23.38 68.68 -0.98
CA LEU J 78 22.07 68.53 -1.60
C LEU J 78 22.15 68.51 -3.11
N ASP J 79 21.29 67.69 -3.72
CA ASP J 79 21.22 67.58 -5.18
C ASP J 79 19.85 68.04 -5.64
N SER J 80 19.74 68.41 -6.91
CA SER J 80 18.49 68.95 -7.45
C SER J 80 17.31 68.00 -7.26
N GLU J 81 17.57 66.70 -7.24
CA GLU J 81 16.51 65.71 -7.07
C GLU J 81 16.07 65.61 -5.61
N ASP J 82 16.99 65.95 -4.71
CA ASP J 82 16.75 65.78 -3.27
C ASP J 82 15.68 66.74 -2.74
N PHE J 83 15.28 67.72 -3.55
CA PHE J 83 14.23 68.65 -3.15
C PHE J 83 12.86 67.98 -3.25
N ALA J 84 12.41 67.39 -2.15
CA ALA J 84 11.15 66.67 -2.12
C ALA J 84 10.65 66.45 -0.70
N ASP J 85 9.54 65.73 -0.57
CA ASP J 85 8.97 65.43 0.73
C ASP J 85 9.68 64.25 1.39
N TYR J 86 9.90 64.36 2.70
CA TYR J 86 10.53 63.28 3.46
C TYR J 86 9.70 62.96 4.69
N TYR J 87 9.51 61.66 4.94
CA TYR J 87 8.73 61.21 6.09
C TYR J 87 9.51 60.18 6.90
N CYS J 88 9.24 60.11 8.20
CA CYS J 88 9.78 59.06 9.04
C CYS J 88 8.65 58.11 9.43
N VAL J 89 8.99 56.87 9.73
CA VAL J 89 8.01 55.88 10.12
C VAL J 89 8.59 54.92 11.15
N GLN J 90 7.84 54.69 12.22
CA GLN J 90 8.26 53.74 13.24
C GLN J 90 7.51 52.43 13.08
N TYR J 91 8.23 51.33 13.19
CA TYR J 91 7.60 50.02 13.24
C TYR J 91 8.04 49.25 14.48
N ALA J 92 8.29 50.00 15.55
CA ALA J 92 8.60 49.40 16.85
C ALA J 92 7.35 48.76 17.42
N GLN J 93 6.21 49.40 17.20
CA GLN J 93 4.94 48.88 17.67
C GLN J 93 3.85 49.05 16.62
N LEU J 94 2.84 48.19 16.70
CA LEU J 94 1.63 48.33 15.91
C LEU J 94 0.63 49.18 16.68
N PRO J 95 -0.08 50.08 16.00
CA PRO J 95 0.02 50.28 14.54
C PRO J 95 1.25 51.11 14.18
N TYR J 96 1.80 50.89 13.00
CA TYR J 96 2.88 51.73 12.49
C TYR J 96 2.39 53.17 12.42
N THR J 97 3.29 54.10 12.67
CA THR J 97 2.93 55.52 12.63
C THR J 97 3.99 56.32 11.88
N PHE J 98 3.54 57.37 11.21
CA PHE J 98 4.42 58.20 10.39
C PHE J 98 4.62 59.57 11.01
N GLY J 99 5.60 60.31 10.50
CA GLY J 99 5.83 61.67 10.93
C GLY J 99 4.98 62.64 10.13
N GLY J 100 4.99 63.90 10.53
CA GLY J 100 4.22 64.93 9.83
C GLY J 100 4.69 65.12 8.40
N GLY J 101 6.01 65.05 8.20
CA GLY J 101 6.59 65.21 6.89
C GLY J 101 7.43 66.47 6.81
N THR J 102 8.34 66.51 5.85
CA THR J 102 9.24 67.64 5.67
C THR J 102 9.48 67.89 4.19
N LYS J 103 9.16 69.11 3.74
CA LYS J 103 9.35 69.47 2.34
C LYS J 103 10.63 70.29 2.17
N LEU J 104 11.52 69.81 1.32
CA LEU J 104 12.76 70.52 1.01
C LEU J 104 12.52 71.47 -0.17
N GLU J 105 12.48 72.76 0.12
CA GLU J 105 12.20 73.77 -0.90
C GLU J 105 13.48 74.50 -1.29
N ILE J 106 13.54 74.97 -2.53
CA ILE J 106 14.69 75.71 -3.02
C ILE J 106 14.70 77.12 -2.46
N LYS J 107 15.88 77.63 -2.12
CA LYS J 107 16.00 78.97 -1.57
C LYS J 107 16.41 79.97 -2.64
N ARG J 108 16.01 81.23 -2.45
CA ARG J 108 16.36 82.29 -3.37
C ARG J 108 16.05 83.65 -2.77
N ALA J 109 16.32 84.71 -3.54
CA ALA J 109 16.06 86.07 -3.08
C ALA J 109 14.57 86.36 -3.07
N ASP J 110 14.13 87.18 -2.12
CA ASP J 110 12.73 87.54 -2.00
C ASP J 110 12.20 88.19 -3.27
N ALA J 111 10.89 88.24 -3.40
CA ALA J 111 10.25 88.81 -4.59
C ALA J 111 8.79 89.13 -4.29
N ALA J 112 8.36 90.33 -4.66
CA ALA J 112 6.98 90.74 -4.46
C ALA J 112 6.10 90.09 -5.53
N PRO J 113 4.80 89.91 -5.22
CA PRO J 113 3.87 89.26 -6.14
C PRO J 113 3.25 90.21 -7.15
N THR J 114 3.06 89.73 -8.39
CA THR J 114 2.42 90.51 -9.43
C THR J 114 0.92 90.34 -9.37
N VAL J 115 0.25 91.20 -8.62
CA VAL J 115 -1.19 91.09 -8.42
C VAL J 115 -1.97 91.53 -9.66
N SER J 116 -3.06 90.84 -9.95
CA SER J 116 -3.88 91.14 -11.11
C SER J 116 -5.34 90.76 -10.83
N ILE J 117 -6.23 91.75 -10.85
CA ILE J 117 -7.64 91.50 -10.56
C ILE J 117 -8.48 91.49 -11.84
N PHE J 118 -9.46 90.60 -11.90
CA PHE J 118 -10.28 90.42 -13.09
C PHE J 118 -11.77 90.34 -12.75
N PRO J 119 -12.57 91.28 -13.27
CA PRO J 119 -14.02 91.25 -13.04
C PRO J 119 -14.68 90.07 -13.74
N PRO J 120 -15.93 89.76 -13.38
CA PRO J 120 -16.68 88.67 -14.00
C PRO J 120 -16.75 88.82 -15.52
N SER J 121 -16.95 87.70 -16.22
CA SER J 121 -17.07 87.72 -17.67
C SER J 121 -18.51 88.03 -18.07
N SER J 122 -18.70 88.40 -19.33
CA SER J 122 -20.03 88.66 -19.85
C SER J 122 -20.85 87.38 -19.82
N GLU J 123 -20.22 86.28 -20.21
CA GLU J 123 -20.89 84.99 -20.28
C GLU J 123 -21.41 84.59 -18.92
N GLN J 124 -20.54 84.65 -17.91
CA GLN J 124 -20.88 84.22 -16.56
C GLN J 124 -22.04 85.05 -15.99
N LEU J 125 -21.95 86.36 -16.16
CA LEU J 125 -22.98 87.26 -15.64
C LEU J 125 -24.34 86.92 -16.23
N THR J 126 -24.39 86.73 -17.55
CA THR J 126 -25.63 86.37 -18.23
C THR J 126 -26.16 85.02 -17.74
N SER J 127 -25.27 84.22 -17.14
CA SER J 127 -25.65 82.92 -16.60
C SER J 127 -26.31 83.06 -15.23
N GLY J 128 -25.91 84.09 -14.49
CA GLY J 128 -26.51 84.38 -13.19
C GLY J 128 -25.51 84.34 -12.04
N GLY J 129 -24.23 84.31 -12.37
CA GLY J 129 -23.19 84.29 -11.36
C GLY J 129 -22.10 85.31 -11.63
N ALA J 130 -21.29 85.60 -10.62
CA ALA J 130 -20.23 86.60 -10.75
C ALA J 130 -19.00 86.19 -9.95
N SER J 131 -17.89 85.98 -10.65
CA SER J 131 -16.64 85.59 -10.00
C SER J 131 -15.53 86.58 -10.29
N VAL J 132 -14.95 87.13 -9.23
CA VAL J 132 -13.80 88.03 -9.34
C VAL J 132 -12.54 87.24 -9.05
N VAL J 133 -11.62 87.22 -10.01
CA VAL J 133 -10.37 86.48 -9.85
C VAL J 133 -9.22 87.42 -9.53
N CYS J 134 -8.25 86.91 -8.76
CA CYS J 134 -7.11 87.71 -8.33
C CYS J 134 -5.85 86.86 -8.34
N PHE J 135 -5.00 87.07 -9.34
CA PHE J 135 -3.77 86.31 -9.48
C PHE J 135 -2.59 86.99 -8.79
N LEU J 136 -1.91 86.26 -7.92
CA LEU J 136 -0.70 86.75 -7.27
C LEU J 136 0.47 85.89 -7.70
N ASN J 137 1.11 86.28 -8.80
CA ASN J 137 2.10 85.42 -9.43
C ASN J 137 3.55 85.74 -9.07
N ASN J 138 4.38 84.71 -9.07
CA ASN J 138 5.83 84.85 -8.90
C ASN J 138 6.23 85.68 -7.69
N PHE J 139 6.25 85.05 -6.53
CA PHE J 139 6.70 85.72 -5.30
C PHE J 139 7.43 84.72 -4.41
N TYR J 140 8.29 85.25 -3.54
CA TYR J 140 9.03 84.43 -2.60
C TYR J 140 9.34 85.24 -1.34
N PRO J 141 9.22 84.63 -0.16
CA PRO J 141 8.87 83.23 0.11
C PRO J 141 7.39 82.90 -0.15
N LYS J 142 7.00 81.69 0.21
CA LYS J 142 5.65 81.19 -0.06
C LYS J 142 4.59 81.80 0.87
N ASP J 143 5.01 82.26 2.03
CA ASP J 143 4.08 82.83 3.01
C ASP J 143 3.46 84.11 2.48
N ILE J 144 2.15 84.06 2.22
CA ILE J 144 1.43 85.21 1.68
C ILE J 144 -0.02 85.19 2.13
N ASN J 145 -0.65 86.36 2.15
CA ASN J 145 -2.05 86.47 2.57
C ASN J 145 -2.87 87.35 1.65
N VAL J 146 -4.05 86.86 1.26
CA VAL J 146 -4.95 87.59 0.39
C VAL J 146 -6.21 87.99 1.16
N LYS J 147 -6.70 89.20 0.90
CA LYS J 147 -7.89 89.71 1.57
C LYS J 147 -8.82 90.42 0.58
N TRP J 148 -10.04 89.93 0.45
CA TRP J 148 -11.02 90.54 -0.44
C TRP J 148 -11.79 91.65 0.28
N LYS J 149 -12.25 92.62 -0.48
CA LYS J 149 -13.07 93.70 0.06
C LYS J 149 -14.16 94.11 -0.93
N ILE J 150 -15.38 94.26 -0.42
CA ILE J 150 -16.49 94.77 -1.21
C ILE J 150 -16.95 96.10 -0.62
N ASP J 151 -16.84 97.16 -1.41
CA ASP J 151 -17.12 98.50 -0.93
C ASP J 151 -16.29 98.81 0.31
N GLY J 152 -15.01 98.42 0.26
CA GLY J 152 -14.08 98.75 1.32
C GLY J 152 -14.09 97.81 2.50
N SER J 153 -15.13 96.99 2.62
CA SER J 153 -15.27 96.09 3.76
C SER J 153 -14.88 94.66 3.42
N GLU J 154 -14.20 94.00 4.35
CA GLU J 154 -13.71 92.64 4.14
C GLU J 154 -14.83 91.67 3.78
N ARG J 155 -14.48 90.68 2.98
CA ARG J 155 -15.41 89.61 2.61
C ARG J 155 -14.68 88.28 2.69
N GLN J 156 -15.25 87.33 3.44
CA GLN J 156 -14.59 86.05 3.66
C GLN J 156 -15.38 84.86 3.09
N ASN J 157 -16.68 85.02 2.96
CA ASN J 157 -17.54 83.93 2.50
C ASN J 157 -17.62 83.89 0.97
N GLY J 158 -17.26 82.75 0.39
CA GLY J 158 -17.33 82.56 -1.04
C GLY J 158 -15.99 82.70 -1.73
N VAL J 159 -14.91 82.56 -0.97
CA VAL J 159 -13.56 82.70 -1.50
C VAL J 159 -12.87 81.34 -1.63
N LEU J 160 -12.30 81.08 -2.80
CA LEU J 160 -11.55 79.86 -3.04
C LEU J 160 -10.13 80.18 -3.49
N ASN J 161 -9.16 79.77 -2.68
CA ASN J 161 -7.76 80.02 -2.99
C ASN J 161 -7.09 78.76 -3.54
N SER J 162 -6.01 78.96 -4.29
CA SER J 162 -5.25 77.84 -4.84
C SER J 162 -3.81 78.27 -5.10
N TRP J 163 -2.87 77.47 -4.60
CA TRP J 163 -1.46 77.79 -4.71
C TRP J 163 -0.76 76.83 -5.66
N THR J 164 0.42 77.21 -6.13
CA THR J 164 1.20 76.36 -7.03
C THR J 164 2.45 75.86 -6.31
N ASP J 165 3.03 74.80 -6.84
CA ASP J 165 4.29 74.29 -6.31
C ASP J 165 5.44 75.11 -6.89
N GLN J 166 6.47 75.30 -6.08
CA GLN J 166 7.62 76.11 -6.48
C GLN J 166 7.99 75.87 -7.94
N ASP J 167 7.86 76.91 -8.75
CA ASP J 167 8.18 76.82 -10.18
C ASP J 167 9.58 76.26 -10.37
N SER J 168 9.82 75.68 -11.54
CA SER J 168 11.06 74.96 -11.80
C SER J 168 12.28 75.85 -11.97
N LYS J 169 12.24 76.77 -12.93
CA LYS J 169 13.43 77.49 -13.34
C LYS J 169 13.56 78.90 -12.76
N ASP J 170 12.56 79.37 -12.03
CA ASP J 170 12.67 80.64 -11.32
C ASP J 170 12.45 80.49 -9.82
N SER J 171 12.01 79.30 -9.39
CA SER J 171 11.88 78.99 -7.98
C SER J 171 10.96 79.97 -7.24
N THR J 172 9.82 80.29 -7.84
CA THR J 172 8.86 81.19 -7.21
C THR J 172 7.52 80.50 -7.02
N TYR J 173 6.65 81.11 -6.23
CA TYR J 173 5.31 80.58 -6.00
C TYR J 173 4.27 81.52 -6.59
N SER J 174 3.09 80.99 -6.87
CA SER J 174 1.98 81.80 -7.35
C SER J 174 0.70 81.40 -6.62
N MET J 175 -0.33 82.22 -6.74
CA MET J 175 -1.58 81.96 -6.04
C MET J 175 -2.78 82.47 -6.84
N SER J 176 -3.93 81.85 -6.62
CA SER J 176 -5.15 82.24 -7.29
C SER J 176 -6.31 82.30 -6.31
N SER J 177 -6.86 83.50 -6.12
CA SER J 177 -8.00 83.68 -5.25
C SER J 177 -9.23 84.02 -6.09
N THR J 178 -10.36 83.45 -5.73
CA THR J 178 -11.59 83.64 -6.51
C THR J 178 -12.79 83.91 -5.61
N LEU J 179 -13.31 85.13 -5.68
CA LEU J 179 -14.49 85.50 -4.93
C LEU J 179 -15.73 85.29 -5.79
N THR J 180 -16.58 84.36 -5.38
CA THR J 180 -17.77 84.02 -6.16
C THR J 180 -19.05 84.48 -5.47
N LEU J 181 -19.84 85.28 -6.19
CA LEU J 181 -21.10 85.80 -5.68
C LEU J 181 -22.20 85.48 -6.68
N THR J 182 -23.43 85.87 -6.35
CA THR J 182 -24.54 85.78 -7.29
C THR J 182 -24.57 87.07 -8.11
N LYS J 183 -25.13 87.00 -9.31
CA LYS J 183 -25.25 88.18 -10.16
C LYS J 183 -25.93 89.31 -9.39
N ASP J 184 -27.05 88.97 -8.74
CA ASP J 184 -27.80 89.94 -7.97
C ASP J 184 -26.93 90.61 -6.92
N GLU J 185 -26.34 89.80 -6.03
CA GLU J 185 -25.51 90.31 -4.95
C GLU J 185 -24.33 91.12 -5.48
N TYR J 186 -23.78 90.69 -6.61
CA TYR J 186 -22.64 91.35 -7.22
C TYR J 186 -22.96 92.80 -7.60
N GLU J 187 -24.22 93.04 -7.94
CA GLU J 187 -24.64 94.35 -8.41
C GLU J 187 -25.09 95.27 -7.28
N ARG J 188 -25.20 94.72 -6.08
CA ARG J 188 -25.55 95.51 -4.90
C ARG J 188 -24.40 96.43 -4.52
N HIS J 189 -23.20 96.14 -5.02
CA HIS J 189 -22.00 96.88 -4.64
C HIS J 189 -21.25 97.35 -5.87
N ASN J 190 -20.29 98.25 -5.66
CA ASN J 190 -19.58 98.89 -6.76
C ASN J 190 -18.09 98.58 -6.77
N SER J 191 -17.44 98.72 -5.62
CA SER J 191 -16.01 98.53 -5.51
C SER J 191 -15.63 97.11 -5.12
N TYR J 192 -14.56 96.60 -5.71
CA TYR J 192 -14.04 95.28 -5.39
C TYR J 192 -12.52 95.30 -5.34
N THR J 193 -11.95 94.66 -4.33
CA THR J 193 -10.52 94.76 -4.06
C THR J 193 -9.95 93.47 -3.48
N CYS J 194 -8.69 93.19 -3.80
CA CYS J 194 -7.97 92.10 -3.16
C CYS J 194 -6.59 92.60 -2.71
N GLU J 195 -6.32 92.50 -1.42
CA GLU J 195 -5.09 93.00 -0.84
C GLU J 195 -4.10 91.88 -0.54
N ALA J 196 -2.89 92.01 -1.06
CA ALA J 196 -1.85 91.01 -0.86
C ALA J 196 -0.86 91.46 0.23
N THR J 197 -0.61 90.57 1.19
CA THR J 197 0.33 90.87 2.26
C THR J 197 1.51 89.91 2.22
N HIS J 198 2.70 90.46 1.99
CA HIS J 198 3.91 89.66 1.88
C HIS J 198 5.02 90.34 2.68
N LYS J 199 5.98 89.57 3.15
CA LYS J 199 7.09 90.11 3.93
C LYS J 199 7.87 91.16 3.14
N THR J 200 7.76 91.09 1.81
CA THR J 200 8.46 92.05 0.96
C THR J 200 8.08 93.48 1.32
N SER J 201 6.79 93.78 1.29
CA SER J 201 6.30 95.12 1.60
C SER J 201 5.55 95.14 2.92
N THR J 202 5.77 96.19 3.71
CA THR J 202 5.09 96.35 4.98
C THR J 202 3.64 96.81 4.76
N SER J 203 3.42 97.55 3.67
CA SER J 203 2.08 97.96 3.29
C SER J 203 1.55 97.04 2.19
N PRO J 204 0.34 96.51 2.36
CA PRO J 204 -0.23 95.53 1.42
C PRO J 204 -0.40 96.07 0.00
N ILE J 205 -0.12 95.23 -0.98
CA ILE J 205 -0.34 95.59 -2.37
C ILE J 205 -1.84 95.47 -2.68
N VAL J 206 -2.40 96.50 -3.30
CA VAL J 206 -3.84 96.55 -3.53
C VAL J 206 -4.16 96.71 -5.01
N LYS J 207 -5.20 96.00 -5.45
CA LYS J 207 -5.71 96.17 -6.80
C LYS J 207 -7.23 96.07 -6.83
N SER J 208 -7.88 97.16 -7.23
CA SER J 208 -9.33 97.24 -7.20
C SER J 208 -9.91 97.53 -8.58
N PHE J 209 -11.23 97.64 -8.64
CA PHE J 209 -11.92 98.08 -9.84
C PHE J 209 -13.37 98.44 -9.47
N ASN J 210 -14.02 99.21 -10.33
CA ASN J 210 -15.39 99.63 -10.06
C ASN J 210 -16.38 99.10 -11.10
N ARG J 211 -17.47 98.52 -10.61
CA ARG J 211 -18.53 98.03 -11.49
C ARG J 211 -19.25 99.22 -12.12
N ASN J 212 -19.93 98.98 -13.24
CA ASN J 212 -20.59 100.05 -13.97
C ASN J 212 -19.60 101.18 -14.28
N GLU J 213 -18.36 100.80 -14.57
CA GLU J 213 -17.31 101.78 -14.82
C GLU J 213 -16.09 101.11 -15.45
N CYS J 214 -15.42 101.84 -16.33
CA CYS J 214 -14.21 101.35 -16.99
C CYS J 214 -13.31 102.51 -17.38
#